data_1ZXF
#
_entry.id   1ZXF
#
_entity_poly.entity_id   1
_entity_poly.type   'polypeptide(L)'
_entity_poly.pdbx_seq_one_letter_code
;NYDPFVRHSVTVKADRKTAFKTFLEGFPEWWPNNFRTTKVGAPLGVDKKGGRWYEIDEQGEEHTFGLIRKVDEPDTLVIG
WRLNGFGRIDPDNSSEFTVTFVADGQKKTRVDVEHTHFDRMGTKHAKRVRNGMDKGWPTILQSFQDKIDEEGAKK
;
_entity_poly.pdbx_strand_id   A
#
# COMPACT_ATOMS: atom_id res chain seq x y z
N ASN A 1 -16.02 1.23 -4.96
CA ASN A 1 -15.46 0.17 -4.09
C ASN A 1 -15.89 0.39 -2.65
N TYR A 2 -15.43 -0.49 -1.76
CA TYR A 2 -15.60 -0.40 -0.28
C TYR A 2 -17.04 -0.61 0.17
N ASP A 3 -18.01 -0.06 -0.56
CA ASP A 3 -19.40 -0.29 -0.25
C ASP A 3 -19.77 -1.76 -0.49
N PRO A 4 -19.53 -2.29 -1.71
CA PRO A 4 -19.63 -3.72 -1.95
C PRO A 4 -18.32 -4.44 -1.64
N PHE A 5 -17.29 -4.11 -2.40
CA PHE A 5 -15.95 -4.59 -2.13
C PHE A 5 -14.97 -3.59 -2.69
N VAL A 6 -13.80 -3.52 -2.11
CA VAL A 6 -12.77 -2.61 -2.59
C VAL A 6 -11.64 -3.40 -3.25
N ARG A 7 -11.33 -3.04 -4.49
CA ARG A 7 -10.32 -3.73 -5.24
C ARG A 7 -9.34 -2.74 -5.86
N HIS A 8 -8.06 -3.03 -5.76
CA HIS A 8 -7.04 -2.20 -6.39
C HIS A 8 -6.43 -2.94 -7.56
N SER A 9 -6.32 -2.26 -8.69
CA SER A 9 -5.72 -2.83 -9.85
C SER A 9 -4.77 -1.85 -10.51
N VAL A 10 -3.49 -2.20 -10.53
CA VAL A 10 -2.51 -1.40 -11.28
C VAL A 10 -1.76 -2.25 -12.26
N THR A 11 -1.22 -1.61 -13.29
CA THR A 11 -0.45 -2.28 -14.31
C THR A 11 1.02 -1.87 -14.19
N VAL A 12 1.85 -2.85 -13.89
CA VAL A 12 3.27 -2.64 -13.68
C VAL A 12 4.04 -2.87 -14.97
N LYS A 13 5.02 -2.01 -15.22
CA LYS A 13 5.70 -1.96 -16.52
C LYS A 13 7.01 -2.76 -16.51
N ALA A 14 7.28 -3.49 -15.44
CA ALA A 14 8.57 -4.19 -15.33
C ALA A 14 8.49 -5.39 -14.39
N ASP A 15 7.46 -6.19 -14.58
CA ASP A 15 7.36 -7.49 -13.93
C ASP A 15 6.96 -7.39 -12.45
N ARG A 16 6.52 -8.51 -11.91
CA ARG A 16 6.00 -8.61 -10.55
C ARG A 16 7.09 -8.27 -9.55
N LYS A 17 8.34 -8.47 -9.96
CA LYS A 17 9.50 -8.13 -9.13
C LYS A 17 9.49 -6.66 -8.75
N THR A 18 9.30 -5.78 -9.73
CA THR A 18 9.32 -4.34 -9.47
C THR A 18 8.03 -3.90 -8.77
N ALA A 19 6.93 -4.57 -9.09
CA ALA A 19 5.67 -4.26 -8.42
C ALA A 19 5.77 -4.52 -6.92
N PHE A 20 6.33 -5.66 -6.56
CA PHE A 20 6.54 -6.00 -5.15
C PHE A 20 7.56 -5.08 -4.53
N LYS A 21 8.64 -4.80 -5.26
CA LYS A 21 9.68 -3.90 -4.78
C LYS A 21 9.08 -2.54 -4.43
N THR A 22 8.35 -1.97 -5.38
CA THR A 22 7.79 -0.63 -5.23
C THR A 22 6.63 -0.60 -4.23
N PHE A 23 6.01 -1.75 -4.00
CA PHE A 23 4.88 -1.82 -3.10
C PHE A 23 5.32 -2.09 -1.66
N LEU A 24 6.35 -2.91 -1.48
CA LEU A 24 6.74 -3.32 -0.13
C LEU A 24 8.17 -2.91 0.23
N GLU A 25 9.13 -3.19 -0.64
CA GLU A 25 10.54 -3.02 -0.28
C GLU A 25 10.90 -1.54 -0.29
N GLY A 26 10.20 -0.82 -1.13
CA GLY A 26 10.35 0.60 -1.23
C GLY A 26 9.03 1.23 -0.93
N PHE A 27 8.89 1.68 0.27
CA PHE A 27 7.67 2.34 0.69
C PHE A 27 7.78 3.86 0.58
N PRO A 28 8.77 4.50 1.25
CA PRO A 28 8.87 5.95 1.34
C PRO A 28 9.94 6.57 0.42
N GLU A 29 10.08 6.06 -0.80
CA GLU A 29 11.14 6.57 -1.67
C GLU A 29 10.62 6.97 -3.05
N TRP A 30 9.33 6.76 -3.30
CA TRP A 30 8.76 7.12 -4.59
C TRP A 30 8.23 8.54 -4.57
N TRP A 31 7.27 8.83 -5.46
CA TRP A 31 6.80 10.19 -5.65
C TRP A 31 5.36 10.46 -5.15
N PRO A 32 4.63 9.52 -4.46
CA PRO A 32 3.27 9.81 -4.02
C PRO A 32 3.24 10.46 -2.64
N ASN A 33 2.26 10.06 -1.82
CA ASN A 33 2.09 10.62 -0.47
C ASN A 33 3.26 10.20 0.41
N ASN A 34 3.92 9.14 0.00
CA ASN A 34 4.94 8.47 0.78
C ASN A 34 6.27 9.24 0.76
N PHE A 35 6.20 10.51 0.42
CA PHE A 35 7.41 11.32 0.34
C PHE A 35 7.48 12.30 1.51
N ARG A 36 6.44 12.31 2.34
CA ARG A 36 6.38 13.21 3.49
C ARG A 36 6.88 12.52 4.74
N THR A 37 7.58 13.27 5.58
CA THR A 37 8.25 12.69 6.74
C THR A 37 7.27 12.40 7.86
N THR A 38 7.46 11.24 8.50
CA THR A 38 6.65 10.75 9.63
C THR A 38 5.16 10.64 9.29
N LYS A 39 4.82 10.82 8.02
CA LYS A 39 3.48 10.55 7.55
C LYS A 39 3.40 9.11 7.05
N VAL A 40 4.01 8.88 5.89
CA VAL A 40 4.19 7.54 5.35
C VAL A 40 5.49 7.48 4.57
N GLY A 41 6.36 8.45 4.85
CA GLY A 41 7.60 8.56 4.11
C GLY A 41 8.78 8.94 4.99
N ALA A 42 8.96 8.22 6.08
CA ALA A 42 10.16 8.38 6.90
C ALA A 42 11.19 7.34 6.46
N PRO A 43 12.44 7.39 6.98
CA PRO A 43 13.47 6.40 6.63
C PRO A 43 13.15 4.98 7.11
N LEU A 44 12.06 4.42 6.58
CA LEU A 44 11.67 3.04 6.84
C LEU A 44 10.52 2.62 5.92
N GLY A 45 9.29 2.83 6.37
CA GLY A 45 8.15 2.55 5.53
C GLY A 45 7.57 1.17 5.74
N VAL A 46 8.37 0.16 5.43
CA VAL A 46 7.94 -1.22 5.59
C VAL A 46 9.07 -2.05 6.18
N ASP A 47 8.74 -2.94 7.10
CA ASP A 47 9.72 -3.79 7.73
C ASP A 47 9.58 -5.19 7.17
N LYS A 48 10.65 -5.66 6.55
CA LYS A 48 10.63 -6.92 5.82
C LYS A 48 10.78 -8.11 6.76
N LYS A 49 11.58 -7.94 7.81
CA LYS A 49 11.90 -9.06 8.71
C LYS A 49 10.73 -9.39 9.64
N GLY A 50 10.04 -8.36 10.13
CA GLY A 50 8.92 -8.58 11.00
C GLY A 50 7.62 -8.64 10.24
N GLY A 51 7.50 -7.84 9.20
CA GLY A 51 6.30 -7.86 8.38
C GLY A 51 5.29 -6.84 8.82
N ARG A 52 5.64 -5.56 8.69
CA ARG A 52 4.71 -4.50 9.05
C ARG A 52 5.08 -3.18 8.37
N TRP A 53 4.06 -2.37 8.06
CA TRP A 53 4.27 -1.07 7.43
C TRP A 53 4.32 0.02 8.48
N TYR A 54 5.49 0.59 8.72
CA TYR A 54 5.59 1.70 9.66
C TYR A 54 6.86 2.49 9.39
N GLU A 55 6.89 3.69 9.91
CA GLU A 55 8.04 4.55 9.71
C GLU A 55 8.61 4.95 11.07
N ILE A 56 9.81 5.49 11.07
CA ILE A 56 10.39 5.97 12.30
C ILE A 56 9.77 7.31 12.66
N ASP A 57 8.84 7.28 13.61
CA ASP A 57 8.13 8.47 14.01
C ASP A 57 9.00 9.35 14.88
N GLU A 58 8.84 10.64 14.72
CA GLU A 58 9.67 11.64 15.39
C GLU A 58 9.50 11.60 16.90
N GLN A 59 8.34 11.17 17.36
CA GLN A 59 8.04 11.12 18.77
C GLN A 59 8.76 9.95 19.46
N GLY A 60 9.13 8.93 18.68
CA GLY A 60 9.86 7.81 19.25
C GLY A 60 9.51 6.47 18.63
N GLU A 61 9.54 6.40 17.30
CA GLU A 61 9.37 5.14 16.55
C GLU A 61 7.99 4.50 16.75
N GLU A 62 7.05 5.25 17.27
CA GLU A 62 5.74 4.71 17.56
C GLU A 62 4.73 5.18 16.52
N HIS A 63 4.72 4.49 15.40
CA HIS A 63 3.83 4.80 14.32
C HIS A 63 2.78 3.71 14.17
N THR A 64 1.59 4.11 13.72
CA THR A 64 0.58 3.16 13.27
C THR A 64 1.21 2.26 12.19
N PHE A 65 0.89 0.98 12.20
CA PHE A 65 1.61 0.04 11.34
C PHE A 65 0.67 -0.84 10.53
N GLY A 66 1.09 -1.13 9.30
CA GLY A 66 0.34 -2.00 8.43
C GLY A 66 0.57 -3.44 8.80
N LEU A 67 -0.51 -4.17 8.99
CA LEU A 67 -0.44 -5.50 9.55
C LEU A 67 -0.18 -6.55 8.49
N ILE A 68 1.07 -6.83 8.19
CA ILE A 68 1.38 -7.85 7.22
C ILE A 68 1.28 -9.24 7.85
N ARG A 69 0.34 -10.03 7.36
CA ARG A 69 0.20 -11.40 7.85
C ARG A 69 0.88 -12.35 6.87
N LYS A 70 0.99 -11.93 5.61
CA LYS A 70 1.67 -12.72 4.60
C LYS A 70 2.53 -11.85 3.68
N VAL A 71 3.82 -12.14 3.64
CA VAL A 71 4.71 -11.59 2.63
C VAL A 71 5.16 -12.70 1.70
N ASP A 72 4.36 -12.98 0.69
CA ASP A 72 4.57 -14.15 -0.16
C ASP A 72 5.33 -13.77 -1.42
N GLU A 73 6.62 -13.46 -1.23
CA GLU A 73 7.53 -13.09 -2.31
C GLU A 73 6.92 -11.99 -3.21
N PRO A 74 7.56 -11.63 -4.34
CA PRO A 74 6.89 -10.87 -5.39
C PRO A 74 5.74 -11.70 -6.00
N ASP A 75 4.62 -11.76 -5.27
CA ASP A 75 3.45 -12.51 -5.70
C ASP A 75 2.21 -12.01 -4.97
N THR A 76 2.14 -12.26 -3.66
CA THR A 76 0.97 -11.88 -2.89
C THR A 76 1.33 -11.31 -1.52
N LEU A 77 0.57 -10.30 -1.08
CA LEU A 77 0.77 -9.69 0.22
C LEU A 77 -0.58 -9.52 0.92
N VAL A 78 -0.75 -10.19 2.05
CA VAL A 78 -1.98 -10.05 2.83
C VAL A 78 -1.72 -9.17 4.04
N ILE A 79 -2.15 -7.92 3.96
CA ILE A 79 -1.89 -6.95 5.02
C ILE A 79 -3.16 -6.24 5.47
N GLY A 80 -3.24 -5.98 6.77
CA GLY A 80 -4.32 -5.19 7.33
C GLY A 80 -4.01 -3.71 7.28
N TRP A 81 -5.03 -2.88 7.34
CA TRP A 81 -4.87 -1.45 7.08
C TRP A 81 -4.31 -0.69 8.28
N ARG A 82 -3.66 0.44 7.98
CA ARG A 82 -3.00 1.27 8.97
C ARG A 82 -3.52 2.71 8.90
N LEU A 83 -3.03 3.47 7.91
CA LEU A 83 -3.35 4.89 7.75
C LEU A 83 -2.46 5.45 6.64
N ASN A 84 -2.96 6.41 5.87
CA ASN A 84 -2.19 6.95 4.75
C ASN A 84 -1.88 8.45 4.91
N GLY A 85 -2.93 9.27 4.95
CA GLY A 85 -2.74 10.71 4.88
C GLY A 85 -2.21 11.34 6.16
N PHE A 86 -2.18 10.57 7.25
CA PHE A 86 -1.74 11.07 8.56
C PHE A 86 -2.70 12.13 9.08
N GLY A 87 -3.87 12.22 8.46
CA GLY A 87 -4.91 13.11 8.90
C GLY A 87 -6.24 12.40 8.93
N ARG A 88 -6.17 11.11 9.25
CA ARG A 88 -7.32 10.25 9.22
C ARG A 88 -7.34 9.33 10.44
N ILE A 89 -8.50 8.76 10.72
CA ILE A 89 -8.62 7.79 11.79
C ILE A 89 -8.85 6.41 11.18
N ASP A 90 -8.03 5.46 11.61
CA ASP A 90 -8.23 4.05 11.28
C ASP A 90 -7.82 3.18 12.45
N PRO A 91 -8.46 2.01 12.60
CA PRO A 91 -8.28 1.15 13.79
C PRO A 91 -6.92 0.50 13.90
N ASP A 92 -6.12 0.54 12.84
CA ASP A 92 -4.78 -0.04 12.86
C ASP A 92 -4.85 -1.55 13.15
N ASN A 93 -5.92 -2.20 12.66
CA ASN A 93 -6.13 -3.62 12.98
C ASN A 93 -6.68 -4.40 11.80
N SER A 94 -7.98 -4.30 11.59
CA SER A 94 -8.67 -5.16 10.62
C SER A 94 -8.45 -4.70 9.17
N SER A 95 -9.57 -4.50 8.47
CA SER A 95 -9.55 -4.12 7.06
C SER A 95 -9.08 -5.29 6.18
N GLU A 96 -7.78 -5.56 6.18
CA GLU A 96 -7.20 -6.72 5.47
C GLU A 96 -7.43 -6.68 3.97
N PHE A 97 -6.36 -6.57 3.21
CA PHE A 97 -6.45 -6.66 1.76
C PHE A 97 -5.39 -7.61 1.21
N THR A 98 -5.84 -8.55 0.39
CA THR A 98 -4.96 -9.50 -0.25
C THR A 98 -4.47 -8.94 -1.57
N VAL A 99 -3.21 -8.55 -1.61
CA VAL A 99 -2.61 -8.01 -2.81
C VAL A 99 -2.19 -9.13 -3.74
N THR A 100 -2.88 -9.30 -4.86
CA THR A 100 -2.55 -10.35 -5.80
C THR A 100 -1.87 -9.78 -7.03
N PHE A 101 -0.58 -9.99 -7.13
CA PHE A 101 0.16 -9.57 -8.31
C PHE A 101 0.08 -10.66 -9.37
N VAL A 102 -0.63 -10.37 -10.46
CA VAL A 102 -0.74 -11.30 -11.56
C VAL A 102 0.36 -10.99 -12.58
N ALA A 103 1.34 -11.89 -12.66
CA ALA A 103 2.51 -11.66 -13.51
C ALA A 103 2.17 -11.83 -14.98
N ASP A 104 2.61 -10.86 -15.78
CA ASP A 104 2.56 -10.95 -17.22
C ASP A 104 3.97 -11.14 -17.73
N GLY A 105 4.16 -12.22 -18.48
CA GLY A 105 5.49 -12.64 -18.91
C GLY A 105 6.28 -11.57 -19.65
N GLN A 106 5.59 -10.62 -20.28
CA GLN A 106 6.26 -9.58 -21.05
C GLN A 106 6.69 -8.41 -20.15
N LYS A 107 7.16 -8.74 -18.94
CA LYS A 107 7.64 -7.74 -17.97
C LYS A 107 6.53 -6.76 -17.64
N LYS A 108 5.37 -7.32 -17.39
CA LYS A 108 4.19 -6.57 -17.03
C LYS A 108 3.52 -7.26 -15.86
N THR A 109 2.74 -6.54 -15.07
CA THR A 109 2.07 -7.16 -13.95
C THR A 109 0.83 -6.39 -13.55
N ARG A 110 -0.31 -7.05 -13.64
CA ARG A 110 -1.56 -6.49 -13.16
C ARG A 110 -1.84 -6.98 -11.75
N VAL A 111 -1.79 -6.07 -10.79
CA VAL A 111 -2.15 -6.43 -9.42
C VAL A 111 -3.63 -6.26 -9.21
N ASP A 112 -4.23 -7.23 -8.56
CA ASP A 112 -5.64 -7.20 -8.22
C ASP A 112 -5.78 -7.42 -6.72
N VAL A 113 -6.14 -6.36 -6.02
CA VAL A 113 -6.22 -6.38 -4.58
C VAL A 113 -7.63 -6.61 -4.10
N GLU A 114 -7.83 -7.68 -3.33
CA GLU A 114 -9.11 -7.97 -2.74
C GLU A 114 -9.14 -7.44 -1.30
N HIS A 115 -9.94 -6.42 -1.07
CA HIS A 115 -10.03 -5.80 0.23
C HIS A 115 -11.48 -5.84 0.70
N THR A 116 -11.74 -6.52 1.82
CA THR A 116 -13.10 -6.71 2.28
C THR A 116 -13.15 -7.04 3.77
N HIS A 117 -13.52 -6.06 4.60
CA HIS A 117 -13.76 -6.31 6.02
C HIS A 117 -14.19 -5.03 6.74
N PHE A 118 -13.26 -4.09 6.87
CA PHE A 118 -13.47 -2.89 7.68
C PHE A 118 -14.32 -1.85 6.95
N ASP A 119 -13.94 -1.53 5.71
CA ASP A 119 -14.58 -0.47 4.96
C ASP A 119 -15.99 -0.88 4.55
N ARG A 120 -16.13 -2.15 4.22
CA ARG A 120 -17.39 -2.72 3.77
C ARG A 120 -18.45 -2.67 4.88
N MET A 121 -18.00 -2.53 6.11
CA MET A 121 -18.86 -2.71 7.28
C MET A 121 -19.72 -1.47 7.58
N GLY A 122 -20.08 -0.70 6.56
CA GLY A 122 -21.09 0.31 6.75
C GLY A 122 -20.62 1.73 6.48
N THR A 123 -21.55 2.67 6.61
CA THR A 123 -21.34 4.07 6.27
C THR A 123 -20.16 4.67 7.04
N LYS A 124 -20.24 4.68 8.37
CA LYS A 124 -19.23 5.37 9.18
C LYS A 124 -17.87 4.70 9.03
N HIS A 125 -17.85 3.39 8.90
CA HIS A 125 -16.60 2.66 8.70
C HIS A 125 -15.90 3.15 7.44
N ALA A 126 -16.63 3.19 6.34
CA ALA A 126 -16.09 3.65 5.07
C ALA A 126 -15.85 5.17 5.10
N LYS A 127 -16.63 5.87 5.91
CA LYS A 127 -16.52 7.31 6.02
C LYS A 127 -15.22 7.71 6.72
N ARG A 128 -14.82 6.96 7.73
CA ARG A 128 -13.57 7.24 8.41
C ARG A 128 -12.40 6.86 7.51
N VAL A 129 -12.59 5.83 6.69
CA VAL A 129 -11.61 5.48 5.66
C VAL A 129 -11.43 6.63 4.66
N ARG A 130 -12.53 7.15 4.13
CA ARG A 130 -12.46 8.20 3.11
C ARG A 130 -11.85 9.48 3.68
N ASN A 131 -11.79 9.57 5.00
CA ASN A 131 -11.31 10.78 5.69
C ASN A 131 -9.96 11.23 5.16
N GLY A 132 -9.15 10.30 4.67
CA GLY A 132 -7.86 10.66 4.13
C GLY A 132 -7.30 9.64 3.16
N MET A 133 -8.11 8.73 2.66
CA MET A 133 -7.66 7.78 1.64
C MET A 133 -7.73 8.38 0.24
N ASP A 134 -8.63 9.33 0.06
CA ASP A 134 -9.07 9.77 -1.26
C ASP A 134 -7.96 10.48 -2.05
N LYS A 135 -7.09 11.21 -1.36
CA LYS A 135 -5.98 11.87 -2.04
C LYS A 135 -4.67 11.16 -1.74
N GLY A 136 -4.77 9.93 -1.28
CA GLY A 136 -3.58 9.19 -0.96
C GLY A 136 -3.47 7.88 -1.72
N TRP A 137 -4.22 6.87 -1.30
CA TRP A 137 -4.05 5.51 -1.80
C TRP A 137 -4.12 5.43 -3.34
N PRO A 138 -5.18 5.98 -3.99
CA PRO A 138 -5.27 5.98 -5.44
C PRO A 138 -4.11 6.73 -6.09
N THR A 139 -3.64 7.76 -5.40
CA THR A 139 -2.55 8.58 -5.89
C THR A 139 -1.21 7.85 -5.71
N ILE A 140 -1.12 7.07 -4.64
CA ILE A 140 0.04 6.20 -4.43
C ILE A 140 0.22 5.33 -5.65
N LEU A 141 -0.88 4.72 -6.08
CA LEU A 141 -0.87 3.79 -7.20
C LEU A 141 -0.39 4.46 -8.49
N GLN A 142 -0.61 5.75 -8.61
CA GLN A 142 -0.21 6.49 -9.80
C GLN A 142 1.30 6.63 -9.85
N SER A 143 1.86 7.23 -8.80
CA SER A 143 3.30 7.43 -8.71
C SER A 143 4.02 6.08 -8.56
N PHE A 144 3.29 5.11 -8.01
CA PHE A 144 3.76 3.74 -7.90
C PHE A 144 4.09 3.19 -9.28
N GLN A 145 3.12 3.24 -10.18
CA GLN A 145 3.30 2.77 -11.54
C GLN A 145 4.27 3.66 -12.31
N ASP A 146 4.39 4.90 -11.88
CA ASP A 146 5.24 5.86 -12.59
C ASP A 146 6.72 5.61 -12.31
N LYS A 147 7.10 5.37 -11.06
CA LYS A 147 8.48 5.05 -10.77
C LYS A 147 8.81 3.65 -11.29
N ILE A 148 7.83 2.76 -11.30
CA ILE A 148 8.01 1.44 -11.91
C ILE A 148 8.26 1.60 -13.40
N ASP A 149 7.57 2.57 -13.98
CA ASP A 149 7.75 2.90 -15.39
C ASP A 149 9.21 3.31 -15.63
N GLU A 150 9.78 4.01 -14.64
CA GLU A 150 11.17 4.43 -14.68
C GLU A 150 12.10 3.22 -14.67
N GLU A 151 11.73 2.25 -13.87
CA GLU A 151 12.54 1.05 -13.68
C GLU A 151 12.41 0.14 -14.89
N GLY A 152 11.38 0.39 -15.67
CA GLY A 152 11.10 -0.44 -16.82
C GLY A 152 11.56 0.18 -18.13
N ALA A 153 10.81 1.16 -18.62
CA ALA A 153 11.04 1.65 -19.97
C ALA A 153 10.81 3.16 -20.12
N LYS A 154 10.73 3.88 -19.00
CA LYS A 154 10.59 5.33 -19.08
C LYS A 154 11.91 5.94 -19.53
N LYS A 155 13.00 5.38 -19.03
CA LYS A 155 14.33 5.80 -19.43
C LYS A 155 14.86 4.87 -20.53
N ASN A 1 -16.44 1.58 -3.94
CA ASN A 1 -15.59 0.50 -3.41
C ASN A 1 -15.52 0.55 -1.88
N TYR A 2 -16.36 -0.28 -1.25
CA TYR A 2 -16.43 -0.39 0.22
C TYR A 2 -17.64 -1.22 0.62
N ASP A 3 -18.70 -1.15 -0.20
CA ASP A 3 -19.91 -1.89 0.06
C ASP A 3 -19.66 -3.41 -0.07
N PRO A 4 -19.11 -3.88 -1.20
CA PRO A 4 -18.66 -5.25 -1.32
C PRO A 4 -17.20 -5.39 -0.93
N PHE A 5 -16.32 -4.83 -1.75
CA PHE A 5 -14.89 -4.82 -1.46
C PHE A 5 -14.25 -3.61 -2.13
N VAL A 6 -13.09 -3.22 -1.63
CA VAL A 6 -12.30 -2.17 -2.27
C VAL A 6 -11.24 -2.81 -3.14
N ARG A 7 -11.16 -2.40 -4.39
CA ARG A 7 -10.19 -3.00 -5.29
C ARG A 7 -9.17 -2.00 -5.77
N HIS A 8 -7.93 -2.45 -5.89
CA HIS A 8 -6.90 -1.66 -6.50
C HIS A 8 -6.30 -2.43 -7.65
N SER A 9 -6.14 -1.78 -8.78
CA SER A 9 -5.65 -2.45 -9.96
C SER A 9 -4.68 -1.56 -10.70
N VAL A 10 -3.41 -1.94 -10.69
CA VAL A 10 -2.40 -1.18 -11.41
C VAL A 10 -1.62 -2.06 -12.36
N THR A 11 -1.13 -1.46 -13.44
CA THR A 11 -0.35 -2.16 -14.43
C THR A 11 1.12 -1.83 -14.26
N VAL A 12 1.89 -2.84 -13.93
CA VAL A 12 3.31 -2.70 -13.74
C VAL A 12 4.05 -3.12 -15.00
N LYS A 13 4.90 -2.22 -15.49
CA LYS A 13 5.57 -2.41 -16.77
C LYS A 13 7.00 -2.93 -16.59
N ALA A 14 7.25 -3.59 -15.46
CA ALA A 14 8.59 -4.13 -15.19
C ALA A 14 8.50 -5.41 -14.35
N ASP A 15 7.41 -6.15 -14.54
CA ASP A 15 7.19 -7.45 -13.90
C ASP A 15 6.88 -7.35 -12.39
N ARG A 16 6.43 -8.47 -11.85
CA ARG A 16 5.99 -8.60 -10.47
C ARG A 16 7.13 -8.34 -9.51
N LYS A 17 8.35 -8.62 -9.95
CA LYS A 17 9.54 -8.38 -9.14
C LYS A 17 9.63 -6.92 -8.73
N THR A 18 9.40 -6.01 -9.66
CA THR A 18 9.50 -4.59 -9.37
C THR A 18 8.28 -4.12 -8.62
N ALA A 19 7.09 -4.59 -9.01
CA ALA A 19 5.86 -4.19 -8.34
C ALA A 19 5.93 -4.48 -6.84
N PHE A 20 6.47 -5.65 -6.49
CA PHE A 20 6.63 -6.01 -5.08
C PHE A 20 7.77 -5.21 -4.45
N LYS A 21 8.91 -5.15 -5.13
CA LYS A 21 10.06 -4.41 -4.64
C LYS A 21 9.68 -2.97 -4.33
N THR A 22 9.07 -2.30 -5.29
CA THR A 22 8.66 -0.94 -5.12
C THR A 22 7.57 -0.80 -4.05
N PHE A 23 6.52 -1.61 -4.17
CA PHE A 23 5.34 -1.49 -3.29
C PHE A 23 5.69 -1.72 -1.82
N LEU A 24 6.58 -2.65 -1.54
CA LEU A 24 6.87 -3.00 -0.16
C LEU A 24 8.28 -2.60 0.27
N GLU A 25 9.27 -2.97 -0.52
CA GLU A 25 10.65 -2.77 -0.13
C GLU A 25 11.07 -1.31 -0.34
N GLY A 26 10.55 -0.72 -1.39
CA GLY A 26 10.91 0.64 -1.75
C GLY A 26 9.81 1.63 -1.40
N PHE A 27 9.13 1.37 -0.30
CA PHE A 27 7.94 2.12 0.08
C PHE A 27 8.17 3.64 0.10
N PRO A 28 9.22 4.14 0.78
CA PRO A 28 9.44 5.59 0.95
C PRO A 28 10.07 6.28 -0.28
N GLU A 29 10.40 5.53 -1.32
CA GLU A 29 11.16 6.12 -2.43
C GLU A 29 10.25 6.68 -3.52
N TRP A 30 8.95 6.47 -3.37
CA TRP A 30 8.00 6.89 -4.41
C TRP A 30 7.81 8.41 -4.40
N TRP A 31 6.95 8.87 -5.31
CA TRP A 31 6.63 10.29 -5.42
C TRP A 31 5.33 10.71 -4.68
N PRO A 32 4.28 9.84 -4.56
CA PRO A 32 2.93 10.28 -4.13
C PRO A 32 2.81 10.67 -2.65
N ASN A 33 1.88 10.01 -1.95
CA ASN A 33 1.52 10.38 -0.57
C ASN A 33 2.72 10.22 0.37
N ASN A 34 3.66 9.39 -0.03
CA ASN A 34 4.84 9.09 0.79
C ASN A 34 5.96 10.11 0.54
N PHE A 35 5.59 11.23 -0.06
CA PHE A 35 6.53 12.33 -0.28
C PHE A 35 6.84 13.03 1.05
N ARG A 36 6.09 12.67 2.09
CA ARG A 36 6.27 13.26 3.40
C ARG A 36 6.99 12.31 4.35
N THR A 37 8.15 12.73 4.82
CA THR A 37 8.93 11.98 5.78
C THR A 37 8.31 12.13 7.16
N THR A 38 8.49 11.11 7.99
CA THR A 38 7.88 11.04 9.32
C THR A 38 6.36 11.18 9.23
N LYS A 39 5.84 10.82 8.07
CA LYS A 39 4.42 10.60 7.88
C LYS A 39 4.18 9.24 7.28
N VAL A 40 4.73 9.02 6.08
CA VAL A 40 4.61 7.75 5.37
C VAL A 40 5.75 7.59 4.37
N GLY A 41 6.89 8.21 4.65
CA GLY A 41 7.94 8.27 3.64
C GLY A 41 9.34 8.36 4.21
N ALA A 42 9.50 8.00 5.47
CA ALA A 42 10.83 7.93 6.08
C ALA A 42 11.59 6.71 5.55
N PRO A 43 12.93 6.67 5.72
CA PRO A 43 13.83 5.63 5.14
C PRO A 43 13.43 4.17 5.37
N LEU A 44 12.38 3.93 6.14
CA LEU A 44 11.95 2.57 6.41
C LEU A 44 10.67 2.26 5.62
N GLY A 45 9.53 2.61 6.18
CA GLY A 45 8.27 2.48 5.49
C GLY A 45 7.60 1.14 5.73
N VAL A 46 8.35 0.07 5.60
CA VAL A 46 7.83 -1.27 5.77
C VAL A 46 8.81 -2.17 6.52
N ASP A 47 8.27 -3.02 7.39
CA ASP A 47 9.07 -3.96 8.15
C ASP A 47 9.07 -5.31 7.45
N LYS A 48 10.24 -5.73 6.99
CA LYS A 48 10.38 -6.90 6.13
C LYS A 48 10.35 -8.21 6.94
N LYS A 49 10.78 -8.13 8.19
CA LYS A 49 10.99 -9.33 8.99
C LYS A 49 9.69 -9.83 9.63
N GLY A 50 8.93 -8.94 10.23
CA GLY A 50 7.71 -9.36 10.90
C GLY A 50 6.48 -9.08 10.06
N GLY A 51 6.55 -8.02 9.26
CA GLY A 51 5.45 -7.69 8.40
C GLY A 51 4.63 -6.53 8.92
N ARG A 52 5.21 -5.34 8.86
CA ARG A 52 4.51 -4.12 9.26
C ARG A 52 4.76 -3.02 8.25
N TRP A 53 3.93 -1.98 8.27
CA TRP A 53 4.21 -0.78 7.51
C TRP A 53 4.40 0.39 8.47
N TYR A 54 5.64 0.84 8.63
CA TYR A 54 5.92 1.95 9.52
C TYR A 54 7.29 2.56 9.23
N GLU A 55 7.49 3.79 9.68
CA GLU A 55 8.72 4.54 9.43
C GLU A 55 9.59 4.54 10.66
N ILE A 56 10.70 5.25 10.61
CA ILE A 56 11.34 5.70 11.82
C ILE A 56 11.08 7.20 12.00
N ASP A 57 10.29 7.56 13.01
CA ASP A 57 9.87 8.92 13.21
C ASP A 57 10.84 9.66 14.13
N GLU A 58 10.59 10.94 14.37
CA GLU A 58 11.55 11.78 15.08
C GLU A 58 11.42 11.68 16.61
N GLN A 59 10.19 11.54 17.11
CA GLN A 59 9.99 11.58 18.57
C GLN A 59 10.13 10.20 19.20
N GLY A 60 10.71 9.27 18.46
CA GLY A 60 10.92 7.93 18.98
C GLY A 60 9.83 6.97 18.57
N GLU A 61 9.73 6.73 17.28
CA GLU A 61 8.85 5.70 16.72
C GLU A 61 7.39 5.86 17.09
N GLU A 62 6.75 6.84 16.46
CA GLU A 62 5.30 6.97 16.56
C GLU A 62 4.72 7.16 15.17
N HIS A 63 4.71 6.08 14.41
CA HIS A 63 4.18 6.08 13.04
C HIS A 63 3.12 5.01 12.87
N THR A 64 2.32 5.12 11.82
CA THR A 64 1.30 4.13 11.53
C THR A 64 0.93 4.15 10.05
N PHE A 65 0.82 2.97 9.45
CA PHE A 65 0.34 2.85 8.08
C PHE A 65 -0.45 1.57 7.89
N GLY A 66 0.19 0.43 8.15
CA GLY A 66 -0.46 -0.82 7.88
C GLY A 66 0.06 -1.98 8.71
N LEU A 67 -0.77 -3.02 8.80
CA LEU A 67 -0.43 -4.25 9.49
C LEU A 67 -0.46 -5.42 8.51
N ILE A 68 0.70 -6.02 8.25
CA ILE A 68 0.74 -7.11 7.29
C ILE A 68 0.21 -8.40 7.89
N ARG A 69 -0.66 -9.06 7.15
CA ARG A 69 -1.29 -10.29 7.56
C ARG A 69 -0.63 -11.47 6.85
N LYS A 70 -0.05 -11.18 5.69
CA LYS A 70 0.57 -12.19 4.85
C LYS A 70 1.44 -11.57 3.78
N VAL A 71 2.76 -11.71 3.92
CA VAL A 71 3.68 -11.34 2.85
C VAL A 71 4.12 -12.59 2.11
N ASP A 72 3.76 -12.69 0.84
CA ASP A 72 4.09 -13.87 0.06
C ASP A 72 4.92 -13.51 -1.16
N GLU A 73 6.20 -13.18 -0.92
CA GLU A 73 7.17 -12.87 -1.98
C GLU A 73 6.61 -11.87 -3.02
N PRO A 74 7.32 -11.63 -4.14
CA PRO A 74 6.71 -10.94 -5.28
C PRO A 74 5.58 -11.76 -5.88
N ASP A 75 4.42 -11.73 -5.23
CA ASP A 75 3.25 -12.48 -5.65
C ASP A 75 1.98 -11.93 -5.02
N THR A 76 1.87 -12.08 -3.70
CA THR A 76 0.67 -11.64 -2.99
C THR A 76 1.00 -11.04 -1.63
N LEU A 77 0.29 -9.99 -1.26
CA LEU A 77 0.44 -9.40 0.06
C LEU A 77 -0.93 -9.10 0.66
N VAL A 78 -1.15 -9.59 1.87
CA VAL A 78 -2.34 -9.26 2.62
C VAL A 78 -1.97 -8.24 3.69
N ILE A 79 -2.44 -7.02 3.51
CA ILE A 79 -2.06 -5.93 4.40
C ILE A 79 -3.31 -5.22 4.93
N GLY A 80 -3.39 -5.09 6.25
CA GLY A 80 -4.53 -4.47 6.89
C GLY A 80 -4.34 -2.98 7.09
N TRP A 81 -5.44 -2.26 7.19
CA TRP A 81 -5.41 -0.80 7.20
C TRP A 81 -5.08 -0.25 8.58
N ARG A 82 -4.24 0.78 8.61
CA ARG A 82 -3.90 1.46 9.86
C ARG A 82 -3.61 2.94 9.58
N LEU A 83 -4.17 3.43 8.46
CA LEU A 83 -4.16 4.86 8.10
C LEU A 83 -2.82 5.32 7.51
N ASN A 84 -2.90 6.26 6.56
CA ASN A 84 -1.73 6.84 5.91
C ASN A 84 -1.06 7.90 6.79
N GLY A 85 -0.83 7.53 8.06
CA GLY A 85 -0.20 8.43 9.00
C GLY A 85 -0.82 9.82 9.05
N PHE A 86 -2.14 9.89 9.12
CA PHE A 86 -2.81 11.18 9.22
C PHE A 86 -3.37 11.41 10.62
N GLY A 87 -3.13 10.46 11.52
CA GLY A 87 -3.69 10.56 12.86
C GLY A 87 -5.19 10.35 12.85
N ARG A 88 -5.66 9.64 11.83
CA ARG A 88 -7.08 9.38 11.66
C ARG A 88 -7.44 8.00 12.17
N ILE A 89 -8.69 7.60 11.95
CA ILE A 89 -9.19 6.32 12.46
C ILE A 89 -8.33 5.16 11.99
N ASP A 90 -8.26 4.12 12.78
CA ASP A 90 -7.53 2.92 12.40
C ASP A 90 -8.23 1.69 12.98
N PRO A 91 -8.38 0.64 12.16
CA PRO A 91 -8.93 -0.63 12.61
C PRO A 91 -7.91 -1.44 13.41
N ASP A 92 -6.66 -1.37 12.96
CA ASP A 92 -5.52 -2.04 13.62
C ASP A 92 -5.59 -3.57 13.46
N ASN A 93 -6.69 -4.07 12.90
CA ASN A 93 -6.89 -5.50 12.76
C ASN A 93 -7.47 -5.84 11.40
N SER A 94 -8.69 -5.37 11.15
CA SER A 94 -9.35 -5.66 9.90
C SER A 94 -9.04 -4.58 8.86
N SER A 95 -9.89 -4.52 7.81
CA SER A 95 -9.68 -3.61 6.69
C SER A 95 -8.44 -4.06 5.93
N GLU A 96 -8.32 -5.37 5.80
CA GLU A 96 -7.20 -5.98 5.12
C GLU A 96 -7.42 -5.96 3.62
N PHE A 97 -6.39 -5.63 2.88
CA PHE A 97 -6.45 -5.69 1.43
C PHE A 97 -5.40 -6.66 0.90
N THR A 98 -5.88 -7.67 0.20
CA THR A 98 -5.01 -8.65 -0.41
C THR A 98 -4.69 -8.27 -1.84
N VAL A 99 -3.44 -8.00 -2.11
CA VAL A 99 -3.04 -7.65 -3.46
C VAL A 99 -2.54 -8.91 -4.18
N THR A 100 -3.17 -9.19 -5.30
CA THR A 100 -2.74 -10.28 -6.15
C THR A 100 -2.01 -9.73 -7.37
N PHE A 101 -0.70 -9.89 -7.40
CA PHE A 101 0.09 -9.48 -8.53
C PHE A 101 0.06 -10.55 -9.61
N VAL A 102 -0.60 -10.26 -10.72
CA VAL A 102 -0.71 -11.22 -11.81
C VAL A 102 0.48 -11.06 -12.75
N ALA A 103 1.38 -12.03 -12.71
CA ALA A 103 2.56 -12.04 -13.58
C ALA A 103 2.15 -12.12 -15.05
N ASP A 104 2.69 -11.21 -15.86
CA ASP A 104 2.33 -11.14 -17.28
C ASP A 104 3.58 -11.15 -18.14
N GLY A 105 3.94 -12.32 -18.65
CA GLY A 105 5.04 -12.42 -19.59
C GLY A 105 6.40 -12.09 -18.98
N GLN A 106 6.49 -12.15 -17.65
CA GLN A 106 7.76 -11.95 -16.92
C GLN A 106 8.29 -10.52 -17.03
N LYS A 107 7.51 -9.62 -17.63
CA LYS A 107 7.92 -8.20 -17.73
C LYS A 107 6.77 -7.27 -17.42
N LYS A 108 5.62 -7.84 -17.11
CA LYS A 108 4.44 -7.06 -16.79
C LYS A 108 3.72 -7.69 -15.62
N THR A 109 2.92 -6.91 -14.91
CA THR A 109 2.11 -7.42 -13.84
C THR A 109 0.91 -6.52 -13.58
N ARG A 110 -0.26 -7.13 -13.55
CA ARG A 110 -1.48 -6.42 -13.21
C ARG A 110 -1.91 -6.84 -11.81
N VAL A 111 -1.90 -5.90 -10.87
CA VAL A 111 -2.27 -6.24 -9.50
C VAL A 111 -3.74 -5.94 -9.25
N ASP A 112 -4.37 -6.82 -8.48
CA ASP A 112 -5.76 -6.67 -8.11
C ASP A 112 -5.89 -6.82 -6.59
N VAL A 113 -6.09 -5.70 -5.90
CA VAL A 113 -6.28 -5.71 -4.44
C VAL A 113 -7.73 -5.94 -4.09
N GLU A 114 -7.95 -6.75 -3.06
CA GLU A 114 -9.26 -6.89 -2.47
C GLU A 114 -9.21 -6.45 -1.01
N HIS A 115 -9.85 -5.35 -0.74
CA HIS A 115 -9.95 -4.79 0.58
C HIS A 115 -11.21 -5.32 1.24
N THR A 116 -11.04 -6.21 2.18
CA THR A 116 -12.17 -6.89 2.75
C THR A 116 -12.31 -6.63 4.25
N HIS A 117 -13.53 -6.85 4.70
CA HIS A 117 -13.89 -7.00 6.10
C HIS A 117 -14.45 -5.72 6.67
N PHE A 118 -13.57 -4.79 6.97
CA PHE A 118 -13.92 -3.64 7.80
C PHE A 118 -14.79 -2.64 7.05
N ASP A 119 -14.39 -2.27 5.84
CA ASP A 119 -15.11 -1.30 5.04
C ASP A 119 -16.51 -1.82 4.76
N ARG A 120 -16.56 -3.09 4.42
CA ARG A 120 -17.80 -3.81 4.14
C ARG A 120 -18.73 -3.83 5.37
N MET A 121 -18.18 -3.61 6.55
CA MET A 121 -18.94 -3.71 7.80
C MET A 121 -19.80 -2.46 8.06
N GLY A 122 -20.16 -1.76 7.00
CA GLY A 122 -21.13 -0.69 7.15
C GLY A 122 -20.64 0.63 6.61
N THR A 123 -21.60 1.49 6.25
CA THR A 123 -21.31 2.79 5.66
C THR A 123 -20.33 3.60 6.50
N LYS A 124 -20.55 3.67 7.81
CA LYS A 124 -19.70 4.51 8.66
C LYS A 124 -18.32 3.91 8.85
N HIS A 125 -18.22 2.59 8.70
CA HIS A 125 -16.92 1.91 8.82
C HIS A 125 -16.05 2.30 7.63
N ALA A 126 -16.61 2.17 6.45
CA ALA A 126 -15.91 2.53 5.23
C ALA A 126 -15.74 4.04 5.13
N LYS A 127 -16.68 4.78 5.69
CA LYS A 127 -16.67 6.23 5.65
C LYS A 127 -15.52 6.80 6.48
N ARG A 128 -15.25 6.17 7.63
CA ARG A 128 -14.14 6.60 8.48
C ARG A 128 -12.81 6.21 7.83
N VAL A 129 -12.76 5.05 7.18
CA VAL A 129 -11.56 4.64 6.45
C VAL A 129 -11.35 5.53 5.22
N ARG A 130 -12.46 5.97 4.65
CA ARG A 130 -12.45 6.87 3.50
C ARG A 130 -11.69 8.15 3.81
N ASN A 131 -11.56 8.47 5.09
CA ASN A 131 -10.85 9.67 5.52
C ASN A 131 -9.38 9.62 5.14
N GLY A 132 -8.85 8.42 4.93
CA GLY A 132 -7.43 8.29 4.67
C GLY A 132 -7.08 7.92 3.24
N MET A 133 -7.60 6.79 2.78
CA MET A 133 -7.17 6.21 1.51
C MET A 133 -7.85 6.86 0.30
N ASP A 134 -8.85 7.72 0.53
CA ASP A 134 -9.71 8.23 -0.53
C ASP A 134 -8.93 8.85 -1.69
N LYS A 135 -7.99 9.74 -1.39
CA LYS A 135 -7.24 10.43 -2.43
C LYS A 135 -5.78 9.97 -2.42
N GLY A 136 -5.35 9.40 -1.30
CA GLY A 136 -4.00 8.90 -1.18
C GLY A 136 -3.75 7.77 -2.15
N TRP A 137 -4.55 6.72 -2.06
CA TRP A 137 -4.37 5.52 -2.89
C TRP A 137 -4.35 5.84 -4.39
N PRO A 138 -5.38 6.52 -4.95
CA PRO A 138 -5.39 6.87 -6.37
C PRO A 138 -4.16 7.68 -6.79
N THR A 139 -3.72 8.56 -5.91
CA THR A 139 -2.52 9.34 -6.16
C THR A 139 -1.29 8.44 -6.07
N ILE A 140 -1.27 7.60 -5.04
CA ILE A 140 -0.17 6.69 -4.78
C ILE A 140 0.05 5.74 -5.95
N LEU A 141 -1.01 5.05 -6.36
CA LEU A 141 -0.90 4.02 -7.38
C LEU A 141 -0.44 4.57 -8.72
N GLN A 142 -0.69 5.85 -8.95
CA GLN A 142 -0.28 6.49 -10.18
C GLN A 142 1.22 6.71 -10.20
N SER A 143 1.72 7.42 -9.19
CA SER A 143 3.14 7.65 -9.04
C SER A 143 3.87 6.33 -8.75
N PHE A 144 3.12 5.37 -8.22
CA PHE A 144 3.64 4.02 -7.97
C PHE A 144 4.06 3.37 -9.29
N GLN A 145 3.12 3.32 -10.24
CA GLN A 145 3.38 2.76 -11.56
C GLN A 145 4.46 3.56 -12.28
N ASP A 146 4.50 4.86 -12.00
CA ASP A 146 5.46 5.76 -12.65
C ASP A 146 6.87 5.54 -12.13
N LYS A 147 7.01 5.34 -10.82
CA LYS A 147 8.32 5.07 -10.24
C LYS A 147 8.83 3.73 -10.75
N ILE A 148 7.94 2.75 -10.80
CA ILE A 148 8.27 1.45 -11.36
C ILE A 148 8.63 1.58 -12.84
N ASP A 149 7.89 2.45 -13.51
CA ASP A 149 8.13 2.76 -14.92
C ASP A 149 9.56 3.28 -15.11
N GLU A 150 10.01 4.05 -14.13
CA GLU A 150 11.37 4.60 -14.14
C GLU A 150 12.38 3.50 -13.85
N GLU A 151 11.99 2.57 -12.98
CA GLU A 151 12.86 1.46 -12.60
C GLU A 151 13.06 0.52 -13.79
N GLY A 152 11.99 0.35 -14.56
CA GLY A 152 12.08 -0.45 -15.77
C GLY A 152 12.87 0.26 -16.84
N ALA A 153 12.33 1.36 -17.34
CA ALA A 153 12.99 2.13 -18.39
C ALA A 153 12.25 3.44 -18.67
N LYS A 154 12.51 4.44 -17.84
CA LYS A 154 12.00 5.80 -18.07
C LYS A 154 12.76 6.80 -17.22
N LYS A 155 13.88 7.26 -17.74
CA LYS A 155 14.72 8.26 -17.08
C LYS A 155 15.38 9.15 -18.11
N ASN A 1 -16.23 1.92 -4.20
CA ASN A 1 -15.64 0.80 -3.43
C ASN A 1 -15.75 1.06 -1.92
N TYR A 2 -15.22 0.12 -1.12
CA TYR A 2 -15.16 0.23 0.36
C TYR A 2 -16.44 -0.30 0.97
N ASP A 3 -17.48 0.54 0.98
CA ASP A 3 -18.77 0.17 1.57
C ASP A 3 -19.27 -1.18 1.04
N PRO A 4 -19.35 -1.37 -0.29
CA PRO A 4 -19.69 -2.68 -0.84
C PRO A 4 -18.46 -3.58 -1.00
N PHE A 5 -17.56 -3.21 -1.90
CA PHE A 5 -16.34 -3.95 -2.14
C PHE A 5 -15.29 -3.00 -2.69
N VAL A 6 -14.04 -3.17 -2.29
CA VAL A 6 -12.95 -2.32 -2.78
C VAL A 6 -11.84 -3.15 -3.41
N ARG A 7 -11.37 -2.68 -4.56
CA ARG A 7 -10.34 -3.38 -5.28
C ARG A 7 -9.35 -2.39 -5.88
N HIS A 8 -8.08 -2.73 -5.87
CA HIS A 8 -7.06 -1.94 -6.55
C HIS A 8 -6.59 -2.69 -7.76
N SER A 9 -6.49 -2.00 -8.88
CA SER A 9 -6.02 -2.61 -10.10
C SER A 9 -4.99 -1.73 -10.77
N VAL A 10 -3.75 -2.21 -10.76
CA VAL A 10 -2.64 -1.48 -11.36
C VAL A 10 -1.92 -2.32 -12.42
N THR A 11 -1.56 -1.68 -13.52
CA THR A 11 -0.75 -2.31 -14.53
C THR A 11 0.72 -1.94 -14.33
N VAL A 12 1.54 -2.93 -14.06
CA VAL A 12 2.95 -2.76 -13.82
C VAL A 12 3.74 -3.03 -15.10
N LYS A 13 4.61 -2.09 -15.46
CA LYS A 13 5.34 -2.14 -16.73
C LYS A 13 6.77 -2.63 -16.54
N ALA A 14 7.03 -3.38 -15.47
CA ALA A 14 8.39 -3.84 -15.19
C ALA A 14 8.41 -5.14 -14.39
N ASP A 15 7.42 -5.99 -14.62
CA ASP A 15 7.37 -7.33 -14.00
C ASP A 15 7.02 -7.28 -12.51
N ARG A 16 6.68 -8.45 -11.98
CA ARG A 16 6.20 -8.59 -10.61
C ARG A 16 7.31 -8.26 -9.61
N LYS A 17 8.55 -8.42 -10.03
CA LYS A 17 9.69 -8.15 -9.18
C LYS A 17 9.74 -6.67 -8.78
N THR A 18 9.51 -5.78 -9.73
CA THR A 18 9.50 -4.35 -9.43
C THR A 18 8.23 -3.97 -8.69
N ALA A 19 7.12 -4.62 -9.06
CA ALA A 19 5.86 -4.38 -8.39
C ALA A 19 5.98 -4.63 -6.89
N PHE A 20 6.58 -5.76 -6.54
CA PHE A 20 6.81 -6.11 -5.14
C PHE A 20 7.88 -5.20 -4.53
N LYS A 21 8.96 -4.99 -5.27
CA LYS A 21 10.05 -4.12 -4.81
C LYS A 21 9.53 -2.74 -4.46
N THR A 22 8.80 -2.14 -5.38
CA THR A 22 8.31 -0.79 -5.18
C THR A 22 7.26 -0.74 -4.07
N PHE A 23 6.27 -1.61 -4.16
CA PHE A 23 5.12 -1.57 -3.24
C PHE A 23 5.52 -1.89 -1.80
N LEU A 24 6.50 -2.76 -1.61
CA LEU A 24 6.87 -3.18 -0.27
C LEU A 24 8.26 -2.68 0.13
N GLU A 25 9.27 -2.98 -0.69
CA GLU A 25 10.65 -2.66 -0.34
C GLU A 25 11.11 -1.37 -1.01
N GLY A 26 10.21 -0.43 -1.19
CA GLY A 26 10.56 0.83 -1.79
C GLY A 26 9.58 1.92 -1.43
N PHE A 27 9.06 1.86 -0.22
CA PHE A 27 7.99 2.77 0.18
C PHE A 27 8.43 4.26 0.13
N PRO A 28 9.57 4.64 0.75
CA PRO A 28 10.00 6.05 0.83
C PRO A 28 10.62 6.61 -0.47
N GLU A 29 10.45 5.93 -1.59
CA GLU A 29 11.01 6.42 -2.85
C GLU A 29 9.90 6.83 -3.82
N TRP A 30 8.66 6.64 -3.41
CA TRP A 30 7.52 6.97 -4.24
C TRP A 30 7.32 8.48 -4.35
N TRP A 31 6.60 8.89 -5.38
CA TRP A 31 6.23 10.29 -5.59
C TRP A 31 4.90 10.69 -4.92
N PRO A 32 3.86 9.80 -4.88
CA PRO A 32 2.47 10.21 -4.60
C PRO A 32 2.26 10.90 -3.26
N ASN A 33 2.08 10.13 -2.20
CA ASN A 33 1.74 10.69 -0.89
C ASN A 33 2.91 10.53 0.05
N ASN A 34 3.92 9.86 -0.44
CA ASN A 34 5.05 9.44 0.38
C ASN A 34 6.10 10.53 0.47
N PHE A 35 5.82 11.57 1.25
CA PHE A 35 6.76 12.68 1.38
C PHE A 35 6.62 13.44 2.71
N ARG A 36 6.17 12.77 3.77
CA ARG A 36 6.05 13.42 5.07
C ARG A 36 6.59 12.55 6.19
N THR A 37 7.04 13.18 7.27
CA THR A 37 7.61 12.46 8.39
C THR A 37 6.50 11.83 9.22
N THR A 38 6.70 10.57 9.60
CA THR A 38 5.67 9.75 10.24
C THR A 38 4.34 9.78 9.47
N LYS A 39 4.45 10.04 8.18
CA LYS A 39 3.31 9.99 7.29
C LYS A 39 3.77 9.49 5.92
N VAL A 40 4.08 8.21 5.89
CA VAL A 40 4.50 7.46 4.71
C VAL A 40 5.68 8.11 3.97
N GLY A 41 6.54 8.81 4.71
CA GLY A 41 7.62 9.51 4.03
C GLY A 41 8.88 9.67 4.88
N ALA A 42 8.90 9.05 6.04
CA ALA A 42 10.08 9.08 6.90
C ALA A 42 11.07 8.01 6.44
N PRO A 43 12.15 7.73 7.18
CA PRO A 43 12.89 6.48 7.01
C PRO A 43 11.99 5.31 7.37
N LEU A 44 11.05 5.01 6.49
CA LEU A 44 9.96 4.13 6.79
C LEU A 44 9.96 2.96 5.85
N GLY A 45 8.82 2.33 5.82
CA GLY A 45 8.53 1.39 4.81
C GLY A 45 7.91 0.17 5.38
N VAL A 46 8.63 -0.91 5.27
CA VAL A 46 8.06 -2.20 5.59
C VAL A 46 9.05 -3.10 6.30
N ASP A 47 8.55 -3.75 7.33
CA ASP A 47 9.29 -4.75 8.08
C ASP A 47 8.76 -6.12 7.70
N LYS A 48 9.53 -6.84 6.91
CA LYS A 48 9.09 -8.14 6.38
C LYS A 48 9.25 -9.24 7.42
N LYS A 49 10.22 -9.06 8.30
CA LYS A 49 10.56 -10.06 9.30
C LYS A 49 9.48 -10.17 10.38
N GLY A 50 8.80 -9.07 10.64
CA GLY A 50 7.72 -9.07 11.62
C GLY A 50 6.35 -8.88 10.98
N GLY A 51 6.33 -8.24 9.82
CA GLY A 51 5.09 -8.06 9.09
C GLY A 51 4.39 -6.77 9.45
N ARG A 52 5.06 -5.64 9.27
CA ARG A 52 4.47 -4.35 9.60
C ARG A 52 4.96 -3.26 8.65
N TRP A 53 4.15 -2.23 8.47
CA TRP A 53 4.54 -1.04 7.70
C TRP A 53 4.69 0.14 8.65
N TYR A 54 5.89 0.67 8.82
CA TYR A 54 6.06 1.74 9.80
C TYR A 54 7.20 2.68 9.45
N GLU A 55 7.34 3.76 10.24
CA GLU A 55 8.27 4.84 9.90
C GLU A 55 9.08 5.24 11.11
N ILE A 56 10.34 5.58 10.91
CA ILE A 56 11.15 6.06 12.00
C ILE A 56 10.91 7.54 12.21
N ASP A 57 10.16 7.87 13.24
CA ASP A 57 9.95 9.26 13.65
C ASP A 57 11.24 9.88 14.16
N GLU A 58 11.12 11.06 14.75
CA GLU A 58 12.27 11.78 15.28
C GLU A 58 12.63 11.40 16.72
N GLN A 59 11.66 10.97 17.53
CA GLN A 59 11.91 10.93 18.98
C GLN A 59 12.26 9.54 19.51
N GLY A 60 11.79 8.48 18.87
CA GLY A 60 12.14 7.15 19.33
C GLY A 60 11.07 6.11 19.06
N GLU A 61 10.56 6.12 17.84
CA GLU A 61 9.67 5.08 17.33
C GLU A 61 8.26 5.16 17.92
N GLU A 62 7.51 6.16 17.48
CA GLU A 62 6.08 6.21 17.69
C GLU A 62 5.41 6.32 16.32
N HIS A 63 5.41 5.20 15.61
CA HIS A 63 4.83 5.10 14.28
C HIS A 63 3.60 4.20 14.26
N THR A 64 2.50 4.71 13.74
CA THR A 64 1.37 3.86 13.40
C THR A 64 1.81 2.90 12.31
N PHE A 65 1.46 1.63 12.42
CA PHE A 65 1.99 0.62 11.52
C PHE A 65 0.91 -0.14 10.79
N GLY A 66 1.20 -0.48 9.55
CA GLY A 66 0.35 -1.39 8.81
C GLY A 66 0.58 -2.80 9.28
N LEU A 67 -0.43 -3.64 9.17
CA LEU A 67 -0.38 -4.97 9.76
C LEU A 67 -0.41 -6.05 8.70
N ILE A 68 0.75 -6.51 8.28
CA ILE A 68 0.83 -7.53 7.24
C ILE A 68 0.43 -8.89 7.81
N ARG A 69 -0.43 -9.59 7.09
CA ARG A 69 -0.85 -10.92 7.50
C ARG A 69 -0.16 -11.97 6.65
N LYS A 70 0.25 -11.58 5.44
CA LYS A 70 0.89 -12.50 4.52
C LYS A 70 1.96 -11.77 3.68
N VAL A 71 3.21 -12.17 3.87
CA VAL A 71 4.31 -11.68 3.04
C VAL A 71 4.72 -12.76 2.07
N ASP A 72 4.11 -12.74 0.89
CA ASP A 72 4.45 -13.69 -0.13
C ASP A 72 5.26 -13.02 -1.21
N GLU A 73 6.57 -13.24 -1.13
CA GLU A 73 7.55 -12.86 -2.16
C GLU A 73 6.93 -12.74 -3.55
N PRO A 74 7.46 -11.82 -4.38
CA PRO A 74 6.82 -11.30 -5.56
C PRO A 74 5.67 -12.15 -6.10
N ASP A 75 4.53 -12.02 -5.42
CA ASP A 75 3.32 -12.75 -5.78
C ASP A 75 2.10 -12.12 -5.11
N THR A 76 2.06 -12.13 -3.78
CA THR A 76 0.88 -11.66 -3.05
C THR A 76 1.24 -11.06 -1.69
N LEU A 77 0.56 -9.99 -1.31
CA LEU A 77 0.79 -9.36 -0.02
C LEU A 77 -0.54 -9.05 0.65
N VAL A 78 -0.81 -9.70 1.77
CA VAL A 78 -2.01 -9.40 2.55
C VAL A 78 -1.66 -8.44 3.67
N ILE A 79 -2.09 -7.20 3.55
CA ILE A 79 -1.68 -6.14 4.45
C ILE A 79 -2.90 -5.42 5.05
N GLY A 80 -2.89 -5.27 6.38
CA GLY A 80 -3.96 -4.56 7.08
C GLY A 80 -3.75 -3.05 7.09
N TRP A 81 -4.85 -2.32 7.15
CA TRP A 81 -4.84 -0.91 6.81
C TRP A 81 -4.36 0.00 7.94
N ARG A 82 -3.68 1.10 7.55
CA ARG A 82 -3.13 2.07 8.49
C ARG A 82 -3.31 3.52 8.01
N LEU A 83 -3.77 3.67 6.75
CA LEU A 83 -4.04 4.98 6.09
C LEU A 83 -3.05 6.13 6.43
N ASN A 84 -3.49 7.37 6.18
CA ASN A 84 -2.63 8.55 6.28
C ASN A 84 -3.25 9.57 7.20
N GLY A 85 -2.44 10.15 8.08
CA GLY A 85 -2.93 11.15 9.01
C GLY A 85 -3.38 12.43 8.34
N PHE A 86 -4.60 12.42 7.82
CA PHE A 86 -5.22 13.64 7.28
C PHE A 86 -6.61 13.82 7.89
N GLY A 87 -6.82 13.24 9.06
CA GLY A 87 -8.12 13.30 9.72
C GLY A 87 -8.75 11.93 9.74
N ARG A 88 -7.89 10.93 9.83
CA ARG A 88 -8.27 9.55 9.69
C ARG A 88 -8.47 8.86 11.03
N ILE A 89 -9.14 7.73 10.96
CA ILE A 89 -9.07 6.71 11.98
C ILE A 89 -8.48 5.45 11.36
N ASP A 90 -7.45 4.89 11.97
CA ASP A 90 -6.85 3.67 11.43
C ASP A 90 -7.53 2.46 12.05
N PRO A 91 -7.84 1.45 11.21
CA PRO A 91 -8.52 0.23 11.66
C PRO A 91 -7.78 -0.47 12.79
N ASP A 92 -6.45 -0.56 12.63
CA ASP A 92 -5.56 -1.08 13.68
C ASP A 92 -5.67 -2.60 13.84
N ASN A 93 -6.84 -3.15 13.55
CA ASN A 93 -7.10 -4.54 13.86
C ASN A 93 -7.52 -5.34 12.63
N SER A 94 -7.77 -4.65 11.53
CA SER A 94 -8.24 -5.32 10.32
C SER A 94 -8.04 -4.43 9.09
N SER A 95 -8.95 -4.57 8.13
CA SER A 95 -8.87 -3.87 6.86
C SER A 95 -7.70 -4.38 6.04
N GLU A 96 -7.54 -5.69 6.04
CA GLU A 96 -6.54 -6.35 5.25
C GLU A 96 -6.90 -6.26 3.78
N PHE A 97 -5.91 -6.01 2.94
CA PHE A 97 -6.10 -6.07 1.50
C PHE A 97 -5.06 -6.98 0.87
N THR A 98 -5.55 -7.92 0.08
CA THR A 98 -4.69 -8.88 -0.57
C THR A 98 -4.22 -8.34 -1.91
N VAL A 99 -2.94 -8.02 -2.00
CA VAL A 99 -2.35 -7.57 -3.24
C VAL A 99 -1.99 -8.77 -4.10
N THR A 100 -2.74 -8.97 -5.18
CA THR A 100 -2.50 -10.09 -6.07
C THR A 100 -1.75 -9.63 -7.32
N PHE A 101 -0.48 -9.98 -7.40
CA PHE A 101 0.33 -9.63 -8.55
C PHE A 101 0.33 -10.75 -9.57
N VAL A 102 -0.29 -10.52 -10.71
CA VAL A 102 -0.27 -11.47 -11.81
C VAL A 102 0.87 -11.13 -12.77
N ALA A 103 1.91 -11.95 -12.74
CA ALA A 103 3.09 -11.71 -13.58
C ALA A 103 2.79 -12.04 -15.04
N ASP A 104 3.38 -11.28 -15.95
CA ASP A 104 3.10 -11.43 -17.37
C ASP A 104 4.38 -11.30 -18.18
N GLY A 105 4.86 -12.42 -18.72
CA GLY A 105 6.04 -12.38 -19.56
C GLY A 105 7.28 -11.88 -18.84
N GLN A 106 7.22 -11.86 -17.51
CA GLN A 106 8.32 -11.41 -16.66
C GLN A 106 8.74 -9.97 -16.98
N LYS A 107 7.83 -9.19 -17.57
CA LYS A 107 8.08 -7.75 -17.76
C LYS A 107 6.81 -6.95 -17.54
N LYS A 108 5.68 -7.62 -17.51
CA LYS A 108 4.40 -6.97 -17.24
C LYS A 108 3.78 -7.62 -16.02
N THR A 109 2.91 -6.91 -15.33
CA THR A 109 2.20 -7.46 -14.20
C THR A 109 0.92 -6.66 -13.95
N ARG A 110 -0.17 -7.36 -13.71
CA ARG A 110 -1.42 -6.72 -13.37
C ARG A 110 -1.81 -7.10 -11.95
N VAL A 111 -1.99 -6.12 -11.08
CA VAL A 111 -2.33 -6.39 -9.71
C VAL A 111 -3.81 -6.17 -9.46
N ASP A 112 -4.42 -7.09 -8.74
CA ASP A 112 -5.77 -6.91 -8.28
C ASP A 112 -5.81 -7.09 -6.76
N VAL A 113 -6.12 -6.00 -6.08
CA VAL A 113 -6.17 -6.02 -4.63
C VAL A 113 -7.58 -6.26 -4.14
N GLU A 114 -7.74 -7.32 -3.38
CA GLU A 114 -9.02 -7.64 -2.78
C GLU A 114 -9.04 -7.14 -1.35
N HIS A 115 -9.86 -6.13 -1.12
CA HIS A 115 -9.99 -5.52 0.19
C HIS A 115 -11.44 -5.57 0.61
N THR A 116 -11.74 -6.40 1.60
CA THR A 116 -13.12 -6.57 2.05
C THR A 116 -13.16 -7.10 3.48
N HIS A 117 -13.32 -6.20 4.45
CA HIS A 117 -13.56 -6.61 5.84
C HIS A 117 -14.13 -5.46 6.66
N PHE A 118 -13.28 -4.51 7.02
CA PHE A 118 -13.69 -3.38 7.85
C PHE A 118 -14.29 -2.28 6.97
N ASP A 119 -13.84 -2.25 5.73
CA ASP A 119 -14.32 -1.33 4.73
C ASP A 119 -15.76 -1.64 4.34
N ARG A 120 -16.00 -2.90 4.00
CA ARG A 120 -17.32 -3.39 3.59
C ARG A 120 -18.37 -3.17 4.68
N MET A 121 -17.92 -2.97 5.91
CA MET A 121 -18.83 -2.70 7.02
C MET A 121 -19.55 -1.36 6.79
N GLY A 122 -19.09 -0.64 5.78
CA GLY A 122 -19.82 0.50 5.24
C GLY A 122 -20.18 1.55 6.26
N THR A 123 -21.25 2.29 5.97
CA THR A 123 -21.74 3.37 6.81
C THR A 123 -20.60 4.26 7.31
N LYS A 124 -20.51 4.43 8.63
CA LYS A 124 -19.48 5.28 9.21
C LYS A 124 -18.13 4.61 9.17
N HIS A 125 -18.10 3.29 9.09
CA HIS A 125 -16.84 2.55 9.06
C HIS A 125 -16.04 2.89 7.80
N ALA A 126 -16.71 2.79 6.66
CA ALA A 126 -16.08 3.12 5.39
C ALA A 126 -15.83 4.62 5.30
N LYS A 127 -16.77 5.40 5.82
CA LYS A 127 -16.68 6.85 5.80
C LYS A 127 -15.48 7.34 6.61
N ARG A 128 -15.28 6.75 7.78
CA ARG A 128 -14.22 7.18 8.69
C ARG A 128 -12.84 6.77 8.19
N VAL A 129 -12.77 5.64 7.51
CA VAL A 129 -11.51 5.19 6.91
C VAL A 129 -11.17 6.01 5.67
N ARG A 130 -12.20 6.31 4.88
CA ARG A 130 -12.03 7.01 3.62
C ARG A 130 -11.45 8.42 3.85
N ASN A 131 -11.52 8.90 5.08
CA ASN A 131 -11.05 10.24 5.43
C ASN A 131 -9.63 10.49 4.94
N GLY A 132 -8.74 9.54 5.21
CA GLY A 132 -7.34 9.77 4.88
C GLY A 132 -6.92 9.13 3.57
N MET A 133 -7.48 7.99 3.25
CA MET A 133 -7.03 7.23 2.08
C MET A 133 -7.62 7.75 0.77
N ASP A 134 -8.74 8.47 0.85
CA ASP A 134 -9.53 8.81 -0.34
C ASP A 134 -8.73 9.52 -1.42
N LYS A 135 -7.89 10.47 -1.03
CA LYS A 135 -7.08 11.18 -2.01
C LYS A 135 -5.60 10.87 -1.79
N GLY A 136 -5.32 9.67 -1.30
CA GLY A 136 -3.96 9.25 -1.10
C GLY A 136 -3.65 7.93 -1.76
N TRP A 137 -4.22 6.85 -1.23
CA TRP A 137 -3.90 5.50 -1.69
C TRP A 137 -4.18 5.30 -3.19
N PRO A 138 -5.40 5.63 -3.69
CA PRO A 138 -5.70 5.52 -5.11
C PRO A 138 -4.78 6.38 -5.98
N THR A 139 -4.44 7.57 -5.48
CA THR A 139 -3.55 8.48 -6.19
C THR A 139 -2.13 7.90 -6.18
N ILE A 140 -1.79 7.27 -5.07
CA ILE A 140 -0.54 6.57 -4.93
C ILE A 140 -0.38 5.53 -6.02
N LEU A 141 -1.46 4.84 -6.35
CA LEU A 141 -1.42 3.79 -7.37
C LEU A 141 -1.03 4.34 -8.74
N GLN A 142 -1.37 5.60 -9.01
CA GLN A 142 -0.99 6.21 -10.28
C GLN A 142 0.50 6.49 -10.30
N SER A 143 0.98 7.16 -9.26
CA SER A 143 2.41 7.45 -9.13
C SER A 143 3.21 6.18 -8.89
N PHE A 144 2.54 5.16 -8.38
CA PHE A 144 3.14 3.84 -8.18
C PHE A 144 3.57 3.26 -9.53
N GLN A 145 2.63 3.21 -10.48
CA GLN A 145 2.91 2.78 -11.84
C GLN A 145 3.99 3.65 -12.47
N ASP A 146 3.94 4.93 -12.16
CA ASP A 146 4.89 5.90 -12.68
C ASP A 146 6.30 5.65 -12.14
N LYS A 147 6.39 5.36 -10.85
CA LYS A 147 7.67 5.03 -10.24
C LYS A 147 8.20 3.71 -10.78
N ILE A 148 7.31 2.73 -10.93
CA ILE A 148 7.67 1.44 -11.49
C ILE A 148 8.16 1.59 -12.93
N ASP A 149 7.58 2.54 -13.64
CA ASP A 149 7.96 2.80 -15.03
C ASP A 149 9.43 3.16 -15.12
N GLU A 150 9.94 3.79 -14.06
CA GLU A 150 11.35 4.15 -13.97
C GLU A 150 12.19 2.89 -13.82
N GLU A 151 11.72 2.00 -12.97
CA GLU A 151 12.43 0.76 -12.69
C GLU A 151 12.38 -0.15 -13.91
N GLY A 152 11.46 0.14 -14.81
CA GLY A 152 11.33 -0.62 -16.02
C GLY A 152 12.20 -0.07 -17.15
N ALA A 153 12.27 1.26 -17.25
CA ALA A 153 13.02 1.89 -18.34
C ALA A 153 13.14 3.41 -18.18
N LYS A 154 12.19 4.03 -17.49
CA LYS A 154 12.15 5.49 -17.39
C LYS A 154 13.21 6.01 -16.40
N LYS A 155 14.45 5.96 -16.80
CA LYS A 155 15.53 6.49 -15.98
C LYS A 155 16.39 7.44 -16.79
N ASN A 1 -16.63 1.93 -3.74
CA ASN A 1 -15.92 0.69 -3.41
C ASN A 1 -15.71 0.55 -1.89
N TYR A 2 -16.59 -0.23 -1.25
CA TYR A 2 -16.54 -0.46 0.20
C TYR A 2 -17.78 -1.26 0.62
N ASP A 3 -18.93 -0.88 0.08
CA ASP A 3 -20.20 -1.51 0.43
C ASP A 3 -20.21 -2.98 -0.02
N PRO A 4 -19.92 -3.27 -1.30
CA PRO A 4 -19.70 -4.64 -1.75
C PRO A 4 -18.21 -5.02 -1.69
N PHE A 5 -17.43 -4.45 -2.58
CA PHE A 5 -15.99 -4.71 -2.64
C PHE A 5 -15.23 -3.44 -2.94
N VAL A 6 -14.04 -3.31 -2.38
CA VAL A 6 -13.11 -2.26 -2.76
C VAL A 6 -11.82 -2.89 -3.29
N ARG A 7 -11.45 -2.49 -4.50
CA ARG A 7 -10.36 -3.16 -5.21
C ARG A 7 -9.37 -2.14 -5.79
N HIS A 8 -8.10 -2.51 -5.77
CA HIS A 8 -7.08 -1.74 -6.47
C HIS A 8 -6.58 -2.56 -7.65
N SER A 9 -6.50 -1.93 -8.80
CA SER A 9 -6.00 -2.61 -9.98
C SER A 9 -4.99 -1.74 -10.71
N VAL A 10 -3.75 -2.17 -10.67
CA VAL A 10 -2.65 -1.47 -11.30
C VAL A 10 -1.94 -2.40 -12.28
N THR A 11 -1.51 -1.85 -13.42
CA THR A 11 -0.73 -2.63 -14.36
C THR A 11 0.61 -1.97 -14.60
N VAL A 12 1.67 -2.65 -14.21
CA VAL A 12 3.00 -2.09 -14.26
C VAL A 12 3.77 -2.64 -15.46
N LYS A 13 4.86 -1.97 -15.81
CA LYS A 13 5.58 -2.27 -17.04
C LYS A 13 7.02 -2.73 -16.76
N ALA A 14 7.24 -3.29 -15.59
CA ALA A 14 8.59 -3.77 -15.24
C ALA A 14 8.54 -5.06 -14.43
N ASP A 15 7.43 -5.79 -14.59
CA ASP A 15 7.26 -7.13 -14.01
C ASP A 15 7.08 -7.08 -12.48
N ARG A 16 6.79 -8.25 -11.91
CA ARG A 16 6.43 -8.39 -10.51
C ARG A 16 7.60 -8.08 -9.60
N LYS A 17 8.82 -8.27 -10.11
CA LYS A 17 10.03 -7.95 -9.36
C LYS A 17 10.01 -6.51 -8.86
N THR A 18 9.68 -5.60 -9.75
CA THR A 18 9.68 -4.19 -9.44
C THR A 18 8.40 -3.80 -8.71
N ALA A 19 7.30 -4.44 -9.07
CA ALA A 19 6.01 -4.16 -8.42
C ALA A 19 6.10 -4.45 -6.92
N PHE A 20 6.69 -5.58 -6.56
CA PHE A 20 6.88 -5.93 -5.17
C PHE A 20 7.89 -5.00 -4.51
N LYS A 21 9.01 -4.77 -5.20
CA LYS A 21 10.03 -3.86 -4.71
C LYS A 21 9.43 -2.49 -4.40
N THR A 22 8.72 -1.95 -5.38
CA THR A 22 8.12 -0.63 -5.26
C THR A 22 7.05 -0.59 -4.17
N PHE A 23 6.25 -1.64 -4.10
CA PHE A 23 5.13 -1.69 -3.16
C PHE A 23 5.61 -1.84 -1.72
N LEU A 24 6.67 -2.63 -1.50
CA LEU A 24 7.10 -2.93 -0.15
C LEU A 24 8.53 -2.47 0.14
N GLU A 25 9.48 -2.92 -0.68
CA GLU A 25 10.90 -2.77 -0.36
C GLU A 25 11.47 -1.44 -0.86
N GLY A 26 10.60 -0.50 -1.13
CA GLY A 26 11.02 0.83 -1.53
C GLY A 26 9.99 1.85 -1.13
N PHE A 27 9.27 1.51 -0.06
CA PHE A 27 8.07 2.21 0.34
C PHE A 27 8.23 3.74 0.36
N PRO A 28 9.27 4.29 1.02
CA PRO A 28 9.47 5.74 1.12
C PRO A 28 10.43 6.35 0.08
N GLU A 29 10.84 5.59 -0.93
CA GLU A 29 11.90 6.09 -1.82
C GLU A 29 11.37 6.52 -3.20
N TRP A 30 10.10 6.28 -3.48
CA TRP A 30 9.52 6.65 -4.78
C TRP A 30 8.89 8.04 -4.76
N TRP A 31 7.89 8.25 -5.61
CA TRP A 31 7.24 9.56 -5.75
C TRP A 31 5.82 9.66 -5.12
N PRO A 32 5.22 8.60 -4.48
CA PRO A 32 3.87 8.73 -3.89
C PRO A 32 3.77 9.70 -2.70
N ASN A 33 2.85 9.42 -1.79
CA ASN A 33 2.57 10.25 -0.62
C ASN A 33 3.79 10.33 0.32
N ASN A 34 4.83 9.57 -0.02
CA ASN A 34 6.03 9.46 0.80
C ASN A 34 7.01 10.61 0.55
N PHE A 35 6.52 11.66 -0.09
CA PHE A 35 7.39 12.76 -0.53
C PHE A 35 7.95 13.60 0.63
N ARG A 36 7.65 13.20 1.86
CA ARG A 36 8.13 13.93 3.03
C ARG A 36 8.55 12.98 4.14
N THR A 37 9.55 13.41 4.92
CA THR A 37 10.10 12.60 5.99
C THR A 37 9.19 12.57 7.20
N THR A 38 9.15 11.42 7.88
CA THR A 38 8.24 11.14 9.00
C THR A 38 6.79 11.44 8.65
N LYS A 39 6.52 11.58 7.37
CA LYS A 39 5.18 11.77 6.87
C LYS A 39 4.73 10.45 6.27
N VAL A 40 5.44 10.03 5.23
CA VAL A 40 5.32 8.67 4.66
C VAL A 40 6.69 8.24 4.13
N GLY A 41 7.68 9.11 4.31
CA GLY A 41 8.97 8.89 3.71
C GLY A 41 10.10 8.94 4.71
N ALA A 42 9.95 8.20 5.79
CA ALA A 42 11.02 8.08 6.78
C ALA A 42 11.91 6.89 6.43
N PRO A 43 13.08 6.75 7.08
CA PRO A 43 14.04 5.67 6.78
C PRO A 43 13.56 4.26 7.18
N LEU A 44 12.38 3.89 6.70
CA LEU A 44 11.87 2.54 6.90
C LEU A 44 10.70 2.26 5.94
N GLY A 45 9.49 2.45 6.42
CA GLY A 45 8.32 2.26 5.58
C GLY A 45 7.59 0.97 5.88
N VAL A 46 8.29 -0.14 5.74
CA VAL A 46 7.70 -1.45 5.96
C VAL A 46 8.65 -2.34 6.75
N ASP A 47 8.09 -3.13 7.65
CA ASP A 47 8.89 -4.04 8.45
C ASP A 47 8.54 -5.48 8.06
N LYS A 48 9.51 -6.17 7.48
CA LYS A 48 9.28 -7.52 6.98
C LYS A 48 9.32 -8.56 8.10
N LYS A 49 10.11 -8.31 9.13
CA LYS A 49 10.24 -9.28 10.22
C LYS A 49 9.13 -9.10 11.23
N GLY A 50 8.70 -7.86 11.44
CA GLY A 50 7.58 -7.59 12.31
C GLY A 50 6.26 -7.88 11.62
N GLY A 51 6.21 -7.58 10.33
CA GLY A 51 5.00 -7.81 9.56
C GLY A 51 4.05 -6.65 9.68
N ARG A 52 4.53 -5.45 9.38
CA ARG A 52 3.73 -4.25 9.52
C ARG A 52 4.31 -3.10 8.68
N TRP A 53 3.50 -2.06 8.48
CA TRP A 53 3.94 -0.89 7.75
C TRP A 53 4.05 0.30 8.69
N TYR A 54 5.26 0.83 8.83
CA TYR A 54 5.50 2.01 9.64
C TYR A 54 6.87 2.60 9.31
N GLU A 55 7.00 3.90 9.49
CA GLU A 55 8.24 4.59 9.21
C GLU A 55 8.85 5.09 10.51
N ILE A 56 10.14 5.37 10.48
CA ILE A 56 10.84 5.79 11.69
C ILE A 56 10.53 7.25 12.00
N ASP A 57 9.67 7.46 12.99
CA ASP A 57 9.29 8.80 13.38
C ASP A 57 10.22 9.32 14.47
N GLU A 58 10.11 10.61 14.77
CA GLU A 58 11.13 11.32 15.54
C GLU A 58 11.14 10.96 17.03
N GLN A 59 9.97 10.75 17.63
CA GLN A 59 9.92 10.44 19.06
C GLN A 59 10.10 8.94 19.32
N GLY A 60 10.23 8.16 18.26
CA GLY A 60 10.47 6.74 18.44
C GLY A 60 9.51 5.85 17.68
N GLU A 61 9.67 5.79 16.36
CA GLU A 61 8.94 4.85 15.50
C GLU A 61 7.42 4.95 15.70
N GLU A 62 6.96 6.12 16.07
CA GLU A 62 5.55 6.34 16.32
C GLU A 62 4.85 6.67 15.01
N HIS A 63 4.63 5.65 14.20
CA HIS A 63 3.94 5.83 12.94
C HIS A 63 2.76 4.86 12.81
N THR A 64 1.87 5.17 11.88
CA THR A 64 0.71 4.36 11.63
C THR A 64 0.52 4.15 10.13
N PHE A 65 0.52 2.90 9.67
CA PHE A 65 0.23 2.64 8.26
C PHE A 65 -0.55 1.36 8.03
N GLY A 66 0.04 0.19 8.29
CA GLY A 66 -0.65 -1.04 7.96
C GLY A 66 -0.18 -2.26 8.73
N LEU A 67 -0.98 -3.32 8.65
CA LEU A 67 -0.71 -4.60 9.32
C LEU A 67 -0.45 -5.68 8.30
N ILE A 68 0.78 -6.13 8.14
CA ILE A 68 1.03 -7.20 7.19
C ILE A 68 0.46 -8.51 7.72
N ARG A 69 -0.50 -9.05 6.99
CA ARG A 69 -1.12 -10.32 7.37
C ARG A 69 -0.37 -11.47 6.71
N LYS A 70 0.32 -11.16 5.60
CA LYS A 70 1.10 -12.16 4.87
C LYS A 70 1.95 -11.50 3.76
N VAL A 71 3.26 -11.72 3.82
CA VAL A 71 4.16 -11.34 2.71
C VAL A 71 4.58 -12.61 1.98
N ASP A 72 4.16 -12.75 0.73
CA ASP A 72 4.52 -13.93 -0.05
C ASP A 72 5.34 -13.54 -1.26
N GLU A 73 6.60 -13.15 -0.99
CA GLU A 73 7.57 -12.75 -2.02
C GLU A 73 6.96 -11.80 -3.07
N PRO A 74 7.64 -11.54 -4.21
CA PRO A 74 6.99 -10.89 -5.35
C PRO A 74 5.87 -11.76 -5.92
N ASP A 75 4.74 -11.77 -5.23
CA ASP A 75 3.57 -12.53 -5.66
C ASP A 75 2.31 -11.99 -4.98
N THR A 76 2.26 -12.11 -3.65
CA THR A 76 1.08 -11.65 -2.91
C THR A 76 1.44 -11.05 -1.56
N LEU A 77 0.75 -9.97 -1.21
CA LEU A 77 0.91 -9.34 0.10
C LEU A 77 -0.46 -8.91 0.60
N VAL A 78 -0.97 -9.57 1.61
CA VAL A 78 -2.22 -9.14 2.22
C VAL A 78 -1.92 -8.38 3.51
N ILE A 79 -2.22 -7.10 3.51
CA ILE A 79 -1.96 -6.24 4.65
C ILE A 79 -3.22 -5.45 5.03
N GLY A 80 -3.43 -5.29 6.33
CA GLY A 80 -4.60 -4.60 6.82
C GLY A 80 -4.40 -3.11 6.97
N TRP A 81 -5.47 -2.40 7.28
CA TRP A 81 -5.45 -0.94 7.31
C TRP A 81 -5.07 -0.41 8.69
N ARG A 82 -4.55 0.83 8.71
CA ARG A 82 -4.04 1.43 9.93
C ARG A 82 -3.46 2.83 9.63
N LEU A 83 -4.17 3.61 8.80
CA LEU A 83 -3.87 5.04 8.59
C LEU A 83 -2.76 5.23 7.52
N ASN A 84 -2.98 6.15 6.58
CA ASN A 84 -1.98 6.47 5.56
C ASN A 84 -1.14 7.65 6.03
N GLY A 85 -0.23 7.40 6.96
CA GLY A 85 0.67 8.43 7.42
C GLY A 85 0.04 9.39 8.41
N PHE A 86 -0.99 10.12 7.96
CA PHE A 86 -1.59 11.18 8.75
C PHE A 86 -2.91 11.65 8.12
N GLY A 87 -3.92 11.88 8.96
CA GLY A 87 -5.14 12.51 8.49
C GLY A 87 -6.29 11.56 8.20
N ARG A 88 -6.43 10.52 9.02
CA ARG A 88 -7.53 9.58 8.85
C ARG A 88 -7.98 9.02 10.21
N ILE A 89 -9.16 8.42 10.24
CA ILE A 89 -9.69 7.78 11.44
C ILE A 89 -10.01 6.29 11.19
N ASP A 90 -9.29 5.39 11.85
CA ASP A 90 -9.60 3.98 11.82
C ASP A 90 -8.74 3.24 12.86
N PRO A 91 -9.35 2.79 13.95
CA PRO A 91 -8.64 2.08 15.01
C PRO A 91 -8.59 0.59 14.73
N ASP A 92 -8.56 0.23 13.46
CA ASP A 92 -8.82 -1.13 13.10
C ASP A 92 -7.56 -1.95 13.19
N ASN A 93 -7.74 -3.24 13.06
CA ASN A 93 -6.69 -4.19 13.24
C ASN A 93 -6.93 -5.41 12.38
N SER A 94 -7.82 -5.26 11.41
CA SER A 94 -8.02 -6.24 10.38
C SER A 94 -8.03 -5.55 9.01
N SER A 95 -9.17 -4.93 8.68
CA SER A 95 -9.43 -4.32 7.37
C SER A 95 -9.07 -5.27 6.22
N GLU A 96 -7.77 -5.38 5.94
CA GLU A 96 -7.22 -6.48 5.14
C GLU A 96 -7.45 -6.29 3.64
N PHE A 97 -6.36 -6.08 2.92
CA PHE A 97 -6.40 -6.15 1.47
C PHE A 97 -5.32 -7.08 0.95
N THR A 98 -5.75 -8.07 0.19
CA THR A 98 -4.85 -9.04 -0.39
C THR A 98 -4.33 -8.53 -1.73
N VAL A 99 -3.05 -8.16 -1.78
CA VAL A 99 -2.44 -7.68 -3.00
C VAL A 99 -2.01 -8.84 -3.87
N THR A 100 -2.70 -9.03 -4.98
CA THR A 100 -2.38 -10.09 -5.89
C THR A 100 -1.64 -9.55 -7.11
N PHE A 101 -0.36 -9.83 -7.18
CA PHE A 101 0.44 -9.44 -8.32
C PHE A 101 0.43 -10.54 -9.38
N VAL A 102 -0.21 -10.29 -10.50
CA VAL A 102 -0.25 -11.24 -11.59
C VAL A 102 0.88 -10.95 -12.57
N ALA A 103 1.83 -11.85 -12.65
CA ALA A 103 2.99 -11.66 -13.52
C ALA A 103 2.61 -11.94 -14.97
N ASP A 104 2.91 -10.98 -15.84
CA ASP A 104 2.53 -11.08 -17.24
C ASP A 104 3.78 -11.05 -18.12
N GLY A 105 4.03 -12.15 -18.81
CA GLY A 105 5.11 -12.21 -19.77
C GLY A 105 6.47 -12.25 -19.10
N GLN A 106 7.15 -11.12 -19.09
CA GLN A 106 8.47 -11.03 -18.49
C GLN A 106 8.68 -9.66 -17.85
N LYS A 107 7.92 -8.67 -18.31
CA LYS A 107 8.06 -7.32 -17.80
C LYS A 107 6.72 -6.61 -17.71
N LYS A 108 5.67 -7.35 -17.39
CA LYS A 108 4.38 -6.77 -17.12
C LYS A 108 3.77 -7.43 -15.88
N THR A 109 2.98 -6.69 -15.13
CA THR A 109 2.30 -7.25 -13.96
C THR A 109 1.05 -6.46 -13.62
N ARG A 110 -0.06 -7.16 -13.61
CA ARG A 110 -1.32 -6.60 -13.13
C ARG A 110 -1.53 -6.96 -11.67
N VAL A 111 -1.57 -5.96 -10.82
CA VAL A 111 -1.88 -6.17 -9.43
C VAL A 111 -3.36 -5.94 -9.21
N ASP A 112 -3.95 -6.85 -8.48
CA ASP A 112 -5.36 -6.80 -8.21
C ASP A 112 -5.59 -7.02 -6.71
N VAL A 113 -6.08 -5.99 -6.07
CA VAL A 113 -6.21 -5.97 -4.61
C VAL A 113 -7.64 -6.12 -4.16
N GLU A 114 -7.90 -7.13 -3.36
CA GLU A 114 -9.20 -7.26 -2.72
C GLU A 114 -9.13 -6.72 -1.31
N HIS A 115 -9.81 -5.61 -1.09
CA HIS A 115 -9.98 -5.08 0.24
C HIS A 115 -11.42 -5.37 0.64
N THR A 116 -11.61 -6.35 1.48
CA THR A 116 -12.95 -6.80 1.78
C THR A 116 -13.01 -7.44 3.15
N HIS A 117 -13.42 -6.66 4.14
CA HIS A 117 -13.62 -7.17 5.47
C HIS A 117 -14.39 -6.16 6.30
N PHE A 118 -13.71 -5.10 6.73
CA PHE A 118 -14.32 -4.11 7.60
C PHE A 118 -15.08 -3.02 6.82
N ASP A 119 -14.73 -2.80 5.56
CA ASP A 119 -15.36 -1.74 4.76
C ASP A 119 -16.86 -1.95 4.67
N ARG A 120 -17.22 -3.16 4.25
CA ARG A 120 -18.62 -3.53 4.09
C ARG A 120 -19.33 -3.63 5.43
N MET A 121 -18.56 -3.71 6.52
CA MET A 121 -19.12 -3.91 7.86
C MET A 121 -19.79 -2.67 8.42
N GLY A 122 -20.30 -1.81 7.56
CA GLY A 122 -21.19 -0.78 8.05
C GLY A 122 -20.98 0.57 7.42
N THR A 123 -21.73 1.53 7.93
CA THR A 123 -21.71 2.87 7.41
C THR A 123 -20.46 3.61 7.87
N LYS A 124 -20.23 3.64 9.18
CA LYS A 124 -19.15 4.46 9.73
C LYS A 124 -17.82 3.72 9.79
N HIS A 125 -17.81 2.40 9.60
CA HIS A 125 -16.55 1.70 9.38
C HIS A 125 -15.89 2.22 8.11
N ALA A 126 -16.64 2.19 7.02
CA ALA A 126 -16.16 2.68 5.74
C ALA A 126 -15.98 4.20 5.78
N LYS A 127 -16.89 4.89 6.46
CA LYS A 127 -16.83 6.35 6.55
C LYS A 127 -15.62 6.82 7.35
N ARG A 128 -15.22 6.04 8.35
CA ARG A 128 -14.08 6.43 9.17
C ARG A 128 -12.79 6.31 8.34
N VAL A 129 -12.57 5.15 7.73
CA VAL A 129 -11.42 4.95 6.86
C VAL A 129 -11.41 5.97 5.71
N ARG A 130 -12.60 6.34 5.26
CA ARG A 130 -12.81 7.31 4.18
C ARG A 130 -12.18 8.67 4.47
N ASN A 131 -11.83 8.91 5.73
CA ASN A 131 -11.36 10.22 6.18
C ASN A 131 -10.14 10.71 5.40
N GLY A 132 -9.21 9.82 5.11
CA GLY A 132 -7.98 10.27 4.46
C GLY A 132 -7.22 9.17 3.76
N MET A 133 -7.87 8.06 3.47
CA MET A 133 -7.21 6.99 2.71
C MET A 133 -7.23 7.34 1.22
N ASP A 134 -8.24 8.10 0.83
CA ASP A 134 -8.52 8.37 -0.58
C ASP A 134 -7.62 9.45 -1.15
N LYS A 135 -6.93 10.18 -0.28
CA LYS A 135 -6.03 11.23 -0.72
C LYS A 135 -4.61 10.69 -0.86
N GLY A 136 -4.44 9.39 -0.62
CA GLY A 136 -3.12 8.81 -0.64
C GLY A 136 -3.02 7.61 -1.54
N TRP A 137 -3.88 6.62 -1.30
CA TRP A 137 -3.78 5.32 -1.97
C TRP A 137 -3.76 5.46 -3.51
N PRO A 138 -4.72 6.17 -4.14
CA PRO A 138 -4.70 6.37 -5.60
C PRO A 138 -3.45 7.13 -6.05
N THR A 139 -3.12 8.18 -5.32
CA THR A 139 -1.97 9.00 -5.63
C THR A 139 -0.69 8.15 -5.57
N ILE A 140 -0.66 7.25 -4.60
CA ILE A 140 0.46 6.34 -4.42
C ILE A 140 0.52 5.35 -5.57
N LEU A 141 -0.63 4.83 -5.99
CA LEU A 141 -0.68 3.86 -7.08
C LEU A 141 -0.21 4.47 -8.40
N GLN A 142 -0.46 5.76 -8.58
CA GLN A 142 -0.01 6.46 -9.78
C GLN A 142 1.50 6.60 -9.80
N SER A 143 2.08 7.05 -8.69
CA SER A 143 3.53 7.18 -8.57
C SER A 143 4.19 5.80 -8.49
N PHE A 144 3.44 4.83 -8.00
CA PHE A 144 3.85 3.42 -8.00
C PHE A 144 4.14 2.96 -9.44
N GLN A 145 3.16 3.13 -10.30
CA GLN A 145 3.31 2.78 -11.71
C GLN A 145 4.35 3.68 -12.36
N ASP A 146 4.50 4.87 -11.83
CA ASP A 146 5.36 5.88 -12.41
C ASP A 146 6.83 5.47 -12.31
N LYS A 147 7.30 5.18 -11.09
CA LYS A 147 8.68 4.74 -10.92
C LYS A 147 8.91 3.41 -11.62
N ILE A 148 7.93 2.50 -11.52
CA ILE A 148 8.06 1.20 -12.15
C ILE A 148 8.15 1.34 -13.67
N ASP A 149 7.44 2.32 -14.22
CA ASP A 149 7.51 2.60 -15.65
C ASP A 149 8.91 3.09 -16.02
N GLU A 150 9.53 3.80 -15.08
CA GLU A 150 10.88 4.33 -15.29
C GLU A 150 11.89 3.20 -15.37
N GLU A 151 11.62 2.15 -14.61
CA GLU A 151 12.46 0.98 -14.60
C GLU A 151 12.17 0.10 -15.82
N GLY A 152 11.07 0.39 -16.49
CA GLY A 152 10.68 -0.38 -17.64
C GLY A 152 11.04 0.29 -18.96
N ALA A 153 10.29 1.31 -19.34
CA ALA A 153 10.49 1.97 -20.62
C ALA A 153 10.09 3.44 -20.57
N LYS A 154 10.32 4.09 -19.44
CA LYS A 154 10.13 5.54 -19.31
C LYS A 154 11.27 6.27 -20.00
N LYS A 155 12.29 5.52 -20.36
CA LYS A 155 13.49 6.09 -20.97
C LYS A 155 13.28 6.25 -22.47
N ASN A 1 -14.97 -0.03 -6.12
CA ASN A 1 -14.54 -0.72 -4.88
C ASN A 1 -15.32 -0.21 -3.67
N TYR A 2 -15.11 -0.84 -2.51
CA TYR A 2 -15.67 -0.36 -1.23
C TYR A 2 -17.13 -0.76 -1.07
N ASP A 3 -17.95 -0.49 -2.08
CA ASP A 3 -19.36 -0.83 -2.02
C ASP A 3 -19.56 -2.34 -1.89
N PRO A 4 -18.90 -3.16 -2.75
CA PRO A 4 -18.87 -4.61 -2.57
C PRO A 4 -17.65 -5.06 -1.76
N PHE A 5 -16.48 -4.86 -2.34
CA PHE A 5 -15.23 -5.14 -1.67
C PHE A 5 -14.24 -4.10 -2.14
N VAL A 6 -13.21 -3.84 -1.37
CA VAL A 6 -12.21 -2.88 -1.80
C VAL A 6 -11.18 -3.57 -2.69
N ARG A 7 -10.99 -3.06 -3.89
CA ARG A 7 -10.05 -3.66 -4.80
C ARG A 7 -9.11 -2.61 -5.35
N HIS A 8 -7.84 -2.97 -5.43
CA HIS A 8 -6.86 -2.17 -6.13
C HIS A 8 -6.36 -2.95 -7.31
N SER A 9 -6.32 -2.32 -8.46
CA SER A 9 -5.86 -2.98 -9.65
C SER A 9 -4.93 -2.07 -10.42
N VAL A 10 -3.68 -2.44 -10.42
CA VAL A 10 -2.63 -1.66 -11.05
C VAL A 10 -1.85 -2.50 -12.05
N THR A 11 -1.46 -1.90 -13.16
CA THR A 11 -0.63 -2.57 -14.14
C THR A 11 0.82 -2.09 -14.00
N VAL A 12 1.69 -3.01 -13.62
CA VAL A 12 3.09 -2.70 -13.45
C VAL A 12 3.86 -3.05 -14.72
N LYS A 13 4.64 -2.09 -15.20
CA LYS A 13 5.34 -2.22 -16.47
C LYS A 13 6.82 -2.53 -16.25
N ALA A 14 7.13 -3.26 -15.19
CA ALA A 14 8.51 -3.63 -14.91
C ALA A 14 8.59 -4.98 -14.19
N ASP A 15 7.59 -5.83 -14.40
CA ASP A 15 7.57 -7.20 -13.86
C ASP A 15 7.27 -7.23 -12.34
N ARG A 16 7.00 -8.42 -11.82
CA ARG A 16 6.51 -8.60 -10.46
C ARG A 16 7.57 -8.27 -9.43
N LYS A 17 8.82 -8.53 -9.75
CA LYS A 17 9.92 -8.22 -8.83
C LYS A 17 9.94 -6.73 -8.51
N THR A 18 9.75 -5.91 -9.53
CA THR A 18 9.75 -4.48 -9.35
C THR A 18 8.47 -4.02 -8.66
N ALA A 19 7.35 -4.66 -8.97
CA ALA A 19 6.08 -4.34 -8.35
C ALA A 19 6.16 -4.56 -6.84
N PHE A 20 6.72 -5.70 -6.46
CA PHE A 20 6.89 -6.03 -5.05
C PHE A 20 7.95 -5.13 -4.41
N LYS A 21 9.08 -4.97 -5.10
CA LYS A 21 10.13 -4.08 -4.65
C LYS A 21 9.59 -2.69 -4.36
N THR A 22 8.86 -2.13 -5.31
CA THR A 22 8.34 -0.79 -5.17
C THR A 22 7.27 -0.73 -4.08
N PHE A 23 6.29 -1.62 -4.15
CA PHE A 23 5.15 -1.57 -3.25
C PHE A 23 5.55 -1.81 -1.79
N LEU A 24 6.47 -2.74 -1.55
CA LEU A 24 6.82 -3.08 -0.18
C LEU A 24 8.22 -2.59 0.19
N GLU A 25 9.20 -2.89 -0.66
CA GLU A 25 10.60 -2.57 -0.35
C GLU A 25 10.95 -1.17 -0.80
N GLY A 26 9.92 -0.41 -1.17
CA GLY A 26 10.11 0.94 -1.63
C GLY A 26 8.98 1.81 -1.17
N PHE A 27 8.35 1.42 -0.07
CA PHE A 27 7.20 2.12 0.46
C PHE A 27 7.46 3.63 0.57
N PRO A 28 8.59 4.06 1.17
CA PRO A 28 8.91 5.48 1.30
C PRO A 28 9.72 6.08 0.15
N GLU A 29 9.64 5.50 -1.06
CA GLU A 29 10.38 6.06 -2.18
C GLU A 29 9.47 6.66 -3.24
N TRP A 30 8.17 6.43 -3.11
CA TRP A 30 7.20 6.88 -4.11
C TRP A 30 7.03 8.39 -4.06
N TRP A 31 6.68 8.96 -5.20
CA TRP A 31 6.44 10.40 -5.33
C TRP A 31 5.09 10.84 -4.72
N PRO A 32 3.97 10.10 -4.96
CA PRO A 32 2.61 10.59 -4.70
C PRO A 32 2.38 11.11 -3.28
N ASN A 33 2.34 10.20 -2.31
CA ASN A 33 2.05 10.59 -0.93
C ASN A 33 3.24 10.27 -0.03
N ASN A 34 4.09 9.39 -0.52
CA ASN A 34 5.15 8.81 0.29
C ASN A 34 6.46 9.59 0.16
N PHE A 35 6.35 10.83 -0.28
CA PHE A 35 7.52 11.67 -0.49
C PHE A 35 7.72 12.60 0.70
N ARG A 36 7.04 12.30 1.79
CA ARG A 36 7.09 13.13 2.99
C ARG A 36 7.91 12.47 4.08
N THR A 37 8.54 13.28 4.92
CA THR A 37 9.37 12.76 6.00
C THR A 37 8.48 12.26 7.13
N THR A 38 8.85 11.08 7.66
CA THR A 38 8.07 10.35 8.69
C THR A 38 6.73 9.85 8.14
N LYS A 39 6.00 10.73 7.46
CA LYS A 39 4.71 10.39 6.88
C LYS A 39 4.90 9.47 5.69
N VAL A 40 4.91 8.17 5.99
CA VAL A 40 5.06 7.08 5.01
C VAL A 40 6.22 7.29 4.06
N GLY A 41 7.17 8.12 4.46
CA GLY A 41 8.35 8.36 3.65
C GLY A 41 9.60 8.48 4.47
N ALA A 42 9.53 8.02 5.71
CA ALA A 42 10.72 7.93 6.55
C ALA A 42 11.57 6.74 6.08
N PRO A 43 12.84 6.62 6.53
CA PRO A 43 13.75 5.55 6.10
C PRO A 43 13.33 4.15 6.55
N LEU A 44 12.07 3.80 6.32
CA LEU A 44 11.57 2.47 6.63
C LEU A 44 10.27 2.20 5.88
N GLY A 45 9.14 2.49 6.53
CA GLY A 45 7.85 2.28 5.90
C GLY A 45 7.29 0.90 6.19
N VAL A 46 8.06 -0.13 5.88
CA VAL A 46 7.66 -1.51 6.08
C VAL A 46 8.83 -2.33 6.60
N ASP A 47 8.54 -3.23 7.54
CA ASP A 47 9.54 -4.18 8.00
C ASP A 47 9.15 -5.57 7.52
N LYS A 48 9.93 -6.10 6.58
CA LYS A 48 9.60 -7.35 5.93
C LYS A 48 9.97 -8.55 6.80
N LYS A 49 10.86 -8.34 7.75
CA LYS A 49 11.31 -9.44 8.60
C LYS A 49 10.34 -9.68 9.75
N GLY A 50 9.90 -8.60 10.39
CA GLY A 50 8.94 -8.71 11.48
C GLY A 50 7.51 -8.71 10.99
N GLY A 51 7.27 -8.03 9.88
CA GLY A 51 5.94 -8.00 9.29
C GLY A 51 5.09 -6.87 9.80
N ARG A 52 5.60 -5.65 9.71
CA ARG A 52 4.86 -4.49 10.19
C ARG A 52 5.07 -3.30 9.26
N TRP A 53 4.08 -2.41 9.17
CA TRP A 53 4.24 -1.17 8.42
C TRP A 53 4.40 0.00 9.38
N TYR A 54 5.56 0.61 9.38
CA TYR A 54 5.82 1.75 10.25
C TYR A 54 7.04 2.53 9.75
N GLU A 55 7.04 3.83 9.97
CA GLU A 55 8.14 4.66 9.52
C GLU A 55 8.78 5.33 10.72
N ILE A 56 10.01 5.79 10.55
CA ILE A 56 10.76 6.34 11.67
C ILE A 56 10.27 7.75 11.99
N ASP A 57 9.68 7.90 13.17
CA ASP A 57 9.13 9.18 13.59
C ASP A 57 10.04 9.83 14.64
N GLU A 58 9.59 10.91 15.27
CA GLU A 58 10.44 11.68 16.16
C GLU A 58 10.73 10.97 17.48
N GLN A 59 9.75 10.27 18.05
CA GLN A 59 9.97 9.55 19.30
C GLN A 59 10.51 8.16 19.04
N GLY A 60 10.76 7.84 17.78
CA GLY A 60 11.30 6.54 17.46
C GLY A 60 10.76 5.97 16.17
N GLU A 61 9.90 4.99 16.28
CA GLU A 61 9.47 4.19 15.14
C GLU A 61 7.97 4.00 15.14
N GLU A 62 7.25 4.87 15.84
CA GLU A 62 5.83 4.68 16.01
C GLU A 62 5.06 5.47 14.96
N HIS A 63 5.03 4.95 13.76
CA HIS A 63 4.23 5.52 12.71
C HIS A 63 3.26 4.51 12.16
N THR A 64 1.98 4.87 12.15
CA THR A 64 0.89 4.07 11.58
C THR A 64 0.70 2.71 12.27
N PHE A 65 1.69 1.82 12.13
CA PHE A 65 1.66 0.47 12.72
C PHE A 65 0.71 -0.43 11.93
N GLY A 66 1.12 -0.82 10.73
CA GLY A 66 0.30 -1.67 9.88
C GLY A 66 0.46 -3.13 10.23
N LEU A 67 -0.59 -3.90 9.99
CA LEU A 67 -0.62 -5.30 10.42
C LEU A 67 -0.49 -6.25 9.26
N ILE A 68 0.73 -6.65 8.94
CA ILE A 68 0.96 -7.62 7.87
C ILE A 68 0.49 -9.00 8.32
N ARG A 69 -0.21 -9.69 7.43
CA ARG A 69 -0.75 -11.01 7.72
C ARG A 69 0.00 -12.06 6.90
N LYS A 70 0.59 -11.62 5.79
CA LYS A 70 1.33 -12.52 4.90
C LYS A 70 2.24 -11.73 3.96
N VAL A 71 3.53 -12.00 4.05
CA VAL A 71 4.49 -11.52 3.05
C VAL A 71 4.96 -12.69 2.21
N ASP A 72 4.33 -12.90 1.06
CA ASP A 72 4.63 -14.07 0.24
C ASP A 72 5.46 -13.67 -0.97
N GLU A 73 6.70 -13.23 -0.69
CA GLU A 73 7.70 -12.87 -1.72
C GLU A 73 7.09 -11.95 -2.82
N PRO A 74 7.81 -11.69 -3.94
CA PRO A 74 7.20 -11.02 -5.09
C PRO A 74 6.12 -11.90 -5.72
N ASP A 75 4.96 -11.93 -5.06
CA ASP A 75 3.83 -12.73 -5.49
C ASP A 75 2.55 -12.22 -4.84
N THR A 76 2.44 -12.33 -3.52
CA THR A 76 1.24 -11.89 -2.81
C THR A 76 1.57 -11.28 -1.44
N LEU A 77 0.82 -10.25 -1.07
CA LEU A 77 0.97 -9.63 0.23
C LEU A 77 -0.39 -9.42 0.87
N VAL A 78 -0.59 -9.98 2.04
CA VAL A 78 -1.82 -9.77 2.79
C VAL A 78 -1.52 -8.89 4.00
N ILE A 79 -1.91 -7.63 3.94
CA ILE A 79 -1.64 -6.71 5.04
C ILE A 79 -2.90 -5.95 5.45
N GLY A 80 -3.03 -5.65 6.74
CA GLY A 80 -4.19 -4.94 7.25
C GLY A 80 -3.93 -3.46 7.44
N TRP A 81 -4.98 -2.67 7.27
CA TRP A 81 -4.88 -1.21 7.21
C TRP A 81 -4.69 -0.59 8.60
N ARG A 82 -4.08 0.60 8.62
CA ARG A 82 -3.75 1.29 9.85
C ARG A 82 -3.68 2.80 9.59
N LEU A 83 -4.37 3.22 8.52
CA LEU A 83 -4.33 4.59 7.99
C LEU A 83 -3.06 4.78 7.15
N ASN A 84 -2.72 6.02 6.87
CA ASN A 84 -1.69 6.35 5.91
C ASN A 84 -0.80 7.48 6.43
N GLY A 85 -1.34 8.69 6.48
CA GLY A 85 -0.56 9.83 6.91
C GLY A 85 -0.27 9.84 8.40
N PHE A 86 -0.94 8.95 9.14
CA PHE A 86 -0.81 8.87 10.61
C PHE A 86 -1.47 10.06 11.28
N GLY A 87 -2.44 9.77 12.14
CA GLY A 87 -3.18 10.81 12.81
C GLY A 87 -4.67 10.56 12.73
N ARG A 88 -5.08 9.87 11.67
CA ARG A 88 -6.46 9.53 11.46
C ARG A 88 -6.75 8.15 12.01
N ILE A 89 -7.98 7.70 11.79
CA ILE A 89 -8.49 6.47 12.39
C ILE A 89 -7.85 5.23 11.76
N ASP A 90 -7.34 4.34 12.59
CA ASP A 90 -6.85 3.06 12.09
C ASP A 90 -7.89 1.99 12.31
N PRO A 91 -8.33 1.36 11.23
CA PRO A 91 -9.29 0.28 11.27
C PRO A 91 -8.62 -1.06 11.56
N ASP A 92 -7.59 -1.03 12.41
CA ASP A 92 -6.89 -2.23 12.87
C ASP A 92 -7.85 -3.19 13.58
N ASN A 93 -8.64 -3.89 12.78
CA ASN A 93 -9.51 -4.95 13.24
C ASN A 93 -9.54 -6.01 12.19
N SER A 94 -9.71 -5.55 10.97
CA SER A 94 -9.56 -6.37 9.79
C SER A 94 -8.79 -5.57 8.75
N SER A 95 -9.53 -4.91 7.84
CA SER A 95 -8.95 -4.05 6.81
C SER A 95 -7.79 -4.73 6.06
N GLU A 96 -7.80 -6.05 6.08
CA GLU A 96 -6.80 -6.84 5.39
C GLU A 96 -7.07 -6.82 3.90
N PHE A 97 -6.01 -6.70 3.12
CA PHE A 97 -6.13 -6.78 1.68
C PHE A 97 -5.06 -7.70 1.11
N THR A 98 -5.51 -8.59 0.24
CA THR A 98 -4.63 -9.52 -0.42
C THR A 98 -4.13 -8.94 -1.73
N VAL A 99 -2.87 -8.57 -1.75
CA VAL A 99 -2.26 -8.06 -2.96
C VAL A 99 -1.86 -9.22 -3.86
N THR A 100 -2.57 -9.38 -4.95
CA THR A 100 -2.28 -10.46 -5.88
C THR A 100 -1.53 -9.91 -7.08
N PHE A 101 -0.23 -10.20 -7.13
CA PHE A 101 0.57 -9.79 -8.27
C PHE A 101 0.58 -10.88 -9.34
N VAL A 102 -0.04 -10.59 -10.46
CA VAL A 102 -0.07 -11.53 -11.57
C VAL A 102 1.04 -11.18 -12.55
N ALA A 103 2.09 -11.99 -12.56
CA ALA A 103 3.24 -11.74 -13.41
C ALA A 103 2.93 -12.11 -14.86
N ASP A 104 3.14 -11.15 -15.74
CA ASP A 104 2.83 -11.32 -17.15
C ASP A 104 4.10 -11.24 -17.97
N GLY A 105 4.44 -12.36 -18.60
CA GLY A 105 5.65 -12.42 -19.37
C GLY A 105 6.88 -12.28 -18.51
N GLN A 106 7.61 -11.20 -18.70
CA GLN A 106 8.82 -10.94 -17.92
C GLN A 106 8.99 -9.44 -17.71
N LYS A 107 7.94 -8.67 -18.00
CA LYS A 107 8.01 -7.22 -17.86
C LYS A 107 6.69 -6.60 -17.41
N LYS A 108 5.62 -7.38 -17.31
CA LYS A 108 4.34 -6.82 -16.90
C LYS A 108 3.83 -7.56 -15.67
N THR A 109 3.01 -6.88 -14.88
CA THR A 109 2.37 -7.49 -13.73
C THR A 109 1.12 -6.73 -13.34
N ARG A 110 -0.03 -7.38 -13.48
CA ARG A 110 -1.29 -6.82 -13.02
C ARG A 110 -1.52 -7.21 -11.57
N VAL A 111 -1.63 -6.23 -10.69
CA VAL A 111 -1.95 -6.52 -9.31
C VAL A 111 -3.45 -6.36 -9.10
N ASP A 112 -4.05 -7.34 -8.47
CA ASP A 112 -5.44 -7.26 -8.13
C ASP A 112 -5.60 -7.52 -6.64
N VAL A 113 -5.93 -6.47 -5.93
CA VAL A 113 -6.02 -6.51 -4.48
C VAL A 113 -7.45 -6.68 -4.03
N GLU A 114 -7.71 -7.76 -3.31
CA GLU A 114 -9.00 -7.93 -2.69
C GLU A 114 -8.90 -7.59 -1.22
N HIS A 115 -9.66 -6.61 -0.84
CA HIS A 115 -9.69 -6.12 0.52
C HIS A 115 -10.93 -6.64 1.20
N THR A 116 -10.84 -6.79 2.51
CA THR A 116 -11.98 -7.17 3.32
C THR A 116 -13.17 -6.21 3.10
N HIS A 117 -14.29 -6.61 3.63
CA HIS A 117 -15.52 -5.84 3.55
C HIS A 117 -15.70 -4.96 4.79
N PHE A 118 -14.62 -4.78 5.56
CA PHE A 118 -14.67 -3.89 6.72
C PHE A 118 -14.96 -2.46 6.28
N ASP A 119 -14.44 -2.10 5.11
CA ASP A 119 -14.66 -0.77 4.54
C ASP A 119 -16.07 -0.70 3.98
N ARG A 120 -16.56 -1.85 3.53
CA ARG A 120 -17.89 -1.98 2.94
C ARG A 120 -18.97 -1.58 3.93
N MET A 121 -18.64 -1.58 5.22
CA MET A 121 -19.59 -1.21 6.26
C MET A 121 -20.06 0.23 6.07
N GLY A 122 -19.32 0.97 5.24
CA GLY A 122 -19.74 2.29 4.80
C GLY A 122 -20.11 3.19 5.95
N THR A 123 -21.17 3.97 5.73
CA THR A 123 -21.72 4.90 6.73
C THR A 123 -20.62 5.57 7.57
N LYS A 124 -20.54 5.17 8.84
CA LYS A 124 -19.65 5.81 9.80
C LYS A 124 -18.24 5.23 9.71
N HIS A 125 -18.15 3.94 9.43
CA HIS A 125 -16.86 3.28 9.30
C HIS A 125 -16.07 3.84 8.13
N ALA A 126 -16.71 3.92 6.98
CA ALA A 126 -16.06 4.45 5.79
C ALA A 126 -15.93 5.96 5.88
N LYS A 127 -16.82 6.59 6.64
CA LYS A 127 -16.73 8.02 6.91
C LYS A 127 -15.38 8.36 7.53
N ARG A 128 -15.04 7.65 8.60
CA ARG A 128 -13.81 7.91 9.34
C ARG A 128 -12.56 7.48 8.57
N VAL A 129 -12.70 6.45 7.74
CA VAL A 129 -11.56 5.99 6.92
C VAL A 129 -11.30 6.93 5.75
N ARG A 130 -12.37 7.42 5.14
CA ARG A 130 -12.27 8.23 3.92
C ARG A 130 -11.51 9.54 4.16
N ASN A 131 -11.34 9.92 5.43
CA ASN A 131 -10.71 11.20 5.78
C ASN A 131 -9.32 11.37 5.16
N GLY A 132 -8.65 10.28 4.85
CA GLY A 132 -7.32 10.39 4.28
C GLY A 132 -7.07 9.49 3.07
N MET A 133 -7.82 8.40 2.97
CA MET A 133 -7.56 7.40 1.94
C MET A 133 -7.98 7.87 0.56
N ASP A 134 -8.94 8.79 0.50
CA ASP A 134 -9.49 9.24 -0.78
C ASP A 134 -8.49 10.11 -1.54
N LYS A 135 -7.46 10.57 -0.83
CA LYS A 135 -6.40 11.33 -1.45
C LYS A 135 -5.08 10.54 -1.38
N GLY A 136 -5.21 9.25 -1.10
CA GLY A 136 -4.05 8.41 -0.93
C GLY A 136 -3.84 7.48 -2.11
N TRP A 137 -4.41 6.28 -2.02
CA TRP A 137 -4.17 5.22 -3.01
C TRP A 137 -4.46 5.65 -4.46
N PRO A 138 -5.62 6.29 -4.75
CA PRO A 138 -5.92 6.74 -6.12
C PRO A 138 -4.80 7.58 -6.73
N THR A 139 -4.22 8.46 -5.92
CA THR A 139 -3.11 9.28 -6.36
C THR A 139 -1.82 8.47 -6.39
N ILE A 140 -1.62 7.68 -5.32
CA ILE A 140 -0.43 6.87 -5.17
C ILE A 140 -0.27 5.88 -6.31
N LEU A 141 -1.32 5.11 -6.60
CA LEU A 141 -1.25 4.04 -7.58
C LEU A 141 -0.86 4.57 -8.97
N GLN A 142 -1.20 5.81 -9.26
CA GLN A 142 -0.86 6.40 -10.54
C GLN A 142 0.63 6.72 -10.59
N SER A 143 1.12 7.44 -9.58
CA SER A 143 2.54 7.78 -9.52
C SER A 143 3.38 6.53 -9.21
N PHE A 144 2.73 5.54 -8.60
CA PHE A 144 3.34 4.25 -8.36
C PHE A 144 3.71 3.58 -9.68
N GLN A 145 2.73 3.51 -10.58
CA GLN A 145 2.93 2.92 -11.90
C GLN A 145 3.89 3.78 -12.71
N ASP A 146 3.91 5.07 -12.41
CA ASP A 146 4.72 6.02 -13.15
C ASP A 146 6.19 5.91 -12.77
N LYS A 147 6.47 5.78 -11.47
CA LYS A 147 7.84 5.62 -11.01
C LYS A 147 8.41 4.29 -11.53
N ILE A 148 7.58 3.26 -11.50
CA ILE A 148 7.93 1.97 -12.06
C ILE A 148 8.03 2.07 -13.58
N ASP A 149 7.31 3.01 -14.17
CA ASP A 149 7.39 3.24 -15.60
C ASP A 149 8.75 3.85 -15.92
N GLU A 150 9.23 4.72 -15.05
CA GLU A 150 10.56 5.30 -15.18
C GLU A 150 11.59 4.19 -15.04
N GLU A 151 11.36 3.38 -14.01
CA GLU A 151 12.23 2.30 -13.63
C GLU A 151 12.27 1.23 -14.72
N GLY A 152 11.11 0.90 -15.26
CA GLY A 152 11.03 -0.09 -16.31
C GLY A 152 11.48 0.47 -17.64
N ALA A 153 10.68 1.36 -18.21
CA ALA A 153 10.97 1.92 -19.52
C ALA A 153 10.17 3.20 -19.76
N LYS A 154 10.81 4.34 -19.52
CA LYS A 154 10.20 5.64 -19.75
C LYS A 154 11.21 6.57 -20.41
N LYS A 155 12.42 6.59 -19.87
CA LYS A 155 13.50 7.41 -20.39
C LYS A 155 13.80 7.07 -21.85
N ASN A 1 -16.20 2.16 -4.06
CA ASN A 1 -15.73 0.76 -3.89
C ASN A 1 -15.41 0.47 -2.43
N TYR A 2 -16.30 -0.27 -1.77
CA TYR A 2 -16.12 -0.63 -0.36
C TYR A 2 -17.13 -1.70 0.05
N ASP A 3 -18.38 -1.54 -0.37
CA ASP A 3 -19.45 -2.42 0.08
C ASP A 3 -19.34 -3.81 -0.53
N PRO A 4 -19.37 -3.93 -1.88
CA PRO A 4 -19.14 -5.22 -2.52
C PRO A 4 -17.67 -5.60 -2.46
N PHE A 5 -16.84 -4.81 -3.14
CA PHE A 5 -15.40 -4.97 -3.05
C PHE A 5 -14.71 -3.65 -3.37
N VAL A 6 -13.59 -3.41 -2.73
CA VAL A 6 -12.67 -2.38 -3.17
C VAL A 6 -11.43 -3.06 -3.72
N ARG A 7 -11.22 -2.90 -5.01
CA ARG A 7 -10.15 -3.60 -5.69
C ARG A 7 -9.07 -2.65 -6.15
N HIS A 8 -7.82 -3.05 -6.00
CA HIS A 8 -6.73 -2.29 -6.56
C HIS A 8 -6.13 -3.06 -7.71
N SER A 9 -5.90 -2.38 -8.81
CA SER A 9 -5.34 -3.00 -9.99
C SER A 9 -4.37 -2.05 -10.65
N VAL A 10 -3.11 -2.44 -10.65
CA VAL A 10 -2.08 -1.59 -11.26
C VAL A 10 -1.34 -2.37 -12.33
N THR A 11 -0.98 -1.67 -13.40
CA THR A 11 -0.19 -2.27 -14.45
C THR A 11 1.28 -1.92 -14.28
N VAL A 12 2.08 -2.93 -14.03
CA VAL A 12 3.50 -2.76 -13.85
C VAL A 12 4.25 -3.19 -15.11
N LYS A 13 5.19 -2.37 -15.55
CA LYS A 13 5.89 -2.59 -16.81
C LYS A 13 7.33 -3.04 -16.59
N ALA A 14 7.58 -3.75 -15.49
CA ALA A 14 8.91 -4.29 -15.22
C ALA A 14 8.82 -5.52 -14.31
N ASP A 15 7.75 -6.28 -14.48
CA ASP A 15 7.57 -7.59 -13.84
C ASP A 15 7.22 -7.47 -12.36
N ARG A 16 6.91 -8.61 -11.77
CA ARG A 16 6.37 -8.70 -10.43
C ARG A 16 7.43 -8.36 -9.40
N LYS A 17 8.69 -8.55 -9.77
CA LYS A 17 9.80 -8.24 -8.90
C LYS A 17 9.82 -6.76 -8.56
N THR A 18 9.69 -5.91 -9.58
CA THR A 18 9.71 -4.46 -9.36
C THR A 18 8.45 -4.00 -8.65
N ALA A 19 7.31 -4.58 -9.02
CA ALA A 19 6.05 -4.24 -8.37
C ALA A 19 6.14 -4.45 -6.86
N PHE A 20 6.69 -5.60 -6.47
CA PHE A 20 6.86 -5.93 -5.06
C PHE A 20 7.97 -5.10 -4.44
N LYS A 21 9.12 -5.03 -5.12
CA LYS A 21 10.26 -4.25 -4.65
C LYS A 21 9.85 -2.82 -4.33
N THR A 22 9.10 -2.22 -5.23
CA THR A 22 8.67 -0.85 -5.04
C THR A 22 7.62 -0.78 -3.93
N PHE A 23 6.62 -1.64 -4.01
CA PHE A 23 5.46 -1.58 -3.10
C PHE A 23 5.87 -1.81 -1.64
N LEU A 24 6.76 -2.74 -1.40
CA LEU A 24 7.07 -3.13 -0.03
C LEU A 24 8.49 -2.75 0.38
N GLU A 25 9.43 -2.81 -0.55
CA GLU A 25 10.83 -2.60 -0.23
C GLU A 25 11.32 -1.22 -0.66
N GLY A 26 10.38 -0.34 -0.96
CA GLY A 26 10.74 1.02 -1.37
C GLY A 26 9.65 2.00 -1.04
N PHE A 27 9.03 1.80 0.11
CA PHE A 27 7.82 2.53 0.48
C PHE A 27 7.98 4.06 0.37
N PRO A 28 8.99 4.67 1.03
CA PRO A 28 9.15 6.13 1.04
C PRO A 28 9.97 6.68 -0.14
N GLU A 29 10.21 5.88 -1.17
CA GLU A 29 10.97 6.36 -2.31
C GLU A 29 10.04 6.83 -3.43
N TRP A 30 8.75 6.60 -3.24
CA TRP A 30 7.76 6.90 -4.26
C TRP A 30 7.53 8.40 -4.39
N TRP A 31 6.70 8.78 -5.35
CA TRP A 31 6.35 10.17 -5.61
C TRP A 31 5.00 10.60 -4.99
N PRO A 32 4.01 9.69 -4.72
CA PRO A 32 2.67 10.10 -4.25
C PRO A 32 2.63 10.52 -2.77
N ASN A 33 1.46 10.33 -2.16
CA ASN A 33 1.14 10.81 -0.81
C ASN A 33 2.25 10.57 0.21
N ASN A 34 2.82 9.38 0.15
CA ASN A 34 3.80 8.92 1.12
C ASN A 34 5.20 9.49 0.84
N PHE A 35 5.27 10.75 0.44
CA PHE A 35 6.55 11.40 0.20
C PHE A 35 6.94 12.29 1.38
N ARG A 36 6.02 12.43 2.34
CA ARG A 36 6.25 13.28 3.50
C ARG A 36 6.93 12.51 4.62
N THR A 37 7.99 13.07 5.17
CA THR A 37 8.79 12.39 6.18
C THR A 37 8.09 12.39 7.53
N THR A 38 8.14 11.25 8.20
CA THR A 38 7.45 11.02 9.48
C THR A 38 5.96 11.35 9.36
N LYS A 39 5.47 11.28 8.14
CA LYS A 39 4.06 11.45 7.88
C LYS A 39 3.53 10.19 7.20
N VAL A 40 4.17 9.82 6.07
CA VAL A 40 3.90 8.55 5.40
C VAL A 40 5.16 8.10 4.68
N GLY A 41 6.31 8.63 5.07
CA GLY A 41 7.49 8.47 4.26
C GLY A 41 8.78 8.82 4.98
N ALA A 42 8.90 8.41 6.24
CA ALA A 42 10.18 8.46 6.93
C ALA A 42 11.14 7.43 6.30
N PRO A 43 12.44 7.40 6.71
CA PRO A 43 13.44 6.52 6.08
C PRO A 43 13.19 5.00 6.24
N LEU A 44 11.94 4.61 6.39
CA LEU A 44 11.59 3.19 6.49
C LEU A 44 10.28 2.91 5.77
N GLY A 45 9.16 3.03 6.48
CA GLY A 45 7.87 2.85 5.87
C GLY A 45 7.33 1.44 6.03
N VAL A 46 8.16 0.44 5.72
CA VAL A 46 7.76 -0.95 5.81
C VAL A 46 8.88 -1.79 6.43
N ASP A 47 8.50 -2.77 7.23
CA ASP A 47 9.45 -3.63 7.90
C ASP A 47 9.46 -4.98 7.21
N LYS A 48 10.55 -5.26 6.51
CA LYS A 48 10.67 -6.44 5.67
C LYS A 48 11.03 -7.70 6.48
N LYS A 49 11.45 -7.51 7.73
CA LYS A 49 11.97 -8.63 8.52
C LYS A 49 10.87 -9.32 9.31
N GLY A 50 9.95 -8.54 9.86
CA GLY A 50 8.83 -9.10 10.57
C GLY A 50 7.57 -9.01 9.75
N GLY A 51 7.48 -7.96 8.95
CA GLY A 51 6.33 -7.76 8.11
C GLY A 51 5.32 -6.83 8.75
N ARG A 52 5.60 -5.53 8.66
CA ARG A 52 4.68 -4.52 9.17
C ARG A 52 4.96 -3.18 8.46
N TRP A 53 4.05 -2.24 8.57
CA TRP A 53 4.25 -0.91 7.97
C TRP A 53 4.42 0.13 9.07
N TYR A 54 5.57 0.79 9.13
CA TYR A 54 5.75 1.87 10.09
C TYR A 54 6.97 2.72 9.73
N GLU A 55 6.98 3.94 10.24
CA GLU A 55 8.08 4.84 10.02
C GLU A 55 8.85 5.08 11.31
N ILE A 56 10.11 5.42 11.19
CA ILE A 56 10.92 5.77 12.34
C ILE A 56 10.65 7.23 12.70
N ASP A 57 9.88 7.45 13.76
CA ASP A 57 9.51 8.80 14.16
C ASP A 57 10.53 9.35 15.15
N GLU A 58 10.24 10.50 15.74
CA GLU A 58 11.21 11.21 16.58
C GLU A 58 11.41 10.51 17.93
N GLN A 59 10.36 9.85 18.42
CA GLN A 59 10.43 9.20 19.72
C GLN A 59 11.02 7.80 19.58
N GLY A 60 11.15 7.36 18.34
CA GLY A 60 11.70 6.05 18.08
C GLY A 60 11.08 5.39 16.86
N GLU A 61 9.98 4.70 17.07
CA GLU A 61 9.36 3.88 16.02
C GLU A 61 7.85 3.83 16.18
N GLU A 62 7.24 4.93 16.59
CA GLU A 62 5.83 4.91 16.91
C GLU A 62 5.02 5.52 15.79
N HIS A 63 4.84 4.74 14.75
CA HIS A 63 3.95 5.09 13.65
C HIS A 63 2.89 4.03 13.45
N THR A 64 1.84 4.36 12.71
CA THR A 64 0.74 3.45 12.47
C THR A 64 1.21 2.15 11.82
N PHE A 65 1.24 1.08 12.60
CA PHE A 65 1.81 -0.20 12.16
C PHE A 65 0.84 -0.98 11.28
N GLY A 66 1.16 -1.06 9.99
CA GLY A 66 0.36 -1.83 9.06
C GLY A 66 0.46 -3.31 9.36
N LEU A 67 -0.67 -3.98 9.32
CA LEU A 67 -0.75 -5.36 9.77
C LEU A 67 -0.41 -6.32 8.64
N ILE A 68 0.86 -6.63 8.45
CA ILE A 68 1.20 -7.60 7.44
C ILE A 68 1.03 -9.00 8.01
N ARG A 69 0.11 -9.74 7.41
CA ARG A 69 -0.20 -11.08 7.87
C ARG A 69 0.42 -12.10 6.92
N LYS A 70 0.88 -11.63 5.77
CA LYS A 70 1.55 -12.48 4.79
C LYS A 70 2.46 -11.66 3.88
N VAL A 71 3.74 -11.99 3.88
CA VAL A 71 4.67 -11.50 2.87
C VAL A 71 5.05 -12.68 1.98
N ASP A 72 4.28 -12.90 0.93
CA ASP A 72 4.51 -14.05 0.07
C ASP A 72 5.30 -13.66 -1.15
N GLU A 73 6.61 -13.37 -0.93
CA GLU A 73 7.55 -13.00 -1.99
C GLU A 73 6.94 -11.94 -2.94
N PRO A 74 7.58 -11.63 -4.09
CA PRO A 74 6.91 -10.89 -5.15
C PRO A 74 5.78 -11.73 -5.77
N ASP A 75 4.68 -11.86 -5.05
CA ASP A 75 3.54 -12.66 -5.49
C ASP A 75 2.24 -12.18 -4.84
N THR A 76 2.09 -12.43 -3.54
CA THR A 76 0.85 -12.12 -2.84
C THR A 76 1.10 -11.61 -1.43
N LEU A 77 0.60 -10.43 -1.12
CA LEU A 77 0.77 -9.88 0.22
C LEU A 77 -0.58 -9.67 0.89
N VAL A 78 -0.75 -10.28 2.05
CA VAL A 78 -1.97 -10.08 2.82
C VAL A 78 -1.67 -9.13 3.97
N ILE A 79 -2.08 -7.88 3.82
CA ILE A 79 -1.78 -6.86 4.81
C ILE A 79 -3.04 -6.09 5.21
N GLY A 80 -3.15 -5.79 6.49
CA GLY A 80 -4.29 -5.07 7.01
C GLY A 80 -3.99 -3.59 7.18
N TRP A 81 -5.01 -2.79 6.97
CA TRP A 81 -4.90 -1.33 6.96
C TRP A 81 -4.71 -0.75 8.37
N ARG A 82 -3.88 0.29 8.45
CA ARG A 82 -3.64 1.00 9.70
C ARG A 82 -3.43 2.48 9.41
N LEU A 83 -4.30 3.02 8.55
CA LEU A 83 -4.32 4.45 8.20
C LEU A 83 -3.18 4.82 7.24
N ASN A 84 -3.47 5.75 6.35
CA ASN A 84 -2.53 6.21 5.34
C ASN A 84 -1.58 7.27 5.90
N GLY A 85 -2.13 8.44 6.24
CA GLY A 85 -1.29 9.55 6.64
C GLY A 85 -1.04 9.62 8.14
N PHE A 86 -1.04 8.46 8.79
CA PHE A 86 -0.72 8.34 10.22
C PHE A 86 -1.79 9.00 11.11
N GLY A 87 -1.87 10.32 11.06
CA GLY A 87 -2.71 11.06 11.99
C GLY A 87 -4.15 11.20 11.55
N ARG A 88 -4.79 10.07 11.28
CA ARG A 88 -6.22 10.04 11.04
C ARG A 88 -6.79 8.80 11.70
N ILE A 89 -8.07 8.55 11.52
CA ILE A 89 -8.73 7.47 12.24
C ILE A 89 -8.71 6.17 11.44
N ASP A 90 -8.24 5.10 12.07
CA ASP A 90 -8.28 3.76 11.50
C ASP A 90 -8.76 2.77 12.57
N PRO A 91 -9.26 1.59 12.16
CA PRO A 91 -9.76 0.60 13.10
C PRO A 91 -8.70 -0.42 13.54
N ASP A 92 -7.72 -0.69 12.65
CA ASP A 92 -6.62 -1.66 12.88
C ASP A 92 -7.10 -3.09 13.24
N ASN A 93 -8.40 -3.29 13.42
CA ASN A 93 -8.92 -4.58 13.87
C ASN A 93 -9.00 -5.61 12.74
N SER A 94 -9.01 -5.13 11.52
CA SER A 94 -8.95 -5.99 10.36
C SER A 94 -8.39 -5.22 9.18
N SER A 95 -9.28 -4.58 8.41
CA SER A 95 -8.89 -3.71 7.31
C SER A 95 -7.99 -4.45 6.31
N GLU A 96 -8.12 -5.76 6.27
CA GLU A 96 -7.22 -6.62 5.52
C GLU A 96 -7.52 -6.60 4.02
N PHE A 97 -6.47 -6.64 3.21
CA PHE A 97 -6.61 -6.79 1.76
C PHE A 97 -5.55 -7.73 1.22
N THR A 98 -5.94 -8.54 0.26
CA THR A 98 -5.03 -9.48 -0.36
C THR A 98 -4.47 -8.91 -1.66
N VAL A 99 -3.19 -8.61 -1.67
CA VAL A 99 -2.52 -8.12 -2.85
C VAL A 99 -2.10 -9.28 -3.73
N THR A 100 -2.76 -9.44 -4.88
CA THR A 100 -2.40 -10.50 -5.80
C THR A 100 -1.70 -9.93 -7.02
N PHE A 101 -0.40 -10.13 -7.11
CA PHE A 101 0.36 -9.68 -8.26
C PHE A 101 0.31 -10.72 -9.37
N VAL A 102 -0.34 -10.37 -10.47
CA VAL A 102 -0.44 -11.26 -11.61
C VAL A 102 0.72 -11.02 -12.56
N ALA A 103 1.63 -11.97 -12.62
CA ALA A 103 2.82 -11.82 -13.45
C ALA A 103 2.51 -12.15 -14.90
N ASP A 104 2.80 -11.20 -15.77
CA ASP A 104 2.65 -11.38 -17.20
C ASP A 104 4.01 -11.54 -17.83
N GLY A 105 4.19 -12.63 -18.57
CA GLY A 105 5.49 -12.95 -19.16
C GLY A 105 5.92 -11.99 -20.28
N GLN A 106 6.27 -10.79 -19.88
CA GLN A 106 6.74 -9.76 -20.79
C GLN A 106 7.29 -8.60 -19.96
N LYS A 107 7.73 -8.93 -18.74
CA LYS A 107 8.06 -7.92 -17.75
C LYS A 107 6.85 -7.03 -17.50
N LYS A 108 5.73 -7.69 -17.29
CA LYS A 108 4.47 -7.02 -17.01
C LYS A 108 3.86 -7.67 -15.77
N THR A 109 3.13 -6.88 -15.00
CA THR A 109 2.44 -7.41 -13.84
C THR A 109 1.24 -6.55 -13.48
N ARG A 110 0.07 -7.11 -13.63
CA ARG A 110 -1.15 -6.43 -13.24
C ARG A 110 -1.59 -6.96 -11.88
N VAL A 111 -1.51 -6.12 -10.86
CA VAL A 111 -1.88 -6.55 -9.52
C VAL A 111 -3.38 -6.38 -9.29
N ASP A 112 -3.94 -7.30 -8.51
CA ASP A 112 -5.34 -7.28 -8.15
C ASP A 112 -5.48 -7.42 -6.64
N VAL A 113 -6.02 -6.40 -5.99
CA VAL A 113 -6.28 -6.46 -4.55
C VAL A 113 -7.75 -6.65 -4.30
N GLU A 114 -8.08 -7.64 -3.49
CA GLU A 114 -9.43 -7.82 -3.02
C GLU A 114 -9.53 -7.35 -1.58
N HIS A 115 -10.29 -6.29 -1.40
CA HIS A 115 -10.45 -5.67 -0.10
C HIS A 115 -11.93 -5.44 0.16
N THR A 116 -12.41 -5.94 1.27
CA THR A 116 -13.80 -5.73 1.68
C THR A 116 -14.06 -6.36 3.03
N HIS A 117 -14.08 -5.51 4.06
CA HIS A 117 -14.31 -5.97 5.42
C HIS A 117 -14.62 -4.81 6.33
N PHE A 118 -13.62 -3.96 6.54
CA PHE A 118 -13.74 -2.84 7.45
C PHE A 118 -14.44 -1.66 6.78
N ASP A 119 -14.35 -1.61 5.47
CA ASP A 119 -14.89 -0.53 4.67
C ASP A 119 -16.40 -0.63 4.54
N ARG A 120 -16.86 -1.80 4.13
CA ARG A 120 -18.29 -2.07 3.97
C ARG A 120 -18.99 -2.04 5.32
N MET A 121 -18.20 -2.13 6.38
CA MET A 121 -18.69 -2.33 7.74
C MET A 121 -19.33 -1.07 8.33
N GLY A 122 -19.85 -0.17 7.50
CA GLY A 122 -20.71 0.87 8.02
C GLY A 122 -20.34 2.26 7.57
N THR A 123 -21.22 3.20 7.92
CA THR A 123 -21.08 4.59 7.53
C THR A 123 -19.77 5.19 8.02
N LYS A 124 -19.52 5.09 9.33
CA LYS A 124 -18.33 5.71 9.91
C LYS A 124 -17.07 4.99 9.44
N HIS A 125 -17.20 3.71 9.13
CA HIS A 125 -16.08 2.93 8.61
C HIS A 125 -15.68 3.38 7.21
N ALA A 126 -16.65 3.55 6.34
CA ALA A 126 -16.35 4.03 5.00
C ALA A 126 -16.04 5.52 5.01
N LYS A 127 -16.52 6.21 6.03
CA LYS A 127 -16.24 7.63 6.19
C LYS A 127 -14.81 7.84 6.68
N ARG A 128 -14.34 6.96 7.58
CA ARG A 128 -12.98 7.04 8.07
C ARG A 128 -12.00 6.73 6.94
N VAL A 129 -12.45 5.92 5.99
CA VAL A 129 -11.72 5.72 4.75
C VAL A 129 -11.67 7.02 3.96
N ARG A 130 -12.82 7.66 3.86
CA ARG A 130 -12.95 8.91 3.11
C ARG A 130 -12.15 10.04 3.79
N ASN A 131 -11.78 9.83 5.05
CA ASN A 131 -10.92 10.77 5.79
C ASN A 131 -9.65 11.08 5.03
N GLY A 132 -8.88 10.04 4.68
CA GLY A 132 -7.61 10.26 4.03
C GLY A 132 -7.14 9.13 3.13
N MET A 133 -7.84 8.02 3.14
CA MET A 133 -7.50 6.91 2.27
C MET A 133 -8.03 7.21 0.87
N ASP A 134 -9.12 7.98 0.87
CA ASP A 134 -9.83 8.37 -0.34
C ASP A 134 -8.93 9.09 -1.36
N LYS A 135 -8.08 9.99 -0.89
CA LYS A 135 -7.21 10.74 -1.79
C LYS A 135 -5.76 10.32 -1.66
N GLY A 136 -5.52 9.23 -0.96
CA GLY A 136 -4.17 8.76 -0.78
C GLY A 136 -3.86 7.56 -1.65
N TRP A 137 -4.52 6.45 -1.38
CA TRP A 137 -4.20 5.17 -2.03
C TRP A 137 -4.30 5.24 -3.56
N PRO A 138 -5.40 5.78 -4.14
CA PRO A 138 -5.50 5.94 -5.60
C PRO A 138 -4.38 6.79 -6.17
N THR A 139 -4.08 7.91 -5.49
CA THR A 139 -2.98 8.77 -5.88
C THR A 139 -1.66 7.99 -5.83
N ILE A 140 -1.53 7.19 -4.78
CA ILE A 140 -0.35 6.36 -4.58
C ILE A 140 -0.16 5.39 -5.73
N LEU A 141 -1.22 4.66 -6.08
CA LEU A 141 -1.12 3.62 -7.11
C LEU A 141 -0.69 4.17 -8.46
N GLN A 142 -1.11 5.39 -8.77
CA GLN A 142 -0.75 6.00 -10.05
C GLN A 142 0.73 6.33 -10.08
N SER A 143 1.20 7.04 -9.07
CA SER A 143 2.61 7.38 -8.96
C SER A 143 3.44 6.13 -8.68
N PHE A 144 2.79 5.10 -8.14
CA PHE A 144 3.43 3.80 -7.92
C PHE A 144 3.83 3.19 -9.26
N GLN A 145 2.85 3.07 -10.16
CA GLN A 145 3.09 2.58 -11.52
C GLN A 145 4.09 3.49 -12.23
N ASP A 146 4.08 4.76 -11.84
CA ASP A 146 4.93 5.78 -12.45
C ASP A 146 6.39 5.56 -12.05
N LYS A 147 6.61 5.33 -10.77
CA LYS A 147 7.95 5.06 -10.24
C LYS A 147 8.50 3.79 -10.86
N ILE A 148 7.62 2.84 -11.11
CA ILE A 148 8.01 1.56 -11.71
C ILE A 148 8.17 1.69 -13.22
N ASP A 149 7.47 2.67 -13.80
CA ASP A 149 7.59 2.94 -15.23
C ASP A 149 9.01 3.37 -15.56
N GLU A 150 9.68 3.91 -14.55
CA GLU A 150 11.08 4.31 -14.66
C GLU A 150 11.96 3.08 -14.83
N GLU A 151 11.49 1.96 -14.32
CA GLU A 151 12.20 0.69 -14.42
C GLU A 151 11.97 0.08 -15.80
N GLY A 152 11.09 0.70 -16.57
CA GLY A 152 10.71 0.17 -17.87
C GLY A 152 11.03 1.10 -19.02
N ALA A 153 10.16 2.09 -19.24
CA ALA A 153 10.29 2.96 -20.41
C ALA A 153 9.84 4.39 -20.15
N LYS A 154 10.00 4.83 -18.90
CA LYS A 154 9.65 6.20 -18.52
C LYS A 154 10.49 7.22 -19.31
N LYS A 155 11.75 6.90 -19.53
CA LYS A 155 12.66 7.80 -20.20
C LYS A 155 12.65 7.57 -21.72
N ASN A 1 -14.78 1.83 -4.68
CA ASN A 1 -14.40 0.56 -4.02
C ASN A 1 -14.82 0.56 -2.55
N TYR A 2 -16.02 0.04 -2.28
CA TYR A 2 -16.52 -0.08 -0.91
C TYR A 2 -17.92 -0.71 -0.90
N ASP A 3 -18.68 -0.50 -1.98
CA ASP A 3 -20.05 -1.00 -2.07
C ASP A 3 -20.08 -2.53 -2.08
N PRO A 4 -19.49 -3.20 -3.08
CA PRO A 4 -19.40 -4.66 -3.09
C PRO A 4 -18.12 -5.13 -2.42
N PHE A 5 -17.00 -4.66 -2.95
CA PHE A 5 -15.69 -4.96 -2.43
C PHE A 5 -14.75 -3.82 -2.75
N VAL A 6 -13.59 -3.81 -2.13
CA VAL A 6 -12.57 -2.82 -2.47
C VAL A 6 -11.50 -3.51 -3.30
N ARG A 7 -11.10 -2.88 -4.38
CA ARG A 7 -10.14 -3.50 -5.28
C ARG A 7 -9.02 -2.55 -5.62
N HIS A 8 -7.86 -3.11 -5.87
CA HIS A 8 -6.73 -2.38 -6.40
C HIS A 8 -6.36 -2.99 -7.73
N SER A 9 -6.16 -2.18 -8.75
CA SER A 9 -5.78 -2.70 -10.05
C SER A 9 -4.73 -1.81 -10.67
N VAL A 10 -3.54 -2.36 -10.84
CA VAL A 10 -2.42 -1.62 -11.43
C VAL A 10 -1.74 -2.43 -12.52
N THR A 11 -1.36 -1.77 -13.59
CA THR A 11 -0.59 -2.39 -14.64
C THR A 11 0.88 -2.02 -14.46
N VAL A 12 1.70 -3.02 -14.18
CA VAL A 12 3.12 -2.80 -14.01
C VAL A 12 3.85 -3.13 -15.31
N LYS A 13 4.72 -2.21 -15.74
CA LYS A 13 5.40 -2.34 -17.02
C LYS A 13 6.86 -2.78 -16.84
N ALA A 14 7.15 -3.43 -15.72
CA ALA A 14 8.52 -3.84 -15.44
C ALA A 14 8.57 -5.15 -14.65
N ASP A 15 7.54 -5.99 -14.86
CA ASP A 15 7.49 -7.33 -14.25
C ASP A 15 7.19 -7.28 -12.74
N ARG A 16 6.83 -8.44 -12.21
CA ARG A 16 6.36 -8.58 -10.83
C ARG A 16 7.46 -8.27 -9.84
N LYS A 17 8.71 -8.45 -10.25
CA LYS A 17 9.86 -8.19 -9.41
C LYS A 17 9.89 -6.73 -8.96
N THR A 18 9.77 -5.81 -9.92
CA THR A 18 9.78 -4.38 -9.61
C THR A 18 8.50 -3.97 -8.93
N ALA A 19 7.40 -4.62 -9.30
CA ALA A 19 6.11 -4.35 -8.68
C ALA A 19 6.19 -4.54 -7.17
N PHE A 20 6.70 -5.69 -6.75
CA PHE A 20 6.87 -5.98 -5.34
C PHE A 20 7.97 -5.10 -4.73
N LYS A 21 9.06 -4.94 -5.48
CA LYS A 21 10.18 -4.10 -5.03
C LYS A 21 9.70 -2.71 -4.65
N THR A 22 8.98 -2.08 -5.57
CA THR A 22 8.52 -0.72 -5.34
C THR A 22 7.44 -0.69 -4.27
N PHE A 23 6.45 -1.58 -4.39
CA PHE A 23 5.28 -1.55 -3.52
C PHE A 23 5.64 -1.78 -2.05
N LEU A 24 6.68 -2.58 -1.79
CA LEU A 24 7.01 -2.93 -0.42
C LEU A 24 8.39 -2.44 0.00
N GLU A 25 9.40 -2.75 -0.80
CA GLU A 25 10.79 -2.46 -0.40
C GLU A 25 11.11 -0.98 -0.58
N GLY A 26 10.34 -0.31 -1.41
CA GLY A 26 10.57 1.10 -1.68
C GLY A 26 9.40 1.96 -1.27
N PHE A 27 8.76 1.59 -0.17
CA PHE A 27 7.53 2.24 0.26
C PHE A 27 7.68 3.77 0.37
N PRO A 28 8.70 4.29 1.08
CA PRO A 28 8.83 5.73 1.31
C PRO A 28 9.60 6.48 0.21
N GLU A 29 9.85 5.84 -0.93
CA GLU A 29 10.61 6.50 -1.99
C GLU A 29 9.72 7.00 -3.12
N TRP A 30 8.43 6.70 -3.02
CA TRP A 30 7.50 7.04 -4.08
C TRP A 30 7.27 8.55 -4.18
N TRP A 31 6.63 8.96 -5.27
CA TRP A 31 6.27 10.35 -5.50
C TRP A 31 4.93 10.76 -4.85
N PRO A 32 3.88 9.88 -4.85
CA PRO A 32 2.50 10.31 -4.52
C PRO A 32 2.27 10.73 -3.06
N ASN A 33 1.60 9.87 -2.29
CA ASN A 33 1.23 10.20 -0.92
C ASN A 33 2.41 10.00 0.03
N ASN A 34 3.12 8.92 -0.17
CA ASN A 34 4.28 8.60 0.66
C ASN A 34 5.51 9.36 0.20
N PHE A 35 5.46 10.67 0.38
CA PHE A 35 6.57 11.54 0.01
C PHE A 35 6.87 12.50 1.17
N ARG A 36 6.31 12.20 2.34
CA ARG A 36 6.45 13.07 3.50
C ARG A 36 6.96 12.28 4.71
N THR A 37 7.90 12.88 5.43
CA THR A 37 8.55 12.20 6.55
C THR A 37 7.66 12.16 7.76
N THR A 38 7.70 11.03 8.48
CA THR A 38 6.91 10.79 9.69
C THR A 38 5.41 10.99 9.47
N LYS A 39 5.01 10.97 8.20
CA LYS A 39 3.61 10.97 7.85
C LYS A 39 3.25 9.61 7.26
N VAL A 40 3.91 9.30 6.15
CA VAL A 40 3.71 8.03 5.45
C VAL A 40 4.92 7.71 4.59
N GLY A 41 6.07 8.24 4.99
CA GLY A 41 7.25 8.15 4.15
C GLY A 41 8.53 8.50 4.87
N ALA A 42 8.62 8.13 6.15
CA ALA A 42 9.87 8.25 6.89
C ALA A 42 10.86 7.19 6.42
N PRO A 43 12.15 7.26 6.84
CA PRO A 43 13.16 6.26 6.47
C PRO A 43 12.85 4.86 7.02
N LEU A 44 11.79 4.26 6.50
CA LEU A 44 11.42 2.89 6.81
C LEU A 44 10.23 2.46 5.96
N GLY A 45 9.03 2.80 6.43
CA GLY A 45 7.83 2.51 5.66
C GLY A 45 7.30 1.12 5.94
N VAL A 46 8.12 0.12 5.68
CA VAL A 46 7.71 -1.27 5.83
C VAL A 46 8.78 -2.08 6.54
N ASP A 47 8.36 -2.94 7.45
CA ASP A 47 9.24 -3.87 8.11
C ASP A 47 9.05 -5.25 7.51
N LYS A 48 9.93 -5.61 6.61
CA LYS A 48 9.86 -6.88 5.91
C LYS A 48 10.43 -8.01 6.76
N LYS A 49 11.05 -7.64 7.88
CA LYS A 49 11.61 -8.62 8.80
C LYS A 49 10.49 -9.40 9.49
N GLY A 50 9.57 -8.70 10.12
CA GLY A 50 8.45 -9.35 10.78
C GLY A 50 7.20 -9.28 9.92
N GLY A 51 6.82 -8.07 9.52
CA GLY A 51 5.65 -7.90 8.71
C GLY A 51 4.75 -6.80 9.22
N ARG A 52 5.25 -5.56 9.20
CA ARG A 52 4.48 -4.41 9.65
C ARG A 52 4.85 -3.14 8.89
N TRP A 53 3.86 -2.32 8.56
CA TRP A 53 4.10 -1.07 7.84
C TRP A 53 4.15 0.10 8.81
N TYR A 54 5.33 0.67 9.03
CA TYR A 54 5.47 1.79 9.95
C TYR A 54 6.73 2.59 9.65
N GLU A 55 6.92 3.68 10.39
CA GLU A 55 8.02 4.58 10.13
C GLU A 55 8.75 4.89 11.41
N ILE A 56 10.02 5.27 11.28
CA ILE A 56 10.78 5.75 12.41
C ILE A 56 10.38 7.20 12.67
N ASP A 57 9.56 7.40 13.68
CA ASP A 57 9.07 8.73 13.99
C ASP A 57 9.98 9.39 15.01
N GLU A 58 10.06 10.71 14.94
CA GLU A 58 11.05 11.47 15.70
C GLU A 58 10.64 11.67 17.15
N GLN A 59 9.42 11.29 17.51
CA GLN A 59 9.06 11.28 18.93
C GLN A 59 9.39 9.92 19.55
N GLY A 60 10.06 9.06 18.78
CA GLY A 60 10.49 7.78 19.29
C GLY A 60 9.77 6.59 18.66
N GLU A 61 9.94 6.43 17.34
CA GLU A 61 9.47 5.25 16.61
C GLU A 61 8.05 4.83 16.99
N GLU A 62 7.11 5.74 16.90
CA GLU A 62 5.74 5.42 17.27
C GLU A 62 4.79 5.80 16.15
N HIS A 63 4.64 4.90 15.19
CA HIS A 63 3.66 5.04 14.14
C HIS A 63 2.77 3.82 14.10
N THR A 64 1.59 3.95 13.53
CA THR A 64 0.75 2.80 13.27
C THR A 64 1.49 1.84 12.35
N PHE A 65 1.34 0.54 12.58
CA PHE A 65 2.05 -0.44 11.80
C PHE A 65 1.09 -1.40 11.11
N GLY A 66 1.13 -1.38 9.78
CA GLY A 66 0.27 -2.23 8.97
C GLY A 66 0.45 -3.68 9.31
N LEU A 67 -0.66 -4.38 9.46
CA LEU A 67 -0.62 -5.74 9.96
C LEU A 67 -0.54 -6.74 8.81
N ILE A 68 0.68 -7.03 8.38
CA ILE A 68 0.89 -7.95 7.28
C ILE A 68 0.62 -9.39 7.73
N ARG A 69 -0.32 -10.02 7.05
CA ARG A 69 -0.67 -11.39 7.34
C ARG A 69 0.28 -12.32 6.60
N LYS A 70 0.74 -11.87 5.42
CA LYS A 70 1.61 -12.69 4.60
C LYS A 70 2.39 -11.84 3.59
N VAL A 71 3.71 -11.89 3.69
CA VAL A 71 4.59 -11.36 2.66
C VAL A 71 5.06 -12.53 1.79
N ASP A 72 4.45 -12.71 0.64
CA ASP A 72 4.72 -13.88 -0.19
C ASP A 72 5.51 -13.51 -1.42
N GLU A 73 6.78 -13.15 -1.21
CA GLU A 73 7.73 -12.80 -2.28
C GLU A 73 7.11 -11.84 -3.31
N PRO A 74 7.78 -11.58 -4.46
CA PRO A 74 7.11 -10.92 -5.59
C PRO A 74 5.99 -11.78 -6.16
N ASP A 75 4.88 -11.83 -5.44
CA ASP A 75 3.71 -12.61 -5.83
C ASP A 75 2.45 -12.06 -5.17
N THR A 76 2.41 -12.09 -3.85
CA THR A 76 1.23 -11.64 -3.10
C THR A 76 1.60 -11.03 -1.75
N LEU A 77 0.79 -10.06 -1.33
CA LEU A 77 0.96 -9.45 -0.01
C LEU A 77 -0.41 -9.29 0.64
N VAL A 78 -0.64 -9.99 1.73
CA VAL A 78 -1.87 -9.82 2.48
C VAL A 78 -1.59 -8.96 3.70
N ILE A 79 -2.01 -7.70 3.65
CA ILE A 79 -1.70 -6.76 4.72
C ILE A 79 -2.95 -6.07 5.23
N GLY A 80 -2.98 -5.80 6.54
CA GLY A 80 -4.11 -5.16 7.17
C GLY A 80 -3.91 -3.67 7.36
N TRP A 81 -5.03 -2.96 7.53
CA TRP A 81 -5.06 -1.49 7.48
C TRP A 81 -4.25 -0.85 8.61
N ARG A 82 -3.84 0.39 8.38
CA ARG A 82 -2.85 1.05 9.22
C ARG A 82 -3.10 2.56 9.24
N LEU A 83 -4.10 2.99 8.48
CA LEU A 83 -4.44 4.41 8.31
C LEU A 83 -3.38 5.13 7.46
N ASN A 84 -3.83 5.90 6.49
CA ASN A 84 -2.93 6.65 5.62
C ASN A 84 -3.00 8.14 5.94
N GLY A 85 -1.84 8.77 6.01
CA GLY A 85 -1.80 10.20 6.24
C GLY A 85 -1.35 10.55 7.65
N PHE A 86 -1.40 9.56 8.55
CA PHE A 86 -1.02 9.74 9.96
C PHE A 86 -2.01 10.62 10.71
N GLY A 87 -2.26 11.83 10.19
CA GLY A 87 -3.19 12.76 10.83
C GLY A 87 -4.63 12.44 10.49
N ARG A 88 -4.83 11.27 9.89
CA ARG A 88 -6.15 10.77 9.62
C ARG A 88 -6.50 9.79 10.73
N ILE A 89 -7.74 9.37 10.84
CA ILE A 89 -8.14 8.56 11.98
C ILE A 89 -8.53 7.14 11.55
N ASP A 90 -7.84 6.18 12.16
CA ASP A 90 -8.25 4.78 12.12
C ASP A 90 -7.57 4.05 13.27
N PRO A 91 -8.34 3.27 14.04
CA PRO A 91 -7.81 2.58 15.22
C PRO A 91 -6.94 1.38 14.88
N ASP A 92 -6.72 1.14 13.58
CA ASP A 92 -5.89 0.02 13.14
C ASP A 92 -6.49 -1.30 13.63
N ASN A 93 -7.49 -1.78 12.91
CA ASN A 93 -8.25 -2.94 13.37
C ASN A 93 -8.31 -4.04 12.34
N SER A 94 -8.95 -3.76 11.21
CA SER A 94 -9.22 -4.78 10.22
C SER A 94 -8.66 -4.39 8.85
N SER A 95 -9.37 -4.77 7.81
CA SER A 95 -8.99 -4.51 6.42
C SER A 95 -7.82 -5.39 5.99
N GLU A 96 -8.09 -6.67 5.90
CA GLU A 96 -7.11 -7.61 5.34
C GLU A 96 -7.26 -7.66 3.82
N PHE A 97 -6.40 -6.93 3.13
CA PHE A 97 -6.50 -6.90 1.68
C PHE A 97 -5.40 -7.73 1.04
N THR A 98 -5.79 -8.59 0.11
CA THR A 98 -4.86 -9.45 -0.58
C THR A 98 -4.35 -8.79 -1.87
N VAL A 99 -3.09 -8.40 -1.88
CA VAL A 99 -2.48 -7.86 -3.07
C VAL A 99 -2.03 -9.00 -3.98
N THR A 100 -2.72 -9.16 -5.09
CA THR A 100 -2.41 -10.23 -6.02
C THR A 100 -1.63 -9.69 -7.21
N PHE A 101 -0.35 -9.99 -7.26
CA PHE A 101 0.46 -9.65 -8.41
C PHE A 101 0.40 -10.78 -9.42
N VAL A 102 -0.31 -10.56 -10.51
CA VAL A 102 -0.42 -11.56 -11.56
C VAL A 102 0.65 -11.31 -12.62
N ALA A 103 1.63 -12.19 -12.66
CA ALA A 103 2.76 -12.05 -13.57
C ALA A 103 2.30 -12.12 -15.02
N ASP A 104 2.90 -11.30 -15.86
CA ASP A 104 2.55 -11.26 -17.27
C ASP A 104 3.81 -11.43 -18.10
N GLY A 105 4.10 -12.67 -18.46
CA GLY A 105 5.26 -12.93 -19.26
C GLY A 105 6.56 -12.66 -18.53
N GLN A 106 7.24 -11.60 -18.92
CA GLN A 106 8.55 -11.30 -18.37
C GLN A 106 8.74 -9.80 -18.15
N LYS A 107 7.75 -8.99 -18.53
CA LYS A 107 7.91 -7.54 -18.42
C LYS A 107 6.64 -6.84 -17.94
N LYS A 108 5.57 -7.59 -17.75
CA LYS A 108 4.31 -6.98 -17.35
C LYS A 108 3.76 -7.68 -16.11
N THR A 109 2.92 -6.99 -15.37
CA THR A 109 2.25 -7.57 -14.21
C THR A 109 0.99 -6.77 -13.86
N ARG A 110 -0.14 -7.45 -13.84
CA ARG A 110 -1.36 -6.83 -13.38
C ARG A 110 -1.59 -7.20 -11.92
N VAL A 111 -1.63 -6.20 -11.06
CA VAL A 111 -1.90 -6.43 -9.66
C VAL A 111 -3.35 -6.11 -9.37
N ASP A 112 -3.99 -6.99 -8.63
CA ASP A 112 -5.39 -6.84 -8.30
C ASP A 112 -5.62 -7.22 -6.85
N VAL A 113 -6.01 -6.24 -6.05
CA VAL A 113 -6.29 -6.46 -4.64
C VAL A 113 -7.74 -6.81 -4.43
N GLU A 114 -7.96 -7.95 -3.79
CA GLU A 114 -9.30 -8.38 -3.43
C GLU A 114 -9.49 -8.24 -1.93
N HIS A 115 -10.41 -7.38 -1.53
CA HIS A 115 -10.74 -7.21 -0.13
C HIS A 115 -12.16 -6.68 0.03
N THR A 116 -12.87 -7.13 1.06
CA THR A 116 -14.18 -6.58 1.37
C THR A 116 -14.62 -6.91 2.79
N HIS A 117 -14.84 -5.85 3.59
CA HIS A 117 -15.40 -5.96 4.94
C HIS A 117 -15.29 -4.64 5.69
N PHE A 118 -14.05 -4.18 5.88
CA PHE A 118 -13.76 -3.06 6.78
C PHE A 118 -14.60 -1.81 6.46
N ASP A 119 -14.62 -1.39 5.20
CA ASP A 119 -15.35 -0.18 4.80
C ASP A 119 -16.85 -0.44 4.69
N ARG A 120 -17.21 -1.59 4.15
CA ARG A 120 -18.63 -1.94 3.97
C ARG A 120 -19.32 -2.12 5.31
N MET A 121 -18.55 -2.50 6.33
CA MET A 121 -19.07 -2.61 7.68
C MET A 121 -18.69 -1.35 8.43
N GLY A 122 -18.38 -0.35 7.64
CA GLY A 122 -17.77 0.83 8.15
C GLY A 122 -18.66 1.65 9.05
N THR A 123 -19.44 2.54 8.46
CA THR A 123 -20.11 3.59 9.21
C THR A 123 -19.05 4.41 9.96
N LYS A 124 -18.63 3.92 11.12
CA LYS A 124 -17.49 4.48 11.82
C LYS A 124 -16.23 4.25 10.99
N HIS A 125 -15.99 2.98 10.65
CA HIS A 125 -14.76 2.59 9.97
C HIS A 125 -14.67 3.22 8.58
N ALA A 126 -15.74 3.11 7.83
CA ALA A 126 -15.79 3.68 6.48
C ALA A 126 -15.53 5.18 6.50
N LYS A 127 -16.19 5.87 7.42
CA LYS A 127 -16.06 7.33 7.50
C LYS A 127 -14.62 7.73 7.80
N ARG A 128 -14.01 7.08 8.78
CA ARG A 128 -12.69 7.48 9.26
C ARG A 128 -11.59 7.24 8.24
N VAL A 129 -11.71 6.18 7.47
CA VAL A 129 -10.69 5.84 6.46
C VAL A 129 -10.86 6.68 5.20
N ARG A 130 -12.12 6.86 4.80
CA ARG A 130 -12.45 7.59 3.58
C ARG A 130 -11.99 9.05 3.66
N ASN A 131 -11.68 9.49 4.89
CA ASN A 131 -11.19 10.84 5.13
C ASN A 131 -9.91 11.15 4.35
N GLY A 132 -9.17 10.12 3.98
CA GLY A 132 -7.89 10.34 3.32
C GLY A 132 -7.54 9.28 2.28
N MET A 133 -7.97 8.05 2.52
CA MET A 133 -7.63 6.94 1.63
C MET A 133 -8.25 7.15 0.25
N ASP A 134 -9.31 7.95 0.19
CA ASP A 134 -10.07 8.16 -1.03
C ASP A 134 -9.27 8.90 -2.09
N LYS A 135 -8.27 9.66 -1.66
CA LYS A 135 -7.49 10.47 -2.59
C LYS A 135 -6.04 9.96 -2.67
N GLY A 136 -5.44 9.73 -1.51
CA GLY A 136 -4.04 9.35 -1.44
C GLY A 136 -3.74 8.04 -2.14
N TRP A 137 -4.44 6.98 -1.74
CA TRP A 137 -4.15 5.64 -2.22
C TRP A 137 -4.30 5.52 -3.75
N PRO A 138 -5.42 5.99 -4.34
CA PRO A 138 -5.57 6.00 -5.80
C PRO A 138 -4.48 6.82 -6.48
N THR A 139 -4.15 7.98 -5.91
CA THR A 139 -3.09 8.82 -6.48
C THR A 139 -1.76 8.08 -6.40
N ILE A 140 -1.60 7.34 -5.31
CA ILE A 140 -0.45 6.49 -5.11
C ILE A 140 -0.26 5.54 -6.27
N LEU A 141 -1.33 4.86 -6.67
CA LEU A 141 -1.25 3.83 -7.69
C LEU A 141 -0.80 4.39 -9.05
N GLN A 142 -1.10 5.65 -9.32
CA GLN A 142 -0.65 6.29 -10.54
C GLN A 142 0.85 6.51 -10.49
N SER A 143 1.31 7.24 -9.49
CA SER A 143 2.72 7.52 -9.33
C SER A 143 3.50 6.22 -9.05
N PHE A 144 2.79 5.23 -8.53
CA PHE A 144 3.36 3.91 -8.29
C PHE A 144 3.82 3.28 -9.60
N GLN A 145 2.90 3.20 -10.56
CA GLN A 145 3.20 2.68 -11.89
C GLN A 145 4.28 3.52 -12.57
N ASP A 146 4.28 4.81 -12.27
CA ASP A 146 5.23 5.74 -12.87
C ASP A 146 6.64 5.52 -12.36
N LYS A 147 6.80 5.29 -11.07
CA LYS A 147 8.13 5.04 -10.51
C LYS A 147 8.62 3.66 -10.98
N ILE A 148 7.70 2.72 -11.11
CA ILE A 148 8.03 1.41 -11.64
C ILE A 148 8.44 1.52 -13.10
N ASP A 149 7.79 2.43 -13.82
CA ASP A 149 8.15 2.69 -15.20
C ASP A 149 9.60 3.13 -15.27
N GLU A 150 10.00 3.96 -14.29
CA GLU A 150 11.37 4.45 -14.19
C GLU A 150 12.32 3.32 -13.82
N GLU A 151 11.85 2.39 -13.00
CA GLU A 151 12.62 1.23 -12.59
C GLU A 151 12.98 0.35 -13.78
N GLY A 152 12.00 0.11 -14.64
CA GLY A 152 12.24 -0.68 -15.82
C GLY A 152 12.92 0.10 -16.92
N ALA A 153 12.19 1.08 -17.44
CA ALA A 153 12.68 1.94 -18.51
C ALA A 153 11.68 3.06 -18.77
N LYS A 154 11.84 4.16 -18.06
CA LYS A 154 10.93 5.30 -18.22
C LYS A 154 11.22 6.02 -19.52
N LYS A 155 10.15 6.34 -20.24
CA LYS A 155 10.26 6.93 -21.56
C LYS A 155 10.29 8.45 -21.46
N ASN A 1 -14.41 2.75 -3.59
CA ASN A 1 -13.98 1.39 -3.18
C ASN A 1 -13.88 1.29 -1.65
N TYR A 2 -14.97 0.84 -1.03
CA TYR A 2 -15.05 0.73 0.44
C TYR A 2 -16.37 0.11 0.86
N ASP A 3 -17.43 0.43 0.14
CA ASP A 3 -18.77 -0.02 0.53
C ASP A 3 -18.94 -1.53 0.25
N PRO A 4 -18.89 -1.99 -1.01
CA PRO A 4 -19.01 -3.40 -1.34
C PRO A 4 -17.64 -4.08 -1.56
N PHE A 5 -16.96 -3.69 -2.64
CA PHE A 5 -15.70 -4.33 -3.01
C PHE A 5 -14.59 -3.29 -3.15
N VAL A 6 -13.61 -3.36 -2.27
CA VAL A 6 -12.42 -2.54 -2.42
C VAL A 6 -11.38 -3.29 -3.23
N ARG A 7 -11.10 -2.83 -4.41
CA ARG A 7 -10.14 -3.51 -5.25
C ARG A 7 -9.15 -2.54 -5.85
N HIS A 8 -7.88 -2.91 -5.81
CA HIS A 8 -6.85 -2.14 -6.50
C HIS A 8 -6.35 -2.94 -7.68
N SER A 9 -6.28 -2.28 -8.81
CA SER A 9 -5.79 -2.92 -10.01
C SER A 9 -4.79 -2.03 -10.70
N VAL A 10 -3.55 -2.46 -10.67
CA VAL A 10 -2.45 -1.72 -11.28
C VAL A 10 -1.70 -2.58 -12.29
N THR A 11 -1.33 -1.99 -13.41
CA THR A 11 -0.50 -2.67 -14.37
C THR A 11 0.93 -2.16 -14.28
N VAL A 12 1.80 -3.05 -13.89
CA VAL A 12 3.22 -2.76 -13.76
C VAL A 12 3.92 -3.07 -15.08
N LYS A 13 4.84 -2.20 -15.46
CA LYS A 13 5.54 -2.34 -16.73
C LYS A 13 7.01 -2.68 -16.52
N ALA A 14 7.29 -3.36 -15.42
CA ALA A 14 8.66 -3.69 -15.06
C ALA A 14 8.74 -4.98 -14.26
N ASP A 15 7.79 -5.89 -14.51
CA ASP A 15 7.77 -7.22 -13.87
C ASP A 15 7.40 -7.15 -12.39
N ARG A 16 7.00 -8.30 -11.85
CA ARG A 16 6.51 -8.41 -10.49
C ARG A 16 7.61 -8.10 -9.48
N LYS A 17 8.85 -8.26 -9.91
CA LYS A 17 10.01 -7.96 -9.10
C LYS A 17 9.97 -6.50 -8.63
N THR A 18 9.66 -5.59 -9.55
CA THR A 18 9.58 -4.18 -9.22
C THR A 18 8.24 -3.87 -8.55
N ALA A 19 7.20 -4.60 -8.94
CA ALA A 19 5.88 -4.43 -8.33
C ALA A 19 5.95 -4.63 -6.82
N PHE A 20 6.60 -5.71 -6.42
CA PHE A 20 6.79 -6.00 -5.00
C PHE A 20 7.73 -4.98 -4.37
N LYS A 21 8.82 -4.68 -5.07
CA LYS A 21 9.75 -3.65 -4.63
C LYS A 21 9.03 -2.36 -4.34
N THR A 22 8.19 -1.93 -5.27
CA THR A 22 7.49 -0.66 -5.16
C THR A 22 6.46 -0.68 -4.04
N PHE A 23 5.58 -1.68 -4.05
CA PHE A 23 4.47 -1.70 -3.11
C PHE A 23 4.96 -1.86 -1.67
N LEU A 24 6.08 -2.54 -1.47
CA LEU A 24 6.52 -2.86 -0.12
C LEU A 24 7.89 -2.28 0.23
N GLU A 25 8.89 -2.57 -0.59
CA GLU A 25 10.29 -2.32 -0.22
C GLU A 25 10.69 -0.86 -0.45
N GLY A 26 9.99 -0.20 -1.34
CA GLY A 26 10.29 1.18 -1.66
C GLY A 26 9.22 2.11 -1.16
N PHE A 27 8.57 1.68 -0.08
CA PHE A 27 7.38 2.33 0.44
C PHE A 27 7.54 3.86 0.56
N PRO A 28 8.58 4.36 1.24
CA PRO A 28 8.76 5.80 1.46
C PRO A 28 9.69 6.50 0.45
N GLU A 29 9.65 6.12 -0.82
CA GLU A 29 10.53 6.77 -1.80
C GLU A 29 9.79 7.20 -3.07
N TRP A 30 8.57 6.73 -3.25
CA TRP A 30 7.80 7.06 -4.45
C TRP A 30 7.24 8.48 -4.40
N TRP A 31 6.67 8.91 -5.52
CA TRP A 31 6.18 10.28 -5.67
C TRP A 31 4.86 10.57 -4.91
N PRO A 32 3.83 9.69 -5.03
CA PRO A 32 2.43 10.05 -4.75
C PRO A 32 2.16 10.60 -3.34
N ASN A 33 1.90 9.70 -2.40
CA ASN A 33 1.63 10.08 -1.03
C ASN A 33 2.79 9.62 -0.17
N ASN A 34 3.71 8.93 -0.82
CA ASN A 34 4.77 8.19 -0.13
C ASN A 34 6.05 9.00 0.01
N PHE A 35 5.94 10.32 -0.04
CA PHE A 35 7.11 11.17 0.11
C PHE A 35 6.83 12.32 1.08
N ARG A 36 6.46 11.95 2.30
CA ARG A 36 6.21 12.92 3.35
C ARG A 36 6.84 12.45 4.66
N THR A 37 7.32 13.38 5.47
CA THR A 37 7.97 13.01 6.71
C THR A 37 6.92 12.59 7.75
N THR A 38 7.18 11.46 8.40
CA THR A 38 6.23 10.80 9.31
C THR A 38 4.87 10.56 8.64
N LYS A 39 4.88 10.53 7.32
CA LYS A 39 3.67 10.30 6.56
C LYS A 39 3.95 9.38 5.39
N VAL A 40 4.00 8.09 5.71
CA VAL A 40 4.36 7.00 4.78
C VAL A 40 5.55 7.35 3.87
N GLY A 41 6.40 8.24 4.35
CA GLY A 41 7.57 8.65 3.60
C GLY A 41 8.78 8.86 4.47
N ALA A 42 8.71 8.32 5.68
CA ALA A 42 9.85 8.34 6.59
C ALA A 42 10.82 7.24 6.18
N PRO A 43 12.09 7.28 6.62
CA PRO A 43 13.13 6.31 6.22
C PRO A 43 12.86 4.87 6.67
N LEU A 44 11.67 4.35 6.39
CA LEU A 44 11.36 2.97 6.64
C LEU A 44 10.06 2.56 5.93
N GLY A 45 8.94 2.76 6.60
CA GLY A 45 7.66 2.47 5.99
C GLY A 45 7.19 1.06 6.27
N VAL A 46 8.01 0.08 5.92
CA VAL A 46 7.64 -1.32 6.07
C VAL A 46 8.79 -2.12 6.68
N ASP A 47 8.44 -3.10 7.49
CA ASP A 47 9.40 -3.97 8.13
C ASP A 47 9.12 -5.41 7.72
N LYS A 48 9.91 -5.94 6.81
CA LYS A 48 9.67 -7.28 6.27
C LYS A 48 10.12 -8.37 7.21
N LYS A 49 11.12 -8.08 8.04
CA LYS A 49 11.66 -9.08 8.95
C LYS A 49 10.70 -9.36 10.10
N GLY A 50 9.99 -8.32 10.54
CA GLY A 50 8.99 -8.49 11.57
C GLY A 50 7.61 -8.73 10.99
N GLY A 51 7.27 -7.99 9.96
CA GLY A 51 5.97 -8.14 9.32
C GLY A 51 4.99 -7.05 9.71
N ARG A 52 5.44 -5.80 9.70
CA ARG A 52 4.57 -4.69 10.02
C ARG A 52 4.90 -3.47 9.18
N TRP A 53 3.98 -2.51 9.17
CA TRP A 53 4.19 -1.22 8.53
C TRP A 53 4.36 -0.14 9.59
N TYR A 54 5.48 0.58 9.55
CA TYR A 54 5.72 1.69 10.46
C TYR A 54 6.84 2.58 9.95
N GLU A 55 6.78 3.86 10.31
CA GLU A 55 7.80 4.81 9.88
C GLU A 55 8.51 5.37 11.11
N ILE A 56 9.69 5.91 10.91
CA ILE A 56 10.46 6.47 12.00
C ILE A 56 9.93 7.84 12.38
N ASP A 57 9.20 7.90 13.48
CA ASP A 57 8.66 9.18 13.95
C ASP A 57 9.72 9.92 14.78
N GLU A 58 9.32 10.95 15.51
CA GLU A 58 10.27 11.81 16.21
C GLU A 58 10.68 11.22 17.56
N GLN A 59 9.75 10.60 18.28
CA GLN A 59 10.06 10.02 19.59
C GLN A 59 10.45 8.56 19.44
N GLY A 60 10.91 8.18 18.27
CA GLY A 60 11.38 6.85 18.07
C GLY A 60 10.99 6.28 16.73
N GLU A 61 10.13 5.27 16.77
CA GLU A 61 9.86 4.45 15.58
C GLU A 61 8.44 3.91 15.57
N GLU A 62 7.64 4.27 16.55
CA GLU A 62 6.38 3.59 16.72
C GLU A 62 5.28 4.33 16.01
N HIS A 63 5.08 3.95 14.77
CA HIS A 63 4.09 4.58 13.91
C HIS A 63 3.07 3.57 13.42
N THR A 64 2.01 3.36 14.20
CA THR A 64 0.94 2.40 13.87
C THR A 64 1.47 0.99 13.59
N PHE A 65 0.56 0.07 13.30
CA PHE A 65 0.92 -1.29 13.01
C PHE A 65 0.19 -1.79 11.77
N GLY A 66 0.88 -1.77 10.63
CA GLY A 66 0.31 -2.35 9.42
C GLY A 66 0.26 -3.85 9.57
N LEU A 67 -0.93 -4.41 9.51
CA LEU A 67 -1.08 -5.82 9.85
C LEU A 67 -0.66 -6.70 8.70
N ILE A 68 0.62 -7.03 8.61
CA ILE A 68 1.03 -7.93 7.55
C ILE A 68 0.63 -9.35 7.94
N ARG A 69 -0.27 -9.90 7.16
CA ARG A 69 -0.82 -11.21 7.40
C ARG A 69 -0.06 -12.24 6.59
N LYS A 70 0.54 -11.79 5.49
CA LYS A 70 1.22 -12.68 4.56
C LYS A 70 2.19 -11.90 3.66
N VAL A 71 3.48 -12.17 3.79
CA VAL A 71 4.48 -11.70 2.84
C VAL A 71 4.95 -12.87 2.00
N ASP A 72 4.45 -12.97 0.78
CA ASP A 72 4.81 -14.10 -0.07
C ASP A 72 5.63 -13.64 -1.24
N GLU A 73 6.87 -13.21 -0.94
CA GLU A 73 7.86 -12.77 -1.95
C GLU A 73 7.23 -11.81 -2.98
N PRO A 74 7.92 -11.49 -4.09
CA PRO A 74 7.27 -10.81 -5.22
C PRO A 74 6.20 -11.69 -5.85
N ASP A 75 5.03 -11.75 -5.20
CA ASP A 75 3.90 -12.54 -5.68
C ASP A 75 2.61 -12.07 -4.99
N THR A 76 2.51 -12.27 -3.68
CA THR A 76 1.30 -11.90 -2.96
C THR A 76 1.61 -11.30 -1.58
N LEU A 77 0.84 -10.28 -1.21
CA LEU A 77 0.97 -9.67 0.11
C LEU A 77 -0.41 -9.44 0.71
N VAL A 78 -0.65 -10.00 1.88
CA VAL A 78 -1.91 -9.79 2.58
C VAL A 78 -1.66 -8.93 3.82
N ILE A 79 -2.07 -7.68 3.78
CA ILE A 79 -1.86 -6.78 4.91
C ILE A 79 -3.14 -6.03 5.29
N GLY A 80 -3.42 -5.99 6.60
CA GLY A 80 -4.56 -5.24 7.12
C GLY A 80 -4.27 -3.75 7.24
N TRP A 81 -5.33 -2.96 7.24
CA TRP A 81 -5.23 -1.50 7.11
C TRP A 81 -4.57 -0.86 8.32
N ARG A 82 -3.79 0.18 8.05
CA ARG A 82 -3.04 0.92 9.07
C ARG A 82 -3.18 2.42 8.82
N LEU A 83 -3.58 2.76 7.59
CA LEU A 83 -3.82 4.14 7.16
C LEU A 83 -2.50 4.85 6.82
N ASN A 84 -2.61 5.96 6.09
CA ASN A 84 -1.45 6.68 5.58
C ASN A 84 -0.97 7.71 6.58
N GLY A 85 0.04 7.36 7.36
CA GLY A 85 0.73 8.38 8.11
C GLY A 85 0.40 8.45 9.58
N PHE A 86 -0.64 7.72 10.02
CA PHE A 86 -0.99 7.63 11.45
C PHE A 86 -1.64 8.92 11.97
N GLY A 87 -1.44 10.03 11.24
CA GLY A 87 -2.06 11.29 11.61
C GLY A 87 -3.57 11.24 11.54
N ARG A 88 -4.09 10.25 10.85
CA ARG A 88 -5.51 10.00 10.77
C ARG A 88 -5.87 8.75 11.55
N ILE A 89 -7.17 8.49 11.67
CA ILE A 89 -7.65 7.41 12.53
C ILE A 89 -7.50 6.04 11.88
N ASP A 90 -6.66 5.21 12.48
CA ASP A 90 -6.47 3.84 12.02
C ASP A 90 -7.35 2.89 12.82
N PRO A 91 -7.96 1.92 12.12
CA PRO A 91 -8.86 0.95 12.74
C PRO A 91 -8.16 0.03 13.74
N ASP A 92 -6.93 -0.38 13.42
CA ASP A 92 -6.16 -1.35 14.23
C ASP A 92 -6.74 -2.77 14.08
N ASN A 93 -8.01 -2.83 13.73
CA ASN A 93 -8.74 -4.07 13.53
C ASN A 93 -9.44 -3.96 12.20
N SER A 94 -8.73 -4.21 11.13
CA SER A 94 -9.15 -3.74 9.84
C SER A 94 -9.69 -4.80 8.93
N SER A 95 -9.76 -4.40 7.67
CA SER A 95 -10.28 -5.19 6.60
C SER A 95 -9.34 -6.32 6.22
N GLU A 96 -8.04 -5.99 6.10
CA GLU A 96 -7.04 -6.94 5.63
C GLU A 96 -7.24 -7.22 4.14
N PHE A 97 -6.30 -6.76 3.32
CA PHE A 97 -6.44 -6.91 1.88
C PHE A 97 -5.37 -7.82 1.31
N THR A 98 -5.71 -8.48 0.21
CA THR A 98 -4.81 -9.41 -0.44
C THR A 98 -4.31 -8.82 -1.76
N VAL A 99 -3.03 -8.54 -1.84
CA VAL A 99 -2.40 -8.05 -3.05
C VAL A 99 -1.95 -9.21 -3.91
N THR A 100 -2.62 -9.39 -5.05
CA THR A 100 -2.25 -10.45 -5.97
C THR A 100 -1.53 -9.86 -7.17
N PHE A 101 -0.21 -10.07 -7.22
CA PHE A 101 0.58 -9.62 -8.36
C PHE A 101 0.63 -10.71 -9.43
N VAL A 102 -0.04 -10.47 -10.53
CA VAL A 102 -0.03 -11.40 -11.64
C VAL A 102 1.12 -11.08 -12.58
N ALA A 103 2.15 -11.91 -12.56
CA ALA A 103 3.34 -11.68 -13.38
C ALA A 103 3.04 -11.99 -14.84
N ASP A 104 3.35 -11.05 -15.70
CA ASP A 104 3.01 -11.18 -17.12
C ASP A 104 4.25 -11.00 -17.98
N GLY A 105 4.66 -12.07 -18.63
CA GLY A 105 5.81 -12.01 -19.52
C GLY A 105 7.10 -11.77 -18.77
N GLN A 106 7.67 -10.61 -18.99
CA GLN A 106 8.92 -10.25 -18.36
C GLN A 106 8.91 -8.77 -17.96
N LYS A 107 7.98 -8.02 -18.54
CA LYS A 107 7.90 -6.59 -18.28
C LYS A 107 6.46 -6.15 -17.98
N LYS A 108 5.64 -7.06 -17.49
CA LYS A 108 4.29 -6.68 -17.09
C LYS A 108 3.87 -7.40 -15.82
N THR A 109 3.00 -6.76 -15.05
CA THR A 109 2.42 -7.37 -13.87
C THR A 109 1.13 -6.65 -13.49
N ARG A 110 0.01 -7.34 -13.63
CA ARG A 110 -1.29 -6.79 -13.28
C ARG A 110 -1.67 -7.21 -11.88
N VAL A 111 -1.68 -6.28 -10.95
CA VAL A 111 -2.03 -6.58 -9.58
C VAL A 111 -3.53 -6.41 -9.37
N ASP A 112 -4.12 -7.34 -8.65
CA ASP A 112 -5.51 -7.24 -8.28
C ASP A 112 -5.63 -7.44 -6.78
N VAL A 113 -6.07 -6.39 -6.11
CA VAL A 113 -6.15 -6.37 -4.67
C VAL A 113 -7.58 -6.52 -4.20
N GLU A 114 -7.84 -7.55 -3.42
CA GLU A 114 -9.15 -7.76 -2.84
C GLU A 114 -9.16 -7.23 -1.41
N HIS A 115 -10.19 -6.47 -1.10
CA HIS A 115 -10.30 -5.79 0.18
C HIS A 115 -11.77 -5.62 0.54
N THR A 116 -12.23 -6.34 1.56
CA THR A 116 -13.63 -6.28 1.93
C THR A 116 -13.84 -6.84 3.33
N HIS A 117 -13.89 -5.96 4.32
CA HIS A 117 -14.09 -6.39 5.70
C HIS A 117 -14.52 -5.21 6.59
N PHE A 118 -13.57 -4.36 6.98
CA PHE A 118 -13.84 -3.37 8.00
C PHE A 118 -14.48 -2.09 7.43
N ASP A 119 -14.01 -1.65 6.26
CA ASP A 119 -14.56 -0.46 5.61
C ASP A 119 -15.90 -0.79 4.99
N ARG A 120 -16.01 -2.02 4.51
CA ARG A 120 -17.26 -2.61 4.05
C ARG A 120 -18.40 -2.41 5.05
N MET A 121 -18.06 -2.16 6.31
CA MET A 121 -19.06 -1.97 7.36
C MET A 121 -19.60 -0.54 7.35
N GLY A 122 -19.32 0.19 6.26
CA GLY A 122 -19.93 1.48 6.02
C GLY A 122 -19.82 2.46 7.17
N THR A 123 -20.75 3.42 7.20
CA THR A 123 -20.83 4.44 8.24
C THR A 123 -19.45 4.95 8.67
N LYS A 124 -19.19 5.00 9.98
CA LYS A 124 -17.92 5.47 10.52
C LYS A 124 -16.73 4.80 9.87
N HIS A 125 -16.81 3.48 9.67
CA HIS A 125 -15.75 2.70 9.04
C HIS A 125 -15.37 3.30 7.68
N ALA A 126 -16.36 3.50 6.83
CA ALA A 126 -16.11 4.01 5.50
C ALA A 126 -15.81 5.51 5.53
N LYS A 127 -16.41 6.20 6.50
CA LYS A 127 -16.16 7.63 6.70
C LYS A 127 -14.69 7.88 7.03
N ARG A 128 -14.20 7.18 8.04
CA ARG A 128 -12.81 7.32 8.49
C ARG A 128 -11.84 6.95 7.37
N VAL A 129 -12.24 6.01 6.52
CA VAL A 129 -11.43 5.65 5.35
C VAL A 129 -11.35 6.82 4.38
N ARG A 130 -12.49 7.49 4.16
CA ARG A 130 -12.56 8.61 3.21
C ARG A 130 -11.69 9.78 3.65
N ASN A 131 -11.28 9.78 4.92
CA ASN A 131 -10.44 10.85 5.49
C ASN A 131 -9.20 11.11 4.66
N GLY A 132 -8.78 10.14 3.85
CA GLY A 132 -7.59 10.33 3.04
C GLY A 132 -7.36 9.27 1.99
N MET A 133 -7.85 8.05 2.24
CA MET A 133 -7.64 6.93 1.32
C MET A 133 -8.25 7.24 -0.05
N ASP A 134 -9.44 7.83 -0.02
CA ASP A 134 -10.22 8.09 -1.24
C ASP A 134 -9.43 8.89 -2.29
N LYS A 135 -8.48 9.69 -1.84
CA LYS A 135 -7.66 10.47 -2.75
C LYS A 135 -6.24 9.91 -2.84
N GLY A 136 -5.65 9.63 -1.69
CA GLY A 136 -4.26 9.24 -1.63
C GLY A 136 -3.98 7.92 -2.31
N TRP A 137 -4.68 6.88 -1.90
CA TRP A 137 -4.38 5.52 -2.34
C TRP A 137 -4.50 5.37 -3.87
N PRO A 138 -5.61 5.79 -4.50
CA PRO A 138 -5.73 5.80 -5.96
C PRO A 138 -4.64 6.64 -6.63
N THR A 139 -4.35 7.81 -6.06
CA THR A 139 -3.33 8.68 -6.62
C THR A 139 -1.95 8.01 -6.50
N ILE A 140 -1.77 7.27 -5.42
CA ILE A 140 -0.57 6.49 -5.21
C ILE A 140 -0.36 5.52 -6.36
N LEU A 141 -1.43 4.83 -6.74
CA LEU A 141 -1.36 3.79 -7.76
C LEU A 141 -0.92 4.33 -9.12
N GLN A 142 -1.26 5.58 -9.40
CA GLN A 142 -0.88 6.20 -10.67
C GLN A 142 0.60 6.57 -10.67
N SER A 143 1.02 7.32 -9.67
CA SER A 143 2.43 7.68 -9.54
C SER A 143 3.28 6.44 -9.28
N PHE A 144 2.62 5.40 -8.77
CA PHE A 144 3.23 4.10 -8.57
C PHE A 144 3.71 3.54 -9.90
N GLN A 145 2.77 3.42 -10.84
CA GLN A 145 3.08 2.91 -12.18
C GLN A 145 4.06 3.82 -12.90
N ASP A 146 4.06 5.10 -12.53
CA ASP A 146 4.96 6.07 -13.15
C ASP A 146 6.41 5.84 -12.73
N LYS A 147 6.66 5.70 -11.43
CA LYS A 147 8.02 5.43 -10.96
C LYS A 147 8.46 4.04 -11.39
N ILE A 148 7.52 3.10 -11.42
CA ILE A 148 7.81 1.75 -11.89
C ILE A 148 8.12 1.75 -13.38
N ASP A 149 7.53 2.70 -14.10
CA ASP A 149 7.79 2.85 -15.53
C ASP A 149 9.24 3.22 -15.75
N GLU A 150 9.82 3.94 -14.79
CA GLU A 150 11.23 4.30 -14.79
C GLU A 150 12.09 3.06 -14.54
N GLU A 151 11.52 2.13 -13.78
CA GLU A 151 12.18 0.86 -13.49
C GLU A 151 12.03 -0.09 -14.67
N GLY A 152 11.00 0.15 -15.47
CA GLY A 152 10.79 -0.63 -16.68
C GLY A 152 11.33 0.08 -17.90
N ALA A 153 12.30 0.99 -17.64
CA ALA A 153 12.94 1.79 -18.68
C ALA A 153 11.99 2.88 -19.17
N LYS A 154 11.97 3.99 -18.45
CA LYS A 154 11.09 5.10 -18.75
C LYS A 154 11.59 5.85 -20.00
N LYS A 155 10.90 5.63 -21.11
CA LYS A 155 11.30 6.21 -22.38
C LYS A 155 10.07 6.61 -23.20
N ASN A 1 -14.03 2.07 -2.55
CA ASN A 1 -14.22 0.60 -2.47
C ASN A 1 -14.67 0.21 -1.07
N TYR A 2 -15.76 -0.55 -1.00
CA TYR A 2 -16.28 -1.09 0.27
C TYR A 2 -17.66 -1.68 0.04
N ASP A 3 -18.30 -1.20 -1.04
CA ASP A 3 -19.68 -1.59 -1.37
C ASP A 3 -19.83 -3.12 -1.33
N PRO A 4 -19.06 -3.88 -2.14
CA PRO A 4 -18.94 -5.31 -1.98
C PRO A 4 -17.68 -5.69 -1.21
N PHE A 5 -16.54 -5.33 -1.77
CA PHE A 5 -15.25 -5.53 -1.16
C PHE A 5 -14.31 -4.48 -1.73
N VAL A 6 -13.12 -4.38 -1.18
CA VAL A 6 -12.14 -3.43 -1.69
C VAL A 6 -11.25 -4.07 -2.76
N ARG A 7 -10.99 -3.32 -3.82
CA ARG A 7 -10.14 -3.80 -4.88
C ARG A 7 -9.13 -2.74 -5.30
N HIS A 8 -7.95 -3.19 -5.68
CA HIS A 8 -6.96 -2.30 -6.27
C HIS A 8 -6.44 -2.89 -7.57
N SER A 9 -6.36 -2.05 -8.59
CA SER A 9 -5.87 -2.50 -9.88
C SER A 9 -4.79 -1.57 -10.39
N VAL A 10 -3.59 -2.10 -10.47
CA VAL A 10 -2.45 -1.35 -11.00
C VAL A 10 -1.78 -2.12 -12.14
N THR A 11 -1.39 -1.40 -13.18
CA THR A 11 -0.63 -2.00 -14.27
C THR A 11 0.86 -1.73 -14.08
N VAL A 12 1.62 -2.80 -13.91
CA VAL A 12 3.04 -2.68 -13.65
C VAL A 12 3.86 -2.94 -14.93
N LYS A 13 4.67 -1.96 -15.29
CA LYS A 13 5.41 -1.96 -16.53
C LYS A 13 6.81 -2.60 -16.39
N ALA A 14 7.06 -3.30 -15.30
CA ALA A 14 8.43 -3.75 -15.03
C ALA A 14 8.49 -5.10 -14.33
N ASP A 15 7.48 -5.93 -14.53
CA ASP A 15 7.44 -7.31 -13.99
C ASP A 15 7.10 -7.33 -12.49
N ARG A 16 6.74 -8.52 -12.01
CA ARG A 16 6.20 -8.72 -10.67
C ARG A 16 7.25 -8.50 -9.58
N LYS A 17 8.47 -8.91 -9.86
CA LYS A 17 9.57 -8.76 -8.90
C LYS A 17 9.75 -7.30 -8.56
N THR A 18 9.80 -6.50 -9.59
CA THR A 18 10.00 -5.07 -9.47
C THR A 18 8.80 -4.41 -8.80
N ALA A 19 7.60 -4.89 -9.13
CA ALA A 19 6.38 -4.40 -8.50
C ALA A 19 6.45 -4.60 -6.99
N PHE A 20 6.82 -5.81 -6.58
CA PHE A 20 6.98 -6.14 -5.17
C PHE A 20 8.05 -5.27 -4.53
N LYS A 21 9.19 -5.13 -5.23
CA LYS A 21 10.29 -4.32 -4.73
C LYS A 21 9.85 -2.89 -4.49
N THR A 22 9.25 -2.27 -5.50
CA THR A 22 8.80 -0.89 -5.39
C THR A 22 7.72 -0.76 -4.32
N PHE A 23 6.72 -1.63 -4.37
CA PHE A 23 5.56 -1.54 -3.48
C PHE A 23 5.94 -1.71 -2.01
N LEU A 24 6.79 -2.68 -1.72
CA LEU A 24 7.10 -3.01 -0.33
C LEU A 24 8.44 -2.41 0.12
N GLU A 25 9.51 -2.74 -0.59
CA GLU A 25 10.86 -2.35 -0.17
C GLU A 25 11.31 -1.07 -0.86
N GLY A 26 10.35 -0.37 -1.45
CA GLY A 26 10.61 0.93 -2.03
C GLY A 26 9.64 1.94 -1.47
N PHE A 27 9.14 1.63 -0.29
CA PHE A 27 8.05 2.38 0.33
C PHE A 27 8.34 3.89 0.41
N PRO A 28 9.53 4.33 0.86
CA PRO A 28 9.84 5.76 0.97
C PRO A 28 10.55 6.37 -0.25
N GLU A 29 10.47 5.72 -1.42
CA GLU A 29 11.18 6.25 -2.60
C GLU A 29 10.22 6.79 -3.66
N TRP A 30 8.92 6.59 -3.47
CA TRP A 30 7.93 7.00 -4.46
C TRP A 30 7.74 8.52 -4.45
N TRP A 31 7.04 9.01 -5.45
CA TRP A 31 6.74 10.44 -5.59
C TRP A 31 5.42 10.87 -4.90
N PRO A 32 4.39 9.99 -4.77
CA PRO A 32 3.08 10.38 -4.18
C PRO A 32 3.14 10.73 -2.69
N ASN A 33 2.17 10.25 -1.92
CA ASN A 33 2.02 10.63 -0.50
C ASN A 33 3.28 10.32 0.28
N ASN A 34 3.90 9.22 -0.08
CA ASN A 34 4.99 8.64 0.68
C ASN A 34 6.35 9.20 0.27
N PHE A 35 6.36 10.38 -0.32
CA PHE A 35 7.59 11.06 -0.68
C PHE A 35 8.12 11.89 0.50
N ARG A 36 7.23 12.18 1.44
CA ARG A 36 7.54 13.11 2.53
C ARG A 36 8.19 12.41 3.73
N THR A 37 8.49 13.19 4.77
CA THR A 37 9.07 12.69 6.00
C THR A 37 7.99 12.54 7.08
N THR A 38 8.04 11.44 7.82
CA THR A 38 7.04 11.09 8.84
C THR A 38 5.62 11.20 8.28
N LYS A 39 5.52 10.97 6.98
CA LYS A 39 4.26 11.08 6.24
C LYS A 39 3.29 9.99 6.65
N VAL A 40 3.58 8.76 6.28
CA VAL A 40 2.82 7.63 6.75
C VAL A 40 3.56 7.01 7.91
N GLY A 41 4.79 7.43 8.04
CA GLY A 41 5.63 7.06 9.13
C GLY A 41 6.88 7.90 9.15
N ALA A 42 7.54 7.97 7.97
CA ALA A 42 8.89 8.60 7.82
C ALA A 42 9.69 7.97 6.66
N PRO A 43 10.98 8.35 6.49
CA PRO A 43 11.90 7.63 5.60
C PRO A 43 12.35 6.28 6.15
N LEU A 44 11.46 5.30 6.10
CA LEU A 44 11.82 3.91 6.41
C LEU A 44 11.00 2.96 5.54
N GLY A 45 9.81 2.58 5.99
CA GLY A 45 8.91 1.86 5.13
C GLY A 45 8.26 0.67 5.78
N VAL A 46 8.87 -0.48 5.63
CA VAL A 46 8.24 -1.74 5.97
C VAL A 46 9.19 -2.64 6.79
N ASP A 47 8.59 -3.43 7.68
CA ASP A 47 9.29 -4.45 8.44
C ASP A 47 9.21 -5.76 7.69
N LYS A 48 10.34 -6.20 7.17
CA LYS A 48 10.41 -7.40 6.34
C LYS A 48 10.43 -8.67 7.19
N LYS A 49 10.92 -8.55 8.42
CA LYS A 49 11.15 -9.73 9.26
C LYS A 49 9.84 -10.33 9.79
N GLY A 50 8.89 -9.48 10.14
CA GLY A 50 7.62 -9.96 10.64
C GLY A 50 6.48 -9.57 9.75
N GLY A 51 6.50 -8.35 9.26
CA GLY A 51 5.46 -7.87 8.39
C GLY A 51 4.71 -6.69 8.97
N ARG A 52 5.37 -5.55 9.01
CA ARG A 52 4.75 -4.31 9.50
C ARG A 52 5.06 -3.16 8.55
N TRP A 53 4.23 -2.13 8.58
CA TRP A 53 4.59 -0.89 7.90
C TRP A 53 4.81 0.19 8.94
N TYR A 54 6.03 0.71 9.01
CA TYR A 54 6.36 1.73 9.99
C TYR A 54 7.64 2.45 9.59
N GLU A 55 7.78 3.67 10.05
CA GLU A 55 8.96 4.44 9.74
C GLU A 55 9.44 5.22 10.96
N ILE A 56 10.60 5.86 10.85
CA ILE A 56 11.24 6.49 11.99
C ILE A 56 10.59 7.84 12.31
N ASP A 57 9.70 7.86 13.30
CA ASP A 57 9.11 9.13 13.74
C ASP A 57 9.88 9.66 14.95
N GLU A 58 9.55 10.87 15.37
CA GLU A 58 10.35 11.62 16.34
C GLU A 58 10.56 10.90 17.68
N GLN A 59 9.52 10.25 18.19
CA GLN A 59 9.62 9.61 19.51
C GLN A 59 10.31 8.24 19.43
N GLY A 60 10.82 7.88 18.27
CA GLY A 60 11.65 6.70 18.17
C GLY A 60 10.94 5.49 17.60
N GLU A 61 10.90 5.41 16.26
CA GLU A 61 10.50 4.20 15.53
C GLU A 61 9.12 3.66 15.92
N GLU A 62 8.22 4.55 16.31
CA GLU A 62 6.88 4.12 16.67
C GLU A 62 5.82 4.89 15.92
N HIS A 63 5.42 4.32 14.79
CA HIS A 63 4.35 4.88 13.97
C HIS A 63 3.23 3.87 13.82
N THR A 64 2.08 4.37 13.35
CA THR A 64 0.98 3.50 12.97
C THR A 64 1.46 2.33 12.10
N PHE A 65 1.52 1.15 12.69
CA PHE A 65 2.10 0.00 12.01
C PHE A 65 1.06 -0.78 11.23
N GLY A 66 1.25 -0.84 9.91
CA GLY A 66 0.41 -1.66 9.07
C GLY A 66 0.62 -3.13 9.37
N LEU A 67 -0.46 -3.89 9.42
CA LEU A 67 -0.37 -5.27 9.90
C LEU A 67 -0.36 -6.25 8.73
N ILE A 68 0.83 -6.64 8.28
CA ILE A 68 0.93 -7.58 7.18
C ILE A 68 0.64 -9.00 7.67
N ARG A 69 -0.34 -9.61 7.04
CA ARG A 69 -0.76 -10.96 7.39
C ARG A 69 0.08 -11.96 6.60
N LYS A 70 0.44 -11.60 5.37
CA LYS A 70 1.26 -12.45 4.52
C LYS A 70 2.17 -11.64 3.62
N VAL A 71 3.47 -11.87 3.75
CA VAL A 71 4.44 -11.38 2.78
C VAL A 71 4.87 -12.53 1.89
N ASP A 72 4.18 -12.69 0.76
CA ASP A 72 4.42 -13.85 -0.08
C ASP A 72 5.23 -13.48 -1.31
N GLU A 73 6.47 -13.03 -1.06
CA GLU A 73 7.44 -12.70 -2.11
C GLU A 73 6.83 -11.84 -3.24
N PRO A 74 7.54 -11.63 -4.37
CA PRO A 74 6.91 -11.05 -5.56
C PRO A 74 5.76 -11.92 -6.09
N ASP A 75 4.63 -11.85 -5.39
CA ASP A 75 3.44 -12.59 -5.75
C ASP A 75 2.23 -11.97 -5.07
N THR A 76 2.18 -12.07 -3.73
CA THR A 76 1.04 -11.54 -2.99
C THR A 76 1.44 -10.95 -1.64
N LEU A 77 0.79 -9.86 -1.26
CA LEU A 77 1.00 -9.22 0.04
C LEU A 77 -0.35 -8.95 0.68
N VAL A 78 -0.62 -9.58 1.80
CA VAL A 78 -1.85 -9.35 2.52
C VAL A 78 -1.58 -8.50 3.75
N ILE A 79 -2.04 -7.26 3.73
CA ILE A 79 -1.77 -6.36 4.85
C ILE A 79 -3.07 -5.70 5.34
N GLY A 80 -3.18 -5.56 6.66
CA GLY A 80 -4.36 -4.98 7.28
C GLY A 80 -4.19 -3.50 7.56
N TRP A 81 -5.34 -2.82 7.75
CA TRP A 81 -5.41 -1.36 7.73
C TRP A 81 -4.64 -0.69 8.86
N ARG A 82 -4.30 0.57 8.62
CA ARG A 82 -3.60 1.39 9.58
C ARG A 82 -3.50 2.80 9.04
N LEU A 83 -4.54 3.19 8.29
CA LEU A 83 -4.69 4.54 7.77
C LEU A 83 -3.66 4.84 6.67
N ASN A 84 -3.02 6.01 6.74
CA ASN A 84 -2.10 6.47 5.72
C ASN A 84 -1.30 7.66 6.22
N GLY A 85 -1.86 8.87 6.05
CA GLY A 85 -1.13 10.09 6.33
C GLY A 85 -1.04 10.42 7.81
N PHE A 86 -1.42 9.48 8.66
CA PHE A 86 -1.32 9.61 10.12
C PHE A 86 -2.31 10.63 10.71
N GLY A 87 -2.45 11.77 10.05
CA GLY A 87 -3.32 12.82 10.55
C GLY A 87 -4.79 12.57 10.24
N ARG A 88 -5.19 11.32 10.33
CA ARG A 88 -6.57 10.90 10.10
C ARG A 88 -6.97 9.93 11.21
N ILE A 89 -8.15 9.36 11.12
CA ILE A 89 -8.63 8.47 12.16
C ILE A 89 -8.73 7.02 11.64
N ASP A 90 -8.21 6.07 12.42
CA ASP A 90 -8.22 4.66 12.08
C ASP A 90 -8.10 3.80 13.34
N PRO A 91 -9.19 3.14 13.73
CA PRO A 91 -9.19 2.07 14.71
C PRO A 91 -9.49 0.74 14.04
N ASP A 92 -9.32 0.72 12.72
CA ASP A 92 -9.95 -0.28 11.89
C ASP A 92 -9.18 -1.60 11.93
N ASN A 93 -8.07 -1.62 11.21
CA ASN A 93 -7.12 -2.75 11.25
C ASN A 93 -7.61 -3.96 10.45
N SER A 94 -8.90 -4.27 10.56
CA SER A 94 -9.45 -5.45 9.91
C SER A 94 -9.67 -5.21 8.41
N SER A 95 -9.48 -3.98 7.97
CA SER A 95 -9.45 -3.67 6.55
C SER A 95 -8.20 -4.32 5.93
N GLU A 96 -8.30 -5.62 5.75
CA GLU A 96 -7.21 -6.44 5.26
C GLU A 96 -7.35 -6.70 3.76
N PHE A 97 -6.33 -6.34 3.00
CA PHE A 97 -6.37 -6.52 1.56
C PHE A 97 -5.23 -7.42 1.08
N THR A 98 -5.57 -8.26 0.12
CA THR A 98 -4.62 -9.15 -0.50
C THR A 98 -4.17 -8.56 -1.83
N VAL A 99 -2.91 -8.15 -1.88
CA VAL A 99 -2.34 -7.61 -3.11
C VAL A 99 -1.91 -8.76 -4.00
N THR A 100 -2.64 -8.98 -5.09
CA THR A 100 -2.33 -10.07 -5.99
C THR A 100 -1.63 -9.56 -7.24
N PHE A 101 -0.35 -9.81 -7.32
CA PHE A 101 0.41 -9.46 -8.51
C PHE A 101 0.34 -10.60 -9.52
N VAL A 102 -0.31 -10.33 -10.65
CA VAL A 102 -0.39 -11.29 -11.73
C VAL A 102 0.68 -10.98 -12.77
N ALA A 103 1.68 -11.84 -12.86
CA ALA A 103 2.81 -11.61 -13.74
C ALA A 103 2.43 -11.90 -15.19
N ASP A 104 2.64 -10.91 -16.04
CA ASP A 104 2.37 -11.04 -17.45
C ASP A 104 3.68 -11.14 -18.21
N GLY A 105 4.05 -12.36 -18.55
CA GLY A 105 5.32 -12.57 -19.23
C GLY A 105 6.49 -12.43 -18.28
N GLN A 106 7.29 -11.41 -18.50
CA GLN A 106 8.46 -11.16 -17.67
C GLN A 106 8.74 -9.67 -17.54
N LYS A 107 7.86 -8.85 -18.10
CA LYS A 107 8.02 -7.39 -18.02
C LYS A 107 6.75 -6.69 -17.60
N LYS A 108 5.63 -7.40 -17.58
CA LYS A 108 4.35 -6.79 -17.24
C LYS A 108 3.75 -7.49 -16.04
N THR A 109 2.94 -6.78 -15.27
CA THR A 109 2.24 -7.36 -14.13
C THR A 109 1.02 -6.54 -13.76
N ARG A 110 -0.14 -7.16 -13.83
CA ARG A 110 -1.36 -6.54 -13.36
C ARG A 110 -1.63 -6.96 -11.93
N VAL A 111 -1.77 -6.00 -11.03
CA VAL A 111 -2.11 -6.33 -9.66
C VAL A 111 -3.60 -6.14 -9.43
N ASP A 112 -4.20 -7.10 -8.77
CA ASP A 112 -5.57 -7.00 -8.36
C ASP A 112 -5.68 -7.29 -6.87
N VAL A 113 -6.10 -6.28 -6.13
CA VAL A 113 -6.26 -6.41 -4.70
C VAL A 113 -7.67 -6.87 -4.38
N GLU A 114 -7.75 -8.00 -3.70
CA GLU A 114 -9.00 -8.46 -3.14
C GLU A 114 -8.98 -8.23 -1.65
N HIS A 115 -10.07 -7.73 -1.14
CA HIS A 115 -10.12 -7.28 0.24
C HIS A 115 -11.31 -7.91 0.95
N THR A 116 -11.17 -8.04 2.26
CA THR A 116 -12.28 -8.40 3.12
C THR A 116 -13.37 -7.30 3.10
N HIS A 117 -14.13 -7.20 4.17
CA HIS A 117 -15.32 -6.35 4.20
C HIS A 117 -15.54 -5.67 5.54
N PHE A 118 -14.47 -5.25 6.23
CA PHE A 118 -14.63 -4.49 7.47
C PHE A 118 -15.14 -3.08 7.14
N ASP A 119 -14.66 -2.55 6.02
CA ASP A 119 -15.07 -1.24 5.51
C ASP A 119 -16.50 -1.29 5.00
N ARG A 120 -16.89 -2.48 4.53
CA ARG A 120 -18.21 -2.70 3.92
C ARG A 120 -19.34 -2.27 4.85
N MET A 121 -19.05 -2.18 6.14
CA MET A 121 -20.03 -1.72 7.13
C MET A 121 -20.38 -0.25 6.88
N GLY A 122 -19.69 0.35 5.91
CA GLY A 122 -20.05 1.66 5.40
C GLY A 122 -20.21 2.69 6.49
N THR A 123 -21.21 3.55 6.31
CA THR A 123 -21.58 4.56 7.28
C THR A 123 -20.36 5.25 7.90
N LYS A 124 -20.14 5.01 9.17
CA LYS A 124 -19.08 5.65 9.92
C LYS A 124 -17.73 5.02 9.60
N HIS A 125 -17.70 3.70 9.47
CA HIS A 125 -16.45 2.99 9.19
C HIS A 125 -15.86 3.45 7.87
N ALA A 126 -16.66 3.40 6.82
CA ALA A 126 -16.18 3.72 5.49
C ALA A 126 -15.89 5.21 5.37
N LYS A 127 -16.67 6.04 6.06
CA LYS A 127 -16.46 7.48 6.01
C LYS A 127 -15.16 7.87 6.71
N ARG A 128 -14.99 7.38 7.94
CA ARG A 128 -13.85 7.79 8.76
C ARG A 128 -12.53 7.30 8.17
N VAL A 129 -12.58 6.14 7.52
CA VAL A 129 -11.40 5.57 6.86
C VAL A 129 -11.15 6.26 5.52
N ARG A 130 -12.23 6.72 4.89
CA ARG A 130 -12.15 7.37 3.59
C ARG A 130 -11.22 8.57 3.63
N ASN A 131 -11.19 9.27 4.77
CA ASN A 131 -10.33 10.44 4.93
C ASN A 131 -8.87 10.05 4.83
N GLY A 132 -8.58 8.80 5.13
CA GLY A 132 -7.22 8.37 5.21
C GLY A 132 -6.61 8.05 3.87
N MET A 133 -6.43 6.77 3.60
CA MET A 133 -5.69 6.34 2.43
C MET A 133 -6.54 6.40 1.17
N ASP A 134 -7.85 6.50 1.33
CA ASP A 134 -8.76 6.48 0.17
C ASP A 134 -8.50 7.67 -0.76
N LYS A 135 -7.97 8.75 -0.23
CA LYS A 135 -7.68 9.94 -1.02
C LYS A 135 -6.25 9.89 -1.59
N GLY A 136 -5.36 9.24 -0.86
CA GLY A 136 -3.97 9.22 -1.21
C GLY A 136 -3.59 8.01 -2.03
N TRP A 137 -4.26 6.89 -1.77
CA TRP A 137 -3.97 5.63 -2.45
C TRP A 137 -4.11 5.76 -3.96
N PRO A 138 -5.21 6.36 -4.48
CA PRO A 138 -5.35 6.62 -5.92
C PRO A 138 -4.23 7.52 -6.45
N THR A 139 -3.76 8.43 -5.59
CA THR A 139 -2.64 9.29 -5.93
C THR A 139 -1.35 8.47 -5.95
N ILE A 140 -1.25 7.62 -4.94
CA ILE A 140 -0.13 6.72 -4.77
C ILE A 140 -0.03 5.73 -5.93
N LEU A 141 -1.12 5.02 -6.22
CA LEU A 141 -1.11 3.96 -7.23
C LEU A 141 -0.72 4.49 -8.60
N GLN A 142 -1.12 5.72 -8.91
CA GLN A 142 -0.79 6.31 -10.20
C GLN A 142 0.71 6.57 -10.30
N SER A 143 1.24 7.28 -9.31
CA SER A 143 2.67 7.57 -9.28
C SER A 143 3.49 6.31 -9.04
N PHE A 144 2.84 5.31 -8.42
CA PHE A 144 3.45 4.02 -8.17
C PHE A 144 3.73 3.32 -9.50
N GLN A 145 2.70 3.28 -10.34
CA GLN A 145 2.80 2.68 -11.66
C GLN A 145 3.88 3.36 -12.49
N ASP A 146 3.94 4.68 -12.42
CA ASP A 146 4.91 5.42 -13.21
C ASP A 146 6.31 5.30 -12.64
N LYS A 147 6.46 5.29 -11.32
CA LYS A 147 7.75 5.05 -10.69
C LYS A 147 8.29 3.71 -11.16
N ILE A 148 7.41 2.71 -11.19
CA ILE A 148 7.76 1.39 -11.69
C ILE A 148 8.18 1.44 -13.16
N ASP A 149 7.40 2.17 -13.95
CA ASP A 149 7.68 2.33 -15.37
C ASP A 149 9.03 3.02 -15.57
N GLU A 150 9.38 3.89 -14.62
CA GLU A 150 10.67 4.56 -14.63
C GLU A 150 11.77 3.56 -14.31
N GLU A 151 11.49 2.67 -13.37
CA GLU A 151 12.43 1.64 -12.95
C GLU A 151 12.74 0.72 -14.12
N GLY A 152 11.69 0.35 -14.85
CA GLY A 152 11.88 -0.45 -16.04
C GLY A 152 12.56 0.33 -17.13
N ALA A 153 11.83 1.27 -17.73
CA ALA A 153 12.36 2.11 -18.79
C ALA A 153 11.35 3.16 -19.24
N LYS A 154 11.26 4.25 -18.49
CA LYS A 154 10.46 5.40 -18.92
C LYS A 154 11.38 6.43 -19.56
N LYS A 155 12.65 6.37 -19.18
CA LYS A 155 13.65 7.31 -19.64
C LYS A 155 14.85 6.55 -20.18
N ASN A 1 -15.84 2.65 -3.75
CA ASN A 1 -15.51 1.26 -3.37
C ASN A 1 -15.33 1.13 -1.86
N TYR A 2 -16.20 0.35 -1.24
CA TYR A 2 -16.10 0.00 0.18
C TYR A 2 -17.23 -0.95 0.57
N ASP A 3 -18.37 -0.83 -0.11
CA ASP A 3 -19.54 -1.65 0.20
C ASP A 3 -19.30 -3.13 -0.09
N PRO A 4 -18.78 -3.50 -1.27
CA PRO A 4 -18.35 -4.87 -1.52
C PRO A 4 -16.90 -5.06 -1.09
N PHE A 5 -16.01 -4.43 -1.83
CA PHE A 5 -14.60 -4.45 -1.52
C PHE A 5 -13.93 -3.21 -2.10
N VAL A 6 -12.80 -2.81 -1.56
CA VAL A 6 -11.98 -1.79 -2.20
C VAL A 6 -10.88 -2.50 -3.01
N ARG A 7 -10.94 -2.39 -4.34
CA ARG A 7 -10.02 -3.14 -5.17
C ARG A 7 -8.91 -2.26 -5.73
N HIS A 8 -7.75 -2.86 -5.88
CA HIS A 8 -6.59 -2.21 -6.47
C HIS A 8 -6.28 -2.87 -7.80
N SER A 9 -6.08 -2.08 -8.84
CA SER A 9 -5.74 -2.63 -10.14
C SER A 9 -4.68 -1.76 -10.80
N VAL A 10 -3.54 -2.37 -11.09
CA VAL A 10 -2.41 -1.66 -11.69
C VAL A 10 -1.68 -2.54 -12.68
N THR A 11 -1.40 -2.00 -13.85
CA THR A 11 -0.55 -2.68 -14.82
C THR A 11 0.88 -2.17 -14.67
N VAL A 12 1.77 -3.06 -14.28
CA VAL A 12 3.17 -2.73 -14.07
C VAL A 12 4.00 -3.05 -15.32
N LYS A 13 4.95 -2.17 -15.63
CA LYS A 13 5.72 -2.28 -16.87
C LYS A 13 7.14 -2.81 -16.64
N ALA A 14 7.35 -3.56 -15.55
CA ALA A 14 8.68 -4.07 -15.25
C ALA A 14 8.65 -5.33 -14.38
N ASP A 15 7.63 -6.17 -14.59
CA ASP A 15 7.56 -7.49 -13.95
C ASP A 15 7.22 -7.38 -12.45
N ARG A 16 6.87 -8.52 -11.87
CA ARG A 16 6.39 -8.60 -10.49
C ARG A 16 7.50 -8.29 -9.49
N LYS A 17 8.75 -8.49 -9.92
CA LYS A 17 9.90 -8.18 -9.06
C LYS A 17 9.90 -6.71 -8.67
N THR A 18 9.73 -5.83 -9.65
CA THR A 18 9.72 -4.40 -9.39
C THR A 18 8.41 -4.00 -8.72
N ALA A 19 7.32 -4.63 -9.14
CA ALA A 19 6.01 -4.34 -8.58
C ALA A 19 6.00 -4.53 -7.07
N PHE A 20 6.56 -5.65 -6.61
CA PHE A 20 6.66 -5.93 -5.18
C PHE A 20 7.68 -5.02 -4.52
N LYS A 21 8.86 -4.93 -5.13
CA LYS A 21 9.95 -4.10 -4.61
C LYS A 21 9.46 -2.68 -4.38
N THR A 22 8.86 -2.09 -5.40
CA THR A 22 8.39 -0.74 -5.32
C THR A 22 7.24 -0.59 -4.32
N PHE A 23 6.23 -1.45 -4.44
CA PHE A 23 5.01 -1.32 -3.63
C PHE A 23 5.29 -1.48 -2.13
N LEU A 24 6.20 -2.38 -1.79
CA LEU A 24 6.41 -2.70 -0.39
C LEU A 24 7.74 -2.17 0.14
N GLU A 25 8.83 -2.49 -0.54
CA GLU A 25 10.15 -2.13 -0.07
C GLU A 25 10.48 -0.68 -0.38
N GLY A 26 9.89 -0.18 -1.45
CA GLY A 26 10.15 1.18 -1.89
C GLY A 26 9.06 2.12 -1.49
N PHE A 27 8.42 1.81 -0.36
CA PHE A 27 7.28 2.58 0.15
C PHE A 27 7.54 4.09 0.14
N PRO A 28 8.71 4.57 0.64
CA PRO A 28 9.02 5.99 0.65
C PRO A 28 9.91 6.46 -0.50
N GLU A 29 9.99 5.69 -1.58
CA GLU A 29 10.85 6.07 -2.70
C GLU A 29 10.04 6.60 -3.88
N TRP A 30 8.72 6.55 -3.76
CA TRP A 30 7.87 6.96 -4.86
C TRP A 30 7.72 8.49 -4.92
N TRP A 31 6.83 8.94 -5.78
CA TRP A 31 6.53 10.37 -5.94
C TRP A 31 5.21 10.82 -5.26
N PRO A 32 4.18 9.93 -5.07
CA PRO A 32 2.87 10.36 -4.56
C PRO A 32 2.86 10.73 -3.07
N ASN A 33 1.75 10.39 -2.40
CA ASN A 33 1.45 10.83 -1.03
C ASN A 33 2.51 10.41 0.00
N ASN A 34 3.38 9.48 -0.37
CA ASN A 34 4.36 8.92 0.57
C ASN A 34 5.51 9.88 0.83
N PHE A 35 5.60 10.94 0.03
CA PHE A 35 6.73 11.87 0.15
C PHE A 35 6.53 12.81 1.35
N ARG A 36 6.63 12.24 2.54
CA ARG A 36 6.43 12.98 3.78
C ARG A 36 7.29 12.39 4.90
N THR A 37 7.69 13.22 5.84
CA THR A 37 8.44 12.74 6.99
C THR A 37 7.49 12.30 8.10
N THR A 38 7.62 11.04 8.51
CA THR A 38 6.91 10.48 9.67
C THR A 38 5.39 10.61 9.57
N LYS A 39 4.92 10.88 8.37
CA LYS A 39 3.49 10.87 8.09
C LYS A 39 3.16 9.59 7.34
N VAL A 40 3.99 9.32 6.35
CA VAL A 40 3.98 8.07 5.62
C VAL A 40 5.37 7.86 5.00
N GLY A 41 5.93 6.68 5.20
CA GLY A 41 7.19 6.37 4.58
C GLY A 41 8.38 6.55 5.50
N ALA A 42 8.73 7.80 5.79
CA ALA A 42 9.98 8.12 6.48
C ALA A 42 11.16 7.41 5.79
N PRO A 43 12.36 7.30 6.41
CA PRO A 43 13.44 6.48 5.84
C PRO A 43 13.16 4.97 5.91
N LEU A 44 11.91 4.57 6.14
CA LEU A 44 11.58 3.15 6.27
C LEU A 44 10.43 2.74 5.35
N GLY A 45 9.20 2.79 5.86
CA GLY A 45 8.05 2.45 5.05
C GLY A 45 7.41 1.14 5.47
N VAL A 46 8.04 0.03 5.13
CA VAL A 46 7.49 -1.29 5.41
C VAL A 46 8.59 -2.25 5.86
N ASP A 47 8.31 -3.02 6.90
CA ASP A 47 9.28 -3.96 7.46
C ASP A 47 8.95 -5.39 7.04
N LYS A 48 9.93 -6.07 6.45
CA LYS A 48 9.73 -7.42 5.91
C LYS A 48 9.82 -8.48 7.01
N LYS A 49 10.50 -8.16 8.09
CA LYS A 49 10.81 -9.13 9.13
C LYS A 49 9.63 -9.27 10.10
N GLY A 50 9.26 -8.17 10.71
CA GLY A 50 8.15 -8.17 11.64
C GLY A 50 6.83 -8.18 10.90
N GLY A 51 6.85 -7.71 9.67
CA GLY A 51 5.67 -7.73 8.84
C GLY A 51 4.74 -6.60 9.19
N ARG A 52 5.19 -5.37 9.01
CA ARG A 52 4.36 -4.22 9.33
C ARG A 52 4.78 -2.99 8.54
N TRP A 53 3.79 -2.19 8.16
CA TRP A 53 4.04 -0.92 7.48
C TRP A 53 4.23 0.16 8.54
N TYR A 54 5.42 0.72 8.64
CA TYR A 54 5.66 1.76 9.63
C TYR A 54 6.92 2.55 9.30
N GLU A 55 7.12 3.63 10.03
CA GLU A 55 8.17 4.58 9.74
C GLU A 55 8.98 4.80 10.99
N ILE A 56 9.99 5.64 10.97
CA ILE A 56 10.68 5.99 12.20
C ILE A 56 10.49 7.46 12.53
N ASP A 57 9.61 7.74 13.48
CA ASP A 57 9.43 9.10 13.96
C ASP A 57 10.36 9.37 15.13
N GLU A 58 10.92 10.57 15.14
CA GLU A 58 12.07 10.87 15.97
C GLU A 58 11.72 11.11 17.43
N GLN A 59 10.45 11.12 17.77
CA GLN A 59 10.08 11.21 19.18
C GLN A 59 10.24 9.85 19.87
N GLY A 60 10.54 8.82 19.07
CA GLY A 60 10.80 7.50 19.62
C GLY A 60 9.79 6.45 19.17
N GLU A 61 9.56 6.40 17.87
CA GLU A 61 8.75 5.35 17.24
C GLU A 61 7.31 5.29 17.76
N GLU A 62 6.46 6.20 17.30
CA GLU A 62 5.02 6.10 17.55
C GLU A 62 4.24 6.30 16.25
N HIS A 63 4.30 5.29 15.40
CA HIS A 63 3.62 5.31 14.10
C HIS A 63 2.62 4.17 14.02
N THR A 64 1.59 4.33 13.20
CA THR A 64 0.66 3.25 12.93
C THR A 64 1.41 2.12 12.20
N PHE A 65 0.99 0.87 12.39
CA PHE A 65 1.67 -0.23 11.72
C PHE A 65 0.69 -1.05 10.89
N GLY A 66 1.03 -1.24 9.63
CA GLY A 66 0.20 -2.00 8.73
C GLY A 66 0.20 -3.46 9.10
N LEU A 67 -0.96 -4.07 9.09
CA LEU A 67 -1.10 -5.44 9.56
C LEU A 67 -0.72 -6.42 8.47
N ILE A 68 0.55 -6.75 8.37
CA ILE A 68 0.96 -7.71 7.36
C ILE A 68 0.84 -9.12 7.92
N ARG A 69 -0.04 -9.88 7.31
CA ARG A 69 -0.27 -11.25 7.70
C ARG A 69 0.26 -12.21 6.65
N LYS A 70 0.62 -11.65 5.50
CA LYS A 70 1.29 -12.43 4.46
C LYS A 70 2.30 -11.59 3.70
N VAL A 71 3.58 -11.89 3.91
CA VAL A 71 4.63 -11.36 3.04
C VAL A 71 5.05 -12.47 2.09
N ASP A 72 4.40 -12.56 0.94
CA ASP A 72 4.69 -13.62 0.00
C ASP A 72 5.48 -13.11 -1.18
N GLU A 73 6.67 -12.54 -0.88
CA GLU A 73 7.64 -12.06 -1.88
C GLU A 73 6.94 -11.36 -3.07
N PRO A 74 7.59 -11.19 -4.25
CA PRO A 74 6.85 -10.77 -5.45
C PRO A 74 5.80 -11.80 -5.86
N ASP A 75 4.64 -11.75 -5.21
CA ASP A 75 3.52 -12.60 -5.55
C ASP A 75 2.25 -12.11 -4.87
N THR A 76 2.17 -12.24 -3.54
CA THR A 76 0.94 -11.91 -2.82
C THR A 76 1.19 -11.34 -1.42
N LEU A 77 0.55 -10.22 -1.11
CA LEU A 77 0.71 -9.60 0.21
C LEU A 77 -0.64 -9.43 0.88
N VAL A 78 -0.79 -9.95 2.09
CA VAL A 78 -2.00 -9.71 2.88
C VAL A 78 -1.73 -8.68 3.96
N ILE A 79 -2.32 -7.50 3.77
CA ILE A 79 -2.07 -6.35 4.64
C ILE A 79 -3.38 -5.74 5.15
N GLY A 80 -3.48 -5.58 6.47
CA GLY A 80 -4.63 -4.93 7.09
C GLY A 80 -4.41 -3.43 7.26
N TRP A 81 -5.48 -2.69 7.50
CA TRP A 81 -5.44 -1.24 7.39
C TRP A 81 -4.51 -0.57 8.41
N ARG A 82 -4.15 0.67 8.11
CA ARG A 82 -3.20 1.45 8.90
C ARG A 82 -3.41 2.95 8.64
N LEU A 83 -4.11 3.23 7.54
CA LEU A 83 -4.43 4.60 7.11
C LEU A 83 -3.25 5.26 6.42
N ASN A 84 -3.54 6.27 5.60
CA ASN A 84 -2.55 6.95 4.78
C ASN A 84 -2.68 8.45 4.92
N GLY A 85 -1.56 9.16 4.83
CA GLY A 85 -1.60 10.60 4.79
C GLY A 85 -1.70 11.25 6.16
N PHE A 86 -1.72 10.44 7.20
CA PHE A 86 -1.79 10.96 8.57
C PHE A 86 -1.87 9.81 9.58
N GLY A 87 -1.65 10.13 10.84
CA GLY A 87 -1.88 9.19 11.91
C GLY A 87 -3.27 9.39 12.47
N ARG A 88 -4.26 9.05 11.64
CA ARG A 88 -5.64 9.41 11.92
C ARG A 88 -6.37 8.24 12.58
N ILE A 89 -7.65 8.43 12.87
CA ILE A 89 -8.47 7.38 13.45
C ILE A 89 -8.40 6.12 12.58
N ASP A 90 -7.98 5.03 13.20
CA ASP A 90 -7.75 3.78 12.49
C ASP A 90 -8.57 2.64 13.06
N PRO A 91 -9.00 1.71 12.21
CA PRO A 91 -9.58 0.44 12.64
C PRO A 91 -8.49 -0.56 13.04
N ASP A 92 -7.53 -0.75 12.13
CA ASP A 92 -6.35 -1.59 12.35
C ASP A 92 -6.69 -2.92 13.03
N ASN A 93 -7.77 -3.55 12.58
CA ASN A 93 -8.15 -4.87 13.12
C ASN A 93 -8.66 -5.72 11.97
N SER A 94 -9.09 -5.05 10.93
CA SER A 94 -9.49 -5.67 9.69
C SER A 94 -9.24 -4.68 8.56
N SER A 95 -10.13 -4.64 7.58
CA SER A 95 -9.92 -3.80 6.39
C SER A 95 -8.64 -4.27 5.70
N GLU A 96 -8.46 -5.57 5.72
CA GLU A 96 -7.32 -6.23 5.10
C GLU A 96 -7.50 -6.25 3.58
N PHE A 97 -6.40 -6.11 2.88
CA PHE A 97 -6.42 -6.24 1.43
C PHE A 97 -5.32 -7.15 0.96
N THR A 98 -5.68 -8.08 0.10
CA THR A 98 -4.74 -9.03 -0.46
C THR A 98 -4.23 -8.52 -1.80
N VAL A 99 -2.96 -8.21 -1.86
CA VAL A 99 -2.34 -7.77 -3.08
C VAL A 99 -1.98 -8.97 -3.93
N THR A 100 -2.72 -9.16 -5.01
CA THR A 100 -2.45 -10.24 -5.93
C THR A 100 -1.71 -9.73 -7.14
N PHE A 101 -0.42 -10.01 -7.22
CA PHE A 101 0.37 -9.62 -8.36
C PHE A 101 0.33 -10.71 -9.42
N VAL A 102 -0.34 -10.43 -10.53
CA VAL A 102 -0.38 -11.37 -11.63
C VAL A 102 0.82 -11.13 -12.54
N ALA A 103 1.78 -12.04 -12.47
CA ALA A 103 3.02 -11.89 -13.20
C ALA A 103 2.85 -12.26 -14.65
N ASP A 104 3.20 -11.33 -15.52
CA ASP A 104 3.23 -11.58 -16.94
C ASP A 104 4.68 -11.64 -17.39
N GLY A 105 5.02 -12.72 -18.08
CA GLY A 105 6.40 -13.00 -18.43
C GLY A 105 7.09 -11.93 -19.25
N GLN A 106 6.33 -11.05 -19.89
CA GLN A 106 6.90 -10.04 -20.77
C GLN A 106 7.18 -8.74 -20.00
N LYS A 107 7.65 -8.88 -18.77
CA LYS A 107 7.96 -7.72 -17.91
C LYS A 107 6.71 -6.93 -17.58
N LYS A 108 5.59 -7.63 -17.46
CA LYS A 108 4.34 -7.01 -17.13
C LYS A 108 3.79 -7.63 -15.85
N THR A 109 3.00 -6.89 -15.11
CA THR A 109 2.34 -7.43 -13.93
C THR A 109 1.09 -6.65 -13.59
N ARG A 110 -0.04 -7.31 -13.71
CA ARG A 110 -1.31 -6.74 -13.30
C ARG A 110 -1.62 -7.11 -11.86
N VAL A 111 -1.59 -6.12 -10.98
CA VAL A 111 -1.97 -6.37 -9.60
C VAL A 111 -3.47 -6.19 -9.42
N ASP A 112 -4.04 -7.08 -8.65
CA ASP A 112 -5.44 -7.00 -8.30
C ASP A 112 -5.60 -7.21 -6.80
N VAL A 113 -5.91 -6.15 -6.08
CA VAL A 113 -6.11 -6.25 -4.65
C VAL A 113 -7.56 -6.52 -4.34
N GLU A 114 -7.81 -7.63 -3.68
CA GLU A 114 -9.13 -7.90 -3.17
C GLU A 114 -9.15 -7.53 -1.70
N HIS A 115 -10.18 -6.82 -1.31
CA HIS A 115 -10.28 -6.29 0.03
C HIS A 115 -11.47 -6.90 0.74
N THR A 116 -11.38 -6.93 2.04
CA THR A 116 -12.51 -7.30 2.87
C THR A 116 -13.65 -6.27 2.72
N HIS A 117 -14.59 -6.34 3.63
CA HIS A 117 -15.71 -5.41 3.65
C HIS A 117 -15.92 -4.85 5.06
N PHE A 118 -14.83 -4.78 5.84
CA PHE A 118 -14.88 -4.20 7.18
C PHE A 118 -15.22 -2.71 7.09
N ASP A 119 -14.90 -2.14 5.94
CA ASP A 119 -15.19 -0.74 5.63
C ASP A 119 -16.70 -0.57 5.45
N ARG A 120 -17.28 -1.50 4.71
CA ARG A 120 -18.72 -1.57 4.48
C ARG A 120 -19.49 -1.69 5.78
N MET A 121 -18.83 -2.14 6.84
CA MET A 121 -19.47 -2.41 8.11
C MET A 121 -19.82 -1.12 8.86
N GLY A 122 -20.18 -0.08 8.11
CA GLY A 122 -20.67 1.13 8.71
C GLY A 122 -19.96 2.35 8.18
N THR A 123 -20.68 3.45 8.05
CA THR A 123 -20.12 4.69 7.56
C THR A 123 -19.00 5.18 8.48
N LYS A 124 -19.08 4.81 9.76
CA LYS A 124 -18.05 5.16 10.72
C LYS A 124 -16.72 4.46 10.38
N HIS A 125 -16.80 3.16 10.11
CA HIS A 125 -15.66 2.40 9.61
C HIS A 125 -15.24 2.90 8.22
N ALA A 126 -16.21 3.06 7.34
CA ALA A 126 -15.95 3.48 5.97
C ALA A 126 -15.26 4.85 5.93
N LYS A 127 -15.79 5.80 6.67
CA LYS A 127 -15.25 7.15 6.67
C LYS A 127 -13.84 7.17 7.27
N ARG A 128 -13.66 6.48 8.40
CA ARG A 128 -12.37 6.48 9.09
C ARG A 128 -11.27 5.97 8.16
N VAL A 129 -11.61 5.03 7.28
CA VAL A 129 -10.65 4.52 6.31
C VAL A 129 -10.52 5.48 5.14
N ARG A 130 -11.66 5.90 4.58
CA ARG A 130 -11.69 6.80 3.43
C ARG A 130 -11.03 8.14 3.73
N ASN A 131 -10.87 8.44 5.01
CA ASN A 131 -10.24 9.68 5.45
C ASN A 131 -8.89 9.88 4.79
N GLY A 132 -8.07 8.84 4.78
CA GLY A 132 -6.74 8.96 4.25
C GLY A 132 -6.54 8.16 2.97
N MET A 133 -7.45 7.24 2.69
CA MET A 133 -7.28 6.38 1.53
C MET A 133 -7.72 7.06 0.24
N ASP A 134 -8.79 7.87 0.30
CA ASP A 134 -9.51 8.28 -0.91
C ASP A 134 -8.74 9.29 -1.75
N LYS A 135 -7.87 10.07 -1.13
CA LYS A 135 -7.10 11.08 -1.86
C LYS A 135 -5.66 10.61 -2.07
N GLY A 136 -5.26 9.60 -1.33
CA GLY A 136 -3.89 9.16 -1.37
C GLY A 136 -3.70 7.88 -2.15
N TRP A 137 -4.42 6.84 -1.76
CA TRP A 137 -4.21 5.49 -2.29
C TRP A 137 -4.31 5.42 -3.83
N PRO A 138 -5.41 5.92 -4.45
CA PRO A 138 -5.53 5.93 -5.91
C PRO A 138 -4.40 6.72 -6.57
N THR A 139 -4.13 7.90 -6.01
CA THR A 139 -3.08 8.78 -6.52
C THR A 139 -1.72 8.08 -6.45
N ILE A 140 -1.52 7.36 -5.35
CA ILE A 140 -0.32 6.56 -5.17
C ILE A 140 -0.15 5.60 -6.32
N LEU A 141 -1.23 4.93 -6.70
CA LEU A 141 -1.20 3.92 -7.75
C LEU A 141 -0.70 4.49 -9.08
N GLN A 142 -1.04 5.74 -9.36
CA GLN A 142 -0.60 6.39 -10.60
C GLN A 142 0.91 6.59 -10.58
N SER A 143 1.41 7.29 -9.56
CA SER A 143 2.84 7.50 -9.42
C SER A 143 3.57 6.20 -9.11
N PHE A 144 2.84 5.22 -8.59
CA PHE A 144 3.37 3.88 -8.35
C PHE A 144 3.82 3.25 -9.67
N GLN A 145 2.91 3.24 -10.64
CA GLN A 145 3.20 2.74 -11.99
C GLN A 145 4.33 3.55 -12.61
N ASP A 146 4.32 4.84 -12.31
CA ASP A 146 5.29 5.77 -12.87
C ASP A 146 6.68 5.56 -12.27
N LYS A 147 6.73 5.30 -10.97
CA LYS A 147 7.99 5.01 -10.31
C LYS A 147 8.56 3.71 -10.84
N ILE A 148 7.68 2.76 -11.10
CA ILE A 148 8.07 1.48 -11.67
C ILE A 148 8.43 1.65 -13.15
N ASP A 149 7.87 2.67 -13.77
CA ASP A 149 8.20 2.99 -15.15
C ASP A 149 9.67 3.36 -15.25
N GLU A 150 10.20 3.94 -14.18
CA GLU A 150 11.63 4.24 -14.09
C GLU A 150 12.44 2.96 -13.95
N GLU A 151 11.82 1.96 -13.33
CA GLU A 151 12.47 0.68 -13.09
C GLU A 151 12.54 -0.11 -14.39
N GLY A 152 11.49 0.03 -15.19
CA GLY A 152 11.45 -0.60 -16.49
C GLY A 152 12.29 0.15 -17.50
N ALA A 153 11.74 1.25 -17.99
CA ALA A 153 12.42 2.06 -19.00
C ALA A 153 11.75 3.41 -19.16
N LYS A 154 12.16 4.37 -18.34
CA LYS A 154 11.65 5.73 -18.44
C LYS A 154 12.72 6.64 -19.01
N LYS A 155 13.85 6.71 -18.31
CA LYS A 155 15.01 7.53 -18.73
C LYS A 155 14.66 9.01 -18.72
N ASN A 1 -15.66 2.27 -4.34
CA ASN A 1 -15.48 0.86 -3.91
C ASN A 1 -15.28 0.76 -2.40
N TYR A 2 -16.25 0.13 -1.72
CA TYR A 2 -16.18 -0.13 -0.29
C TYR A 2 -17.40 -0.92 0.16
N ASP A 3 -18.57 -0.53 -0.35
CA ASP A 3 -19.84 -1.14 0.04
C ASP A 3 -19.86 -2.65 -0.23
N PRO A 4 -19.60 -3.10 -1.47
CA PRO A 4 -19.50 -4.51 -1.78
C PRO A 4 -18.06 -5.03 -1.69
N PHE A 5 -17.20 -4.53 -2.57
CA PHE A 5 -15.80 -4.96 -2.62
C PHE A 5 -14.89 -3.79 -2.94
N VAL A 6 -13.70 -3.80 -2.37
CA VAL A 6 -12.63 -2.89 -2.78
C VAL A 6 -11.62 -3.67 -3.58
N ARG A 7 -11.31 -3.19 -4.77
CA ARG A 7 -10.33 -3.85 -5.61
C ARG A 7 -9.29 -2.87 -6.09
N HIS A 8 -8.04 -3.29 -6.02
CA HIS A 8 -6.97 -2.55 -6.63
C HIS A 8 -6.48 -3.32 -7.81
N SER A 9 -6.36 -2.65 -8.93
CA SER A 9 -5.84 -3.26 -10.11
C SER A 9 -4.87 -2.31 -10.79
N VAL A 10 -3.61 -2.69 -10.75
CA VAL A 10 -2.55 -1.90 -11.33
C VAL A 10 -1.77 -2.70 -12.36
N THR A 11 -1.50 -2.09 -13.51
CA THR A 11 -0.64 -2.69 -14.49
C THR A 11 0.80 -2.23 -14.26
N VAL A 12 1.66 -3.17 -13.93
CA VAL A 12 3.07 -2.88 -13.74
C VAL A 12 3.83 -3.22 -15.01
N LYS A 13 4.61 -2.25 -15.49
CA LYS A 13 5.31 -2.38 -16.77
C LYS A 13 6.79 -2.65 -16.58
N ALA A 14 7.13 -3.39 -15.52
CA ALA A 14 8.53 -3.70 -15.23
C ALA A 14 8.66 -5.00 -14.44
N ASP A 15 7.73 -5.92 -14.66
CA ASP A 15 7.75 -7.26 -14.04
C ASP A 15 7.43 -7.20 -12.54
N ARG A 16 7.17 -8.37 -11.97
CA ARG A 16 6.71 -8.52 -10.61
C ARG A 16 7.81 -8.19 -9.60
N LYS A 17 9.07 -8.30 -10.03
CA LYS A 17 10.19 -7.97 -9.15
C LYS A 17 10.07 -6.55 -8.66
N THR A 18 9.88 -5.63 -9.60
CA THR A 18 9.77 -4.22 -9.27
C THR A 18 8.44 -3.92 -8.59
N ALA A 19 7.38 -4.60 -9.04
CA ALA A 19 6.06 -4.41 -8.43
C ALA A 19 6.12 -4.69 -6.94
N PHE A 20 6.77 -5.78 -6.56
CA PHE A 20 6.90 -6.15 -5.16
C PHE A 20 7.91 -5.24 -4.45
N LYS A 21 9.08 -5.06 -5.07
CA LYS A 21 10.13 -4.24 -4.48
C LYS A 21 9.63 -2.83 -4.18
N THR A 22 9.04 -2.19 -5.18
CA THR A 22 8.57 -0.84 -5.03
C THR A 22 7.45 -0.78 -3.99
N PHE A 23 6.44 -1.65 -4.16
CA PHE A 23 5.25 -1.62 -3.30
C PHE A 23 5.58 -1.85 -1.83
N LEU A 24 6.54 -2.72 -1.55
CA LEU A 24 6.81 -3.11 -0.18
C LEU A 24 8.11 -2.49 0.35
N GLU A 25 9.22 -2.77 -0.30
CA GLU A 25 10.53 -2.40 0.23
C GLU A 25 10.83 -0.94 -0.03
N GLY A 26 10.56 -0.51 -1.25
CA GLY A 26 10.86 0.85 -1.66
C GLY A 26 9.78 1.82 -1.29
N PHE A 27 9.19 1.62 -0.13
CA PHE A 27 8.02 2.39 0.30
C PHE A 27 8.27 3.91 0.25
N PRO A 28 9.40 4.42 0.81
CA PRO A 28 9.67 5.87 0.83
C PRO A 28 10.39 6.41 -0.43
N GLU A 29 10.46 5.63 -1.50
CA GLU A 29 11.11 6.09 -2.71
C GLU A 29 10.10 6.66 -3.69
N TRP A 30 8.83 6.55 -3.33
CA TRP A 30 7.75 6.91 -4.23
C TRP A 30 7.55 8.42 -4.32
N TRP A 31 6.51 8.80 -5.05
CA TRP A 31 6.11 10.20 -5.20
C TRP A 31 4.79 10.54 -4.48
N PRO A 32 3.80 9.61 -4.39
CA PRO A 32 2.45 9.96 -3.92
C PRO A 32 2.35 10.28 -2.42
N ASN A 33 1.41 9.63 -1.75
CA ASN A 33 1.08 9.93 -0.35
C ASN A 33 2.28 9.71 0.56
N ASN A 34 2.92 8.58 0.36
CA ASN A 34 3.97 8.09 1.21
C ASN A 34 5.34 8.69 0.86
N PHE A 35 5.32 9.95 0.44
CA PHE A 35 6.54 10.69 0.19
C PHE A 35 6.75 11.72 1.30
N ARG A 36 5.89 11.68 2.30
CA ARG A 36 5.97 12.61 3.41
C ARG A 36 6.65 11.97 4.61
N THR A 37 7.71 12.61 5.08
CA THR A 37 8.55 12.04 6.12
C THR A 37 7.88 12.11 7.48
N THR A 38 7.90 10.98 8.18
CA THR A 38 7.27 10.81 9.50
C THR A 38 5.80 11.21 9.49
N LYS A 39 5.22 11.18 8.31
CA LYS A 39 3.80 11.44 8.14
C LYS A 39 3.12 10.17 7.67
N VAL A 40 3.74 9.54 6.68
CA VAL A 40 3.24 8.28 6.13
C VAL A 40 4.29 7.66 5.19
N GLY A 41 5.47 8.28 5.16
CA GLY A 41 6.51 7.83 4.26
C GLY A 41 7.89 8.30 4.71
N ALA A 42 8.24 8.01 5.95
CA ALA A 42 9.59 8.27 6.45
C ALA A 42 10.57 7.29 5.80
N PRO A 43 11.90 7.44 6.03
CA PRO A 43 12.92 6.53 5.47
C PRO A 43 12.80 5.08 5.96
N LEU A 44 11.62 4.49 5.76
CA LEU A 44 11.37 3.10 6.07
C LEU A 44 10.06 2.66 5.43
N GLY A 45 8.94 2.92 6.10
CA GLY A 45 7.64 2.70 5.53
C GLY A 45 7.13 1.29 5.77
N VAL A 46 7.96 0.31 5.50
CA VAL A 46 7.58 -1.08 5.66
C VAL A 46 8.72 -1.87 6.30
N ASP A 47 8.36 -2.84 7.12
CA ASP A 47 9.35 -3.67 7.78
C ASP A 47 9.32 -5.06 7.18
N LYS A 48 10.43 -5.43 6.56
CA LYS A 48 10.51 -6.67 5.82
C LYS A 48 10.58 -7.89 6.75
N LYS A 49 11.15 -7.72 7.94
CA LYS A 49 11.39 -8.86 8.82
C LYS A 49 10.11 -9.34 9.51
N GLY A 50 9.42 -8.43 10.18
CA GLY A 50 8.24 -8.82 10.94
C GLY A 50 6.97 -8.76 10.11
N GLY A 51 7.00 -7.97 9.03
CA GLY A 51 5.84 -7.81 8.20
C GLY A 51 4.94 -6.71 8.71
N ARG A 52 5.48 -5.50 8.72
CA ARG A 52 4.75 -4.34 9.23
C ARG A 52 4.89 -3.17 8.28
N TRP A 53 3.97 -2.22 8.37
CA TRP A 53 4.12 -0.95 7.68
C TRP A 53 4.29 0.15 8.72
N TYR A 54 5.50 0.67 8.87
CA TYR A 54 5.75 1.72 9.84
C TYR A 54 6.99 2.50 9.47
N GLU A 55 7.19 3.63 10.11
CA GLU A 55 8.28 4.51 9.76
C GLU A 55 9.10 4.85 10.99
N ILE A 56 10.32 5.28 10.76
CA ILE A 56 11.16 5.74 11.85
C ILE A 56 10.71 7.13 12.24
N ASP A 57 9.97 7.22 13.32
CA ASP A 57 9.47 8.49 13.83
C ASP A 57 10.61 9.24 14.51
N GLU A 58 10.44 10.53 14.71
CA GLU A 58 11.48 11.34 15.35
C GLU A 58 11.72 10.89 16.79
N GLN A 59 10.72 10.24 17.37
CA GLN A 59 10.86 9.69 18.71
C GLN A 59 11.47 8.29 18.66
N GLY A 60 11.47 7.68 17.49
CA GLY A 60 12.02 6.35 17.35
C GLY A 60 11.36 5.54 16.27
N GLU A 61 10.46 4.65 16.66
CA GLU A 61 9.83 3.72 15.73
C GLU A 61 8.35 3.55 16.02
N GLU A 62 7.74 4.57 16.61
CA GLU A 62 6.34 4.48 16.99
C GLU A 62 5.48 5.23 15.96
N HIS A 63 5.19 4.55 14.88
CA HIS A 63 4.29 5.07 13.87
C HIS A 63 3.14 4.11 13.64
N THR A 64 2.08 4.59 13.00
CA THR A 64 0.98 3.71 12.55
C THR A 64 1.57 2.49 11.84
N PHE A 65 1.28 1.30 12.35
CA PHE A 65 1.94 0.11 11.85
C PHE A 65 0.97 -0.85 11.16
N GLY A 66 1.18 -1.03 9.86
CA GLY A 66 0.37 -1.95 9.09
C GLY A 66 0.66 -3.38 9.44
N LEU A 67 -0.33 -4.22 9.26
CA LEU A 67 -0.24 -5.60 9.71
C LEU A 67 -0.21 -6.56 8.52
N ILE A 68 0.98 -6.90 8.06
CA ILE A 68 1.11 -7.84 6.96
C ILE A 68 1.11 -9.26 7.51
N ARG A 69 0.11 -10.03 7.13
CA ARG A 69 0.04 -11.42 7.56
C ARG A 69 0.79 -12.32 6.60
N LYS A 70 0.78 -11.96 5.34
CA LYS A 70 1.37 -12.81 4.31
C LYS A 70 2.33 -12.03 3.43
N VAL A 71 3.61 -12.15 3.72
CA VAL A 71 4.65 -11.63 2.84
C VAL A 71 5.16 -12.80 1.99
N ASP A 72 4.65 -12.94 0.79
CA ASP A 72 4.96 -14.10 -0.04
C ASP A 72 5.72 -13.70 -1.29
N GLU A 73 7.03 -13.41 -1.12
CA GLU A 73 7.95 -13.08 -2.22
C GLU A 73 7.34 -12.03 -3.17
N PRO A 74 8.00 -11.74 -4.32
CA PRO A 74 7.35 -10.98 -5.39
C PRO A 74 6.20 -11.79 -6.01
N ASP A 75 5.10 -11.88 -5.27
CA ASP A 75 3.94 -12.66 -5.68
C ASP A 75 2.67 -12.15 -5.01
N THR A 76 2.61 -12.27 -3.68
CA THR A 76 1.41 -11.87 -2.94
C THR A 76 1.74 -11.25 -1.58
N LEU A 77 0.94 -10.27 -1.18
CA LEU A 77 1.09 -9.62 0.12
C LEU A 77 -0.29 -9.39 0.75
N VAL A 78 -0.55 -10.03 1.88
CA VAL A 78 -1.79 -9.80 2.61
C VAL A 78 -1.52 -8.87 3.78
N ILE A 79 -1.98 -7.64 3.64
CA ILE A 79 -1.65 -6.56 4.57
C ILE A 79 -2.90 -5.82 5.08
N GLY A 80 -3.04 -5.72 6.39
CA GLY A 80 -4.14 -4.99 6.99
C GLY A 80 -3.83 -3.51 7.22
N TRP A 81 -4.86 -2.69 7.26
CA TRP A 81 -4.70 -1.24 7.30
C TRP A 81 -4.21 -0.74 8.67
N ARG A 82 -3.65 0.47 8.70
CA ARG A 82 -2.95 0.97 9.87
C ARG A 82 -3.32 2.43 10.14
N LEU A 83 -4.22 2.96 9.30
CA LEU A 83 -4.52 4.40 9.25
C LEU A 83 -3.38 5.18 8.59
N ASN A 84 -3.75 6.06 7.66
CA ASN A 84 -2.78 6.85 6.93
C ASN A 84 -2.64 8.24 7.54
N GLY A 85 -1.43 8.58 7.95
CA GLY A 85 -1.16 9.95 8.33
C GLY A 85 -1.19 10.20 9.82
N PHE A 86 -1.65 9.20 10.59
CA PHE A 86 -1.74 9.28 12.06
C PHE A 86 -2.85 10.25 12.52
N GLY A 87 -2.96 11.39 11.87
CA GLY A 87 -3.95 12.38 12.25
C GLY A 87 -5.34 12.05 11.74
N ARG A 88 -5.49 10.87 11.17
CA ARG A 88 -6.79 10.40 10.69
C ARG A 88 -7.29 9.30 11.61
N ILE A 89 -8.48 8.78 11.34
CA ILE A 89 -9.05 7.73 12.17
C ILE A 89 -9.19 6.41 11.39
N ASP A 90 -8.67 5.33 11.98
CA ASP A 90 -8.93 3.97 11.50
C ASP A 90 -9.01 3.03 12.70
N PRO A 91 -9.92 2.04 12.66
CA PRO A 91 -10.06 1.05 13.73
C PRO A 91 -8.77 0.26 14.01
N ASP A 92 -7.90 0.10 13.01
CA ASP A 92 -6.64 -0.66 13.18
C ASP A 92 -6.93 -2.16 13.40
N ASN A 93 -8.22 -2.49 13.43
CA ASN A 93 -8.66 -3.83 13.81
C ASN A 93 -8.41 -4.85 12.71
N SER A 94 -8.62 -4.46 11.47
CA SER A 94 -8.45 -5.37 10.34
C SER A 94 -8.15 -4.61 9.06
N SER A 95 -9.21 -4.31 8.30
CA SER A 95 -9.08 -3.61 7.04
C SER A 95 -8.02 -4.27 6.15
N GLU A 96 -8.02 -5.60 6.17
CA GLU A 96 -7.05 -6.41 5.44
C GLU A 96 -7.23 -6.33 3.94
N PHE A 97 -6.13 -6.35 3.21
CA PHE A 97 -6.18 -6.38 1.76
C PHE A 97 -5.14 -7.31 1.17
N THR A 98 -5.60 -8.20 0.31
CA THR A 98 -4.74 -9.18 -0.33
C THR A 98 -4.24 -8.67 -1.67
N VAL A 99 -2.94 -8.40 -1.74
CA VAL A 99 -2.32 -7.93 -2.97
C VAL A 99 -1.85 -9.12 -3.79
N THR A 100 -2.52 -9.36 -4.90
CA THR A 100 -2.16 -10.46 -5.78
C THR A 100 -1.45 -9.95 -7.03
N PHE A 101 -0.14 -10.15 -7.10
CA PHE A 101 0.62 -9.75 -8.26
C PHE A 101 0.64 -10.86 -9.30
N VAL A 102 -0.09 -10.67 -10.38
CA VAL A 102 -0.14 -11.66 -11.45
C VAL A 102 0.93 -11.36 -12.49
N ALA A 103 1.93 -12.23 -12.56
CA ALA A 103 3.00 -12.10 -13.54
C ALA A 103 2.46 -12.24 -14.95
N ASP A 104 2.87 -11.34 -15.83
CA ASP A 104 2.39 -11.35 -17.19
C ASP A 104 3.56 -11.25 -18.16
N GLY A 105 3.70 -12.27 -18.99
CA GLY A 105 4.76 -12.28 -19.99
C GLY A 105 6.14 -12.37 -19.38
N GLN A 106 6.79 -11.24 -19.26
CA GLN A 106 8.17 -11.18 -18.78
C GLN A 106 8.48 -9.78 -18.23
N LYS A 107 7.68 -8.80 -18.64
CA LYS A 107 7.89 -7.42 -18.22
C LYS A 107 6.61 -6.82 -17.66
N LYS A 108 5.58 -7.63 -17.49
CA LYS A 108 4.31 -7.11 -17.05
C LYS A 108 3.86 -7.82 -15.78
N THR A 109 3.09 -7.12 -14.98
CA THR A 109 2.49 -7.69 -13.80
C THR A 109 1.22 -6.93 -13.44
N ARG A 110 0.12 -7.64 -13.47
CA ARG A 110 -1.17 -7.05 -13.14
C ARG A 110 -1.55 -7.42 -11.72
N VAL A 111 -1.65 -6.44 -10.85
CA VAL A 111 -2.00 -6.71 -9.48
C VAL A 111 -3.51 -6.62 -9.28
N ASP A 112 -4.03 -7.57 -8.54
CA ASP A 112 -5.44 -7.63 -8.24
C ASP A 112 -5.62 -7.74 -6.72
N VAL A 113 -6.10 -6.68 -6.12
CA VAL A 113 -6.27 -6.61 -4.67
C VAL A 113 -7.72 -6.82 -4.28
N GLU A 114 -7.94 -7.81 -3.43
CA GLU A 114 -9.26 -8.02 -2.86
C GLU A 114 -9.28 -7.49 -1.43
N HIS A 115 -10.08 -6.46 -1.23
CA HIS A 115 -10.16 -5.78 0.04
C HIS A 115 -11.63 -5.55 0.38
N THR A 116 -12.19 -6.40 1.22
CA THR A 116 -13.58 -6.24 1.60
C THR A 116 -13.84 -6.84 2.97
N HIS A 117 -13.82 -5.98 3.98
CA HIS A 117 -14.14 -6.40 5.33
C HIS A 117 -14.59 -5.22 6.15
N PHE A 118 -13.66 -4.33 6.44
CA PHE A 118 -13.95 -3.11 7.17
C PHE A 118 -14.74 -2.11 6.30
N ASP A 119 -14.25 -1.89 5.10
CA ASP A 119 -14.84 -0.93 4.17
C ASP A 119 -16.25 -1.34 3.80
N ARG A 120 -16.43 -2.65 3.72
CA ARG A 120 -17.71 -3.29 3.44
C ARG A 120 -18.82 -2.80 4.39
N MET A 121 -18.42 -2.32 5.57
CA MET A 121 -19.38 -1.83 6.56
C MET A 121 -19.84 -0.42 6.22
N GLY A 122 -19.17 0.17 5.23
CA GLY A 122 -19.54 1.49 4.72
C GLY A 122 -19.85 2.50 5.80
N THR A 123 -20.95 3.23 5.59
CA THR A 123 -21.47 4.20 6.55
C THR A 123 -20.36 5.02 7.22
N LYS A 124 -20.43 5.14 8.53
CA LYS A 124 -19.47 5.91 9.30
C LYS A 124 -18.05 5.41 9.09
N HIS A 125 -17.92 4.10 8.89
CA HIS A 125 -16.61 3.46 8.86
C HIS A 125 -15.81 3.92 7.64
N ALA A 126 -16.41 3.80 6.48
CA ALA A 126 -15.74 4.14 5.23
C ALA A 126 -15.57 5.65 5.10
N LYS A 127 -16.55 6.40 5.59
CA LYS A 127 -16.52 7.86 5.49
C LYS A 127 -15.49 8.48 6.44
N ARG A 128 -15.24 7.81 7.57
CA ARG A 128 -14.29 8.32 8.53
C ARG A 128 -12.85 8.08 8.07
N VAL A 129 -12.61 6.94 7.44
CA VAL A 129 -11.26 6.65 6.93
C VAL A 129 -11.00 7.43 5.64
N ARG A 130 -12.09 7.81 4.96
CA ARG A 130 -12.02 8.67 3.79
C ARG A 130 -11.35 10.01 4.12
N ASN A 131 -11.31 10.35 5.41
CA ASN A 131 -10.71 11.59 5.87
C ASN A 131 -9.24 11.70 5.44
N GLY A 132 -8.62 10.55 5.16
CA GLY A 132 -7.23 10.55 4.76
C GLY A 132 -6.94 9.60 3.60
N MET A 133 -7.43 8.37 3.70
CA MET A 133 -7.05 7.32 2.74
C MET A 133 -7.68 7.57 1.37
N ASP A 134 -8.80 8.29 1.35
CA ASP A 134 -9.57 8.50 0.12
C ASP A 134 -8.73 9.20 -0.97
N LYS A 135 -7.99 10.22 -0.58
CA LYS A 135 -7.16 10.96 -1.53
C LYS A 135 -5.73 10.46 -1.53
N GLY A 136 -5.49 9.39 -0.78
CA GLY A 136 -4.15 8.88 -0.67
C GLY A 136 -3.92 7.64 -1.51
N TRP A 137 -4.67 6.58 -1.21
CA TRP A 137 -4.41 5.26 -1.80
C TRP A 137 -4.52 5.25 -3.33
N PRO A 138 -5.61 5.81 -3.93
CA PRO A 138 -5.72 5.88 -5.40
C PRO A 138 -4.56 6.66 -6.02
N THR A 139 -4.24 7.80 -5.40
CA THR A 139 -3.10 8.62 -5.82
C THR A 139 -1.82 7.80 -5.74
N ILE A 140 -1.71 7.02 -4.67
CA ILE A 140 -0.59 6.12 -4.46
C ILE A 140 -0.42 5.19 -5.66
N LEU A 141 -1.49 4.52 -6.05
CA LEU A 141 -1.42 3.52 -7.11
C LEU A 141 -0.98 4.13 -8.44
N GLN A 142 -1.31 5.39 -8.66
CA GLN A 142 -0.95 6.05 -9.91
C GLN A 142 0.57 6.30 -9.96
N SER A 143 1.08 6.98 -8.95
CA SER A 143 2.50 7.27 -8.87
C SER A 143 3.28 5.98 -8.62
N PHE A 144 2.61 4.97 -8.07
CA PHE A 144 3.21 3.66 -7.87
C PHE A 144 3.61 3.06 -9.22
N GLN A 145 2.65 3.04 -10.13
CA GLN A 145 2.87 2.56 -11.50
C GLN A 145 3.94 3.38 -12.19
N ASP A 146 3.94 4.68 -11.90
CA ASP A 146 4.82 5.61 -12.59
C ASP A 146 6.26 5.50 -12.07
N LYS A 147 6.42 5.33 -10.77
CA LYS A 147 7.75 5.14 -10.18
C LYS A 147 8.37 3.85 -10.72
N ILE A 148 7.55 2.81 -10.81
CA ILE A 148 7.97 1.55 -11.39
C ILE A 148 8.30 1.72 -12.86
N ASP A 149 7.53 2.58 -13.52
CA ASP A 149 7.74 2.88 -14.92
C ASP A 149 9.14 3.45 -15.13
N GLU A 150 9.58 4.28 -14.18
CA GLU A 150 10.90 4.90 -14.24
C GLU A 150 12.02 3.87 -14.13
N GLU A 151 11.68 2.73 -13.55
CA GLU A 151 12.68 1.71 -13.25
C GLU A 151 13.14 0.98 -14.53
N GLY A 152 12.48 1.24 -15.65
CA GLY A 152 12.88 0.60 -16.89
C GLY A 152 12.10 1.06 -18.11
N ALA A 153 10.78 1.10 -17.98
CA ALA A 153 9.91 1.32 -19.14
C ALA A 153 9.92 2.78 -19.60
N LYS A 154 9.94 3.69 -18.65
CA LYS A 154 9.79 5.12 -18.92
C LYS A 154 11.01 5.68 -19.66
N LYS A 155 10.87 5.83 -20.97
CA LYS A 155 11.90 6.42 -21.80
C LYS A 155 11.26 7.22 -22.91
N ASN A 1 -15.76 2.23 -4.14
CA ASN A 1 -15.75 0.77 -3.87
C ASN A 1 -15.53 0.50 -2.38
N TYR A 2 -16.36 -0.39 -1.83
CA TYR A 2 -16.33 -0.76 -0.41
C TYR A 2 -17.50 -1.67 -0.07
N ASP A 3 -18.65 -1.42 -0.70
CA ASP A 3 -19.88 -2.14 -0.38
C ASP A 3 -19.79 -3.61 -0.78
N PRO A 4 -19.54 -3.94 -2.06
CA PRO A 4 -19.34 -5.32 -2.47
C PRO A 4 -17.90 -5.77 -2.23
N PHE A 5 -16.96 -5.14 -2.92
CA PHE A 5 -15.54 -5.43 -2.73
C PHE A 5 -14.68 -4.23 -3.12
N VAL A 6 -13.65 -3.95 -2.33
CA VAL A 6 -12.61 -3.02 -2.74
C VAL A 6 -11.53 -3.77 -3.49
N ARG A 7 -11.30 -3.36 -4.72
CA ARG A 7 -10.33 -4.03 -5.57
C ARG A 7 -9.30 -3.03 -6.08
N HIS A 8 -8.04 -3.38 -5.95
CA HIS A 8 -6.99 -2.56 -6.54
C HIS A 8 -6.39 -3.34 -7.69
N SER A 9 -6.28 -2.67 -8.81
CA SER A 9 -5.72 -3.27 -10.00
C SER A 9 -4.74 -2.32 -10.65
N VAL A 10 -3.49 -2.71 -10.58
CA VAL A 10 -2.41 -1.92 -11.14
C VAL A 10 -1.64 -2.69 -12.20
N THR A 11 -1.38 -2.03 -13.32
CA THR A 11 -0.55 -2.59 -14.37
C THR A 11 0.88 -2.05 -14.22
N VAL A 12 1.80 -2.95 -13.93
CA VAL A 12 3.19 -2.62 -13.68
C VAL A 12 4.04 -2.83 -14.93
N LYS A 13 4.98 -1.92 -15.16
CA LYS A 13 5.74 -1.88 -16.42
C LYS A 13 7.12 -2.52 -16.26
N ALA A 14 7.38 -3.18 -15.14
CA ALA A 14 8.73 -3.70 -14.89
C ALA A 14 8.71 -4.96 -14.04
N ASP A 15 7.73 -5.81 -14.29
CA ASP A 15 7.65 -7.15 -13.67
C ASP A 15 7.25 -7.10 -12.19
N ARG A 16 6.87 -8.27 -11.68
CA ARG A 16 6.36 -8.45 -10.34
C ARG A 16 7.40 -8.09 -9.29
N LYS A 17 8.68 -8.29 -9.65
CA LYS A 17 9.78 -7.93 -8.77
C LYS A 17 9.71 -6.46 -8.38
N THR A 18 9.50 -5.61 -9.38
CA THR A 18 9.43 -4.19 -9.18
C THR A 18 8.11 -3.80 -8.52
N ALA A 19 7.06 -4.53 -8.85
CA ALA A 19 5.74 -4.26 -8.28
C ALA A 19 5.75 -4.40 -6.77
N PHE A 20 6.30 -5.51 -6.29
CA PHE A 20 6.39 -5.76 -4.86
C PHE A 20 7.41 -4.83 -4.22
N LYS A 21 8.55 -4.67 -4.88
CA LYS A 21 9.59 -3.76 -4.39
C LYS A 21 9.00 -2.37 -4.17
N THR A 22 8.32 -1.85 -5.17
CA THR A 22 7.72 -0.54 -5.10
C THR A 22 6.63 -0.48 -4.01
N PHE A 23 5.84 -1.54 -3.92
CA PHE A 23 4.71 -1.57 -3.01
C PHE A 23 5.14 -1.66 -1.55
N LEU A 24 6.07 -2.55 -1.24
CA LEU A 24 6.32 -2.88 0.16
C LEU A 24 7.76 -2.59 0.62
N GLU A 25 8.67 -2.30 -0.30
CA GLU A 25 10.06 -2.10 0.10
C GLU A 25 10.50 -0.67 -0.13
N GLY A 26 10.04 -0.11 -1.24
CA GLY A 26 10.42 1.25 -1.62
C GLY A 26 9.42 2.26 -1.12
N PHE A 27 8.80 1.90 0.00
CA PHE A 27 7.66 2.62 0.55
C PHE A 27 7.87 4.15 0.58
N PRO A 28 8.96 4.65 1.20
CA PRO A 28 9.15 6.09 1.43
C PRO A 28 9.96 6.82 0.35
N GLU A 29 10.08 6.28 -0.86
CA GLU A 29 10.97 6.90 -1.83
C GLU A 29 10.27 7.35 -3.12
N TRP A 30 9.09 6.83 -3.40
CA TRP A 30 8.44 7.14 -4.68
C TRP A 30 7.83 8.54 -4.70
N TRP A 31 7.10 8.83 -5.78
CA TRP A 31 6.58 10.17 -6.05
C TRP A 31 5.33 10.58 -5.24
N PRO A 32 4.38 9.66 -4.90
CA PRO A 32 3.01 10.06 -4.49
C PRO A 32 2.91 10.69 -3.10
N ASN A 33 1.96 10.19 -2.32
CA ASN A 33 1.68 10.69 -0.97
C ASN A 33 2.84 10.39 -0.03
N ASN A 34 3.78 9.62 -0.55
CA ASN A 34 4.89 9.09 0.24
C ASN A 34 6.08 10.04 0.19
N PHE A 35 5.82 11.27 -0.19
CA PHE A 35 6.88 12.26 -0.34
C PHE A 35 6.87 13.25 0.82
N ARG A 36 7.20 12.75 2.01
CA ARG A 36 7.29 13.58 3.22
C ARG A 36 8.21 12.92 4.24
N THR A 37 8.36 13.53 5.40
CA THR A 37 9.11 12.91 6.49
C THR A 37 8.15 12.52 7.61
N THR A 38 8.37 11.33 8.19
CA THR A 38 7.50 10.77 9.23
C THR A 38 6.04 10.76 8.79
N LYS A 39 5.87 10.67 7.48
CA LYS A 39 4.57 10.60 6.85
C LYS A 39 4.73 9.78 5.58
N VAL A 40 4.67 8.46 5.75
CA VAL A 40 4.88 7.47 4.68
C VAL A 40 6.10 7.78 3.82
N GLY A 41 7.11 8.40 4.42
CA GLY A 41 8.28 8.83 3.66
C GLY A 41 9.53 9.02 4.51
N ALA A 42 9.51 8.56 5.75
CA ALA A 42 10.66 8.68 6.64
C ALA A 42 11.77 7.70 6.22
N PRO A 43 12.92 7.62 6.95
CA PRO A 43 14.01 6.68 6.62
C PRO A 43 13.62 5.19 6.75
N LEU A 44 12.33 4.90 6.70
CA LEU A 44 11.83 3.55 6.72
C LEU A 44 10.40 3.58 6.20
N GLY A 45 9.58 2.60 6.55
CA GLY A 45 8.25 2.55 6.01
C GLY A 45 7.59 1.21 6.18
N VAL A 46 8.28 0.14 5.78
CA VAL A 46 7.71 -1.20 5.86
C VAL A 46 8.77 -2.24 6.25
N ASP A 47 8.41 -3.12 7.17
CA ASP A 47 9.27 -4.23 7.56
C ASP A 47 8.66 -5.56 7.16
N LYS A 48 9.39 -6.33 6.38
CA LYS A 48 8.93 -7.64 5.92
C LYS A 48 9.12 -8.71 6.99
N LYS A 49 10.02 -8.46 7.94
CA LYS A 49 10.36 -9.42 8.96
C LYS A 49 9.25 -9.49 10.02
N GLY A 50 8.96 -8.35 10.64
CA GLY A 50 7.89 -8.31 11.61
C GLY A 50 6.53 -8.20 10.93
N GLY A 51 6.53 -7.68 9.71
CA GLY A 51 5.31 -7.55 8.96
C GLY A 51 4.51 -6.32 9.35
N ARG A 52 5.17 -5.17 9.41
CA ARG A 52 4.49 -3.93 9.76
C ARG A 52 4.92 -2.81 8.83
N TRP A 53 4.06 -1.81 8.68
CA TRP A 53 4.47 -0.59 8.01
C TRP A 53 4.81 0.43 9.09
N TYR A 54 6.07 0.73 9.24
CA TYR A 54 6.48 1.74 10.20
C TYR A 54 7.75 2.45 9.76
N GLU A 55 7.80 3.73 10.06
CA GLU A 55 8.93 4.56 9.73
C GLU A 55 9.65 4.97 11.01
N ILE A 56 10.80 5.58 10.87
CA ILE A 56 11.52 6.10 12.02
C ILE A 56 10.90 7.44 12.42
N ASP A 57 10.14 7.44 13.50
CA ASP A 57 9.51 8.66 13.99
C ASP A 57 10.47 9.40 14.93
N GLU A 58 9.93 10.36 15.68
CA GLU A 58 10.76 11.19 16.53
C GLU A 58 11.13 10.50 17.83
N GLN A 59 10.22 9.70 18.38
CA GLN A 59 10.53 8.96 19.60
C GLN A 59 10.97 7.53 19.29
N GLY A 60 11.48 7.30 18.09
CA GLY A 60 12.08 6.02 17.76
C GLY A 60 11.57 5.45 16.45
N GLU A 61 10.60 4.56 16.55
CA GLU A 61 10.06 3.88 15.38
C GLU A 61 8.56 3.70 15.54
N GLU A 62 7.96 4.62 16.26
CA GLU A 62 6.57 4.51 16.66
C GLU A 62 5.67 5.01 15.57
N HIS A 63 5.53 4.20 14.56
CA HIS A 63 4.63 4.47 13.46
C HIS A 63 3.63 3.33 13.32
N THR A 64 2.35 3.68 13.25
CA THR A 64 1.27 2.71 13.20
C THR A 64 1.24 1.94 11.88
N PHE A 65 0.46 2.46 10.93
CA PHE A 65 0.34 1.94 9.57
C PHE A 65 0.05 0.44 9.50
N GLY A 66 0.20 -0.11 8.29
CA GLY A 66 -0.31 -1.42 7.95
C GLY A 66 0.17 -2.54 8.85
N LEU A 67 -0.75 -3.46 9.13
CA LEU A 67 -0.46 -4.62 9.94
C LEU A 67 -0.53 -5.87 9.06
N ILE A 68 0.63 -6.35 8.63
CA ILE A 68 0.68 -7.44 7.66
C ILE A 68 0.56 -8.79 8.35
N ARG A 69 -0.19 -9.70 7.75
CA ARG A 69 -0.31 -11.06 8.26
C ARG A 69 0.60 -11.99 7.48
N LYS A 70 0.64 -11.80 6.16
CA LYS A 70 1.43 -12.66 5.29
C LYS A 70 2.17 -11.84 4.23
N VAL A 71 3.48 -11.98 4.21
CA VAL A 71 4.32 -11.38 3.18
C VAL A 71 4.89 -12.49 2.30
N ASP A 72 4.41 -12.60 1.07
CA ASP A 72 4.87 -13.67 0.20
C ASP A 72 5.61 -13.11 -1.00
N GLU A 73 6.75 -12.45 -0.72
CA GLU A 73 7.69 -11.95 -1.74
C GLU A 73 6.97 -11.23 -2.90
N PRO A 74 7.65 -10.95 -4.04
CA PRO A 74 6.95 -10.52 -5.26
C PRO A 74 5.95 -11.56 -5.76
N ASP A 75 4.81 -11.63 -5.08
CA ASP A 75 3.72 -12.52 -5.47
C ASP A 75 2.43 -12.11 -4.79
N THR A 76 2.38 -12.25 -3.46
CA THR A 76 1.14 -11.99 -2.73
C THR A 76 1.40 -11.37 -1.36
N LEU A 77 0.45 -10.53 -0.91
CA LEU A 77 0.53 -9.93 0.41
C LEU A 77 -0.84 -9.92 1.07
N VAL A 78 -0.90 -10.41 2.29
CA VAL A 78 -2.12 -10.31 3.08
C VAL A 78 -1.90 -9.31 4.22
N ILE A 79 -2.40 -8.10 4.04
CA ILE A 79 -2.09 -6.99 4.94
C ILE A 79 -3.35 -6.30 5.47
N GLY A 80 -3.34 -5.97 6.75
CA GLY A 80 -4.47 -5.26 7.34
C GLY A 80 -4.29 -3.75 7.28
N TRP A 81 -5.39 -3.02 7.17
CA TRP A 81 -5.33 -1.59 6.90
C TRP A 81 -5.17 -0.77 8.16
N ARG A 82 -4.37 0.28 8.06
CA ARG A 82 -4.30 1.29 9.09
C ARG A 82 -4.85 2.60 8.55
N LEU A 83 -4.02 3.33 7.77
CA LEU A 83 -4.38 4.67 7.29
C LEU A 83 -3.32 5.26 6.37
N ASN A 84 -2.68 6.31 6.89
CA ASN A 84 -1.88 7.25 6.16
C ASN A 84 -1.47 8.28 7.22
N GLY A 85 -1.04 9.45 6.82
CA GLY A 85 -0.73 10.46 7.80
C GLY A 85 -1.39 11.78 7.49
N PHE A 86 -2.69 11.75 7.23
CA PHE A 86 -3.43 12.97 6.94
C PHE A 86 -4.81 12.97 7.59
N GLY A 87 -4.84 13.24 8.89
CA GLY A 87 -6.10 13.51 9.59
C GLY A 87 -7.07 12.37 9.51
N ARG A 88 -6.57 11.18 9.82
CA ARG A 88 -7.30 9.96 9.58
C ARG A 88 -7.37 9.08 10.82
N ILE A 89 -8.40 8.24 10.92
CA ILE A 89 -8.56 7.30 12.04
C ILE A 89 -8.46 5.86 11.53
N ASP A 90 -7.70 5.01 12.23
CA ASP A 90 -7.47 3.64 11.76
C ASP A 90 -8.33 2.65 12.52
N PRO A 91 -8.78 1.60 11.82
CA PRO A 91 -9.55 0.52 12.42
C PRO A 91 -8.69 -0.25 13.42
N ASP A 92 -7.49 -0.61 12.97
CA ASP A 92 -6.52 -1.29 13.81
C ASP A 92 -7.03 -2.67 14.21
N ASN A 93 -7.85 -3.26 13.34
CA ASN A 93 -8.37 -4.60 13.59
C ASN A 93 -8.38 -5.43 12.32
N SER A 94 -9.02 -4.95 11.26
CA SER A 94 -9.14 -5.73 10.05
C SER A 94 -8.85 -4.88 8.81
N SER A 95 -9.83 -4.80 7.90
CA SER A 95 -9.66 -4.14 6.61
C SER A 95 -8.46 -4.77 5.90
N GLU A 96 -8.51 -6.08 5.76
CA GLU A 96 -7.39 -6.86 5.27
C GLU A 96 -7.39 -6.98 3.75
N PHE A 97 -6.21 -6.97 3.15
CA PHE A 97 -6.07 -7.11 1.71
C PHE A 97 -5.51 -8.48 1.36
N THR A 98 -5.90 -8.98 0.20
CA THR A 98 -5.16 -10.01 -0.49
C THR A 98 -4.59 -9.41 -1.77
N VAL A 99 -3.35 -8.97 -1.71
CA VAL A 99 -2.70 -8.38 -2.87
C VAL A 99 -2.13 -9.48 -3.75
N THR A 100 -2.73 -9.67 -4.92
CA THR A 100 -2.29 -10.71 -5.83
C THR A 100 -1.60 -10.11 -7.05
N PHE A 101 -0.29 -10.27 -7.11
CA PHE A 101 0.47 -9.81 -8.25
C PHE A 101 0.52 -10.89 -9.33
N VAL A 102 -0.11 -10.62 -10.45
CA VAL A 102 -0.11 -11.55 -11.57
C VAL A 102 0.99 -11.18 -12.57
N ALA A 103 1.96 -12.07 -12.72
CA ALA A 103 3.07 -11.85 -13.63
C ALA A 103 2.61 -11.86 -15.09
N ASP A 104 3.22 -11.01 -15.91
CA ASP A 104 2.90 -10.93 -17.32
C ASP A 104 4.16 -10.76 -18.15
N GLY A 105 4.58 -11.85 -18.79
CA GLY A 105 5.71 -11.81 -19.70
C GLY A 105 7.02 -11.42 -19.04
N GLN A 106 7.07 -11.50 -17.71
CA GLN A 106 8.27 -11.17 -16.94
C GLN A 106 8.69 -9.71 -17.09
N LYS A 107 7.79 -8.88 -17.61
CA LYS A 107 8.04 -7.44 -17.71
C LYS A 107 6.82 -6.65 -17.26
N LYS A 108 5.68 -7.29 -17.23
CA LYS A 108 4.46 -6.63 -16.83
C LYS A 108 3.86 -7.37 -15.64
N THR A 109 3.02 -6.69 -14.88
CA THR A 109 2.35 -7.33 -13.77
C THR A 109 1.04 -6.63 -13.45
N ARG A 110 -0.04 -7.38 -13.49
CA ARG A 110 -1.33 -6.88 -13.08
C ARG A 110 -1.61 -7.32 -11.66
N VAL A 111 -1.56 -6.39 -10.73
CA VAL A 111 -1.92 -6.71 -9.36
C VAL A 111 -3.43 -6.63 -9.21
N ASP A 112 -3.98 -7.62 -8.57
CA ASP A 112 -5.40 -7.68 -8.34
C ASP A 112 -5.65 -7.86 -6.85
N VAL A 113 -6.13 -6.80 -6.23
CA VAL A 113 -6.24 -6.74 -4.79
C VAL A 113 -7.65 -6.94 -4.30
N GLU A 114 -7.81 -7.94 -3.46
CA GLU A 114 -9.05 -8.12 -2.73
C GLU A 114 -8.93 -7.41 -1.39
N HIS A 115 -9.69 -6.35 -1.23
CA HIS A 115 -9.75 -5.64 0.03
C HIS A 115 -11.21 -5.55 0.42
N THR A 116 -11.65 -6.45 1.28
CA THR A 116 -13.05 -6.49 1.61
C THR A 116 -13.31 -7.08 2.99
N HIS A 117 -13.69 -6.22 3.92
CA HIS A 117 -14.26 -6.66 5.19
C HIS A 117 -14.71 -5.45 5.99
N PHE A 118 -13.77 -4.60 6.35
CA PHE A 118 -14.06 -3.40 7.10
C PHE A 118 -14.65 -2.35 6.17
N ASP A 119 -14.28 -2.43 4.91
CA ASP A 119 -14.77 -1.54 3.87
C ASP A 119 -16.27 -1.70 3.70
N ARG A 120 -16.70 -2.95 3.65
CA ARG A 120 -18.10 -3.32 3.49
C ARG A 120 -18.99 -2.73 4.60
N MET A 121 -18.38 -2.38 5.73
CA MET A 121 -19.12 -1.78 6.84
C MET A 121 -19.70 -0.42 6.41
N GLY A 122 -19.16 0.12 5.34
CA GLY A 122 -19.79 1.23 4.66
C GLY A 122 -19.71 2.56 5.37
N THR A 123 -20.89 3.07 5.72
CA THR A 123 -21.11 4.49 6.04
C THR A 123 -19.98 5.16 6.84
N LYS A 124 -20.04 5.08 8.16
CA LYS A 124 -19.17 5.88 9.00
C LYS A 124 -17.76 5.31 9.08
N HIS A 125 -17.66 3.99 9.05
CA HIS A 125 -16.35 3.33 9.19
C HIS A 125 -15.46 3.65 8.00
N ALA A 126 -15.96 3.42 6.80
CA ALA A 126 -15.19 3.67 5.59
C ALA A 126 -14.93 5.16 5.43
N LYS A 127 -15.92 5.99 5.79
CA LYS A 127 -15.77 7.43 5.68
C LYS A 127 -14.64 7.95 6.57
N ARG A 128 -14.62 7.54 7.83
CA ARG A 128 -13.65 8.08 8.78
C ARG A 128 -12.23 7.62 8.44
N VAL A 129 -12.11 6.45 7.83
CA VAL A 129 -10.83 6.00 7.30
C VAL A 129 -10.47 6.75 6.02
N ARG A 130 -11.48 6.93 5.18
CA ARG A 130 -11.31 7.51 3.86
C ARG A 130 -10.81 8.95 3.95
N ASN A 131 -10.91 9.54 5.13
CA ASN A 131 -10.49 10.93 5.36
C ASN A 131 -9.08 11.17 4.83
N GLY A 132 -8.16 10.27 5.15
CA GLY A 132 -6.81 10.41 4.65
C GLY A 132 -6.49 9.39 3.57
N MET A 133 -7.37 8.41 3.44
CA MET A 133 -7.16 7.33 2.48
C MET A 133 -7.59 7.75 1.06
N ASP A 134 -8.64 8.56 0.98
CA ASP A 134 -9.29 8.87 -0.30
C ASP A 134 -8.38 9.62 -1.26
N LYS A 135 -7.56 10.51 -0.74
CA LYS A 135 -6.61 11.23 -1.59
C LYS A 135 -5.20 10.70 -1.36
N GLY A 136 -5.13 9.49 -0.84
CA GLY A 136 -3.85 8.87 -0.62
C GLY A 136 -3.66 7.66 -1.51
N TRP A 137 -4.38 6.59 -1.22
CA TRP A 137 -4.20 5.29 -1.87
C TRP A 137 -4.27 5.38 -3.41
N PRO A 138 -5.36 5.94 -3.99
CA PRO A 138 -5.49 6.04 -5.45
C PRO A 138 -4.39 6.89 -6.07
N THR A 139 -4.06 7.99 -5.41
CA THR A 139 -3.01 8.88 -5.87
C THR A 139 -1.67 8.15 -5.86
N ILE A 140 -1.46 7.38 -4.80
CA ILE A 140 -0.26 6.58 -4.68
C ILE A 140 -0.10 5.64 -5.84
N LEU A 141 -1.19 4.99 -6.24
CA LEU A 141 -1.14 4.04 -7.35
C LEU A 141 -0.68 4.72 -8.63
N GLN A 142 -1.16 5.92 -8.90
CA GLN A 142 -0.78 6.60 -10.15
C GLN A 142 0.71 6.90 -10.17
N SER A 143 1.24 7.36 -9.06
CA SER A 143 2.68 7.61 -8.94
C SER A 143 3.43 6.29 -8.78
N PHE A 144 2.72 5.26 -8.32
CA PHE A 144 3.25 3.92 -8.17
C PHE A 144 3.67 3.39 -9.55
N GLN A 145 2.73 3.41 -10.49
CA GLN A 145 3.02 3.04 -11.87
C GLN A 145 3.98 4.04 -12.49
N ASP A 146 3.93 5.28 -12.02
CA ASP A 146 4.76 6.35 -12.56
C ASP A 146 6.26 6.03 -12.41
N LYS A 147 6.70 5.74 -11.18
CA LYS A 147 8.11 5.45 -10.98
C LYS A 147 8.45 4.06 -11.51
N ILE A 148 7.51 3.13 -11.38
CA ILE A 148 7.69 1.79 -11.93
C ILE A 148 7.88 1.85 -13.43
N ASP A 149 7.20 2.79 -14.07
CA ASP A 149 7.33 3.00 -15.49
C ASP A 149 8.77 3.33 -15.84
N GLU A 150 9.44 4.06 -14.94
CA GLU A 150 10.82 4.47 -15.12
C GLU A 150 11.77 3.28 -15.04
N GLU A 151 11.30 2.20 -14.44
CA GLU A 151 12.11 1.01 -14.26
C GLU A 151 12.04 0.12 -15.50
N GLY A 152 11.32 0.59 -16.52
CA GLY A 152 11.18 -0.21 -17.73
C GLY A 152 10.77 0.59 -18.95
N ALA A 153 9.53 1.07 -18.97
CA ALA A 153 8.94 1.63 -20.18
C ALA A 153 9.25 3.12 -20.39
N LYS A 154 9.38 3.88 -19.31
CA LYS A 154 9.64 5.31 -19.42
C LYS A 154 11.05 5.55 -19.94
N LYS A 155 11.32 6.79 -20.34
CA LYS A 155 12.57 7.19 -20.99
C LYS A 155 12.99 6.18 -22.06
N ASN A 1 -16.84 1.88 -4.39
CA ASN A 1 -16.21 0.87 -3.51
C ASN A 1 -16.64 1.10 -2.06
N TYR A 2 -16.08 0.31 -1.13
CA TYR A 2 -16.39 0.38 0.32
C TYR A 2 -17.65 -0.41 0.63
N ASP A 3 -18.77 0.02 0.08
CA ASP A 3 -20.05 -0.64 0.34
C ASP A 3 -19.97 -2.14 0.01
N PRO A 4 -19.48 -2.53 -1.19
CA PRO A 4 -19.16 -3.91 -1.48
C PRO A 4 -17.69 -4.22 -1.18
N PHE A 5 -16.81 -3.71 -2.01
CA PHE A 5 -15.38 -3.87 -1.82
C PHE A 5 -14.65 -2.72 -2.47
N VAL A 6 -13.46 -2.40 -1.98
CA VAL A 6 -12.60 -1.47 -2.67
C VAL A 6 -11.52 -2.27 -3.38
N ARG A 7 -11.13 -1.84 -4.56
CA ARG A 7 -10.15 -2.58 -5.32
C ARG A 7 -9.09 -1.65 -5.87
N HIS A 8 -7.87 -2.15 -5.90
CA HIS A 8 -6.80 -1.42 -6.58
C HIS A 8 -6.44 -2.21 -7.83
N SER A 9 -6.34 -1.50 -8.94
CA SER A 9 -6.04 -2.14 -10.20
C SER A 9 -4.91 -1.40 -10.88
N VAL A 10 -3.77 -2.04 -10.94
CA VAL A 10 -2.59 -1.46 -11.54
C VAL A 10 -1.88 -2.45 -12.46
N THR A 11 -1.56 -2.01 -13.67
CA THR A 11 -0.69 -2.77 -14.55
C THR A 11 0.67 -2.10 -14.58
N VAL A 12 1.67 -2.81 -14.10
CA VAL A 12 3.00 -2.27 -14.02
C VAL A 12 3.83 -2.74 -15.21
N LYS A 13 4.88 -2.00 -15.52
CA LYS A 13 5.69 -2.27 -16.70
C LYS A 13 7.14 -2.57 -16.31
N ALA A 14 7.31 -3.57 -15.44
CA ALA A 14 8.65 -4.00 -15.04
C ALA A 14 8.61 -5.34 -14.30
N ASP A 15 7.59 -6.16 -14.59
CA ASP A 15 7.48 -7.51 -14.04
C ASP A 15 7.07 -7.49 -12.55
N ARG A 16 6.69 -8.66 -12.04
CA ARG A 16 6.15 -8.79 -10.68
C ARG A 16 7.22 -8.58 -9.63
N LYS A 17 8.46 -8.87 -10.00
CA LYS A 17 9.60 -8.68 -9.13
C LYS A 17 9.69 -7.21 -8.70
N THR A 18 9.69 -6.33 -9.67
CA THR A 18 9.78 -4.90 -9.42
C THR A 18 8.48 -4.37 -8.81
N ALA A 19 7.35 -4.93 -9.22
CA ALA A 19 6.06 -4.53 -8.67
C ALA A 19 6.03 -4.70 -7.15
N PHE A 20 6.50 -5.85 -6.69
CA PHE A 20 6.59 -6.12 -5.26
C PHE A 20 7.70 -5.29 -4.63
N LYS A 21 8.84 -5.23 -5.31
CA LYS A 21 9.97 -4.44 -4.86
C LYS A 21 9.54 -3.01 -4.55
N THR A 22 8.88 -2.38 -5.50
CA THR A 22 8.44 -1.02 -5.32
C THR A 22 7.34 -0.93 -4.26
N PHE A 23 6.30 -1.76 -4.40
CA PHE A 23 5.13 -1.66 -3.53
C PHE A 23 5.47 -1.88 -2.06
N LEU A 24 6.37 -2.81 -1.77
CA LEU A 24 6.67 -3.12 -0.38
C LEU A 24 8.11 -2.75 0.00
N GLU A 25 9.06 -3.13 -0.83
CA GLU A 25 10.47 -2.96 -0.49
C GLU A 25 10.98 -1.59 -0.93
N GLY A 26 10.06 -0.68 -1.19
CA GLY A 26 10.44 0.64 -1.63
C GLY A 26 9.45 1.69 -1.20
N PHE A 27 8.95 1.55 0.02
CA PHE A 27 7.95 2.46 0.56
C PHE A 27 8.40 3.92 0.40
N PRO A 28 9.64 4.26 0.80
CA PRO A 28 10.19 5.61 0.59
C PRO A 28 10.92 5.81 -0.75
N GLU A 29 10.60 5.02 -1.78
CA GLU A 29 11.27 5.20 -3.07
C GLU A 29 10.35 5.88 -4.09
N TRP A 30 9.07 5.98 -3.77
CA TRP A 30 8.09 6.49 -4.71
C TRP A 30 8.09 8.03 -4.67
N TRP A 31 7.05 8.62 -5.24
CA TRP A 31 6.87 10.07 -5.15
C TRP A 31 5.40 10.53 -4.94
N PRO A 32 4.44 9.67 -4.47
CA PRO A 32 3.07 10.12 -4.24
C PRO A 32 2.88 10.80 -2.88
N ASN A 33 2.11 10.16 -1.99
CA ASN A 33 1.87 10.70 -0.64
C ASN A 33 3.07 10.43 0.25
N ASN A 34 3.92 9.55 -0.23
CA ASN A 34 5.07 9.07 0.52
C ASN A 34 6.28 9.95 0.25
N PHE A 35 6.02 11.22 -0.01
CA PHE A 35 7.05 12.17 -0.38
C PHE A 35 7.51 12.98 0.84
N ARG A 36 6.97 12.67 2.01
CA ARG A 36 7.28 13.43 3.20
C ARG A 36 8.02 12.60 4.24
N THR A 37 8.82 13.27 5.05
CA THR A 37 9.54 12.63 6.14
C THR A 37 8.61 12.47 7.34
N THR A 38 8.83 11.41 8.12
CA THR A 38 7.94 11.03 9.24
C THR A 38 6.49 10.92 8.79
N LYS A 39 6.29 10.83 7.49
CA LYS A 39 4.96 10.77 6.92
C LYS A 39 4.97 9.82 5.73
N VAL A 40 4.90 8.53 6.07
CA VAL A 40 4.83 7.41 5.11
C VAL A 40 5.90 7.47 4.02
N GLY A 41 6.94 8.28 4.22
CA GLY A 41 7.99 8.38 3.22
C GLY A 41 9.36 8.53 3.83
N ALA A 42 9.50 8.04 5.04
CA ALA A 42 10.80 8.01 5.69
C ALA A 42 11.55 6.74 5.27
N PRO A 43 12.89 6.71 5.45
CA PRO A 43 13.79 5.62 5.00
C PRO A 43 13.31 4.17 5.25
N LEU A 44 12.27 3.98 6.04
CA LEU A 44 11.79 2.63 6.32
C LEU A 44 10.42 2.39 5.69
N GLY A 45 9.37 2.60 6.45
CA GLY A 45 8.03 2.47 5.93
C GLY A 45 7.46 1.09 6.10
N VAL A 46 8.30 0.07 5.97
CA VAL A 46 7.86 -1.31 6.10
C VAL A 46 8.89 -2.15 6.84
N ASP A 47 8.40 -3.04 7.70
CA ASP A 47 9.25 -4.01 8.37
C ASP A 47 8.96 -5.38 7.81
N LYS A 48 9.94 -5.94 7.13
CA LYS A 48 9.74 -7.15 6.35
C LYS A 48 9.75 -8.41 7.22
N LYS A 49 10.37 -8.33 8.38
CA LYS A 49 10.54 -9.51 9.22
C LYS A 49 9.36 -9.65 10.19
N GLY A 50 8.86 -8.53 10.68
CA GLY A 50 7.74 -8.56 11.59
C GLY A 50 6.42 -8.39 10.88
N GLY A 51 6.47 -7.85 9.67
CA GLY A 51 5.27 -7.66 8.88
C GLY A 51 4.51 -6.43 9.33
N ARG A 52 5.17 -5.28 9.31
CA ARG A 52 4.55 -4.03 9.70
C ARG A 52 4.84 -2.93 8.70
N TRP A 53 4.03 -1.88 8.74
CA TRP A 53 4.28 -0.67 7.96
C TRP A 53 4.49 0.50 8.92
N TYR A 54 5.72 0.98 9.04
CA TYR A 54 6.01 2.11 9.90
C TYR A 54 7.35 2.73 9.54
N GLU A 55 7.43 4.04 9.70
CA GLU A 55 8.68 4.77 9.48
C GLU A 55 9.15 5.36 10.80
N ILE A 56 10.33 5.96 10.79
CA ILE A 56 10.84 6.63 11.99
C ILE A 56 10.11 7.96 12.17
N ASP A 57 9.31 8.03 13.21
CA ASP A 57 8.57 9.24 13.52
C ASP A 57 9.33 10.07 14.55
N GLU A 58 9.05 11.36 14.58
CA GLU A 58 9.86 12.33 15.31
C GLU A 58 9.70 12.24 16.83
N GLN A 59 8.54 11.79 17.32
CA GLN A 59 8.33 11.76 18.77
C GLN A 59 8.88 10.46 19.39
N GLY A 60 9.60 9.69 18.60
CA GLY A 60 10.23 8.49 19.13
C GLY A 60 9.90 7.25 18.34
N GLU A 61 10.04 7.34 17.02
CA GLU A 61 9.92 6.19 16.13
C GLU A 61 8.58 5.47 16.34
N GLU A 62 7.55 6.25 16.59
CA GLU A 62 6.24 5.70 16.93
C GLU A 62 5.20 6.15 15.92
N HIS A 63 5.10 5.41 14.83
CA HIS A 63 4.13 5.69 13.79
C HIS A 63 3.04 4.62 13.78
N THR A 64 1.93 4.92 13.12
CA THR A 64 0.85 3.95 12.96
C THR A 64 1.37 2.69 12.26
N PHE A 65 1.39 1.57 12.98
CA PHE A 65 1.97 0.34 12.48
C PHE A 65 1.00 -0.39 11.54
N GLY A 66 1.24 -0.28 10.25
CA GLY A 66 0.49 -1.07 9.28
C GLY A 66 0.60 -2.54 9.59
N LEU A 67 -0.49 -3.28 9.50
CA LEU A 67 -0.52 -4.63 10.04
C LEU A 67 -0.54 -5.67 8.92
N ILE A 68 0.62 -6.21 8.60
CA ILE A 68 0.69 -7.25 7.60
C ILE A 68 0.39 -8.61 8.23
N ARG A 69 -0.45 -9.38 7.57
CA ARG A 69 -0.71 -10.74 8.01
C ARG A 69 0.17 -11.71 7.24
N LYS A 70 0.44 -11.38 5.98
CA LYS A 70 1.18 -12.27 5.11
C LYS A 70 1.90 -11.51 3.99
N VAL A 71 3.18 -11.79 3.84
CA VAL A 71 3.98 -11.23 2.77
C VAL A 71 4.41 -12.36 1.83
N ASP A 72 3.73 -12.50 0.71
CA ASP A 72 3.97 -13.63 -0.19
C ASP A 72 4.88 -13.24 -1.33
N GLU A 73 6.10 -12.80 -0.99
CA GLU A 73 7.14 -12.45 -1.98
C GLU A 73 6.58 -11.63 -3.15
N PRO A 74 7.30 -11.48 -4.29
CA PRO A 74 6.69 -10.99 -5.52
C PRO A 74 5.58 -11.92 -6.00
N ASP A 75 4.38 -11.72 -5.47
CA ASP A 75 3.20 -12.50 -5.85
C ASP A 75 1.95 -11.93 -5.20
N THR A 76 1.88 -12.02 -3.87
CA THR A 76 0.72 -11.52 -3.15
C THR A 76 1.11 -10.92 -1.79
N LEU A 77 0.24 -10.08 -1.25
CA LEU A 77 0.45 -9.50 0.07
C LEU A 77 -0.89 -9.32 0.77
N VAL A 78 -0.98 -9.79 1.99
CA VAL A 78 -2.17 -9.61 2.81
C VAL A 78 -1.87 -8.65 3.96
N ILE A 79 -2.24 -7.38 3.79
CA ILE A 79 -1.92 -6.35 4.77
C ILE A 79 -3.17 -5.56 5.19
N GLY A 80 -3.22 -5.17 6.46
CA GLY A 80 -4.36 -4.42 6.98
C GLY A 80 -4.05 -2.95 7.20
N TRP A 81 -5.08 -2.13 7.17
CA TRP A 81 -4.94 -0.68 7.12
C TRP A 81 -4.60 -0.08 8.49
N ARG A 82 -3.67 0.86 8.48
CA ARG A 82 -3.28 1.58 9.67
C ARG A 82 -2.87 3.01 9.30
N LEU A 83 -3.63 3.59 8.37
CA LEU A 83 -3.50 5.01 7.98
C LEU A 83 -2.44 5.28 6.92
N ASN A 84 -2.52 6.49 6.37
CA ASN A 84 -1.61 6.97 5.33
C ASN A 84 -1.63 8.50 5.34
N GLY A 85 -2.82 9.06 5.60
CA GLY A 85 -2.97 10.50 5.68
C GLY A 85 -2.55 11.05 7.03
N PHE A 86 -1.93 10.20 7.84
CA PHE A 86 -1.33 10.59 9.13
C PHE A 86 -2.38 10.85 10.20
N GLY A 87 -3.09 11.96 10.10
CA GLY A 87 -4.01 12.37 11.15
C GLY A 87 -5.41 11.84 10.96
N ARG A 88 -5.59 10.54 11.16
CA ARG A 88 -6.91 9.93 11.09
C ARG A 88 -7.00 8.78 12.08
N ILE A 89 -8.17 8.15 12.13
CA ILE A 89 -8.40 7.01 13.01
C ILE A 89 -7.87 5.74 12.32
N ASP A 90 -7.03 4.99 13.01
CA ASP A 90 -6.54 3.74 12.46
C ASP A 90 -7.36 2.58 13.00
N PRO A 91 -7.85 1.72 12.08
CA PRO A 91 -8.81 0.67 12.41
C PRO A 91 -8.26 -0.36 13.39
N ASP A 92 -6.99 -0.73 13.19
CA ASP A 92 -6.32 -1.73 14.03
C ASP A 92 -6.88 -3.16 13.84
N ASN A 93 -8.17 -3.26 13.53
CA ASN A 93 -8.84 -4.56 13.48
C ASN A 93 -8.44 -5.31 12.23
N SER A 94 -8.72 -4.72 11.09
CA SER A 94 -8.39 -5.34 9.82
C SER A 94 -8.23 -4.29 8.72
N SER A 95 -9.33 -3.99 8.03
CA SER A 95 -9.28 -3.18 6.81
C SER A 95 -8.28 -3.81 5.86
N GLU A 96 -8.29 -5.13 5.88
CA GLU A 96 -7.34 -5.95 5.17
C GLU A 96 -7.58 -5.93 3.67
N PHE A 97 -6.48 -5.93 2.92
CA PHE A 97 -6.55 -6.00 1.47
C PHE A 97 -5.46 -6.92 0.95
N THR A 98 -5.85 -7.79 0.04
CA THR A 98 -4.92 -8.72 -0.55
C THR A 98 -4.45 -8.20 -1.91
N VAL A 99 -3.16 -7.95 -2.01
CA VAL A 99 -2.55 -7.49 -3.25
C VAL A 99 -2.26 -8.68 -4.15
N THR A 100 -2.99 -8.78 -5.25
CA THR A 100 -2.82 -9.89 -6.18
C THR A 100 -1.99 -9.47 -7.39
N PHE A 101 -0.73 -9.93 -7.43
CA PHE A 101 0.15 -9.63 -8.56
C PHE A 101 0.14 -10.80 -9.56
N VAL A 102 -0.37 -10.53 -10.74
CA VAL A 102 -0.35 -11.51 -11.81
C VAL A 102 0.85 -11.24 -12.72
N ALA A 103 1.82 -12.14 -12.69
CA ALA A 103 3.06 -11.94 -13.43
C ALA A 103 2.87 -12.18 -14.91
N ASP A 104 3.42 -11.27 -15.70
CA ASP A 104 3.41 -11.40 -17.14
C ASP A 104 4.85 -11.41 -17.64
N GLY A 105 5.19 -12.47 -18.35
CA GLY A 105 6.56 -12.66 -18.82
C GLY A 105 7.06 -11.56 -19.74
N GLN A 106 6.15 -10.71 -20.19
CA GLN A 106 6.52 -9.64 -21.10
C GLN A 106 6.70 -8.33 -20.32
N LYS A 107 7.47 -8.39 -19.23
CA LYS A 107 7.84 -7.21 -18.45
C LYS A 107 6.61 -6.51 -17.88
N LYS A 108 5.58 -7.29 -17.58
CA LYS A 108 4.30 -6.73 -17.17
C LYS A 108 3.78 -7.43 -15.93
N THR A 109 2.94 -6.75 -15.18
CA THR A 109 2.26 -7.37 -14.05
C THR A 109 1.00 -6.60 -13.69
N ARG A 110 -0.11 -7.31 -13.65
CA ARG A 110 -1.39 -6.72 -13.30
C ARG A 110 -1.72 -7.07 -11.86
N VAL A 111 -2.01 -6.05 -11.07
CA VAL A 111 -2.39 -6.27 -9.69
C VAL A 111 -3.84 -5.85 -9.45
N ASP A 112 -4.56 -6.69 -8.74
CA ASP A 112 -5.86 -6.31 -8.26
C ASP A 112 -5.94 -6.53 -6.76
N VAL A 113 -6.20 -5.45 -6.05
CA VAL A 113 -6.32 -5.48 -4.60
C VAL A 113 -7.75 -5.74 -4.21
N GLU A 114 -7.97 -6.82 -3.49
CA GLU A 114 -9.28 -7.12 -2.95
C GLU A 114 -9.35 -6.63 -1.52
N HIS A 115 -10.14 -5.62 -1.30
CA HIS A 115 -10.34 -5.06 0.02
C HIS A 115 -11.82 -5.04 0.33
N THR A 116 -12.26 -6.03 1.08
CA THR A 116 -13.66 -6.15 1.43
C THR A 116 -13.80 -6.86 2.77
N HIS A 117 -13.76 -6.09 3.84
CA HIS A 117 -13.75 -6.65 5.18
C HIS A 117 -14.25 -5.63 6.18
N PHE A 118 -13.39 -4.68 6.52
CA PHE A 118 -13.73 -3.62 7.45
C PHE A 118 -14.70 -2.65 6.77
N ASP A 119 -14.44 -2.40 5.50
CA ASP A 119 -15.21 -1.45 4.71
C ASP A 119 -16.57 -2.01 4.35
N ARG A 120 -16.60 -3.25 3.87
CA ARG A 120 -17.85 -3.94 3.51
C ARG A 120 -18.81 -3.99 4.70
N MET A 121 -18.28 -3.85 5.91
CA MET A 121 -19.11 -3.88 7.11
C MET A 121 -19.94 -2.60 7.22
N GLY A 122 -19.71 -1.68 6.28
CA GLY A 122 -20.59 -0.54 6.07
C GLY A 122 -20.68 0.40 7.26
N THR A 123 -21.72 1.25 7.19
CA THR A 123 -22.01 2.27 8.20
C THR A 123 -20.75 2.97 8.73
N LYS A 124 -20.49 2.80 10.01
CA LYS A 124 -19.40 3.50 10.69
C LYS A 124 -18.05 3.01 10.20
N HIS A 125 -18.02 1.77 9.71
CA HIS A 125 -16.76 1.16 9.32
C HIS A 125 -16.20 1.84 8.07
N ALA A 126 -17.01 1.92 7.03
CA ALA A 126 -16.60 2.57 5.80
C ALA A 126 -16.51 4.07 6.01
N LYS A 127 -17.29 4.56 6.96
CA LYS A 127 -17.31 5.97 7.32
C LYS A 127 -15.95 6.43 7.84
N ARG A 128 -15.35 5.67 8.73
CA ARG A 128 -14.07 6.05 9.30
C ARG A 128 -12.91 5.76 8.34
N VAL A 129 -13.07 4.76 7.48
CA VAL A 129 -12.03 4.39 6.52
C VAL A 129 -11.91 5.43 5.38
N ARG A 130 -13.02 6.06 5.01
CA ARG A 130 -13.03 7.01 3.90
C ARG A 130 -12.06 8.17 4.12
N ASN A 131 -11.85 8.53 5.39
CA ASN A 131 -10.99 9.65 5.76
C ASN A 131 -9.52 9.43 5.37
N GLY A 132 -9.15 8.17 5.20
CA GLY A 132 -7.73 7.85 5.17
C GLY A 132 -7.13 7.75 3.78
N MET A 133 -7.48 6.69 3.07
CA MET A 133 -6.80 6.37 1.82
C MET A 133 -7.33 7.21 0.64
N ASP A 134 -8.43 7.92 0.86
CA ASP A 134 -9.12 8.64 -0.22
C ASP A 134 -8.18 9.59 -0.97
N LYS A 135 -7.44 10.41 -0.24
CA LYS A 135 -6.57 11.41 -0.86
C LYS A 135 -5.13 10.92 -0.96
N GLY A 136 -4.94 9.61 -0.95
CA GLY A 136 -3.60 9.08 -1.03
C GLY A 136 -3.51 7.85 -1.91
N TRP A 137 -4.29 6.84 -1.60
CA TRP A 137 -4.16 5.52 -2.23
C TRP A 137 -4.25 5.59 -3.77
N PRO A 138 -5.31 6.21 -4.35
CA PRO A 138 -5.43 6.34 -5.81
C PRO A 138 -4.25 7.10 -6.42
N THR A 139 -3.82 8.17 -5.75
CA THR A 139 -2.73 8.99 -6.22
C THR A 139 -1.40 8.21 -6.13
N ILE A 140 -1.27 7.44 -5.06
CA ILE A 140 -0.11 6.61 -4.85
C ILE A 140 0.05 5.61 -6.00
N LEU A 141 -1.05 5.02 -6.44
CA LEU A 141 -1.01 4.00 -7.48
C LEU A 141 -0.47 4.55 -8.80
N GLN A 142 -0.65 5.85 -9.02
CA GLN A 142 -0.10 6.48 -10.22
C GLN A 142 1.41 6.65 -10.08
N SER A 143 1.84 7.28 -9.00
CA SER A 143 3.27 7.45 -8.73
C SER A 143 3.94 6.08 -8.57
N PHE A 144 3.15 5.11 -8.12
CA PHE A 144 3.61 3.75 -7.96
C PHE A 144 4.04 3.16 -9.31
N GLN A 145 3.12 3.21 -10.29
CA GLN A 145 3.39 2.71 -11.64
C GLN A 145 4.51 3.51 -12.30
N ASP A 146 4.54 4.78 -11.98
CA ASP A 146 5.51 5.70 -12.53
C ASP A 146 6.92 5.34 -12.07
N LYS A 147 7.04 5.07 -10.78
CA LYS A 147 8.31 4.69 -10.19
C LYS A 147 8.75 3.32 -10.67
N ILE A 148 7.78 2.45 -10.94
CA ILE A 148 8.07 1.12 -11.45
C ILE A 148 8.56 1.19 -12.90
N ASP A 149 7.98 2.12 -13.65
CA ASP A 149 8.38 2.30 -15.04
C ASP A 149 9.80 2.81 -15.11
N GLU A 150 10.22 3.54 -14.07
CA GLU A 150 11.58 4.06 -13.97
C GLU A 150 12.58 2.92 -13.97
N GLU A 151 12.14 1.79 -13.48
CA GLU A 151 13.01 0.64 -13.33
C GLU A 151 13.03 -0.18 -14.62
N GLY A 152 12.24 0.24 -15.60
CA GLY A 152 12.12 -0.52 -16.82
C GLY A 152 12.46 0.27 -18.07
N ALA A 153 11.60 1.23 -18.43
CA ALA A 153 11.77 1.97 -19.68
C ALA A 153 11.88 3.46 -19.42
N LYS A 154 10.97 3.98 -18.59
CA LYS A 154 10.97 5.40 -18.25
C LYS A 154 11.99 5.67 -17.15
N LYS A 155 12.22 6.94 -16.87
CA LYS A 155 12.96 7.34 -15.69
C LYS A 155 12.47 8.72 -15.27
N ASN A 1 -15.54 2.56 -3.55
CA ASN A 1 -15.25 1.16 -3.22
C ASN A 1 -15.08 1.00 -1.70
N TYR A 2 -15.99 0.23 -1.09
CA TYR A 2 -16.01 -0.03 0.35
C TYR A 2 -17.30 -0.77 0.71
N ASP A 3 -18.38 -0.44 0.02
CA ASP A 3 -19.66 -1.09 0.28
C ASP A 3 -19.67 -2.52 -0.28
N PRO A 4 -19.38 -2.73 -1.58
CA PRO A 4 -19.27 -4.06 -2.13
C PRO A 4 -17.88 -4.66 -1.92
N PHE A 5 -16.89 -4.10 -2.60
CA PHE A 5 -15.51 -4.53 -2.48
C PHE A 5 -14.56 -3.35 -2.68
N VAL A 6 -13.48 -3.33 -1.92
CA VAL A 6 -12.39 -2.41 -2.20
C VAL A 6 -11.31 -3.16 -2.97
N ARG A 7 -11.12 -2.81 -4.22
CA ARG A 7 -10.14 -3.50 -5.04
C ARG A 7 -9.13 -2.53 -5.60
N HIS A 8 -7.86 -2.91 -5.54
CA HIS A 8 -6.82 -2.12 -6.17
C HIS A 8 -6.30 -2.86 -7.39
N SER A 9 -6.15 -2.15 -8.49
CA SER A 9 -5.77 -2.77 -9.73
C SER A 9 -4.84 -1.87 -10.52
N VAL A 10 -3.60 -2.28 -10.65
CA VAL A 10 -2.64 -1.53 -11.46
C VAL A 10 -2.01 -2.44 -12.50
N THR A 11 -1.81 -1.92 -13.69
CA THR A 11 -1.05 -2.62 -14.69
C THR A 11 0.33 -1.99 -14.76
N VAL A 12 1.34 -2.76 -14.38
CA VAL A 12 2.68 -2.23 -14.26
C VAL A 12 3.53 -2.66 -15.45
N LYS A 13 4.63 -1.96 -15.65
CA LYS A 13 5.42 -2.10 -16.87
C LYS A 13 6.89 -2.41 -16.56
N ALA A 14 7.12 -3.21 -15.51
CA ALA A 14 8.48 -3.64 -15.19
C ALA A 14 8.49 -4.96 -14.41
N ASP A 15 7.48 -5.80 -14.63
CA ASP A 15 7.38 -7.13 -14.02
C ASP A 15 6.97 -7.07 -12.54
N ARG A 16 6.53 -8.21 -12.03
CA ARG A 16 6.03 -8.35 -10.67
C ARG A 16 7.11 -8.08 -9.65
N LYS A 17 8.35 -8.33 -10.05
CA LYS A 17 9.51 -8.12 -9.19
C LYS A 17 9.58 -6.68 -8.71
N THR A 18 9.44 -5.74 -9.65
CA THR A 18 9.54 -4.34 -9.32
C THR A 18 8.25 -3.85 -8.67
N ALA A 19 7.11 -4.36 -9.12
CA ALA A 19 5.83 -3.99 -8.52
C ALA A 19 5.82 -4.35 -7.03
N PHE A 20 6.39 -5.51 -6.70
CA PHE A 20 6.51 -5.92 -5.30
C PHE A 20 7.56 -5.06 -4.59
N LYS A 21 8.74 -4.94 -5.20
CA LYS A 21 9.83 -4.18 -4.60
C LYS A 21 9.38 -2.77 -4.25
N THR A 22 8.83 -2.09 -5.24
CA THR A 22 8.41 -0.72 -5.08
C THR A 22 7.30 -0.62 -4.04
N PHE A 23 6.31 -1.50 -4.12
CA PHE A 23 5.14 -1.45 -3.25
C PHE A 23 5.51 -1.66 -1.79
N LEU A 24 6.46 -2.54 -1.53
CA LEU A 24 6.78 -2.89 -0.15
C LEU A 24 8.01 -2.16 0.36
N GLU A 25 9.16 -2.35 -0.29
CA GLU A 25 10.41 -1.79 0.22
C GLU A 25 10.66 -0.39 -0.31
N GLY A 26 9.97 -0.05 -1.39
CA GLY A 26 10.11 1.26 -1.97
C GLY A 26 9.11 2.23 -1.38
N PHE A 27 8.58 1.86 -0.22
CA PHE A 27 7.49 2.57 0.43
C PHE A 27 7.77 4.07 0.53
N PRO A 28 8.94 4.49 1.08
CA PRO A 28 9.25 5.92 1.28
C PRO A 28 9.88 6.63 0.07
N GLU A 29 9.95 5.98 -1.08
CA GLU A 29 10.62 6.61 -2.22
C GLU A 29 9.64 6.98 -3.33
N TRP A 30 8.37 6.67 -3.13
CA TRP A 30 7.37 6.99 -4.13
C TRP A 30 7.16 8.49 -4.24
N TRP A 31 6.68 8.91 -5.41
CA TRP A 31 6.33 10.31 -5.65
C TRP A 31 5.00 10.72 -4.97
N PRO A 32 3.93 9.88 -5.03
CA PRO A 32 2.55 10.33 -4.75
C PRO A 32 2.32 10.89 -3.34
N ASN A 33 2.02 10.02 -2.39
CA ASN A 33 1.64 10.45 -1.05
C ASN A 33 2.73 10.07 -0.06
N ASN A 34 3.57 9.14 -0.45
CA ASN A 34 4.49 8.50 0.47
C ASN A 34 5.89 9.08 0.37
N PHE A 35 5.98 10.33 -0.03
CA PHE A 35 7.26 11.03 -0.10
C PHE A 35 7.37 12.00 1.09
N ARG A 36 6.47 11.84 2.04
CA ARG A 36 6.41 12.73 3.19
C ARG A 36 6.97 12.06 4.43
N THR A 37 7.90 12.75 5.09
CA THR A 37 8.59 12.19 6.23
C THR A 37 7.70 12.19 7.47
N THR A 38 7.75 11.07 8.21
CA THR A 38 6.95 10.84 9.43
C THR A 38 5.44 10.95 9.18
N LYS A 39 5.05 11.01 7.91
CA LYS A 39 3.64 10.99 7.53
C LYS A 39 3.29 9.58 7.10
N VAL A 40 4.12 9.05 6.22
CA VAL A 40 3.95 7.71 5.68
C VAL A 40 5.15 7.33 4.82
N GLY A 41 6.08 8.27 4.68
CA GLY A 41 7.23 8.04 3.84
C GLY A 41 8.54 8.31 4.55
N ALA A 42 8.67 7.77 5.76
CA ALA A 42 9.96 7.78 6.44
C ALA A 42 10.80 6.66 5.88
N PRO A 43 12.15 6.72 6.02
CA PRO A 43 13.09 5.76 5.39
C PRO A 43 12.97 4.31 5.89
N LEU A 44 11.74 3.83 6.00
CA LEU A 44 11.48 2.44 6.34
C LEU A 44 10.17 2.00 5.69
N GLY A 45 9.05 2.29 6.37
CA GLY A 45 7.76 2.03 5.79
C GLY A 45 7.23 0.66 6.12
N VAL A 46 8.03 -0.37 5.86
CA VAL A 46 7.59 -1.74 6.07
C VAL A 46 8.70 -2.60 6.65
N ASP A 47 8.33 -3.45 7.60
CA ASP A 47 9.25 -4.44 8.14
C ASP A 47 8.94 -5.78 7.50
N LYS A 48 9.83 -6.20 6.61
CA LYS A 48 9.66 -7.43 5.86
C LYS A 48 10.05 -8.65 6.69
N LYS A 49 10.64 -8.40 7.84
CA LYS A 49 11.12 -9.46 8.71
C LYS A 49 9.96 -10.13 9.43
N GLY A 50 9.26 -9.35 10.25
CA GLY A 50 8.12 -9.89 10.96
C GLY A 50 6.84 -9.67 10.20
N GLY A 51 6.72 -8.50 9.58
CA GLY A 51 5.55 -8.19 8.79
C GLY A 51 4.69 -7.10 9.39
N ARG A 52 5.18 -5.87 9.33
CA ARG A 52 4.39 -4.73 9.81
C ARG A 52 4.81 -3.44 9.11
N TRP A 53 3.84 -2.57 8.85
CA TRP A 53 4.09 -1.30 8.16
C TRP A 53 4.26 -0.18 9.18
N TYR A 54 5.47 0.35 9.29
CA TYR A 54 5.73 1.45 10.21
C TYR A 54 6.93 2.26 9.74
N GLU A 55 6.94 3.53 10.10
CA GLU A 55 7.97 4.42 9.66
C GLU A 55 8.70 4.98 10.88
N ILE A 56 9.97 5.29 10.72
CA ILE A 56 10.75 5.78 11.84
C ILE A 56 10.41 7.23 12.12
N ASP A 57 9.64 7.44 13.18
CA ASP A 57 9.27 8.78 13.59
C ASP A 57 10.27 9.28 14.63
N GLU A 58 10.50 10.58 14.63
CA GLU A 58 11.63 11.14 15.36
C GLU A 58 11.44 11.13 16.88
N GLN A 59 10.24 10.83 17.37
CA GLN A 59 10.05 10.75 18.82
C GLN A 59 10.25 9.32 19.32
N GLY A 60 10.76 8.46 18.44
CA GLY A 60 11.11 7.11 18.86
C GLY A 60 10.33 6.02 18.16
N GLU A 61 10.30 6.07 16.82
CA GLU A 61 9.69 5.02 16.00
C GLU A 61 8.22 4.81 16.35
N GLU A 62 7.60 5.82 16.89
CA GLU A 62 6.26 5.69 17.39
C GLU A 62 5.25 6.02 16.30
N HIS A 63 5.05 5.07 15.41
CA HIS A 63 4.07 5.21 14.36
C HIS A 63 3.08 4.06 14.42
N THR A 64 1.95 4.22 13.76
CA THR A 64 1.00 3.14 13.61
C THR A 64 1.65 2.00 12.81
N PHE A 65 1.28 0.77 13.08
CA PHE A 65 1.89 -0.36 12.38
C PHE A 65 0.85 -1.18 11.60
N GLY A 66 1.06 -1.27 10.29
CA GLY A 66 0.20 -2.09 9.46
C GLY A 66 0.43 -3.56 9.74
N LEU A 67 -0.60 -4.36 9.62
CA LEU A 67 -0.52 -5.75 10.05
C LEU A 67 -0.41 -6.70 8.87
N ILE A 68 0.82 -7.09 8.53
CA ILE A 68 1.02 -8.01 7.43
C ILE A 68 0.67 -9.43 7.86
N ARG A 69 -0.22 -10.05 7.14
CA ARG A 69 -0.68 -11.39 7.44
C ARG A 69 0.12 -12.41 6.62
N LYS A 70 0.71 -11.94 5.51
CA LYS A 70 1.53 -12.81 4.66
C LYS A 70 2.41 -12.01 3.70
N VAL A 71 3.71 -12.24 3.74
CA VAL A 71 4.63 -11.72 2.74
C VAL A 71 5.11 -12.88 1.87
N ASP A 72 4.65 -12.95 0.63
CA ASP A 72 5.02 -14.06 -0.24
C ASP A 72 5.75 -13.58 -1.48
N GLU A 73 7.03 -13.24 -1.28
CA GLU A 73 7.95 -12.85 -2.37
C GLU A 73 7.31 -11.81 -3.32
N PRO A 74 7.95 -11.49 -4.47
CA PRO A 74 7.27 -10.77 -5.54
C PRO A 74 6.11 -11.58 -6.11
N ASP A 75 4.98 -11.53 -5.41
CA ASP A 75 3.76 -12.22 -5.81
C ASP A 75 2.57 -11.72 -5.02
N THR A 76 2.52 -12.04 -3.73
CA THR A 76 1.36 -11.69 -2.92
C THR A 76 1.74 -11.17 -1.53
N LEU A 77 1.01 -10.16 -1.08
CA LEU A 77 1.18 -9.60 0.25
C LEU A 77 -0.18 -9.39 0.88
N VAL A 78 -0.47 -10.10 1.95
CA VAL A 78 -1.71 -9.88 2.68
C VAL A 78 -1.45 -8.92 3.82
N ILE A 79 -2.01 -7.72 3.72
CA ILE A 79 -1.74 -6.68 4.70
C ILE A 79 -3.05 -6.09 5.24
N GLY A 80 -3.17 -6.07 6.57
CA GLY A 80 -4.32 -5.45 7.20
C GLY A 80 -4.10 -3.97 7.38
N TRP A 81 -5.16 -3.18 7.28
CA TRP A 81 -5.02 -1.74 7.17
C TRP A 81 -4.62 -1.10 8.51
N ARG A 82 -4.08 0.10 8.40
CA ARG A 82 -3.49 0.82 9.50
C ARG A 82 -3.95 2.28 9.48
N LEU A 83 -3.41 3.02 8.50
CA LEU A 83 -3.74 4.44 8.31
C LEU A 83 -2.78 5.04 7.29
N ASN A 84 -3.29 5.97 6.49
CA ASN A 84 -2.47 6.77 5.58
C ASN A 84 -3.00 8.20 5.54
N GLY A 85 -2.10 9.16 5.37
CA GLY A 85 -2.51 10.55 5.33
C GLY A 85 -2.06 11.31 6.56
N PHE A 86 -1.68 10.55 7.60
CA PHE A 86 -1.23 11.10 8.88
C PHE A 86 -2.39 11.74 9.65
N GLY A 87 -2.98 12.78 9.09
CA GLY A 87 -4.09 13.46 9.73
C GLY A 87 -5.42 12.80 9.40
N ARG A 88 -5.44 11.48 9.46
CA ARG A 88 -6.62 10.71 9.18
C ARG A 88 -6.81 9.66 10.26
N ILE A 89 -8.06 9.39 10.61
CA ILE A 89 -8.37 8.42 11.65
C ILE A 89 -8.69 7.05 11.05
N ASP A 90 -8.06 6.02 11.60
CA ASP A 90 -8.46 4.64 11.34
C ASP A 90 -8.28 3.83 12.62
N PRO A 91 -9.25 2.97 12.96
CA PRO A 91 -9.17 2.15 14.18
C PRO A 91 -7.94 1.25 14.20
N ASP A 92 -7.42 0.92 13.03
CA ASP A 92 -6.23 0.07 12.91
C ASP A 92 -6.47 -1.26 13.63
N ASN A 93 -7.25 -2.12 13.00
CA ASN A 93 -7.64 -3.40 13.59
C ASN A 93 -7.49 -4.53 12.58
N SER A 94 -8.43 -4.60 11.65
CA SER A 94 -8.40 -5.63 10.62
C SER A 94 -8.16 -5.00 9.26
N SER A 95 -9.24 -4.79 8.51
CA SER A 95 -9.19 -4.10 7.22
C SER A 95 -8.11 -4.70 6.30
N GLU A 96 -7.97 -6.01 6.34
CA GLU A 96 -6.96 -6.71 5.54
C GLU A 96 -7.21 -6.54 4.05
N PHE A 97 -6.13 -6.41 3.30
CA PHE A 97 -6.20 -6.42 1.84
C PHE A 97 -5.10 -7.29 1.26
N THR A 98 -5.49 -8.21 0.41
CA THR A 98 -4.55 -9.12 -0.24
C THR A 98 -4.07 -8.54 -1.56
N VAL A 99 -2.77 -8.24 -1.64
CA VAL A 99 -2.18 -7.76 -2.87
C VAL A 99 -1.76 -8.94 -3.74
N THR A 100 -2.46 -9.13 -4.84
CA THR A 100 -2.13 -10.21 -5.76
C THR A 100 -1.52 -9.67 -7.04
N PHE A 101 -0.21 -9.84 -7.20
CA PHE A 101 0.47 -9.41 -8.41
C PHE A 101 0.44 -10.52 -9.46
N VAL A 102 -0.19 -10.24 -10.59
CA VAL A 102 -0.25 -11.21 -11.67
C VAL A 102 0.91 -11.00 -12.64
N ALA A 103 1.82 -11.97 -12.66
CA ALA A 103 3.03 -11.87 -13.47
C ALA A 103 2.72 -11.97 -14.96
N ASP A 104 3.45 -11.21 -15.76
CA ASP A 104 3.32 -11.25 -17.20
C ASP A 104 4.70 -11.23 -17.84
N GLY A 105 5.00 -12.27 -18.60
CA GLY A 105 6.30 -12.40 -19.25
C GLY A 105 6.50 -11.42 -20.40
N GLN A 106 6.39 -10.14 -20.08
CA GLN A 106 6.56 -9.06 -21.03
C GLN A 106 7.09 -7.83 -20.28
N LYS A 107 7.53 -8.08 -19.04
CA LYS A 107 7.82 -7.01 -18.09
C LYS A 107 6.52 -6.32 -17.70
N LYS A 108 5.44 -7.09 -17.65
CA LYS A 108 4.15 -6.55 -17.29
C LYS A 108 3.62 -7.27 -16.06
N THR A 109 2.75 -6.61 -15.30
CA THR A 109 2.12 -7.22 -14.14
C THR A 109 0.88 -6.44 -13.74
N ARG A 110 -0.23 -7.15 -13.58
CA ARG A 110 -1.48 -6.53 -13.17
C ARG A 110 -1.81 -6.98 -11.75
N VAL A 111 -1.81 -6.06 -10.82
CA VAL A 111 -2.10 -6.39 -9.43
C VAL A 111 -3.57 -6.21 -9.12
N ASP A 112 -4.08 -7.09 -8.26
CA ASP A 112 -5.43 -7.01 -7.77
C ASP A 112 -5.45 -7.12 -6.25
N VAL A 113 -6.07 -6.16 -5.58
CA VAL A 113 -6.18 -6.19 -4.13
C VAL A 113 -7.61 -6.42 -3.70
N GLU A 114 -7.79 -7.33 -2.76
CA GLU A 114 -9.08 -7.52 -2.13
C GLU A 114 -9.07 -6.91 -0.74
N HIS A 115 -9.81 -5.84 -0.58
CA HIS A 115 -9.99 -5.21 0.71
C HIS A 115 -11.47 -5.14 1.00
N THR A 116 -11.96 -6.07 1.79
CA THR A 116 -13.37 -6.13 2.10
C THR A 116 -13.59 -6.79 3.46
N HIS A 117 -13.62 -5.97 4.50
CA HIS A 117 -13.82 -6.48 5.85
C HIS A 117 -14.41 -5.39 6.74
N PHE A 118 -13.56 -4.44 7.12
CA PHE A 118 -13.96 -3.34 7.98
C PHE A 118 -14.63 -2.22 7.16
N ASP A 119 -14.27 -2.16 5.89
CA ASP A 119 -14.79 -1.16 4.97
C ASP A 119 -16.22 -1.48 4.56
N ARG A 120 -16.46 -2.76 4.27
CA ARG A 120 -17.77 -3.27 3.86
C ARG A 120 -18.87 -2.90 4.85
N MET A 121 -18.47 -2.60 6.08
CA MET A 121 -19.44 -2.29 7.14
C MET A 121 -19.96 -0.85 7.00
N GLY A 122 -19.49 -0.16 5.95
CA GLY A 122 -20.03 1.14 5.59
C GLY A 122 -20.15 2.12 6.74
N THR A 123 -21.20 2.93 6.69
CA THR A 123 -21.50 3.92 7.71
C THR A 123 -20.26 4.73 8.07
N LYS A 124 -19.99 4.89 9.36
CA LYS A 124 -18.85 5.68 9.80
C LYS A 124 -17.55 4.91 9.67
N HIS A 125 -17.64 3.61 9.45
CA HIS A 125 -16.44 2.79 9.31
C HIS A 125 -15.79 3.07 7.97
N ALA A 126 -16.57 2.96 6.91
CA ALA A 126 -16.07 3.19 5.56
C ALA A 126 -15.82 4.68 5.33
N LYS A 127 -16.66 5.52 5.91
CA LYS A 127 -16.52 6.97 5.74
C LYS A 127 -15.22 7.46 6.37
N ARG A 128 -14.86 6.91 7.52
CA ARG A 128 -13.66 7.35 8.21
C ARG A 128 -12.42 6.85 7.48
N VAL A 129 -12.51 5.67 6.87
CA VAL A 129 -11.43 5.17 6.03
C VAL A 129 -11.25 6.07 4.81
N ARG A 130 -12.38 6.49 4.25
CA ARG A 130 -12.39 7.29 3.04
C ARG A 130 -11.76 8.67 3.25
N ASN A 131 -11.61 9.09 4.51
CA ASN A 131 -11.14 10.44 4.80
C ASN A 131 -9.82 10.75 4.09
N GLY A 132 -8.88 9.83 4.16
CA GLY A 132 -7.57 10.07 3.57
C GLY A 132 -7.21 9.07 2.48
N MET A 133 -7.88 7.92 2.49
CA MET A 133 -7.57 6.89 1.53
C MET A 133 -8.21 7.18 0.17
N ASP A 134 -9.27 7.99 0.17
CA ASP A 134 -10.06 8.27 -1.03
C ASP A 134 -9.22 8.82 -2.18
N LYS A 135 -8.40 9.82 -1.90
CA LYS A 135 -7.60 10.44 -2.94
C LYS A 135 -6.16 9.93 -2.93
N GLY A 136 -5.61 9.75 -1.74
CA GLY A 136 -4.22 9.37 -1.59
C GLY A 136 -3.87 8.07 -2.25
N TRP A 137 -4.53 7.00 -1.85
CA TRP A 137 -4.17 5.65 -2.30
C TRP A 137 -4.25 5.49 -3.83
N PRO A 138 -5.38 5.89 -4.48
CA PRO A 138 -5.49 5.83 -5.94
C PRO A 138 -4.47 6.71 -6.64
N THR A 139 -4.16 7.87 -6.04
CA THR A 139 -3.15 8.74 -6.60
C THR A 139 -1.78 8.09 -6.46
N ILE A 140 -1.59 7.39 -5.35
CA ILE A 140 -0.40 6.61 -5.11
C ILE A 140 -0.19 5.62 -6.24
N LEU A 141 -1.24 4.88 -6.57
CA LEU A 141 -1.15 3.82 -7.59
C LEU A 141 -0.69 4.38 -8.94
N GLN A 142 -1.08 5.61 -9.25
CA GLN A 142 -0.69 6.22 -10.52
C GLN A 142 0.81 6.49 -10.53
N SER A 143 1.27 7.25 -9.53
CA SER A 143 2.69 7.55 -9.40
C SER A 143 3.49 6.28 -9.08
N PHE A 144 2.80 5.30 -8.54
CA PHE A 144 3.37 3.99 -8.26
C PHE A 144 3.78 3.30 -9.57
N GLN A 145 2.83 3.22 -10.51
CA GLN A 145 3.08 2.64 -11.83
C GLN A 145 4.20 3.41 -12.53
N ASP A 146 4.25 4.70 -12.27
CA ASP A 146 5.20 5.59 -12.93
C ASP A 146 6.61 5.43 -12.34
N LYS A 147 6.69 5.32 -11.02
CA LYS A 147 7.97 5.10 -10.35
C LYS A 147 8.56 3.74 -10.78
N ILE A 148 7.69 2.76 -10.93
CA ILE A 148 8.10 1.44 -11.36
C ILE A 148 8.57 1.47 -12.81
N ASP A 149 7.98 2.38 -13.59
CA ASP A 149 8.38 2.56 -14.98
C ASP A 149 9.84 2.97 -15.05
N GLU A 150 10.30 3.68 -14.03
CA GLU A 150 11.68 4.15 -13.96
C GLU A 150 12.63 2.97 -13.83
N GLU A 151 12.12 1.91 -13.20
CA GLU A 151 12.91 0.71 -12.99
C GLU A 151 12.84 -0.20 -14.22
N GLY A 152 12.01 0.19 -15.18
CA GLY A 152 11.79 -0.62 -16.36
C GLY A 152 12.27 0.02 -17.64
N ALA A 153 11.58 1.05 -18.09
CA ALA A 153 11.87 1.67 -19.38
C ALA A 153 11.57 3.16 -19.39
N LYS A 154 11.57 3.79 -18.23
CA LYS A 154 11.33 5.23 -18.14
C LYS A 154 12.42 6.00 -18.88
N LYS A 155 13.61 6.06 -18.28
CA LYS A 155 14.73 6.82 -18.83
C LYS A 155 14.38 8.31 -18.89
N ASN A 1 -16.63 1.30 -5.07
CA ASN A 1 -16.43 -0.08 -4.61
C ASN A 1 -16.10 -0.11 -3.11
N TYR A 2 -17.06 -0.62 -2.33
CA TYR A 2 -16.99 -0.68 -0.85
C TYR A 2 -18.01 -1.69 -0.37
N ASP A 3 -19.19 -1.64 -0.98
CA ASP A 3 -20.33 -2.45 -0.54
C ASP A 3 -20.04 -3.96 -0.63
N PRO A 4 -19.62 -4.48 -1.81
CA PRO A 4 -19.28 -5.89 -1.95
C PRO A 4 -17.80 -6.16 -1.70
N PHE A 5 -16.95 -5.60 -2.55
CA PHE A 5 -15.52 -5.77 -2.45
C PHE A 5 -14.81 -4.56 -3.04
N VAL A 6 -13.72 -4.16 -2.42
CA VAL A 6 -12.90 -3.09 -2.97
C VAL A 6 -11.66 -3.66 -3.62
N ARG A 7 -11.62 -3.62 -4.92
CA ARG A 7 -10.54 -4.21 -5.67
C ARG A 7 -9.64 -3.15 -6.30
N HIS A 8 -8.34 -3.32 -6.13
CA HIS A 8 -7.37 -2.45 -6.80
C HIS A 8 -6.67 -3.25 -7.88
N SER A 9 -6.52 -2.65 -9.05
CA SER A 9 -5.84 -3.30 -10.13
C SER A 9 -4.96 -2.33 -10.91
N VAL A 10 -3.66 -2.53 -10.82
CA VAL A 10 -2.73 -1.69 -11.58
C VAL A 10 -1.84 -2.53 -12.48
N THR A 11 -1.40 -1.92 -13.57
CA THR A 11 -0.50 -2.58 -14.50
C THR A 11 0.92 -2.08 -14.30
N VAL A 12 1.77 -3.00 -13.90
CA VAL A 12 3.17 -2.72 -13.64
C VAL A 12 3.98 -2.96 -14.90
N LYS A 13 4.84 -1.99 -15.23
CA LYS A 13 5.55 -2.00 -16.50
C LYS A 13 7.00 -2.47 -16.34
N ALA A 14 7.28 -3.24 -15.30
CA ALA A 14 8.65 -3.69 -15.06
C ALA A 14 8.68 -4.98 -14.23
N ASP A 15 7.73 -5.88 -14.48
CA ASP A 15 7.73 -7.20 -13.85
C ASP A 15 7.29 -7.16 -12.37
N ARG A 16 6.85 -8.32 -11.89
CA ARG A 16 6.30 -8.47 -10.55
C ARG A 16 7.34 -8.14 -9.48
N LYS A 17 8.62 -8.30 -9.82
CA LYS A 17 9.70 -7.95 -8.91
C LYS A 17 9.60 -6.49 -8.49
N THR A 18 9.43 -5.61 -9.47
CA THR A 18 9.40 -4.19 -9.18
C THR A 18 8.08 -3.78 -8.53
N ALA A 19 6.98 -4.41 -8.94
CA ALA A 19 5.69 -4.13 -8.32
C ALA A 19 5.74 -4.43 -6.82
N PHE A 20 6.31 -5.58 -6.47
CA PHE A 20 6.47 -5.97 -5.07
C PHE A 20 7.54 -5.11 -4.40
N LYS A 21 8.66 -4.92 -5.10
CA LYS A 21 9.78 -4.16 -4.57
C LYS A 21 9.34 -2.78 -4.14
N THR A 22 8.72 -2.09 -5.06
CA THR A 22 8.28 -0.73 -4.83
C THR A 22 7.22 -0.71 -3.73
N PHE A 23 6.23 -1.60 -3.85
CA PHE A 23 5.07 -1.61 -2.96
C PHE A 23 5.47 -1.83 -1.49
N LEU A 24 6.47 -2.68 -1.25
CA LEU A 24 6.80 -3.03 0.11
C LEU A 24 8.18 -2.51 0.54
N GLU A 25 9.21 -2.77 -0.24
CA GLU A 25 10.57 -2.40 0.17
C GLU A 25 10.87 -0.94 -0.10
N GLY A 26 10.40 -0.45 -1.23
CA GLY A 26 10.69 0.90 -1.65
C GLY A 26 9.64 1.88 -1.20
N PHE A 27 9.16 1.71 0.01
CA PHE A 27 8.02 2.47 0.51
C PHE A 27 8.32 3.99 0.54
N PRO A 28 9.36 4.44 1.27
CA PRO A 28 9.63 5.88 1.47
C PRO A 28 10.34 6.54 0.28
N GLU A 29 10.12 6.04 -0.92
CA GLU A 29 10.74 6.66 -2.10
C GLU A 29 9.69 7.01 -3.14
N TRP A 30 8.43 6.76 -2.82
CA TRP A 30 7.34 7.09 -3.73
C TRP A 30 7.09 8.59 -3.71
N TRP A 31 6.48 9.08 -4.77
CA TRP A 31 6.12 10.50 -4.87
C TRP A 31 4.73 10.81 -4.26
N PRO A 32 3.72 9.89 -4.37
CA PRO A 32 2.31 10.21 -4.10
C PRO A 32 2.03 10.84 -2.73
N ASN A 33 1.82 10.02 -1.71
CA ASN A 33 1.47 10.52 -0.38
C ASN A 33 2.61 10.29 0.59
N ASN A 34 3.30 9.18 0.39
CA ASN A 34 4.31 8.71 1.33
C ASN A 34 5.70 9.24 0.96
N PHE A 35 5.74 10.45 0.42
CA PHE A 35 6.98 11.14 0.13
C PHE A 35 7.32 12.08 1.29
N ARG A 36 6.41 12.12 2.26
CA ARG A 36 6.53 13.03 3.40
C ARG A 36 7.09 12.30 4.60
N THR A 37 8.17 12.84 5.16
CA THR A 37 8.88 12.17 6.23
C THR A 37 8.13 12.32 7.54
N THR A 38 8.05 11.20 8.27
CA THR A 38 7.38 11.11 9.58
C THR A 38 5.91 11.52 9.49
N LYS A 39 5.39 11.48 8.28
CA LYS A 39 3.97 11.70 8.06
C LYS A 39 3.37 10.39 7.59
N VAL A 40 4.06 9.76 6.64
CA VAL A 40 3.69 8.45 6.13
C VAL A 40 4.78 7.98 5.15
N GLY A 41 5.99 8.48 5.34
CA GLY A 41 7.05 8.24 4.40
C GLY A 41 8.43 8.58 4.95
N ALA A 42 8.63 8.33 6.24
CA ALA A 42 9.95 8.46 6.84
C ALA A 42 10.89 7.41 6.24
N PRO A 43 12.21 7.55 6.42
CA PRO A 43 13.22 6.63 5.84
C PRO A 43 13.14 5.20 6.38
N LEU A 44 11.98 4.58 6.25
CA LEU A 44 11.77 3.18 6.59
C LEU A 44 10.50 2.68 5.93
N GLY A 45 9.37 2.93 6.56
CA GLY A 45 8.09 2.68 5.93
C GLY A 45 7.56 1.27 6.16
N VAL A 46 8.35 0.28 5.82
CA VAL A 46 7.89 -1.11 5.89
C VAL A 46 8.98 -2.03 6.44
N ASP A 47 8.55 -2.99 7.24
CA ASP A 47 9.44 -4.02 7.79
C ASP A 47 9.10 -5.36 7.14
N LYS A 48 10.00 -5.84 6.30
CA LYS A 48 9.73 -7.03 5.50
C LYS A 48 9.95 -8.31 6.30
N LYS A 49 10.85 -8.26 7.26
CA LYS A 49 11.24 -9.45 8.01
C LYS A 49 10.16 -9.88 9.01
N GLY A 50 9.58 -8.93 9.71
CA GLY A 50 8.53 -9.24 10.66
C GLY A 50 7.16 -9.06 10.05
N GLY A 51 7.00 -7.98 9.30
CA GLY A 51 5.77 -7.75 8.58
C GLY A 51 4.93 -6.64 9.20
N ARG A 52 5.41 -5.41 9.11
CA ARG A 52 4.66 -4.27 9.63
C ARG A 52 5.14 -2.97 8.99
N TRP A 53 4.20 -2.10 8.68
CA TRP A 53 4.50 -0.82 8.03
C TRP A 53 4.63 0.29 9.08
N TYR A 54 5.84 0.78 9.30
CA TYR A 54 6.05 1.84 10.27
C TYR A 54 7.26 2.68 9.90
N GLU A 55 7.31 3.89 10.44
CA GLU A 55 8.36 4.84 10.09
C GLU A 55 9.19 5.18 11.31
N ILE A 56 10.42 5.61 11.08
CA ILE A 56 11.25 6.15 12.14
C ILE A 56 10.79 7.58 12.41
N ASP A 57 10.04 7.77 13.49
CA ASP A 57 9.50 9.07 13.83
C ASP A 57 10.50 9.87 14.68
N GLU A 58 10.11 11.07 15.09
CA GLU A 58 11.01 11.99 15.77
C GLU A 58 11.57 11.41 17.07
N GLN A 59 10.72 10.73 17.85
CA GLN A 59 11.16 10.17 19.13
C GLN A 59 11.45 8.67 18.99
N GLY A 60 11.77 8.24 17.79
CA GLY A 60 12.11 6.85 17.57
C GLY A 60 11.36 6.29 16.38
N GLU A 61 10.30 5.56 16.65
CA GLU A 61 9.44 5.03 15.61
C GLU A 61 8.04 4.76 16.15
N GLU A 62 7.28 5.82 16.34
CA GLU A 62 5.92 5.71 16.82
C GLU A 62 4.99 6.08 15.69
N HIS A 63 4.86 5.17 14.73
CA HIS A 63 3.90 5.32 13.66
C HIS A 63 2.98 4.11 13.60
N THR A 64 1.74 4.33 13.19
CA THR A 64 0.75 3.27 13.10
C THR A 64 1.22 2.17 12.16
N PHE A 65 1.53 1.01 12.73
CA PHE A 65 2.10 -0.08 11.95
C PHE A 65 1.02 -0.79 11.12
N GLY A 66 1.24 -0.82 9.82
CA GLY A 66 0.41 -1.63 8.95
C GLY A 66 0.52 -3.09 9.33
N LEU A 67 -0.61 -3.78 9.41
CA LEU A 67 -0.60 -5.09 10.03
C LEU A 67 -0.52 -6.18 8.97
N ILE A 68 0.70 -6.53 8.60
CA ILE A 68 0.91 -7.57 7.60
C ILE A 68 0.60 -8.93 8.20
N ARG A 69 -0.27 -9.67 7.54
CA ARG A 69 -0.65 -10.99 8.00
C ARG A 69 0.22 -12.03 7.29
N LYS A 70 0.70 -11.68 6.10
CA LYS A 70 1.49 -12.58 5.29
C LYS A 70 2.19 -11.83 4.15
N VAL A 71 3.48 -12.12 3.98
CA VAL A 71 4.25 -11.59 2.87
C VAL A 71 4.68 -12.74 1.98
N ASP A 72 4.05 -12.87 0.82
CA ASP A 72 4.31 -13.99 -0.06
C ASP A 72 5.20 -13.58 -1.22
N GLU A 73 6.41 -13.09 -0.89
CA GLU A 73 7.43 -12.71 -1.89
C GLU A 73 6.84 -11.84 -3.03
N PRO A 74 7.57 -11.60 -4.14
CA PRO A 74 6.97 -11.02 -5.34
C PRO A 74 5.91 -11.94 -5.94
N ASP A 75 4.73 -11.90 -5.35
CA ASP A 75 3.62 -12.77 -5.76
C ASP A 75 2.31 -12.29 -5.13
N THR A 76 2.24 -12.38 -3.80
CA THR A 76 1.04 -11.95 -3.07
C THR A 76 1.40 -11.39 -1.70
N LEU A 77 0.50 -10.59 -1.14
CA LEU A 77 0.68 -10.05 0.21
C LEU A 77 -0.68 -9.90 0.88
N VAL A 78 -0.82 -10.46 2.06
CA VAL A 78 -2.02 -10.26 2.86
C VAL A 78 -1.70 -9.30 4.00
N ILE A 79 -2.10 -8.05 3.85
CA ILE A 79 -1.79 -7.03 4.84
C ILE A 79 -3.06 -6.27 5.25
N GLY A 80 -3.18 -6.02 6.56
CA GLY A 80 -4.34 -5.36 7.08
C GLY A 80 -4.19 -3.85 7.10
N TRP A 81 -5.29 -3.15 6.87
CA TRP A 81 -5.30 -1.71 6.67
C TRP A 81 -4.86 -0.94 7.90
N ARG A 82 -3.94 -0.02 7.64
CA ARG A 82 -3.46 0.94 8.60
C ARG A 82 -3.04 2.16 7.80
N LEU A 83 -3.96 3.11 7.68
CA LEU A 83 -3.77 4.24 6.76
C LEU A 83 -2.64 5.16 7.20
N ASN A 84 -2.54 6.30 6.53
CA ASN A 84 -1.57 7.32 6.89
C ASN A 84 -1.96 7.91 8.26
N GLY A 85 -1.69 7.15 9.30
CA GLY A 85 -2.22 7.43 10.63
C GLY A 85 -1.46 8.50 11.37
N PHE A 86 -1.27 9.63 10.71
CA PHE A 86 -0.66 10.78 11.33
C PHE A 86 -1.51 11.98 11.01
N GLY A 87 -2.81 11.74 10.95
CA GLY A 87 -3.76 12.77 10.60
C GLY A 87 -5.14 12.19 10.36
N ARG A 88 -5.18 10.92 9.96
CA ARG A 88 -6.43 10.22 9.78
C ARG A 88 -6.51 9.04 10.74
N ILE A 89 -7.72 8.55 10.98
CA ILE A 89 -7.92 7.45 11.90
C ILE A 89 -7.92 6.10 11.17
N ASP A 90 -6.98 5.26 11.55
CA ASP A 90 -6.91 3.89 11.05
C ASP A 90 -7.73 2.97 11.94
N PRO A 91 -8.55 2.10 11.31
CA PRO A 91 -9.39 1.15 12.04
C PRO A 91 -8.59 0.24 12.95
N ASP A 92 -7.61 -0.45 12.36
CA ASP A 92 -6.78 -1.44 13.07
C ASP A 92 -7.63 -2.47 13.79
N ASN A 93 -8.01 -3.52 13.08
CA ASN A 93 -8.73 -4.64 13.66
C ASN A 93 -8.59 -5.85 12.75
N SER A 94 -8.92 -5.64 11.50
CA SER A 94 -8.69 -6.62 10.46
C SER A 94 -8.28 -5.87 9.21
N SER A 95 -9.28 -5.41 8.46
CA SER A 95 -9.07 -4.50 7.35
C SER A 95 -8.09 -5.08 6.32
N GLU A 96 -7.99 -6.41 6.30
CA GLU A 96 -7.01 -7.11 5.49
C GLU A 96 -7.35 -7.03 4.00
N PHE A 97 -6.33 -6.85 3.18
CA PHE A 97 -6.48 -6.91 1.74
C PHE A 97 -5.48 -7.88 1.14
N THR A 98 -5.97 -8.67 0.19
CA THR A 98 -5.14 -9.62 -0.52
C THR A 98 -4.59 -8.97 -1.78
N VAL A 99 -3.28 -8.70 -1.78
CA VAL A 99 -2.64 -8.15 -2.95
C VAL A 99 -2.15 -9.27 -3.84
N THR A 100 -2.81 -9.46 -4.97
CA THR A 100 -2.45 -10.50 -5.91
C THR A 100 -1.70 -9.92 -7.10
N PHE A 101 -0.40 -10.15 -7.14
CA PHE A 101 0.39 -9.72 -8.29
C PHE A 101 0.41 -10.81 -9.34
N VAL A 102 -0.29 -10.57 -10.44
CA VAL A 102 -0.33 -11.52 -11.53
C VAL A 102 0.70 -11.14 -12.58
N ALA A 103 1.72 -11.98 -12.72
CA ALA A 103 2.78 -11.72 -13.68
C ALA A 103 2.24 -11.79 -15.10
N ASP A 104 2.59 -10.81 -15.91
CA ASP A 104 2.10 -10.74 -17.27
C ASP A 104 3.28 -10.75 -18.23
N GLY A 105 3.41 -11.84 -18.98
CA GLY A 105 4.48 -11.95 -19.93
C GLY A 105 5.82 -12.15 -19.27
N GLN A 106 6.59 -11.08 -19.15
CA GLN A 106 7.92 -11.15 -18.59
C GLN A 106 8.30 -9.84 -17.89
N LYS A 107 7.69 -8.74 -18.30
CA LYS A 107 8.00 -7.44 -17.72
C LYS A 107 6.74 -6.63 -17.48
N LYS A 108 5.61 -7.32 -17.43
CA LYS A 108 4.36 -6.69 -17.06
C LYS A 108 3.77 -7.42 -15.86
N THR A 109 2.91 -6.76 -15.12
CA THR A 109 2.25 -7.37 -13.98
C THR A 109 0.95 -6.65 -13.65
N ARG A 110 -0.15 -7.36 -13.70
CA ARG A 110 -1.44 -6.80 -13.35
C ARG A 110 -1.81 -7.27 -11.96
N VAL A 111 -1.77 -6.36 -11.00
CA VAL A 111 -2.08 -6.69 -9.62
C VAL A 111 -3.54 -6.48 -9.35
N ASP A 112 -4.08 -7.37 -8.56
CA ASP A 112 -5.48 -7.40 -8.24
C ASP A 112 -5.65 -7.55 -6.72
N VAL A 113 -6.18 -6.53 -6.08
CA VAL A 113 -6.38 -6.53 -4.63
C VAL A 113 -7.83 -6.73 -4.29
N GLU A 114 -8.13 -7.74 -3.49
CA GLU A 114 -9.46 -7.85 -2.95
C GLU A 114 -9.43 -7.67 -1.45
N HIS A 115 -10.23 -6.74 -0.97
CA HIS A 115 -10.41 -6.58 0.46
C HIS A 115 -11.87 -6.36 0.77
N THR A 116 -12.38 -7.19 1.67
CA THR A 116 -13.80 -7.20 2.00
C THR A 116 -14.00 -7.27 3.50
N HIS A 117 -13.83 -6.15 4.19
CA HIS A 117 -13.99 -6.15 5.63
C HIS A 117 -14.26 -4.76 6.16
N PHE A 118 -13.22 -3.95 6.21
CA PHE A 118 -13.32 -2.61 6.77
C PHE A 118 -14.11 -1.67 5.84
N ASP A 119 -14.03 -1.95 4.56
CA ASP A 119 -14.72 -1.20 3.53
C ASP A 119 -16.21 -1.49 3.56
N ARG A 120 -16.54 -2.77 3.54
CA ARG A 120 -17.92 -3.25 3.60
C ARG A 120 -18.61 -2.78 4.89
N MET A 121 -17.83 -2.42 5.91
CA MET A 121 -18.38 -1.87 7.15
C MET A 121 -19.06 -0.53 6.90
N GLY A 122 -18.73 0.09 5.78
CA GLY A 122 -19.43 1.28 5.29
C GLY A 122 -19.57 2.39 6.32
N THR A 123 -20.57 3.25 6.09
CA THR A 123 -20.91 4.37 6.98
C THR A 123 -19.68 5.09 7.54
N LYS A 124 -19.64 5.25 8.86
CA LYS A 124 -18.56 5.98 9.52
C LYS A 124 -17.20 5.32 9.26
N HIS A 125 -17.19 4.00 9.25
CA HIS A 125 -15.96 3.23 9.10
C HIS A 125 -15.28 3.55 7.77
N ALA A 126 -16.05 3.50 6.70
CA ALA A 126 -15.52 3.82 5.38
C ALA A 126 -15.21 5.31 5.28
N LYS A 127 -15.98 6.12 6.01
CA LYS A 127 -15.84 7.56 5.98
C LYS A 127 -14.56 8.00 6.69
N ARG A 128 -14.28 7.37 7.84
CA ARG A 128 -13.08 7.70 8.61
C ARG A 128 -11.82 7.28 7.89
N VAL A 129 -11.88 6.18 7.15
CA VAL A 129 -10.76 5.77 6.31
C VAL A 129 -10.62 6.73 5.13
N ARG A 130 -11.75 7.04 4.50
CA ARG A 130 -11.79 7.90 3.33
C ARG A 130 -11.43 9.34 3.70
N ASN A 131 -11.46 9.63 5.00
CA ASN A 131 -11.21 10.98 5.52
C ASN A 131 -9.90 11.57 4.99
N GLY A 132 -8.96 10.71 4.64
CA GLY A 132 -7.69 11.19 4.13
C GLY A 132 -7.15 10.36 2.98
N MET A 133 -7.33 9.05 3.05
CA MET A 133 -6.72 8.15 2.09
C MET A 133 -7.40 8.24 0.72
N ASP A 134 -8.55 8.92 0.68
CA ASP A 134 -9.29 9.09 -0.57
C ASP A 134 -8.49 9.87 -1.60
N LYS A 135 -7.64 10.77 -1.13
CA LYS A 135 -6.78 11.54 -2.02
C LYS A 135 -5.37 11.01 -1.98
N GLY A 136 -5.18 9.91 -1.26
CA GLY A 136 -3.86 9.33 -1.12
C GLY A 136 -3.71 8.05 -1.91
N TRP A 137 -4.48 7.03 -1.55
CA TRP A 137 -4.30 5.69 -2.10
C TRP A 137 -4.39 5.64 -3.64
N PRO A 138 -5.47 6.18 -4.25
CA PRO A 138 -5.60 6.21 -5.72
C PRO A 138 -4.47 6.98 -6.38
N THR A 139 -4.08 8.08 -5.75
CA THR A 139 -2.97 8.90 -6.22
C THR A 139 -1.68 8.11 -6.09
N ILE A 140 -1.58 7.35 -5.01
CA ILE A 140 -0.43 6.50 -4.73
C ILE A 140 -0.19 5.53 -5.86
N LEU A 141 -1.23 4.82 -6.28
CA LEU A 141 -1.09 3.82 -7.33
C LEU A 141 -0.55 4.44 -8.61
N GLN A 142 -1.03 5.62 -8.96
CA GLN A 142 -0.59 6.27 -10.19
C GLN A 142 0.92 6.54 -10.16
N SER A 143 1.37 7.17 -9.09
CA SER A 143 2.79 7.46 -8.92
C SER A 143 3.56 6.17 -8.61
N PHE A 144 2.85 5.16 -8.12
CA PHE A 144 3.43 3.85 -7.85
C PHE A 144 3.93 3.24 -9.16
N GLN A 145 3.02 3.19 -10.15
CA GLN A 145 3.38 2.77 -11.50
C GLN A 145 4.46 3.67 -12.07
N ASP A 146 4.44 4.94 -11.67
CA ASP A 146 5.38 5.93 -12.20
C ASP A 146 6.82 5.63 -11.77
N LYS A 147 7.00 5.21 -10.52
CA LYS A 147 8.33 4.82 -10.04
C LYS A 147 8.77 3.52 -10.72
N ILE A 148 7.82 2.61 -10.88
CA ILE A 148 8.08 1.37 -11.60
C ILE A 148 8.36 1.66 -13.07
N ASP A 149 7.77 2.74 -13.56
CA ASP A 149 7.92 3.14 -14.96
C ASP A 149 9.37 3.51 -15.25
N GLU A 150 10.08 3.90 -14.21
CA GLU A 150 11.51 4.20 -14.31
C GLU A 150 12.29 2.89 -14.50
N GLU A 151 11.77 1.82 -13.93
CA GLU A 151 12.37 0.51 -14.06
C GLU A 151 12.02 -0.09 -15.41
N GLY A 152 10.84 0.23 -15.90
CA GLY A 152 10.41 -0.20 -17.21
C GLY A 152 10.83 0.78 -18.29
N ALA A 153 11.85 1.57 -17.98
CA ALA A 153 12.43 2.52 -18.91
C ALA A 153 11.44 3.61 -19.29
N LYS A 154 11.36 4.64 -18.46
CA LYS A 154 10.50 5.78 -18.73
C LYS A 154 11.17 6.69 -19.73
N LYS A 155 11.33 6.17 -20.93
CA LYS A 155 11.99 6.87 -22.00
C LYS A 155 11.22 6.63 -23.29
N ASN A 1 -13.96 3.23 -3.05
CA ASN A 1 -14.54 1.88 -2.95
C ASN A 1 -14.63 1.45 -1.48
N TYR A 2 -15.74 0.79 -1.11
CA TYR A 2 -15.95 0.34 0.27
C TYR A 2 -17.15 -0.60 0.38
N ASP A 3 -18.32 -0.15 -0.05
CA ASP A 3 -19.55 -0.93 0.11
C ASP A 3 -19.55 -2.21 -0.73
N PRO A 4 -19.39 -2.13 -2.06
CA PRO A 4 -19.43 -3.30 -2.90
C PRO A 4 -18.11 -4.08 -2.87
N PHE A 5 -17.10 -3.55 -3.53
CA PHE A 5 -15.79 -4.19 -3.53
C PHE A 5 -14.69 -3.14 -3.47
N VAL A 6 -13.85 -3.23 -2.45
CA VAL A 6 -12.64 -2.43 -2.41
C VAL A 6 -11.54 -3.18 -3.15
N ARG A 7 -11.11 -2.64 -4.26
CA ARG A 7 -10.17 -3.34 -5.12
C ARG A 7 -9.15 -2.39 -5.70
N HIS A 8 -7.94 -2.88 -5.88
CA HIS A 8 -6.95 -2.15 -6.63
C HIS A 8 -6.47 -3.02 -7.77
N SER A 9 -6.45 -2.43 -8.96
CA SER A 9 -6.01 -3.13 -10.12
C SER A 9 -5.07 -2.25 -10.92
N VAL A 10 -3.82 -2.65 -10.94
CA VAL A 10 -2.77 -1.87 -11.55
C VAL A 10 -1.99 -2.69 -12.57
N THR A 11 -1.52 -2.02 -13.63
CA THR A 11 -0.63 -2.63 -14.59
C THR A 11 0.80 -2.14 -14.40
N VAL A 12 1.69 -3.06 -14.06
CA VAL A 12 3.10 -2.77 -13.84
C VAL A 12 3.90 -3.09 -15.10
N LYS A 13 4.87 -2.26 -15.42
CA LYS A 13 5.56 -2.33 -16.71
C LYS A 13 6.96 -2.90 -16.57
N ALA A 14 7.27 -3.51 -15.43
CA ALA A 14 8.62 -3.98 -15.17
C ALA A 14 8.63 -5.21 -14.28
N ASP A 15 7.64 -6.07 -14.49
CA ASP A 15 7.55 -7.35 -13.80
C ASP A 15 7.17 -7.20 -12.32
N ARG A 16 6.84 -8.34 -11.73
CA ARG A 16 6.34 -8.42 -10.37
C ARG A 16 7.41 -8.02 -9.36
N LYS A 17 8.67 -8.14 -9.76
CA LYS A 17 9.78 -7.76 -8.89
C LYS A 17 9.71 -6.28 -8.54
N THR A 18 9.59 -5.43 -9.55
CA THR A 18 9.49 -4.00 -9.32
C THR A 18 8.17 -3.65 -8.67
N ALA A 19 7.13 -4.39 -9.04
CA ALA A 19 5.81 -4.20 -8.45
C ALA A 19 5.86 -4.36 -6.93
N PHE A 20 6.44 -5.47 -6.49
CA PHE A 20 6.57 -5.74 -5.07
C PHE A 20 7.54 -4.76 -4.41
N LYS A 21 8.67 -4.53 -5.06
CA LYS A 21 9.67 -3.62 -4.55
C LYS A 21 9.10 -2.22 -4.34
N THR A 22 8.41 -1.71 -5.33
CA THR A 22 7.87 -0.36 -5.27
C THR A 22 6.72 -0.29 -4.26
N PHE A 23 5.97 -1.36 -4.14
CA PHE A 23 4.81 -1.38 -3.25
C PHE A 23 5.24 -1.50 -1.79
N LEU A 24 6.28 -2.28 -1.53
CA LEU A 24 6.65 -2.60 -0.16
C LEU A 24 8.06 -2.15 0.22
N GLU A 25 9.06 -2.52 -0.59
CA GLU A 25 10.45 -2.35 -0.19
C GLU A 25 10.90 -0.91 -0.28
N GLY A 26 10.68 -0.31 -1.44
CA GLY A 26 11.15 1.04 -1.70
C GLY A 26 10.15 2.09 -1.26
N PHE A 27 9.43 1.75 -0.20
CA PHE A 27 8.29 2.53 0.26
C PHE A 27 8.63 4.03 0.39
N PRO A 28 9.63 4.41 1.20
CA PRO A 28 9.93 5.81 1.47
C PRO A 28 10.88 6.47 0.46
N GLU A 29 10.60 6.36 -0.83
CA GLU A 29 11.42 7.05 -1.83
C GLU A 29 10.64 7.43 -3.08
N TRP A 30 9.44 6.91 -3.26
CA TRP A 30 8.64 7.22 -4.43
C TRP A 30 8.03 8.62 -4.32
N TRP A 31 7.15 8.94 -5.27
CA TRP A 31 6.60 10.28 -5.37
C TRP A 31 5.26 10.49 -4.63
N PRO A 32 4.42 9.43 -4.39
CA PRO A 32 3.06 9.66 -3.88
C PRO A 32 3.00 9.92 -2.37
N ASN A 33 1.99 9.34 -1.73
CA ASN A 33 1.76 9.49 -0.29
C ASN A 33 3.05 9.25 0.51
N ASN A 34 3.77 8.19 0.15
CA ASN A 34 4.91 7.73 0.94
C ASN A 34 6.17 8.58 0.74
N PHE A 35 5.99 9.83 0.38
CA PHE A 35 7.11 10.76 0.20
C PHE A 35 7.24 11.69 1.42
N ARG A 36 6.41 11.47 2.43
CA ARG A 36 6.36 12.35 3.59
C ARG A 36 7.13 11.76 4.77
N THR A 37 8.13 12.49 5.24
CA THR A 37 9.02 11.99 6.27
C THR A 37 8.36 12.05 7.65
N THR A 38 8.49 10.95 8.40
CA THR A 38 7.83 10.76 9.69
C THR A 38 6.33 11.01 9.60
N LYS A 39 5.81 10.79 8.41
CA LYS A 39 4.37 10.77 8.17
C LYS A 39 4.01 9.45 7.53
N VAL A 40 4.75 9.10 6.47
CA VAL A 40 4.57 7.86 5.72
C VAL A 40 5.77 7.59 4.81
N GLY A 41 6.95 8.02 5.21
CA GLY A 41 8.09 7.95 4.31
C GLY A 41 9.42 8.33 4.95
N ALA A 42 9.56 8.05 6.25
CA ALA A 42 10.85 8.18 6.93
C ALA A 42 11.80 7.08 6.43
N PRO A 43 13.09 7.09 6.84
CA PRO A 43 14.09 6.09 6.38
C PRO A 43 13.79 4.63 6.81
N LEU A 44 12.54 4.23 6.72
CA LEU A 44 12.13 2.86 6.94
C LEU A 44 10.92 2.53 6.08
N GLY A 45 9.75 2.92 6.54
CA GLY A 45 8.55 2.78 5.74
C GLY A 45 7.88 1.44 5.96
N VAL A 46 8.58 0.37 5.65
CA VAL A 46 8.03 -0.97 5.75
C VAL A 46 9.05 -1.96 6.28
N ASP A 47 8.63 -2.78 7.24
CA ASP A 47 9.47 -3.84 7.77
C ASP A 47 9.04 -5.18 7.21
N LYS A 48 9.89 -5.79 6.40
CA LYS A 48 9.58 -7.07 5.78
C LYS A 48 9.85 -8.22 6.75
N LYS A 49 10.59 -7.93 7.82
CA LYS A 49 10.97 -8.93 8.78
C LYS A 49 9.79 -9.27 9.70
N GLY A 50 9.33 -8.27 10.45
CA GLY A 50 8.17 -8.47 11.30
C GLY A 50 6.89 -8.48 10.50
N GLY A 51 6.78 -7.53 9.57
CA GLY A 51 5.60 -7.46 8.74
C GLY A 51 4.72 -6.30 9.11
N ARG A 52 5.24 -5.08 9.03
CA ARG A 52 4.46 -3.90 9.37
C ARG A 52 4.96 -2.68 8.61
N TRP A 53 4.04 -1.76 8.35
CA TRP A 53 4.38 -0.51 7.69
C TRP A 53 4.49 0.59 8.72
N TYR A 54 5.71 1.09 8.94
CA TYR A 54 5.93 2.11 9.94
C TYR A 54 7.27 2.81 9.72
N GLU A 55 7.51 3.84 10.51
CA GLU A 55 8.71 4.65 10.38
C GLU A 55 9.41 4.73 11.72
N ILE A 56 10.58 5.35 11.72
CA ILE A 56 11.26 5.64 12.97
C ILE A 56 11.03 7.09 13.33
N ASP A 57 10.10 7.33 14.24
CA ASP A 57 9.81 8.67 14.73
C ASP A 57 10.97 9.24 15.54
N GLU A 58 10.75 10.42 16.09
CA GLU A 58 11.72 11.07 16.94
C GLU A 58 11.62 10.56 18.38
N GLN A 59 10.44 10.08 18.75
CA GLN A 59 10.23 9.53 20.09
C GLN A 59 10.39 8.02 20.06
N GLY A 60 10.77 7.48 18.91
CA GLY A 60 10.97 6.06 18.81
C GLY A 60 10.56 5.51 17.46
N GLU A 61 9.46 4.77 17.46
CA GLU A 61 9.00 4.07 16.26
C GLU A 61 7.48 3.98 16.23
N GLU A 62 6.80 5.00 16.73
CA GLU A 62 5.38 4.88 16.90
C GLU A 62 4.62 5.50 15.74
N HIS A 63 4.64 4.80 14.62
CA HIS A 63 3.89 5.21 13.45
C HIS A 63 2.93 4.12 13.00
N THR A 64 1.97 4.52 12.18
CA THR A 64 0.96 3.61 11.70
C THR A 64 0.81 3.73 10.18
N PHE A 65 0.45 2.63 9.54
CA PHE A 65 0.13 2.61 8.12
C PHE A 65 -0.57 1.31 7.77
N GLY A 66 0.07 0.20 8.08
CA GLY A 66 -0.48 -1.09 7.74
C GLY A 66 0.01 -2.22 8.62
N LEU A 67 -0.84 -3.22 8.79
CA LEU A 67 -0.51 -4.41 9.57
C LEU A 67 -0.47 -5.63 8.66
N ILE A 68 0.72 -6.09 8.31
CA ILE A 68 0.87 -7.20 7.38
C ILE A 68 0.60 -8.54 8.06
N ARG A 69 -0.04 -9.43 7.34
CA ARG A 69 -0.26 -10.79 7.81
C ARG A 69 0.51 -11.79 6.95
N LYS A 70 0.77 -11.41 5.70
CA LYS A 70 1.49 -12.28 4.78
C LYS A 70 2.44 -11.47 3.89
N VAL A 71 3.73 -11.58 4.16
CA VAL A 71 4.74 -11.09 3.24
C VAL A 71 5.19 -12.26 2.37
N ASP A 72 4.55 -12.43 1.22
CA ASP A 72 4.80 -13.60 0.40
C ASP A 72 5.54 -13.22 -0.87
N GLU A 73 6.82 -12.83 -0.70
CA GLU A 73 7.74 -12.52 -1.82
C GLU A 73 7.09 -11.55 -2.83
N PRO A 74 7.76 -11.28 -3.98
CA PRO A 74 7.09 -10.63 -5.11
C PRO A 74 5.98 -11.52 -5.69
N ASP A 75 4.86 -11.59 -4.98
CA ASP A 75 3.73 -12.43 -5.38
C ASP A 75 2.46 -11.92 -4.73
N THR A 76 2.37 -12.03 -3.41
CA THR A 76 1.17 -11.63 -2.69
C THR A 76 1.50 -10.97 -1.36
N LEU A 77 0.70 -9.97 -1.01
CA LEU A 77 0.85 -9.29 0.27
C LEU A 77 -0.51 -9.19 0.95
N VAL A 78 -0.68 -9.90 2.04
CA VAL A 78 -1.88 -9.74 2.85
C VAL A 78 -1.64 -8.67 3.90
N ILE A 79 -2.21 -7.51 3.66
CA ILE A 79 -1.92 -6.33 4.45
C ILE A 79 -3.20 -5.68 4.98
N GLY A 80 -3.30 -5.53 6.30
CA GLY A 80 -4.44 -4.88 6.91
C GLY A 80 -4.24 -3.38 7.00
N TRP A 81 -5.32 -2.63 7.03
CA TRP A 81 -5.24 -1.16 6.95
C TRP A 81 -5.14 -0.52 8.33
N ARG A 82 -4.12 0.29 8.49
CA ARG A 82 -3.86 0.99 9.74
C ARG A 82 -3.78 2.50 9.48
N LEU A 83 -3.94 2.85 8.20
CA LEU A 83 -4.12 4.23 7.74
C LEU A 83 -2.81 5.03 7.67
N ASN A 84 -2.81 6.04 6.79
CA ASN A 84 -1.59 6.76 6.40
C ASN A 84 -1.64 8.24 6.78
N GLY A 85 -2.84 8.79 6.85
CA GLY A 85 -3.00 10.22 7.05
C GLY A 85 -2.36 10.74 8.32
N PHE A 86 -2.28 9.90 9.35
CA PHE A 86 -1.73 10.25 10.66
C PHE A 86 -2.71 11.16 11.42
N GLY A 87 -3.28 12.12 10.71
CA GLY A 87 -4.32 12.95 11.28
C GLY A 87 -5.70 12.40 10.99
N ARG A 88 -5.73 11.24 10.33
CA ARG A 88 -6.97 10.57 10.01
C ARG A 88 -7.27 9.50 11.05
N ILE A 89 -8.44 8.89 10.94
CA ILE A 89 -8.87 7.89 11.91
C ILE A 89 -8.67 6.49 11.34
N ASP A 90 -7.84 5.70 12.02
CA ASP A 90 -7.49 4.37 11.54
C ASP A 90 -8.45 3.31 12.08
N PRO A 91 -8.80 2.32 11.24
CA PRO A 91 -9.55 1.15 11.67
C PRO A 91 -8.70 0.21 12.52
N ASP A 92 -7.50 -0.11 11.99
CA ASP A 92 -6.49 -0.92 12.71
C ASP A 92 -6.89 -2.40 12.85
N ASN A 93 -8.16 -2.63 13.16
CA ASN A 93 -8.65 -3.97 13.47
C ASN A 93 -8.74 -4.84 12.23
N SER A 94 -9.03 -4.24 11.10
CA SER A 94 -9.21 -4.99 9.87
C SER A 94 -8.89 -4.13 8.64
N SER A 95 -9.84 -4.06 7.71
CA SER A 95 -9.63 -3.42 6.40
C SER A 95 -8.46 -4.08 5.68
N GLU A 96 -8.26 -5.35 5.98
CA GLU A 96 -7.23 -6.17 5.36
C GLU A 96 -7.44 -6.29 3.85
N PHE A 97 -6.37 -6.20 3.10
CA PHE A 97 -6.44 -6.38 1.66
C PHE A 97 -5.34 -7.29 1.17
N THR A 98 -5.68 -8.20 0.28
CA THR A 98 -4.74 -9.14 -0.29
C THR A 98 -4.27 -8.65 -1.66
N VAL A 99 -3.02 -8.24 -1.73
CA VAL A 99 -2.45 -7.77 -2.97
C VAL A 99 -1.98 -8.95 -3.82
N THR A 100 -2.67 -9.22 -4.91
CA THR A 100 -2.32 -10.31 -5.78
C THR A 100 -1.62 -9.80 -7.03
N PHE A 101 -0.32 -10.00 -7.09
CA PHE A 101 0.45 -9.60 -8.26
C PHE A 101 0.46 -10.73 -9.29
N VAL A 102 -0.19 -10.49 -10.42
CA VAL A 102 -0.24 -11.46 -11.49
C VAL A 102 0.86 -11.18 -12.51
N ALA A 103 1.84 -12.07 -12.56
CA ALA A 103 2.97 -11.92 -13.48
C ALA A 103 2.52 -12.10 -14.92
N ASP A 104 2.96 -11.20 -15.79
CA ASP A 104 2.56 -11.23 -17.19
C ASP A 104 3.81 -11.20 -18.08
N GLY A 105 4.19 -12.35 -18.59
CA GLY A 105 5.31 -12.41 -19.53
C GLY A 105 6.66 -12.14 -18.87
N GLN A 106 6.65 -11.98 -17.55
CA GLN A 106 7.87 -11.75 -16.76
C GLN A 106 8.44 -10.34 -16.97
N LYS A 107 7.71 -9.49 -17.68
CA LYS A 107 8.09 -8.07 -17.77
C LYS A 107 6.91 -7.19 -17.40
N LYS A 108 5.75 -7.80 -17.31
CA LYS A 108 4.52 -7.09 -16.97
C LYS A 108 3.91 -7.73 -15.74
N THR A 109 3.08 -6.99 -15.02
CA THR A 109 2.38 -7.54 -13.87
C THR A 109 1.13 -6.73 -13.57
N ARG A 110 -0.02 -7.36 -13.67
CA ARG A 110 -1.27 -6.72 -13.34
C ARG A 110 -1.71 -7.20 -11.95
N VAL A 111 -1.78 -6.28 -11.01
CA VAL A 111 -2.14 -6.61 -9.64
C VAL A 111 -3.64 -6.50 -9.43
N ASP A 112 -4.17 -7.40 -8.62
CA ASP A 112 -5.57 -7.39 -8.25
C ASP A 112 -5.66 -7.48 -6.73
N VAL A 113 -6.12 -6.41 -6.12
CA VAL A 113 -6.21 -6.34 -4.68
C VAL A 113 -7.64 -6.51 -4.21
N GLU A 114 -7.85 -7.53 -3.39
CA GLU A 114 -9.15 -7.72 -2.76
C GLU A 114 -9.13 -7.15 -1.35
N HIS A 115 -10.04 -6.23 -1.09
CA HIS A 115 -10.15 -5.60 0.21
C HIS A 115 -11.61 -5.63 0.65
N THR A 116 -11.96 -6.60 1.46
CA THR A 116 -13.34 -6.75 1.91
C THR A 116 -13.41 -7.17 3.38
N HIS A 117 -13.72 -6.24 4.26
CA HIS A 117 -13.90 -6.59 5.68
C HIS A 117 -14.55 -5.46 6.48
N PHE A 118 -13.78 -4.43 6.76
CA PHE A 118 -14.17 -3.40 7.72
C PHE A 118 -15.02 -2.31 7.05
N ASP A 119 -14.60 -1.92 5.88
CA ASP A 119 -15.14 -0.77 5.17
C ASP A 119 -16.55 -1.05 4.67
N ARG A 120 -16.75 -2.28 4.22
CA ARG A 120 -18.06 -2.75 3.76
C ARG A 120 -19.12 -2.65 4.85
N MET A 121 -18.68 -2.56 6.11
CA MET A 121 -19.59 -2.64 7.25
C MET A 121 -20.46 -1.39 7.44
N GLY A 122 -20.69 -0.63 6.38
CA GLY A 122 -21.69 0.41 6.45
C GLY A 122 -21.14 1.83 6.41
N THR A 123 -21.92 2.76 6.95
CA THR A 123 -21.67 4.19 6.82
C THR A 123 -20.34 4.63 7.44
N LYS A 124 -20.31 4.79 8.75
CA LYS A 124 -19.16 5.37 9.43
C LYS A 124 -17.96 4.44 9.41
N HIS A 125 -18.17 3.18 9.07
CA HIS A 125 -17.06 2.26 8.89
C HIS A 125 -16.33 2.59 7.59
N ALA A 126 -17.11 2.71 6.52
CA ALA A 126 -16.55 3.12 5.24
C ALA A 126 -16.06 4.55 5.34
N LYS A 127 -16.73 5.35 6.16
CA LYS A 127 -16.39 6.75 6.34
C LYS A 127 -15.08 6.91 7.11
N ARG A 128 -14.86 6.04 8.11
CA ARG A 128 -13.64 6.12 8.92
C ARG A 128 -12.43 5.76 8.07
N VAL A 129 -12.62 4.88 7.09
CA VAL A 129 -11.55 4.60 6.14
C VAL A 129 -11.52 5.62 5.00
N ARG A 130 -12.69 6.15 4.65
CA ARG A 130 -12.84 7.09 3.52
C ARG A 130 -11.88 8.27 3.65
N ASN A 131 -11.76 8.81 4.86
CA ASN A 131 -10.93 9.97 5.09
C ASN A 131 -9.45 9.67 4.80
N GLY A 132 -9.04 8.45 5.07
CA GLY A 132 -7.63 8.11 5.00
C GLY A 132 -7.16 7.68 3.63
N MET A 133 -7.56 6.50 3.20
CA MET A 133 -6.92 5.85 2.06
C MET A 133 -7.39 6.42 0.72
N ASP A 134 -8.55 7.05 0.70
CA ASP A 134 -9.12 7.54 -0.56
C ASP A 134 -8.26 8.64 -1.17
N LYS A 135 -7.56 9.39 -0.31
CA LYS A 135 -6.72 10.48 -0.76
C LYS A 135 -5.25 10.06 -0.78
N GLY A 136 -5.01 8.77 -0.70
CA GLY A 136 -3.65 8.28 -0.69
C GLY A 136 -3.45 7.10 -1.62
N TRP A 137 -4.24 6.06 -1.42
CA TRP A 137 -4.04 4.78 -2.09
C TRP A 137 -4.04 4.91 -3.63
N PRO A 138 -5.09 5.50 -4.25
CA PRO A 138 -5.14 5.66 -5.70
C PRO A 138 -4.05 6.61 -6.21
N THR A 139 -3.75 7.61 -5.41
CA THR A 139 -2.68 8.56 -5.72
C THR A 139 -1.33 7.84 -5.72
N ILE A 140 -1.16 6.95 -4.74
CA ILE A 140 0.01 6.10 -4.66
C ILE A 140 0.13 5.28 -5.93
N LEU A 141 -0.98 4.70 -6.35
CA LEU A 141 -0.99 3.85 -7.54
C LEU A 141 -0.46 4.59 -8.76
N GLN A 142 -0.84 5.84 -8.92
CA GLN A 142 -0.41 6.61 -10.09
C GLN A 142 1.10 6.80 -10.09
N SER A 143 1.64 7.19 -8.94
CA SER A 143 3.09 7.37 -8.82
C SER A 143 3.80 6.01 -8.74
N PHE A 144 3.06 4.99 -8.35
CA PHE A 144 3.55 3.62 -8.29
C PHE A 144 3.96 3.17 -9.69
N GLN A 145 3.03 3.27 -10.63
CA GLN A 145 3.32 2.97 -12.03
C GLN A 145 4.33 3.96 -12.57
N ASP A 146 4.30 5.19 -12.06
CA ASP A 146 5.18 6.26 -12.55
C ASP A 146 6.64 5.84 -12.45
N LYS A 147 7.09 5.47 -11.25
CA LYS A 147 8.47 5.05 -11.07
C LYS A 147 8.74 3.73 -11.80
N ILE A 148 7.76 2.82 -11.72
CA ILE A 148 7.91 1.50 -12.32
C ILE A 148 7.99 1.57 -13.84
N ASP A 149 7.23 2.47 -14.43
CA ASP A 149 7.20 2.63 -15.89
C ASP A 149 8.56 3.08 -16.40
N GLU A 150 9.33 3.74 -15.54
CA GLU A 150 10.69 4.14 -15.88
C GLU A 150 11.58 2.93 -15.97
N GLU A 151 11.36 1.99 -15.05
CA GLU A 151 12.09 0.74 -15.03
C GLU A 151 11.73 -0.07 -16.28
N GLY A 152 10.59 0.29 -16.86
CA GLY A 152 10.20 -0.27 -18.13
C GLY A 152 10.85 0.46 -19.29
N ALA A 153 10.26 1.59 -19.69
CA ALA A 153 10.77 2.32 -20.86
C ALA A 153 10.42 3.81 -20.82
N LYS A 154 9.95 4.29 -19.67
CA LYS A 154 9.56 5.70 -19.54
C LYS A 154 10.76 6.63 -19.73
N LYS A 155 11.93 6.16 -19.32
CA LYS A 155 13.13 6.97 -19.37
C LYS A 155 14.05 6.48 -20.48
N ASN A 1 -15.99 0.49 -5.30
CA ASN A 1 -15.50 -0.54 -4.35
C ASN A 1 -16.05 -0.27 -2.95
N TYR A 2 -15.60 -1.07 -1.99
CA TYR A 2 -15.91 -0.94 -0.55
C TYR A 2 -17.37 -1.29 -0.24
N ASP A 3 -18.26 -1.03 -1.18
CA ASP A 3 -19.65 -1.47 -1.05
C ASP A 3 -19.71 -3.00 -0.93
N PRO A 4 -19.09 -3.77 -1.86
CA PRO A 4 -18.87 -5.19 -1.68
C PRO A 4 -17.48 -5.47 -1.11
N PHE A 5 -16.47 -5.14 -1.90
CA PHE A 5 -15.09 -5.23 -1.49
C PHE A 5 -14.30 -4.18 -2.25
N VAL A 6 -13.05 -3.98 -1.90
CA VAL A 6 -12.22 -3.01 -2.59
C VAL A 6 -11.19 -3.70 -3.46
N ARG A 7 -11.43 -3.72 -4.76
CA ARG A 7 -10.47 -4.30 -5.67
C ARG A 7 -9.53 -3.23 -6.22
N HIS A 8 -8.24 -3.52 -6.15
CA HIS A 8 -7.26 -2.65 -6.76
C HIS A 8 -6.64 -3.38 -7.94
N SER A 9 -6.54 -2.68 -9.06
CA SER A 9 -5.95 -3.27 -10.25
C SER A 9 -4.98 -2.30 -10.88
N VAL A 10 -3.71 -2.66 -10.80
CA VAL A 10 -2.63 -1.84 -11.34
C VAL A 10 -1.78 -2.62 -12.34
N THR A 11 -1.43 -1.98 -13.44
CA THR A 11 -0.50 -2.55 -14.39
C THR A 11 0.90 -2.00 -14.17
N VAL A 12 1.81 -2.90 -13.81
CA VAL A 12 3.19 -2.55 -13.53
C VAL A 12 4.07 -2.73 -14.77
N LYS A 13 5.03 -1.82 -14.95
CA LYS A 13 5.77 -1.71 -16.21
C LYS A 13 7.12 -2.42 -16.15
N ALA A 14 7.36 -3.22 -15.14
CA ALA A 14 8.69 -3.81 -14.96
C ALA A 14 8.66 -5.11 -14.18
N ASP A 15 7.65 -5.93 -14.44
CA ASP A 15 7.55 -7.28 -13.87
C ASP A 15 7.19 -7.25 -12.37
N ARG A 16 6.84 -8.41 -11.86
CA ARG A 16 6.36 -8.56 -10.49
C ARG A 16 7.47 -8.31 -9.50
N LYS A 17 8.71 -8.49 -9.95
CA LYS A 17 9.88 -8.25 -9.12
C LYS A 17 9.94 -6.79 -8.66
N THR A 18 9.59 -5.85 -9.53
CA THR A 18 9.59 -4.45 -9.17
C THR A 18 8.31 -4.07 -8.44
N ALA A 19 7.18 -4.66 -8.88
CA ALA A 19 5.90 -4.39 -8.25
C ALA A 19 5.96 -4.71 -6.77
N PHE A 20 6.57 -5.84 -6.44
CA PHE A 20 6.76 -6.21 -5.04
C PHE A 20 7.78 -5.31 -4.37
N LYS A 21 8.90 -5.10 -5.06
CA LYS A 21 9.99 -4.28 -4.53
C LYS A 21 9.50 -2.90 -4.13
N THR A 22 8.88 -2.23 -5.07
CA THR A 22 8.42 -0.87 -4.87
C THR A 22 7.30 -0.82 -3.84
N PHE A 23 6.32 -1.70 -3.97
CA PHE A 23 5.13 -1.66 -3.12
C PHE A 23 5.46 -1.94 -1.65
N LEU A 24 6.44 -2.81 -1.40
CA LEU A 24 6.74 -3.20 -0.03
C LEU A 24 8.06 -2.62 0.47
N GLU A 25 9.13 -2.84 -0.26
CA GLU A 25 10.45 -2.40 0.18
C GLU A 25 10.65 -0.92 -0.06
N GLY A 26 10.16 -0.45 -1.19
CA GLY A 26 10.35 0.93 -1.58
C GLY A 26 9.23 1.82 -1.12
N PHE A 27 8.67 1.50 0.04
CA PHE A 27 7.50 2.19 0.55
C PHE A 27 7.69 3.72 0.58
N PRO A 28 8.81 4.23 1.12
CA PRO A 28 9.05 5.68 1.18
C PRO A 28 9.76 6.28 -0.05
N GLU A 29 9.82 5.55 -1.17
CA GLU A 29 10.49 6.10 -2.35
C GLU A 29 9.47 6.63 -3.34
N TRP A 30 8.19 6.43 -3.03
CA TRP A 30 7.12 6.81 -3.95
C TRP A 30 6.90 8.32 -3.94
N TRP A 31 6.38 8.80 -5.06
CA TRP A 31 6.04 10.21 -5.22
C TRP A 31 4.68 10.58 -4.59
N PRO A 32 3.61 9.75 -4.77
CA PRO A 32 2.22 10.16 -4.49
C PRO A 32 1.99 10.73 -3.11
N ASN A 33 1.95 9.88 -2.10
CA ASN A 33 1.60 10.30 -0.76
C ASN A 33 2.73 9.99 0.21
N ASN A 34 3.68 9.20 -0.25
CA ASN A 34 4.73 8.68 0.61
C ASN A 34 6.01 9.49 0.49
N PHE A 35 5.88 10.69 -0.03
CA PHE A 35 7.03 11.55 -0.25
C PHE A 35 7.25 12.52 0.92
N ARG A 36 6.49 12.32 2.00
CA ARG A 36 6.60 13.18 3.16
C ARG A 36 7.06 12.41 4.39
N THR A 37 7.93 13.03 5.18
CA THR A 37 8.54 12.39 6.33
C THR A 37 7.56 12.30 7.50
N THR A 38 7.71 11.24 8.29
CA THR A 38 6.89 10.95 9.46
C THR A 38 5.39 10.84 9.13
N LYS A 39 5.07 10.85 7.84
CA LYS A 39 3.73 10.55 7.40
C LYS A 39 3.65 9.08 7.02
N VAL A 40 4.19 8.77 5.84
CA VAL A 40 4.37 7.39 5.39
C VAL A 40 5.62 7.32 4.53
N GLY A 41 6.43 8.36 4.64
CA GLY A 41 7.62 8.48 3.83
C GLY A 41 8.84 8.79 4.66
N ALA A 42 9.08 7.93 5.64
CA ALA A 42 10.28 8.01 6.44
C ALA A 42 11.24 6.91 5.99
N PRO A 43 12.51 6.91 6.46
CA PRO A 43 13.51 5.90 6.06
C PRO A 43 13.17 4.47 6.53
N LEU A 44 11.97 4.01 6.19
CA LEU A 44 11.51 2.66 6.54
C LEU A 44 10.19 2.36 5.83
N GLY A 45 9.07 2.65 6.49
CA GLY A 45 7.77 2.45 5.88
C GLY A 45 7.24 1.06 6.09
N VAL A 46 8.00 0.06 5.66
CA VAL A 46 7.58 -1.32 5.76
C VAL A 46 8.73 -2.18 6.27
N ASP A 47 8.40 -3.08 7.20
CA ASP A 47 9.37 -3.98 7.78
C ASP A 47 9.13 -5.39 7.25
N LYS A 48 10.15 -5.99 6.64
CA LYS A 48 10.02 -7.29 6.01
C LYS A 48 10.08 -8.44 7.01
N LYS A 49 10.87 -8.27 8.07
CA LYS A 49 11.13 -9.38 9.00
C LYS A 49 9.91 -9.68 9.87
N GLY A 50 9.32 -8.65 10.43
CA GLY A 50 8.16 -8.84 11.28
C GLY A 50 6.86 -8.75 10.50
N GLY A 51 6.91 -8.03 9.38
CA GLY A 51 5.73 -7.86 8.57
C GLY A 51 4.84 -6.77 9.10
N ARG A 52 5.38 -5.57 9.17
CA ARG A 52 4.67 -4.45 9.77
C ARG A 52 5.00 -3.14 9.06
N TRP A 53 3.99 -2.31 8.87
CA TRP A 53 4.17 -1.02 8.19
C TRP A 53 4.32 0.10 9.21
N TYR A 54 5.52 0.64 9.34
CA TYR A 54 5.76 1.73 10.26
C TYR A 54 6.94 2.57 9.79
N GLU A 55 6.93 3.84 10.14
CA GLU A 55 7.95 4.76 9.68
C GLU A 55 8.72 5.31 10.88
N ILE A 56 9.91 5.82 10.60
CA ILE A 56 10.78 6.35 11.63
C ILE A 56 10.32 7.74 12.05
N ASP A 57 9.66 7.81 13.21
CA ASP A 57 9.14 9.08 13.71
C ASP A 57 10.13 9.73 14.67
N GLU A 58 9.75 10.88 15.23
CA GLU A 58 10.69 11.73 15.96
C GLU A 58 10.92 11.24 17.39
N GLN A 59 10.16 10.26 17.83
CA GLN A 59 10.35 9.71 19.17
C GLN A 59 11.22 8.47 19.12
N GLY A 60 11.56 8.06 17.91
CA GLY A 60 12.37 6.88 17.70
C GLY A 60 11.99 6.15 16.44
N GLU A 61 10.97 5.30 16.53
CA GLU A 61 10.52 4.47 15.40
C GLU A 61 9.07 4.07 15.61
N GLU A 62 8.37 4.79 16.48
CA GLU A 62 7.09 4.33 16.94
C GLU A 62 5.97 5.02 16.19
N HIS A 63 5.59 4.43 15.08
CA HIS A 63 4.56 4.97 14.22
C HIS A 63 3.39 4.02 14.13
N THR A 64 2.25 4.53 13.66
CA THR A 64 1.07 3.70 13.44
C THR A 64 1.44 2.50 12.57
N PHE A 65 1.45 1.31 13.17
CA PHE A 65 1.97 0.13 12.49
C PHE A 65 0.88 -0.63 11.74
N GLY A 66 1.18 -0.94 10.49
CA GLY A 66 0.29 -1.76 9.69
C GLY A 66 0.57 -3.22 9.93
N LEU A 67 -0.40 -4.07 9.65
CA LEU A 67 -0.30 -5.48 10.03
C LEU A 67 -0.28 -6.37 8.80
N ILE A 68 0.91 -6.81 8.41
CA ILE A 68 0.99 -7.70 7.27
C ILE A 68 0.65 -9.12 7.68
N ARG A 69 -0.40 -9.64 7.08
CA ARG A 69 -0.94 -10.95 7.38
C ARG A 69 -0.20 -12.01 6.58
N LYS A 70 0.39 -11.58 5.46
CA LYS A 70 1.03 -12.51 4.53
C LYS A 70 2.09 -11.80 3.69
N VAL A 71 3.35 -12.04 4.00
CA VAL A 71 4.45 -11.61 3.15
C VAL A 71 4.90 -12.79 2.31
N ASP A 72 4.36 -12.91 1.10
CA ASP A 72 4.67 -14.06 0.27
C ASP A 72 5.38 -13.65 -1.00
N GLU A 73 6.66 -13.27 -0.84
CA GLU A 73 7.59 -12.97 -1.95
C GLU A 73 6.97 -12.02 -3.00
N PRO A 74 7.67 -11.76 -4.13
CA PRO A 74 7.03 -11.12 -5.28
C PRO A 74 5.92 -11.99 -5.84
N ASP A 75 4.75 -11.90 -5.21
CA ASP A 75 3.59 -12.69 -5.60
C ASP A 75 2.33 -12.16 -4.91
N THR A 76 2.27 -12.29 -3.58
CA THR A 76 1.09 -11.86 -2.85
C THR A 76 1.43 -11.23 -1.51
N LEU A 77 0.70 -10.17 -1.17
CA LEU A 77 0.87 -9.49 0.10
C LEU A 77 -0.49 -9.19 0.71
N VAL A 78 -0.80 -9.83 1.82
CA VAL A 78 -2.04 -9.53 2.52
C VAL A 78 -1.72 -8.68 3.74
N ILE A 79 -2.11 -7.42 3.73
CA ILE A 79 -1.78 -6.52 4.82
C ILE A 79 -3.01 -5.76 5.32
N GLY A 80 -3.12 -5.62 6.64
CA GLY A 80 -4.20 -4.88 7.25
C GLY A 80 -3.87 -3.39 7.42
N TRP A 81 -4.91 -2.56 7.39
CA TRP A 81 -4.76 -1.11 7.28
C TRP A 81 -4.66 -0.45 8.65
N ARG A 82 -3.93 0.66 8.70
CA ARG A 82 -3.73 1.39 9.94
C ARG A 82 -3.73 2.90 9.68
N LEU A 83 -4.35 3.28 8.56
CA LEU A 83 -4.50 4.69 8.15
C LEU A 83 -3.25 5.19 7.41
N ASN A 84 -3.46 6.19 6.53
CA ASN A 84 -2.40 6.70 5.66
C ASN A 84 -2.35 8.24 5.71
N GLY A 85 -3.50 8.87 5.93
CA GLY A 85 -3.59 10.32 5.86
C GLY A 85 -3.05 11.03 7.09
N PHE A 86 -1.87 10.61 7.54
CA PHE A 86 -1.14 11.25 8.65
C PHE A 86 -1.97 11.28 9.95
N GLY A 87 -2.80 12.31 10.10
CA GLY A 87 -3.55 12.47 11.33
C GLY A 87 -5.01 12.12 11.16
N ARG A 88 -5.27 11.06 10.40
CA ARG A 88 -6.60 10.58 10.18
C ARG A 88 -6.90 9.42 11.13
N ILE A 89 -8.07 8.82 11.02
CA ILE A 89 -8.48 7.76 11.93
C ILE A 89 -8.12 6.39 11.35
N ASP A 90 -7.61 5.52 12.20
CA ASP A 90 -7.22 4.18 11.78
C ASP A 90 -8.32 3.16 12.08
N PRO A 91 -8.57 2.25 11.12
CA PRO A 91 -9.60 1.18 11.23
C PRO A 91 -9.40 0.26 12.43
N ASP A 92 -8.17 0.24 12.94
CA ASP A 92 -7.78 -0.59 14.08
C ASP A 92 -7.61 -2.04 13.66
N ASN A 93 -6.99 -2.21 12.49
CA ASN A 93 -6.33 -3.48 12.13
C ASN A 93 -7.32 -4.53 11.64
N SER A 94 -8.34 -4.13 10.91
CA SER A 94 -9.27 -5.07 10.31
C SER A 94 -9.34 -4.91 8.80
N SER A 95 -9.27 -3.66 8.36
CA SER A 95 -9.26 -3.34 6.94
C SER A 95 -8.10 -4.07 6.26
N GLU A 96 -8.40 -5.21 5.66
CA GLU A 96 -7.38 -6.12 5.18
C GLU A 96 -7.55 -6.37 3.69
N PHE A 97 -6.44 -6.36 2.94
CA PHE A 97 -6.49 -6.59 1.51
C PHE A 97 -5.42 -7.58 1.05
N THR A 98 -5.81 -8.44 0.14
CA THR A 98 -4.90 -9.40 -0.46
C THR A 98 -4.38 -8.87 -1.79
N VAL A 99 -3.12 -8.51 -1.82
CA VAL A 99 -2.49 -8.03 -3.05
C VAL A 99 -2.03 -9.20 -3.89
N THR A 100 -2.70 -9.43 -5.01
CA THR A 100 -2.33 -10.50 -5.91
C THR A 100 -1.64 -9.96 -7.15
N PHE A 101 -0.34 -10.14 -7.24
CA PHE A 101 0.40 -9.69 -8.40
C PHE A 101 0.42 -10.78 -9.47
N VAL A 102 -0.18 -10.51 -10.62
CA VAL A 102 -0.17 -11.43 -11.74
C VAL A 102 0.94 -11.06 -12.70
N ALA A 103 1.96 -11.90 -12.78
CA ALA A 103 3.13 -11.64 -13.61
C ALA A 103 2.82 -11.81 -15.08
N ASP A 104 3.26 -10.85 -15.87
CA ASP A 104 3.13 -10.91 -17.30
C ASP A 104 4.50 -10.81 -17.94
N GLY A 105 4.80 -11.75 -18.82
CA GLY A 105 6.13 -11.89 -19.41
C GLY A 105 6.61 -10.68 -20.19
N GLN A 106 5.73 -9.74 -20.51
CA GLN A 106 6.10 -8.55 -21.27
C GLN A 106 6.67 -7.46 -20.36
N LYS A 107 7.38 -7.86 -19.29
CA LYS A 107 7.82 -6.92 -18.26
C LYS A 107 6.62 -6.19 -17.70
N LYS A 108 5.58 -6.95 -17.42
CA LYS A 108 4.31 -6.40 -17.01
C LYS A 108 3.81 -7.17 -15.81
N THR A 109 2.98 -6.54 -15.00
CA THR A 109 2.33 -7.22 -13.90
C THR A 109 1.03 -6.54 -13.52
N ARG A 110 -0.07 -7.25 -13.73
CA ARG A 110 -1.37 -6.77 -13.33
C ARG A 110 -1.68 -7.25 -11.91
N VAL A 111 -1.77 -6.33 -10.98
CA VAL A 111 -2.12 -6.69 -9.61
C VAL A 111 -3.63 -6.61 -9.43
N ASP A 112 -4.16 -7.58 -8.71
CA ASP A 112 -5.58 -7.62 -8.39
C ASP A 112 -5.74 -7.79 -6.89
N VAL A 113 -6.23 -6.75 -6.24
CA VAL A 113 -6.35 -6.71 -4.79
C VAL A 113 -7.79 -6.91 -4.35
N GLU A 114 -7.98 -7.74 -3.34
CA GLU A 114 -9.28 -7.84 -2.71
C GLU A 114 -9.21 -7.30 -1.28
N HIS A 115 -9.87 -6.20 -1.07
CA HIS A 115 -9.93 -5.57 0.24
C HIS A 115 -11.25 -5.89 0.89
N THR A 116 -11.20 -6.61 1.98
CA THR A 116 -12.42 -6.99 2.65
C THR A 116 -12.38 -6.62 4.13
N HIS A 117 -13.56 -6.75 4.74
CA HIS A 117 -13.73 -6.82 6.19
C HIS A 117 -14.21 -5.48 6.74
N PHE A 118 -13.34 -4.49 6.66
CA PHE A 118 -13.64 -3.19 7.23
C PHE A 118 -14.39 -2.30 6.25
N ASP A 119 -13.85 -2.16 5.04
CA ASP A 119 -14.39 -1.26 4.03
C ASP A 119 -15.87 -1.54 3.73
N ARG A 120 -16.25 -2.80 3.81
CA ARG A 120 -17.62 -3.22 3.50
C ARG A 120 -18.63 -2.57 4.45
N MET A 121 -18.17 -2.15 5.62
CA MET A 121 -19.05 -1.52 6.60
C MET A 121 -19.46 -0.13 6.12
N GLY A 122 -18.65 0.43 5.23
CA GLY A 122 -18.98 1.66 4.54
C GLY A 122 -19.45 2.79 5.44
N THR A 123 -20.24 3.68 4.85
CA THR A 123 -20.88 4.80 5.54
C THR A 123 -19.94 5.54 6.49
N LYS A 124 -20.06 5.29 7.78
CA LYS A 124 -19.32 6.04 8.78
C LYS A 124 -17.90 5.51 8.89
N HIS A 125 -17.77 4.20 8.94
CA HIS A 125 -16.46 3.56 9.07
C HIS A 125 -15.57 3.92 7.89
N ALA A 126 -16.12 3.74 6.70
CA ALA A 126 -15.37 4.01 5.47
C ALA A 126 -15.01 5.49 5.36
N LYS A 127 -16.00 6.36 5.50
CA LYS A 127 -15.81 7.78 5.26
C LYS A 127 -14.77 8.38 6.21
N ARG A 128 -14.71 7.89 7.44
CA ARG A 128 -13.78 8.44 8.41
C ARG A 128 -12.35 7.95 8.16
N VAL A 129 -12.20 6.72 7.67
CA VAL A 129 -10.89 6.21 7.28
C VAL A 129 -10.47 6.77 5.92
N ARG A 130 -11.41 6.79 5.00
CA ARG A 130 -11.18 7.30 3.65
C ARG A 130 -10.93 8.79 3.66
N ASN A 131 -11.22 9.41 4.81
CA ASN A 131 -10.88 10.81 5.04
C ASN A 131 -9.39 11.05 4.75
N GLY A 132 -8.60 9.97 4.85
CA GLY A 132 -7.21 10.03 4.44
C GLY A 132 -6.85 8.95 3.43
N MET A 133 -7.70 7.92 3.34
CA MET A 133 -7.48 6.80 2.43
C MET A 133 -7.89 7.13 0.98
N ASP A 134 -9.03 7.79 0.82
CA ASP A 134 -9.72 7.83 -0.47
C ASP A 134 -8.96 8.65 -1.51
N LYS A 135 -8.15 9.61 -1.07
CA LYS A 135 -7.32 10.36 -2.00
C LYS A 135 -5.85 10.09 -1.72
N GLY A 136 -5.58 8.94 -1.11
CA GLY A 136 -4.23 8.55 -0.83
C GLY A 136 -3.82 7.33 -1.61
N TRP A 137 -4.33 6.17 -1.20
CA TRP A 137 -3.93 4.89 -1.77
C TRP A 137 -4.19 4.81 -3.29
N PRO A 138 -5.39 5.17 -3.79
CA PRO A 138 -5.69 5.15 -5.22
C PRO A 138 -4.77 6.05 -6.04
N THR A 139 -4.44 7.22 -5.48
CA THR A 139 -3.55 8.16 -6.13
C THR A 139 -2.13 7.61 -6.11
N ILE A 140 -1.81 6.95 -4.99
CA ILE A 140 -0.55 6.26 -4.84
C ILE A 140 -0.33 5.28 -5.98
N LEU A 141 -1.39 4.52 -6.31
CA LEU A 141 -1.31 3.53 -7.36
C LEU A 141 -0.87 4.14 -8.69
N GLN A 142 -1.26 5.38 -8.94
CA GLN A 142 -0.91 6.05 -10.19
C GLN A 142 0.57 6.37 -10.24
N SER A 143 1.04 7.11 -9.25
CA SER A 143 2.44 7.49 -9.23
C SER A 143 3.33 6.30 -8.89
N PHE A 144 2.74 5.28 -8.27
CA PHE A 144 3.41 4.00 -8.04
C PHE A 144 3.80 3.39 -9.39
N GLN A 145 2.84 3.37 -10.32
CA GLN A 145 3.07 2.88 -11.66
C GLN A 145 4.14 3.70 -12.35
N ASP A 146 4.13 4.99 -12.06
CA ASP A 146 5.03 5.94 -12.72
C ASP A 146 6.46 5.79 -12.22
N LYS A 147 6.64 5.57 -10.92
CA LYS A 147 7.97 5.33 -10.36
C LYS A 147 8.51 4.00 -10.88
N ILE A 148 7.63 3.02 -11.05
CA ILE A 148 8.01 1.76 -11.66
C ILE A 148 8.25 1.94 -13.15
N ASP A 149 7.51 2.85 -13.75
CA ASP A 149 7.66 3.17 -15.16
C ASP A 149 9.08 3.65 -15.43
N GLU A 150 9.69 4.30 -14.44
CA GLU A 150 11.07 4.76 -14.51
C GLU A 150 12.01 3.57 -14.57
N GLU A 151 11.62 2.50 -13.90
CA GLU A 151 12.45 1.31 -13.81
C GLU A 151 12.25 0.46 -15.06
N GLY A 152 11.18 0.74 -15.78
CA GLY A 152 10.84 -0.03 -16.95
C GLY A 152 11.32 0.60 -18.24
N ALA A 153 10.64 1.65 -18.68
CA ALA A 153 10.93 2.23 -19.98
C ALA A 153 10.78 3.76 -20.00
N LYS A 154 10.74 4.38 -18.83
CA LYS A 154 10.65 5.83 -18.77
C LYS A 154 12.04 6.44 -18.99
N LYS A 155 12.47 6.45 -20.24
CA LYS A 155 13.74 7.03 -20.61
C LYS A 155 13.58 7.90 -21.84
N ASN A 1 -12.27 3.67 -2.56
CA ASN A 1 -13.02 2.39 -2.58
C ASN A 1 -13.51 2.06 -1.19
N TYR A 2 -14.71 1.48 -1.10
CA TYR A 2 -15.28 1.04 0.18
C TYR A 2 -16.71 0.57 -0.01
N ASP A 3 -17.38 1.11 -1.04
CA ASP A 3 -18.79 0.84 -1.27
C ASP A 3 -19.05 -0.65 -1.49
N PRO A 4 -18.38 -1.30 -2.47
CA PRO A 4 -18.43 -2.75 -2.62
C PRO A 4 -17.23 -3.43 -1.96
N PHE A 5 -16.05 -3.14 -2.50
CA PHE A 5 -14.80 -3.69 -2.01
C PHE A 5 -13.71 -2.67 -2.28
N VAL A 6 -12.66 -2.71 -1.50
CA VAL A 6 -11.49 -1.92 -1.82
C VAL A 6 -10.60 -2.68 -2.81
N ARG A 7 -10.60 -2.24 -4.05
CA ARG A 7 -9.80 -2.92 -5.06
C ARG A 7 -8.66 -2.04 -5.53
N HIS A 8 -7.50 -2.65 -5.62
CA HIS A 8 -6.31 -2.01 -6.18
C HIS A 8 -6.03 -2.66 -7.51
N SER A 9 -5.79 -1.86 -8.54
CA SER A 9 -5.52 -2.38 -9.86
C SER A 9 -4.53 -1.50 -10.58
N VAL A 10 -3.33 -2.02 -10.81
CA VAL A 10 -2.33 -1.28 -11.56
C VAL A 10 -1.60 -2.18 -12.54
N THR A 11 -1.35 -1.66 -13.72
CA THR A 11 -0.55 -2.35 -14.71
C THR A 11 0.91 -1.92 -14.59
N VAL A 12 1.75 -2.87 -14.25
CA VAL A 12 3.17 -2.64 -14.06
C VAL A 12 3.94 -3.05 -15.31
N LYS A 13 4.72 -2.13 -15.85
CA LYS A 13 5.50 -2.39 -17.07
C LYS A 13 6.96 -2.70 -16.75
N ALA A 14 7.19 -3.37 -15.63
CA ALA A 14 8.54 -3.79 -15.25
C ALA A 14 8.51 -5.09 -14.45
N ASP A 15 7.46 -5.89 -14.68
CA ASP A 15 7.34 -7.24 -14.08
C ASP A 15 7.02 -7.20 -12.57
N ARG A 16 6.67 -8.37 -12.04
CA ARG A 16 6.22 -8.53 -10.66
C ARG A 16 7.32 -8.16 -9.68
N LYS A 17 8.56 -8.30 -10.12
CA LYS A 17 9.73 -7.94 -9.33
C LYS A 17 9.64 -6.49 -8.86
N THR A 18 9.44 -5.57 -9.80
CA THR A 18 9.42 -4.16 -9.48
C THR A 18 8.12 -3.75 -8.81
N ALA A 19 7.02 -4.41 -9.20
CA ALA A 19 5.73 -4.13 -8.60
C ALA A 19 5.75 -4.41 -7.10
N PHE A 20 6.27 -5.57 -6.73
CA PHE A 20 6.38 -5.95 -5.33
C PHE A 20 7.42 -5.08 -4.62
N LYS A 21 8.46 -4.71 -5.34
CA LYS A 21 9.47 -3.81 -4.81
C LYS A 21 8.86 -2.48 -4.43
N THR A 22 8.21 -1.88 -5.42
CA THR A 22 7.66 -0.54 -5.29
C THR A 22 6.51 -0.49 -4.29
N PHE A 23 5.87 -1.63 -4.07
CA PHE A 23 4.75 -1.69 -3.13
C PHE A 23 5.24 -1.95 -1.71
N LEU A 24 6.26 -2.79 -1.55
CA LEU A 24 6.67 -3.22 -0.22
C LEU A 24 8.10 -2.84 0.15
N GLU A 25 9.06 -3.23 -0.68
CA GLU A 25 10.47 -3.11 -0.30
C GLU A 25 10.96 -1.68 -0.49
N GLY A 26 10.29 -0.97 -1.36
CA GLY A 26 10.56 0.41 -1.61
C GLY A 26 9.30 1.18 -1.32
N PHE A 27 9.20 1.66 -0.12
CA PHE A 27 8.00 2.36 0.31
C PHE A 27 8.16 3.88 0.16
N PRO A 28 9.10 4.52 0.90
CA PRO A 28 9.23 5.98 0.90
C PRO A 28 10.29 6.53 -0.06
N GLU A 29 10.45 5.94 -1.24
CA GLU A 29 11.52 6.38 -2.14
C GLU A 29 11.03 6.73 -3.54
N TRP A 30 9.72 6.70 -3.77
CA TRP A 30 9.16 7.09 -5.06
C TRP A 30 8.64 8.54 -4.99
N TRP A 31 7.77 8.91 -5.91
CA TRP A 31 7.30 10.30 -5.99
C TRP A 31 5.91 10.55 -5.34
N PRO A 32 5.10 9.53 -4.91
CA PRO A 32 3.73 9.80 -4.48
C PRO A 32 3.63 10.31 -3.04
N ASN A 33 2.52 9.96 -2.39
CA ASN A 33 2.25 10.38 -1.01
C ASN A 33 3.30 9.83 -0.06
N ASN A 34 3.95 8.75 -0.44
CA ASN A 34 4.96 8.09 0.39
C ASN A 34 6.29 8.83 0.33
N PHE A 35 6.24 10.09 -0.06
CA PHE A 35 7.45 10.89 -0.23
C PHE A 35 7.44 12.08 0.75
N ARG A 36 6.66 11.95 1.82
CA ARG A 36 6.57 13.01 2.82
C ARG A 36 7.08 12.50 4.17
N THR A 37 7.68 13.37 4.96
CA THR A 37 8.33 12.94 6.19
C THR A 37 7.29 12.67 7.28
N THR A 38 7.47 11.56 8.00
CA THR A 38 6.59 11.11 9.08
C THR A 38 5.14 10.91 8.59
N LYS A 39 4.98 10.86 7.28
CA LYS A 39 3.70 10.56 6.66
C LYS A 39 3.92 9.52 5.58
N VAL A 40 4.01 8.27 6.01
CA VAL A 40 4.21 7.11 5.14
C VAL A 40 5.43 7.26 4.22
N GLY A 41 6.31 8.20 4.56
CA GLY A 41 7.47 8.45 3.74
C GLY A 41 8.69 8.87 4.53
N ALA A 42 8.76 8.44 5.78
CA ALA A 42 9.97 8.61 6.57
C ALA A 42 10.97 7.55 6.13
N PRO A 43 12.25 7.65 6.52
CA PRO A 43 13.30 6.69 6.11
C PRO A 43 13.09 5.28 6.68
N LEU A 44 11.96 4.68 6.35
CA LEU A 44 11.66 3.29 6.69
C LEU A 44 10.46 2.80 5.88
N GLY A 45 9.25 2.99 6.41
CA GLY A 45 8.06 2.69 5.66
C GLY A 45 7.52 1.30 5.94
N VAL A 46 8.29 0.29 5.60
CA VAL A 46 7.85 -1.09 5.77
C VAL A 46 8.94 -1.91 6.43
N ASP A 47 8.53 -2.89 7.20
CA ASP A 47 9.46 -3.78 7.88
C ASP A 47 9.13 -5.21 7.50
N LYS A 48 9.84 -5.74 6.51
CA LYS A 48 9.60 -7.10 6.05
C LYS A 48 10.14 -8.10 7.06
N LYS A 49 11.08 -7.65 7.87
CA LYS A 49 11.67 -8.47 8.91
C LYS A 49 10.62 -8.84 9.96
N GLY A 50 10.00 -7.83 10.54
CA GLY A 50 9.00 -8.07 11.56
C GLY A 50 7.63 -8.35 10.99
N GLY A 51 7.36 -7.81 9.80
CA GLY A 51 6.08 -8.03 9.17
C GLY A 51 5.08 -6.93 9.50
N ARG A 52 5.51 -5.69 9.35
CA ARG A 52 4.64 -4.56 9.68
C ARG A 52 5.02 -3.32 8.88
N TRP A 53 4.10 -2.37 8.81
CA TRP A 53 4.35 -1.10 8.12
C TRP A 53 4.47 0.02 9.13
N TYR A 54 5.61 0.70 9.15
CA TYR A 54 5.81 1.86 10.02
C TYR A 54 7.03 2.65 9.57
N GLU A 55 7.07 3.92 9.96
CA GLU A 55 8.20 4.77 9.68
C GLU A 55 8.69 5.37 10.99
N ILE A 56 9.87 5.95 10.98
CA ILE A 56 10.42 6.55 12.19
C ILE A 56 9.78 7.90 12.44
N ASP A 57 8.86 7.94 13.39
CA ASP A 57 8.17 9.16 13.74
C ASP A 57 8.97 9.91 14.82
N GLU A 58 8.91 11.25 14.75
CA GLU A 58 9.71 12.10 15.61
C GLU A 58 9.38 11.91 17.09
N GLN A 59 8.17 11.49 17.37
CA GLN A 59 7.70 11.36 18.74
C GLN A 59 8.30 10.12 19.41
N GLY A 60 8.81 9.19 18.61
CA GLY A 60 9.43 8.00 19.17
C GLY A 60 9.06 6.74 18.43
N GLU A 61 9.29 6.73 17.11
CA GLU A 61 9.12 5.54 16.28
C GLU A 61 7.73 4.92 16.38
N GLU A 62 6.73 5.72 16.71
CA GLU A 62 5.40 5.20 16.90
C GLU A 62 4.48 5.72 15.81
N HIS A 63 4.31 4.91 14.79
CA HIS A 63 3.45 5.24 13.68
C HIS A 63 2.38 4.19 13.50
N THR A 64 1.35 4.52 12.73
CA THR A 64 0.27 3.60 12.41
C THR A 64 0.81 2.23 12.00
N PHE A 65 0.36 1.19 12.69
CA PHE A 65 0.91 -0.15 12.53
C PHE A 65 0.17 -0.92 11.45
N GLY A 66 0.86 -1.18 10.34
CA GLY A 66 0.30 -2.04 9.32
C GLY A 66 0.52 -3.50 9.66
N LEU A 67 -0.55 -4.29 9.66
CA LEU A 67 -0.47 -5.66 10.15
C LEU A 67 -0.36 -6.65 9.00
N ILE A 68 0.86 -7.05 8.69
CA ILE A 68 1.06 -8.00 7.61
C ILE A 68 0.86 -9.42 8.12
N ARG A 69 -0.03 -10.14 7.47
CA ARG A 69 -0.33 -11.51 7.84
C ARG A 69 0.32 -12.49 6.87
N LYS A 70 0.76 -11.97 5.72
CA LYS A 70 1.51 -12.76 4.76
C LYS A 70 2.32 -11.89 3.81
N VAL A 71 3.64 -12.06 3.85
CA VAL A 71 4.52 -11.52 2.83
C VAL A 71 4.94 -12.65 1.90
N ASP A 72 4.19 -12.84 0.82
CA ASP A 72 4.38 -14.00 -0.03
C ASP A 72 5.18 -13.66 -1.28
N GLU A 73 6.45 -13.28 -1.06
CA GLU A 73 7.41 -12.93 -2.13
C GLU A 73 6.80 -11.95 -3.16
N PRO A 74 7.50 -11.66 -4.28
CA PRO A 74 6.88 -10.98 -5.42
C PRO A 74 5.75 -11.81 -6.04
N ASP A 75 4.64 -11.88 -5.31
CA ASP A 75 3.47 -12.65 -5.72
C ASP A 75 2.22 -12.11 -5.04
N THR A 76 2.15 -12.23 -3.73
CA THR A 76 0.99 -11.78 -2.98
C THR A 76 1.35 -11.22 -1.61
N LEU A 77 0.52 -10.31 -1.12
CA LEU A 77 0.70 -9.74 0.22
C LEU A 77 -0.65 -9.63 0.91
N VAL A 78 -0.77 -10.20 2.09
CA VAL A 78 -1.98 -10.04 2.89
C VAL A 78 -1.69 -9.12 4.09
N ILE A 79 -2.18 -7.91 4.01
CA ILE A 79 -1.89 -6.90 5.03
C ILE A 79 -3.18 -6.25 5.55
N GLY A 80 -3.25 -6.08 6.87
CA GLY A 80 -4.39 -5.43 7.48
C GLY A 80 -4.17 -3.94 7.69
N TRP A 81 -5.24 -3.22 7.96
CA TRP A 81 -5.27 -1.76 7.83
C TRP A 81 -4.29 -1.03 8.75
N ARG A 82 -4.03 0.21 8.41
CA ARG A 82 -2.97 0.99 9.01
C ARG A 82 -3.24 2.48 8.82
N LEU A 83 -3.83 2.82 7.67
CA LEU A 83 -4.22 4.21 7.35
C LEU A 83 -2.99 5.04 6.94
N ASN A 84 -3.22 6.28 6.53
CA ASN A 84 -2.17 7.13 5.96
C ASN A 84 -1.80 8.24 6.93
N GLY A 85 -2.66 9.25 7.03
CA GLY A 85 -2.44 10.31 7.97
C GLY A 85 -2.67 9.84 9.39
N PHE A 86 -1.59 9.46 10.06
CA PHE A 86 -1.61 8.90 11.41
C PHE A 86 -2.33 9.82 12.42
N GLY A 87 -2.71 11.01 12.00
CA GLY A 87 -3.49 11.88 12.84
C GLY A 87 -4.98 11.65 12.63
N ARG A 88 -5.30 10.73 11.74
CA ARG A 88 -6.65 10.36 11.44
C ARG A 88 -7.05 9.10 12.22
N ILE A 89 -8.35 8.98 12.48
CA ILE A 89 -8.90 7.87 13.21
C ILE A 89 -8.75 6.58 12.42
N ASP A 90 -8.12 5.59 13.03
CA ASP A 90 -7.84 4.33 12.35
C ASP A 90 -8.83 3.24 12.77
N PRO A 91 -9.21 2.39 11.82
CA PRO A 91 -9.93 1.16 12.06
C PRO A 91 -8.99 -0.05 12.09
N ASP A 92 -7.80 0.15 12.65
CA ASP A 92 -6.79 -0.90 12.73
C ASP A 92 -7.25 -2.03 13.64
N ASN A 93 -7.93 -2.98 13.02
CA ASN A 93 -8.21 -4.26 13.65
C ASN A 93 -8.72 -5.21 12.59
N SER A 94 -8.85 -4.66 11.39
CA SER A 94 -9.50 -5.30 10.28
C SER A 94 -9.05 -4.62 8.99
N SER A 95 -9.98 -4.50 8.02
CA SER A 95 -9.70 -3.84 6.76
C SER A 95 -8.48 -4.44 6.05
N GLU A 96 -8.37 -5.76 6.17
CA GLU A 96 -7.33 -6.54 5.51
C GLU A 96 -7.59 -6.61 4.01
N PHE A 97 -6.52 -6.71 3.23
CA PHE A 97 -6.63 -6.85 1.78
C PHE A 97 -5.50 -7.71 1.24
N THR A 98 -5.81 -8.46 0.19
CA THR A 98 -4.84 -9.31 -0.44
C THR A 98 -4.35 -8.69 -1.75
N VAL A 99 -3.07 -8.37 -1.79
CA VAL A 99 -2.44 -7.84 -3.00
C VAL A 99 -2.07 -8.99 -3.92
N THR A 100 -2.77 -9.11 -5.04
CA THR A 100 -2.50 -10.17 -5.98
C THR A 100 -1.75 -9.65 -7.21
N PHE A 101 -0.47 -9.97 -7.27
CA PHE A 101 0.33 -9.59 -8.42
C PHE A 101 0.29 -10.67 -9.49
N VAL A 102 -0.36 -10.38 -10.60
CA VAL A 102 -0.44 -11.32 -11.70
C VAL A 102 0.71 -11.09 -12.67
N ALA A 103 1.67 -12.02 -12.68
CA ALA A 103 2.84 -11.92 -13.54
C ALA A 103 2.43 -12.11 -15.00
N ASP A 104 3.01 -11.30 -15.87
CA ASP A 104 2.65 -11.33 -17.29
C ASP A 104 3.89 -11.40 -18.15
N GLY A 105 4.17 -12.60 -18.66
CA GLY A 105 5.22 -12.75 -19.64
C GLY A 105 6.60 -12.58 -19.06
N GLN A 106 7.15 -11.38 -19.24
CA GLN A 106 8.51 -11.12 -18.85
C GLN A 106 8.71 -9.68 -18.35
N LYS A 107 7.80 -8.79 -18.71
CA LYS A 107 7.98 -7.38 -18.35
C LYS A 107 6.70 -6.75 -17.83
N LYS A 108 5.63 -7.50 -17.68
CA LYS A 108 4.39 -6.90 -17.25
C LYS A 108 3.82 -7.64 -16.04
N THR A 109 3.03 -6.93 -15.25
CA THR A 109 2.33 -7.51 -14.11
C THR A 109 1.19 -6.60 -13.69
N ARG A 110 -0.01 -7.15 -13.64
CA ARG A 110 -1.18 -6.38 -13.24
C ARG A 110 -1.63 -6.87 -11.87
N VAL A 111 -1.64 -5.96 -10.90
CA VAL A 111 -2.02 -6.33 -9.54
C VAL A 111 -3.48 -6.02 -9.29
N ASP A 112 -4.15 -6.91 -8.56
CA ASP A 112 -5.48 -6.64 -8.08
C ASP A 112 -5.56 -6.93 -6.59
N VAL A 113 -5.97 -5.92 -5.83
CA VAL A 113 -6.17 -6.08 -4.41
C VAL A 113 -7.62 -6.31 -4.12
N GLU A 114 -7.91 -7.42 -3.49
CA GLU A 114 -9.25 -7.67 -3.00
C GLU A 114 -9.28 -7.40 -1.51
N HIS A 115 -10.12 -6.49 -1.13
CA HIS A 115 -10.22 -6.06 0.25
C HIS A 115 -11.43 -6.68 0.89
N THR A 116 -11.35 -6.86 2.19
CA THR A 116 -12.48 -7.25 3.00
C THR A 116 -13.61 -6.20 2.90
N HIS A 117 -14.71 -6.48 3.56
CA HIS A 117 -15.84 -5.57 3.60
C HIS A 117 -15.97 -4.92 4.97
N PHE A 118 -14.89 -4.96 5.75
CA PHE A 118 -14.85 -4.32 7.06
C PHE A 118 -15.11 -2.81 6.96
N ASP A 119 -14.74 -2.22 5.82
CA ASP A 119 -15.01 -0.81 5.55
C ASP A 119 -16.49 -0.64 5.19
N ARG A 120 -16.93 -1.46 4.25
CA ARG A 120 -18.31 -1.50 3.77
C ARG A 120 -19.28 -1.79 4.92
N MET A 121 -18.73 -2.32 6.01
CA MET A 121 -19.49 -2.75 7.19
C MET A 121 -20.16 -1.57 7.91
N GLY A 122 -20.33 -0.46 7.22
CA GLY A 122 -21.11 0.61 7.77
C GLY A 122 -20.69 1.95 7.23
N THR A 123 -21.63 2.87 7.17
CA THR A 123 -21.34 4.22 6.75
C THR A 123 -20.32 4.86 7.68
N LYS A 124 -20.42 4.52 8.96
CA LYS A 124 -19.48 4.97 9.97
C LYS A 124 -18.12 4.28 9.79
N HIS A 125 -18.15 3.00 9.46
CA HIS A 125 -16.92 2.25 9.20
C HIS A 125 -16.20 2.81 7.99
N ALA A 126 -16.95 3.05 6.93
CA ALA A 126 -16.39 3.58 5.70
C ALA A 126 -15.89 5.00 5.89
N LYS A 127 -16.56 5.74 6.77
CA LYS A 127 -16.17 7.11 7.10
C LYS A 127 -14.83 7.13 7.85
N ARG A 128 -14.64 6.16 8.75
CA ARG A 128 -13.44 6.10 9.57
C ARG A 128 -12.25 5.58 8.78
N VAL A 129 -12.49 4.81 7.73
CA VAL A 129 -11.40 4.28 6.92
C VAL A 129 -10.91 5.28 5.85
N ARG A 130 -11.83 5.77 5.02
CA ARG A 130 -11.44 6.50 3.80
C ARG A 130 -10.68 7.79 4.12
N ASN A 131 -10.88 8.32 5.31
CA ASN A 131 -10.19 9.52 5.77
C ASN A 131 -8.67 9.37 5.68
N GLY A 132 -8.20 8.13 5.67
CA GLY A 132 -6.79 7.89 5.69
C GLY A 132 -6.20 7.56 4.34
N MET A 133 -6.05 6.27 4.07
CA MET A 133 -5.20 5.82 2.96
C MET A 133 -5.89 5.94 1.61
N ASP A 134 -7.22 5.86 1.59
CA ASP A 134 -7.97 5.82 0.33
C ASP A 134 -7.81 7.13 -0.45
N LYS A 135 -7.46 8.19 0.25
CA LYS A 135 -7.28 9.50 -0.38
C LYS A 135 -5.93 9.61 -1.08
N GLY A 136 -5.02 8.71 -0.75
CA GLY A 136 -3.69 8.75 -1.30
C GLY A 136 -3.40 7.53 -2.13
N TRP A 137 -4.20 6.50 -1.94
CA TRP A 137 -4.04 5.23 -2.63
C TRP A 137 -4.03 5.41 -4.15
N PRO A 138 -5.06 6.06 -4.75
CA PRO A 138 -5.05 6.36 -6.19
C PRO A 138 -3.87 7.25 -6.58
N THR A 139 -3.50 8.14 -5.67
CA THR A 139 -2.39 9.06 -5.90
C THR A 139 -1.06 8.27 -5.96
N ILE A 140 -0.86 7.43 -4.97
CA ILE A 140 0.31 6.57 -4.89
C ILE A 140 0.42 5.73 -6.15
N LEU A 141 -0.65 5.03 -6.46
CA LEU A 141 -0.69 4.10 -7.57
C LEU A 141 -0.34 4.76 -8.91
N GLN A 142 -0.58 6.05 -9.04
CA GLN A 142 -0.18 6.76 -10.24
C GLN A 142 1.34 6.85 -10.30
N SER A 143 1.94 7.39 -9.23
CA SER A 143 3.38 7.50 -9.18
C SER A 143 4.04 6.12 -9.02
N PHE A 144 3.27 5.18 -8.50
CA PHE A 144 3.67 3.78 -8.39
C PHE A 144 3.99 3.23 -9.77
N GLN A 145 3.04 3.40 -10.68
CA GLN A 145 3.21 2.95 -12.06
C GLN A 145 4.21 3.85 -12.79
N ASP A 146 4.38 5.07 -12.28
CA ASP A 146 5.26 6.05 -12.89
C ASP A 146 6.72 5.74 -12.61
N LYS A 147 7.06 5.55 -11.34
CA LYS A 147 8.43 5.23 -10.99
C LYS A 147 8.77 3.84 -11.52
N ILE A 148 7.83 2.90 -11.42
CA ILE A 148 8.01 1.57 -11.98
C ILE A 148 8.30 1.65 -13.48
N ASP A 149 7.68 2.61 -14.13
CA ASP A 149 7.90 2.83 -15.55
C ASP A 149 9.36 3.18 -15.81
N GLU A 150 9.96 3.90 -14.86
CA GLU A 150 11.36 4.30 -14.95
C GLU A 150 12.28 3.10 -14.81
N GLU A 151 11.79 2.08 -14.13
CA GLU A 151 12.58 0.90 -13.85
C GLU A 151 12.41 -0.12 -14.98
N GLY A 152 11.71 0.27 -16.04
CA GLY A 152 11.46 -0.65 -17.12
C GLY A 152 11.38 0.00 -18.49
N ALA A 153 10.25 0.62 -18.80
CA ALA A 153 10.00 1.14 -20.14
C ALA A 153 10.57 2.53 -20.34
N LYS A 154 10.34 3.39 -19.36
CA LYS A 154 10.80 4.76 -19.40
C LYS A 154 12.21 4.86 -18.82
N LYS A 155 13.17 5.20 -19.66
CA LYS A 155 14.56 5.24 -19.22
C LYS A 155 15.23 6.47 -19.81
N ASN A 1 -15.59 2.09 -3.83
CA ASN A 1 -15.66 0.65 -3.50
C ASN A 1 -15.58 0.44 -1.98
N TYR A 2 -16.39 -0.49 -1.46
CA TYR A 2 -16.36 -0.85 -0.02
C TYR A 2 -17.24 -2.06 0.29
N ASP A 3 -18.50 -2.03 -0.14
CA ASP A 3 -19.45 -3.08 0.21
C ASP A 3 -19.07 -4.42 -0.44
N PRO A 4 -19.04 -4.53 -1.78
CA PRO A 4 -18.67 -5.77 -2.44
C PRO A 4 -17.16 -6.03 -2.35
N PHE A 5 -16.38 -5.10 -2.88
CA PHE A 5 -14.94 -5.22 -2.87
C PHE A 5 -14.30 -3.85 -2.95
N VAL A 6 -13.18 -3.68 -2.26
CA VAL A 6 -12.32 -2.53 -2.50
C VAL A 6 -11.11 -3.01 -3.29
N ARG A 7 -11.13 -2.77 -4.58
CA ARG A 7 -10.14 -3.35 -5.46
C ARG A 7 -9.05 -2.36 -5.82
N HIS A 8 -7.81 -2.82 -5.75
CA HIS A 8 -6.69 -2.09 -6.30
C HIS A 8 -6.20 -2.83 -7.53
N SER A 9 -6.01 -2.11 -8.60
CA SER A 9 -5.51 -2.67 -9.82
C SER A 9 -4.44 -1.79 -10.42
N VAL A 10 -3.23 -2.28 -10.38
CA VAL A 10 -2.09 -1.57 -10.93
C VAL A 10 -1.39 -2.40 -12.01
N THR A 11 -1.05 -1.77 -13.12
CA THR A 11 -0.30 -2.42 -14.17
C THR A 11 1.18 -2.00 -14.07
N VAL A 12 2.02 -2.97 -13.79
CA VAL A 12 3.44 -2.72 -13.59
C VAL A 12 4.22 -2.92 -14.89
N LYS A 13 5.00 -1.90 -15.23
CA LYS A 13 5.70 -1.85 -16.51
C LYS A 13 7.07 -2.54 -16.47
N ALA A 14 7.36 -3.32 -15.45
CA ALA A 14 8.71 -3.88 -15.30
C ALA A 14 8.73 -5.13 -14.45
N ASP A 15 7.74 -6.00 -14.64
CA ASP A 15 7.71 -7.33 -14.01
C ASP A 15 7.38 -7.28 -12.50
N ARG A 16 6.98 -8.44 -12.00
CA ARG A 16 6.48 -8.61 -10.63
C ARG A 16 7.53 -8.28 -9.58
N LYS A 17 8.79 -8.47 -9.91
CA LYS A 17 9.87 -8.23 -8.96
C LYS A 17 9.97 -6.76 -8.59
N THR A 18 9.82 -5.88 -9.58
CA THR A 18 9.85 -4.44 -9.31
C THR A 18 8.56 -4.01 -8.63
N ALA A 19 7.45 -4.66 -9.01
CA ALA A 19 6.16 -4.37 -8.40
C ALA A 19 6.25 -4.57 -6.89
N PHE A 20 6.74 -5.72 -6.48
CA PHE A 20 6.90 -6.03 -5.07
C PHE A 20 8.00 -5.18 -4.44
N LYS A 21 9.09 -5.00 -5.19
CA LYS A 21 10.22 -4.21 -4.70
C LYS A 21 9.74 -2.81 -4.32
N THR A 22 8.95 -2.20 -5.19
CA THR A 22 8.51 -0.83 -4.98
C THR A 22 7.39 -0.77 -3.95
N PHE A 23 6.42 -1.66 -4.07
CA PHE A 23 5.22 -1.62 -3.23
C PHE A 23 5.56 -1.90 -1.77
N LEU A 24 6.62 -2.66 -1.51
CA LEU A 24 6.95 -3.02 -0.15
C LEU A 24 8.29 -2.43 0.30
N GLU A 25 9.35 -2.72 -0.44
CA GLU A 25 10.69 -2.35 -0.01
C GLU A 25 11.09 -0.99 -0.54
N GLY A 26 10.23 -0.41 -1.35
CA GLY A 26 10.46 0.91 -1.89
C GLY A 26 9.44 1.89 -1.37
N PHE A 27 8.91 1.59 -0.20
CA PHE A 27 7.82 2.36 0.39
C PHE A 27 8.16 3.86 0.46
N PRO A 28 9.34 4.25 0.99
CA PRO A 28 9.69 5.67 1.15
C PRO A 28 10.22 6.36 -0.11
N GLU A 29 10.23 5.68 -1.26
CA GLU A 29 10.80 6.28 -2.46
C GLU A 29 9.71 6.76 -3.42
N TRP A 30 8.46 6.54 -3.05
CA TRP A 30 7.35 6.93 -3.92
C TRP A 30 7.17 8.44 -3.94
N TRP A 31 6.60 8.91 -5.03
CA TRP A 31 6.27 10.33 -5.19
C TRP A 31 4.93 10.72 -4.55
N PRO A 32 3.87 9.85 -4.62
CA PRO A 32 2.49 10.27 -4.32
C PRO A 32 2.28 10.81 -2.90
N ASN A 33 2.16 9.91 -1.94
CA ASN A 33 1.94 10.31 -0.56
C ASN A 33 3.21 10.09 0.25
N ASN A 34 4.13 9.31 -0.31
CA ASN A 34 5.28 8.82 0.45
C ASN A 34 6.52 9.67 0.20
N PHE A 35 6.30 10.88 -0.26
CA PHE A 35 7.41 11.77 -0.58
C PHE A 35 7.99 12.43 0.67
N ARG A 36 7.15 12.63 1.67
CA ARG A 36 7.56 13.39 2.86
C ARG A 36 8.14 12.49 3.96
N THR A 37 9.16 13.02 4.63
CA THR A 37 9.84 12.29 5.70
C THR A 37 9.02 12.29 6.98
N THR A 38 9.20 11.24 7.79
CA THR A 38 8.42 10.98 9.02
C THR A 38 6.92 10.95 8.75
N LYS A 39 6.55 11.01 7.49
CA LYS A 39 5.25 10.60 7.05
C LYS A 39 5.41 9.16 6.61
N VAL A 40 4.84 8.80 5.48
CA VAL A 40 4.98 7.44 4.97
C VAL A 40 6.16 7.35 4.02
N GLY A 41 7.07 8.31 4.13
CA GLY A 41 8.27 8.31 3.30
C GLY A 41 9.52 8.55 4.09
N ALA A 42 9.59 7.94 5.27
CA ALA A 42 10.81 7.94 6.06
C ALA A 42 11.66 6.74 5.66
N PRO A 43 12.98 6.75 5.95
CA PRO A 43 13.94 5.74 5.45
C PRO A 43 13.50 4.27 5.57
N LEU A 44 12.50 3.98 6.38
CA LEU A 44 12.06 2.60 6.57
C LEU A 44 10.84 2.29 5.68
N GLY A 45 9.65 2.37 6.24
CA GLY A 45 8.45 2.12 5.47
C GLY A 45 7.77 0.82 5.83
N VAL A 46 8.51 -0.28 5.74
CA VAL A 46 7.93 -1.59 5.99
C VAL A 46 8.89 -2.48 6.78
N ASP A 47 8.32 -3.23 7.71
CA ASP A 47 9.05 -4.22 8.47
C ASP A 47 8.68 -5.61 7.99
N LYS A 48 9.56 -6.20 7.20
CA LYS A 48 9.29 -7.48 6.57
C LYS A 48 9.51 -8.65 7.54
N LYS A 49 10.15 -8.38 8.67
CA LYS A 49 10.51 -9.45 9.61
C LYS A 49 9.34 -9.79 10.53
N GLY A 50 8.65 -8.78 11.04
CA GLY A 50 7.51 -9.01 11.89
C GLY A 50 6.22 -8.88 11.13
N GLY A 51 6.20 -8.00 10.15
CA GLY A 51 5.04 -7.84 9.29
C GLY A 51 4.22 -6.63 9.65
N ARG A 52 4.83 -5.46 9.59
CA ARG A 52 4.11 -4.22 9.82
C ARG A 52 4.65 -3.10 8.94
N TRP A 53 3.79 -2.18 8.56
CA TRP A 53 4.22 -1.02 7.77
C TRP A 53 4.37 0.19 8.70
N TYR A 54 5.60 0.67 8.83
CA TYR A 54 5.87 1.82 9.69
C TYR A 54 7.21 2.44 9.31
N GLU A 55 7.32 3.74 9.49
CA GLU A 55 8.53 4.45 9.16
C GLU A 55 9.17 4.97 10.44
N ILE A 56 10.40 5.45 10.33
CA ILE A 56 11.11 5.96 11.49
C ILE A 56 10.60 7.34 11.84
N ASP A 57 9.78 7.41 12.88
CA ASP A 57 9.20 8.68 13.31
C ASP A 57 9.94 9.21 14.52
N GLU A 58 9.81 10.51 14.77
CA GLU A 58 10.68 11.23 15.70
C GLU A 58 10.53 10.78 17.15
N GLN A 59 9.35 10.33 17.56
CA GLN A 59 9.13 9.98 18.97
C GLN A 59 9.53 8.54 19.25
N GLY A 60 10.16 7.90 18.28
CA GLY A 60 10.67 6.55 18.50
C GLY A 60 10.05 5.51 17.60
N GLU A 61 10.25 5.68 16.29
CA GLU A 61 9.85 4.66 15.30
C GLU A 61 8.38 4.26 15.44
N GLU A 62 7.54 5.21 15.79
CA GLU A 62 6.14 4.89 16.03
C GLU A 62 5.27 5.45 14.92
N HIS A 63 5.15 4.67 13.86
CA HIS A 63 4.28 5.03 12.76
C HIS A 63 3.25 3.93 12.54
N THR A 64 2.15 4.27 11.89
CA THR A 64 1.09 3.32 11.62
C THR A 64 0.62 3.45 10.18
N PHE A 65 0.83 2.40 9.40
CA PHE A 65 0.31 2.37 8.04
C PHE A 65 -0.42 1.06 7.75
N GLY A 66 0.19 -0.06 8.12
CA GLY A 66 -0.43 -1.32 7.79
C GLY A 66 0.01 -2.47 8.68
N LEU A 67 -0.84 -3.48 8.77
CA LEU A 67 -0.55 -4.70 9.52
C LEU A 67 -0.49 -5.88 8.57
N ILE A 68 0.69 -6.44 8.37
CA ILE A 68 0.87 -7.51 7.40
C ILE A 68 0.44 -8.85 7.97
N ARG A 69 -0.28 -9.61 7.16
CA ARG A 69 -0.73 -10.94 7.52
C ARG A 69 0.17 -11.97 6.83
N LYS A 70 0.61 -11.63 5.62
CA LYS A 70 1.46 -12.52 4.83
C LYS A 70 2.40 -11.72 3.93
N VAL A 71 3.69 -12.04 3.99
CA VAL A 71 4.67 -11.48 3.07
C VAL A 71 5.20 -12.58 2.15
N ASP A 72 4.58 -12.73 0.99
CA ASP A 72 4.87 -13.87 0.12
C ASP A 72 5.66 -13.43 -1.10
N GLU A 73 6.93 -13.05 -0.88
CA GLU A 73 7.89 -12.70 -1.95
C GLU A 73 7.30 -11.74 -2.98
N PRO A 74 8.02 -11.44 -4.09
CA PRO A 74 7.42 -10.79 -5.25
C PRO A 74 6.31 -11.65 -5.85
N ASP A 75 5.14 -11.57 -5.26
CA ASP A 75 3.98 -12.37 -5.67
C ASP A 75 2.71 -11.86 -5.01
N THR A 76 2.60 -12.04 -3.69
CA THR A 76 1.40 -11.64 -2.98
C THR A 76 1.70 -11.11 -1.58
N LEU A 77 0.92 -10.12 -1.16
CA LEU A 77 1.05 -9.54 0.16
C LEU A 77 -0.33 -9.39 0.78
N VAL A 78 -0.57 -10.08 1.88
CA VAL A 78 -1.82 -9.91 2.59
C VAL A 78 -1.61 -8.86 3.69
N ILE A 79 -2.15 -7.68 3.47
CA ILE A 79 -1.85 -6.53 4.30
C ILE A 79 -3.14 -5.85 4.78
N GLY A 80 -3.22 -5.59 6.09
CA GLY A 80 -4.38 -4.91 6.65
C GLY A 80 -4.14 -3.41 6.79
N TRP A 81 -5.21 -2.64 6.75
CA TRP A 81 -5.10 -1.19 6.72
C TRP A 81 -4.98 -0.60 8.12
N ARG A 82 -4.02 0.30 8.28
CA ARG A 82 -3.81 0.96 9.55
C ARG A 82 -3.53 2.45 9.32
N LEU A 83 -4.10 2.96 8.21
CA LEU A 83 -4.09 4.39 7.87
C LEU A 83 -2.74 4.84 7.32
N ASN A 84 -2.70 6.04 6.74
CA ASN A 84 -1.44 6.64 6.28
C ASN A 84 -0.74 7.30 7.46
N GLY A 85 -1.31 7.13 8.65
CA GLY A 85 -0.75 7.72 9.86
C GLY A 85 -0.65 9.22 9.80
N PHE A 86 -1.65 9.88 9.20
CA PHE A 86 -1.61 11.32 9.02
C PHE A 86 -2.96 11.97 9.32
N GLY A 87 -3.15 12.36 10.56
CA GLY A 87 -4.27 13.21 10.95
C GLY A 87 -5.64 12.56 10.83
N ARG A 88 -5.67 11.30 10.47
CA ARG A 88 -6.93 10.57 10.30
C ARG A 88 -7.05 9.48 11.36
N ILE A 89 -8.11 8.71 11.29
CA ILE A 89 -8.34 7.60 12.20
C ILE A 89 -7.98 6.27 11.52
N ASP A 90 -7.28 5.40 12.24
CA ASP A 90 -6.88 4.10 11.70
C ASP A 90 -7.86 3.02 12.16
N PRO A 91 -8.20 2.10 11.25
CA PRO A 91 -9.11 0.99 11.55
C PRO A 91 -8.57 0.09 12.66
N ASP A 92 -7.29 -0.25 12.54
CA ASP A 92 -6.54 -1.00 13.57
C ASP A 92 -6.95 -2.47 13.65
N ASN A 93 -8.24 -2.72 13.53
CA ASN A 93 -8.82 -4.02 13.79
C ASN A 93 -8.57 -5.02 12.66
N SER A 94 -8.57 -4.56 11.41
CA SER A 94 -8.36 -5.44 10.29
C SER A 94 -8.08 -4.67 9.00
N SER A 95 -9.12 -4.44 8.20
CA SER A 95 -9.00 -3.81 6.90
C SER A 95 -8.01 -4.56 6.02
N GLU A 96 -7.93 -5.85 6.26
CA GLU A 96 -7.02 -6.75 5.55
C GLU A 96 -7.36 -6.80 4.06
N PHE A 97 -6.38 -6.51 3.22
CA PHE A 97 -6.54 -6.63 1.79
C PHE A 97 -5.44 -7.50 1.20
N THR A 98 -5.84 -8.39 0.31
CA THR A 98 -4.90 -9.26 -0.36
C THR A 98 -4.37 -8.62 -1.63
N VAL A 99 -3.08 -8.35 -1.64
CA VAL A 99 -2.43 -7.79 -2.82
C VAL A 99 -1.92 -8.92 -3.68
N THR A 100 -2.56 -9.12 -4.82
CA THR A 100 -2.18 -10.19 -5.71
C THR A 100 -1.47 -9.65 -6.94
N PHE A 101 -0.16 -9.81 -6.98
CA PHE A 101 0.60 -9.45 -8.16
C PHE A 101 0.53 -10.57 -9.17
N VAL A 102 -0.30 -10.39 -10.19
CA VAL A 102 -0.41 -11.39 -11.22
C VAL A 102 0.57 -11.08 -12.34
N ALA A 103 1.61 -11.89 -12.45
CA ALA A 103 2.62 -11.69 -13.48
C ALA A 103 1.96 -11.71 -14.84
N ASP A 104 2.18 -10.65 -15.60
CA ASP A 104 1.58 -10.54 -16.91
C ASP A 104 2.68 -10.69 -17.96
N GLY A 105 2.72 -11.86 -18.56
CA GLY A 105 3.79 -12.18 -19.48
C GLY A 105 5.09 -12.38 -18.73
N GLN A 106 5.99 -11.42 -18.84
CA GLN A 106 7.24 -11.45 -18.10
C GLN A 106 7.77 -10.04 -17.86
N LYS A 107 7.17 -9.06 -18.50
CA LYS A 107 7.62 -7.67 -18.36
C LYS A 107 6.51 -6.80 -17.79
N LYS A 108 5.36 -7.41 -17.54
CA LYS A 108 4.23 -6.69 -16.99
C LYS A 108 3.73 -7.42 -15.76
N THR A 109 2.99 -6.72 -14.91
CA THR A 109 2.37 -7.34 -13.76
C THR A 109 1.18 -6.53 -13.31
N ARG A 110 0.01 -7.12 -13.43
CA ARG A 110 -1.20 -6.45 -13.04
C ARG A 110 -1.62 -6.95 -11.67
N VAL A 111 -1.54 -6.09 -10.67
CA VAL A 111 -1.91 -6.45 -9.32
C VAL A 111 -3.41 -6.24 -9.12
N ASP A 112 -4.02 -7.19 -8.46
CA ASP A 112 -5.43 -7.13 -8.15
C ASP A 112 -5.63 -7.34 -6.65
N VAL A 113 -6.15 -6.31 -6.01
CA VAL A 113 -6.30 -6.28 -4.56
C VAL A 113 -7.75 -6.39 -4.17
N GLU A 114 -8.04 -7.29 -3.25
CA GLU A 114 -9.37 -7.36 -2.68
C GLU A 114 -9.34 -6.91 -1.23
N HIS A 115 -9.96 -5.78 -0.99
CA HIS A 115 -10.08 -5.22 0.34
C HIS A 115 -11.54 -5.23 0.76
N THR A 116 -11.94 -6.25 1.50
CA THR A 116 -13.33 -6.43 1.84
C THR A 116 -13.50 -7.01 3.23
N HIS A 117 -13.70 -6.14 4.21
CA HIS A 117 -14.01 -6.57 5.57
C HIS A 117 -14.48 -5.39 6.40
N PHE A 118 -13.55 -4.53 6.76
CA PHE A 118 -13.82 -3.39 7.63
C PHE A 118 -14.78 -2.38 6.98
N ASP A 119 -14.50 -2.04 5.73
CA ASP A 119 -15.23 -1.00 5.01
C ASP A 119 -16.62 -1.51 4.62
N ARG A 120 -16.67 -2.78 4.28
CA ARG A 120 -17.90 -3.48 3.95
C ARG A 120 -18.92 -3.40 5.09
N MET A 121 -18.45 -3.12 6.30
CA MET A 121 -19.29 -3.18 7.49
C MET A 121 -20.13 -1.92 7.67
N GLY A 122 -20.30 -1.16 6.60
CA GLY A 122 -21.21 -0.04 6.65
C GLY A 122 -20.59 1.24 6.18
N THR A 123 -21.43 2.22 5.87
CA THR A 123 -20.98 3.52 5.39
C THR A 123 -20.19 4.25 6.46
N LYS A 124 -20.40 3.90 7.72
CA LYS A 124 -19.69 4.53 8.83
C LYS A 124 -18.20 4.17 8.79
N HIS A 125 -17.91 2.88 8.73
CA HIS A 125 -16.52 2.43 8.63
C HIS A 125 -15.87 2.96 7.36
N ALA A 126 -16.57 2.79 6.26
CA ALA A 126 -16.09 3.26 4.97
C ALA A 126 -15.87 4.78 4.98
N LYS A 127 -16.64 5.48 5.82
CA LYS A 127 -16.52 6.93 5.93
C LYS A 127 -15.28 7.33 6.73
N ARG A 128 -15.01 6.62 7.83
CA ARG A 128 -13.89 6.98 8.71
C ARG A 128 -12.56 6.84 7.97
N VAL A 129 -12.49 5.90 7.02
CA VAL A 129 -11.32 5.82 6.15
C VAL A 129 -11.43 6.85 5.00
N ARG A 130 -12.66 7.11 4.57
CA ARG A 130 -12.97 8.12 3.55
C ARG A 130 -12.56 9.52 4.01
N ASN A 131 -12.31 9.66 5.31
CA ASN A 131 -11.96 10.95 5.92
C ASN A 131 -10.81 11.68 5.23
N GLY A 132 -9.97 10.96 4.49
CA GLY A 132 -8.88 11.64 3.80
C GLY A 132 -8.08 10.74 2.89
N MET A 133 -7.84 9.51 3.33
CA MET A 133 -6.92 8.61 2.63
C MET A 133 -7.54 8.08 1.35
N ASP A 134 -8.84 8.34 1.17
CA ASP A 134 -9.58 7.90 0.00
C ASP A 134 -9.02 8.51 -1.28
N LYS A 135 -8.32 9.63 -1.16
CA LYS A 135 -7.72 10.27 -2.33
C LYS A 135 -6.24 9.92 -2.43
N GLY A 136 -5.60 9.70 -1.29
CA GLY A 136 -4.17 9.42 -1.27
C GLY A 136 -3.84 8.06 -1.85
N TRP A 137 -4.54 7.03 -1.38
CA TRP A 137 -4.29 5.66 -1.82
C TRP A 137 -4.36 5.51 -3.35
N PRO A 138 -5.45 5.96 -4.00
CA PRO A 138 -5.54 5.92 -5.47
C PRO A 138 -4.43 6.73 -6.13
N THR A 139 -4.08 7.86 -5.54
CA THR A 139 -3.04 8.71 -6.10
C THR A 139 -1.70 8.01 -6.01
N ILE A 140 -1.53 7.28 -4.92
CA ILE A 140 -0.36 6.46 -4.72
C ILE A 140 -0.21 5.45 -5.84
N LEU A 141 -1.32 4.80 -6.20
CA LEU A 141 -1.29 3.75 -7.21
C LEU A 141 -0.86 4.27 -8.58
N GLN A 142 -1.21 5.51 -8.89
CA GLN A 142 -0.79 6.11 -10.16
C GLN A 142 0.71 6.37 -10.15
N SER A 143 1.15 7.10 -9.14
CA SER A 143 2.55 7.42 -8.98
C SER A 143 3.38 6.16 -8.69
N PHE A 144 2.71 5.13 -8.19
CA PHE A 144 3.35 3.84 -7.95
C PHE A 144 3.78 3.23 -9.28
N GLN A 145 2.81 3.13 -10.20
CA GLN A 145 3.07 2.64 -11.54
C GLN A 145 4.06 3.56 -12.26
N ASP A 146 4.02 4.81 -11.87
CA ASP A 146 4.83 5.85 -12.50
C ASP A 146 6.28 5.71 -12.07
N LYS A 147 6.51 5.48 -10.78
CA LYS A 147 7.86 5.28 -10.26
C LYS A 147 8.46 3.99 -10.82
N ILE A 148 7.67 2.94 -10.86
CA ILE A 148 8.11 1.65 -11.38
C ILE A 148 8.50 1.75 -12.85
N ASP A 149 7.72 2.49 -13.62
CA ASP A 149 7.98 2.65 -15.05
C ASP A 149 9.29 3.39 -15.28
N GLU A 150 9.67 4.23 -14.33
CA GLU A 150 10.95 4.93 -14.39
C GLU A 150 12.08 3.93 -14.34
N GLU A 151 11.88 2.92 -13.50
CA GLU A 151 12.88 1.88 -13.27
C GLU A 151 12.89 0.95 -14.46
N GLY A 152 11.73 0.84 -15.10
CA GLY A 152 11.58 -0.02 -16.26
C GLY A 152 12.24 0.56 -17.49
N ALA A 153 11.62 1.56 -18.09
CA ALA A 153 12.13 2.10 -19.34
C ALA A 153 11.53 3.46 -19.69
N LYS A 154 11.05 4.19 -18.68
CA LYS A 154 10.47 5.50 -18.93
C LYS A 154 11.54 6.50 -19.36
N LYS A 155 12.30 6.95 -18.38
CA LYS A 155 13.34 7.96 -18.59
C LYS A 155 12.74 9.23 -19.17
N ASN A 1 -15.23 2.62 -4.45
CA ASN A 1 -15.43 1.21 -4.06
C ASN A 1 -15.04 1.01 -2.60
N TYR A 2 -15.98 0.45 -1.83
CA TYR A 2 -15.85 0.28 -0.38
C TYR A 2 -17.10 -0.39 0.17
N ASP A 3 -18.25 -0.10 -0.43
CA ASP A 3 -19.51 -0.67 0.03
C ASP A 3 -19.63 -2.16 -0.33
N PRO A 4 -19.49 -2.54 -1.62
CA PRO A 4 -19.58 -3.93 -2.03
C PRO A 4 -18.22 -4.62 -2.08
N PHE A 5 -17.35 -4.14 -2.96
CA PHE A 5 -16.03 -4.73 -3.14
C PHE A 5 -15.00 -3.64 -3.42
N VAL A 6 -14.01 -3.51 -2.55
CA VAL A 6 -12.85 -2.71 -2.87
C VAL A 6 -11.87 -3.56 -3.66
N ARG A 7 -11.48 -3.07 -4.81
CA ARG A 7 -10.52 -3.77 -5.63
C ARG A 7 -9.46 -2.80 -6.11
N HIS A 8 -8.22 -3.25 -6.05
CA HIS A 8 -7.10 -2.47 -6.53
C HIS A 8 -6.59 -3.07 -7.80
N SER A 9 -6.39 -2.25 -8.81
CA SER A 9 -5.92 -2.74 -10.09
C SER A 9 -4.82 -1.86 -10.64
N VAL A 10 -3.67 -2.44 -10.82
CA VAL A 10 -2.52 -1.73 -11.34
C VAL A 10 -1.78 -2.56 -12.39
N THR A 11 -1.43 -1.93 -13.49
CA THR A 11 -0.61 -2.57 -14.49
C THR A 11 0.83 -2.07 -14.37
N VAL A 12 1.71 -2.98 -14.02
CA VAL A 12 3.13 -2.69 -13.85
C VAL A 12 3.87 -3.02 -15.13
N LYS A 13 4.77 -2.15 -15.54
CA LYS A 13 5.50 -2.33 -16.79
C LYS A 13 6.96 -2.72 -16.55
N ALA A 14 7.21 -3.51 -15.51
CA ALA A 14 8.56 -3.96 -15.22
C ALA A 14 8.58 -5.27 -14.42
N ASP A 15 7.57 -6.11 -14.66
CA ASP A 15 7.47 -7.43 -14.04
C ASP A 15 7.04 -7.36 -12.56
N ARG A 16 6.61 -8.52 -12.06
CA ARG A 16 6.07 -8.65 -10.72
C ARG A 16 7.12 -8.38 -9.65
N LYS A 17 8.39 -8.60 -10.00
CA LYS A 17 9.47 -8.35 -9.05
C LYS A 17 9.53 -6.88 -8.68
N THR A 18 9.51 -6.00 -9.66
CA THR A 18 9.56 -4.56 -9.40
C THR A 18 8.27 -4.11 -8.73
N ALA A 19 7.15 -4.72 -9.12
CA ALA A 19 5.87 -4.41 -8.51
C ALA A 19 5.93 -4.61 -7.00
N PHE A 20 6.44 -5.75 -6.57
CA PHE A 20 6.57 -6.05 -5.15
C PHE A 20 7.69 -5.23 -4.51
N LYS A 21 8.86 -5.26 -5.14
CA LYS A 21 10.03 -4.54 -4.62
C LYS A 21 9.70 -3.07 -4.35
N THR A 22 9.10 -2.43 -5.33
CA THR A 22 8.77 -1.02 -5.22
C THR A 22 7.69 -0.81 -4.15
N PHE A 23 6.59 -1.56 -4.27
CA PHE A 23 5.42 -1.37 -3.40
C PHE A 23 5.75 -1.52 -1.92
N LEU A 24 6.59 -2.50 -1.59
CA LEU A 24 6.82 -2.82 -0.20
C LEU A 24 8.18 -2.31 0.29
N GLU A 25 9.23 -2.61 -0.45
CA GLU A 25 10.58 -2.32 0.00
C GLU A 25 11.00 -0.89 -0.37
N GLY A 26 10.17 -0.22 -1.14
CA GLY A 26 10.51 1.11 -1.60
C GLY A 26 9.56 2.16 -1.10
N PHE A 27 9.00 1.92 0.08
CA PHE A 27 7.95 2.77 0.64
C PHE A 27 8.31 4.26 0.57
N PRO A 28 9.48 4.67 1.11
CA PRO A 28 9.86 6.09 1.15
C PRO A 28 10.66 6.57 -0.07
N GLU A 29 10.57 5.87 -1.21
CA GLU A 29 11.38 6.28 -2.35
C GLU A 29 10.54 6.79 -3.53
N TRP A 30 9.24 6.53 -3.52
CA TRP A 30 8.39 7.00 -4.63
C TRP A 30 8.06 8.49 -4.40
N TRP A 31 7.25 9.05 -5.29
CA TRP A 31 6.89 10.46 -5.18
C TRP A 31 5.38 10.75 -4.89
N PRO A 32 4.54 9.79 -4.42
CA PRO A 32 3.15 10.11 -4.06
C PRO A 32 3.00 10.64 -2.64
N ASN A 33 2.00 10.12 -1.91
CA ASN A 33 1.67 10.59 -0.58
C ASN A 33 2.79 10.26 0.42
N ASN A 34 3.54 9.24 0.10
CA ASN A 34 4.63 8.78 0.97
C ASN A 34 5.92 9.54 0.67
N PHE A 35 5.77 10.70 0.03
CA PHE A 35 6.89 11.59 -0.20
C PHE A 35 7.13 12.44 1.05
N ARG A 36 6.26 12.28 2.03
CA ARG A 36 6.35 13.02 3.28
C ARG A 36 6.83 12.11 4.40
N THR A 37 7.27 12.70 5.50
CA THR A 37 7.79 11.94 6.62
C THR A 37 6.73 11.76 7.70
N THR A 38 6.80 10.62 8.40
CA THR A 38 5.85 10.23 9.43
C THR A 38 4.41 10.27 8.93
N LYS A 39 4.27 10.12 7.62
CA LYS A 39 3.00 9.82 6.99
C LYS A 39 3.03 8.40 6.44
N VAL A 40 4.08 8.11 5.67
CA VAL A 40 4.35 6.77 5.11
C VAL A 40 5.67 6.77 4.34
N GLY A 41 6.60 7.64 4.72
CA GLY A 41 7.78 7.84 3.89
C GLY A 41 8.98 8.38 4.65
N ALA A 42 9.09 8.04 5.92
CA ALA A 42 10.30 8.35 6.69
C ALA A 42 11.39 7.36 6.35
N PRO A 43 12.65 7.59 6.81
CA PRO A 43 13.76 6.65 6.59
C PRO A 43 13.52 5.30 7.27
N LEU A 44 12.61 4.51 6.71
CA LEU A 44 12.33 3.16 7.15
C LEU A 44 11.42 2.47 6.13
N GLY A 45 10.12 2.57 6.34
CA GLY A 45 9.18 2.02 5.39
C GLY A 45 8.46 0.80 5.91
N VAL A 46 9.05 -0.36 5.71
CA VAL A 46 8.38 -1.62 6.03
C VAL A 46 9.36 -2.62 6.64
N ASP A 47 8.91 -3.34 7.65
CA ASP A 47 9.67 -4.42 8.24
C ASP A 47 9.20 -5.74 7.64
N LYS A 48 10.03 -6.33 6.80
CA LYS A 48 9.63 -7.50 6.01
C LYS A 48 9.65 -8.80 6.82
N LYS A 49 10.36 -8.80 7.93
CA LYS A 49 10.51 -10.02 8.72
C LYS A 49 9.39 -10.15 9.74
N GLY A 50 9.09 -9.05 10.43
CA GLY A 50 7.99 -9.05 11.37
C GLY A 50 6.66 -8.90 10.67
N GLY A 51 6.65 -8.07 9.64
CA GLY A 51 5.46 -7.90 8.84
C GLY A 51 4.67 -6.70 9.26
N ARG A 52 5.28 -5.52 9.22
CA ARG A 52 4.57 -4.30 9.54
C ARG A 52 5.29 -3.10 8.96
N TRP A 53 4.53 -2.14 8.46
CA TRP A 53 5.13 -0.94 7.93
C TRP A 53 5.02 0.20 8.93
N TYR A 54 6.11 0.94 9.08
CA TYR A 54 6.15 2.06 9.99
C TYR A 54 7.34 2.96 9.68
N GLU A 55 7.50 4.03 10.46
CA GLU A 55 8.48 5.06 10.14
C GLU A 55 9.31 5.42 11.35
N ILE A 56 10.27 6.32 11.18
CA ILE A 56 10.99 6.87 12.31
C ILE A 56 10.46 8.27 12.60
N ASP A 57 9.65 8.36 13.64
CA ASP A 57 9.00 9.62 14.00
C ASP A 57 9.98 10.64 14.56
N GLU A 58 9.84 11.87 14.07
CA GLU A 58 10.65 12.99 14.53
C GLU A 58 10.45 13.24 16.02
N GLN A 59 9.28 12.87 16.55
CA GLN A 59 8.99 13.06 17.96
C GLN A 59 9.57 11.93 18.81
N GLY A 60 10.10 10.91 18.14
CA GLY A 60 10.66 9.78 18.86
C GLY A 60 9.85 8.51 18.68
N GLU A 61 9.93 7.94 17.47
CA GLU A 61 9.27 6.69 17.10
C GLU A 61 7.88 6.50 17.71
N GLU A 62 6.89 7.18 17.14
CA GLU A 62 5.50 6.94 17.50
C GLU A 62 4.67 6.71 16.25
N HIS A 63 4.86 5.56 15.65
CA HIS A 63 4.24 5.18 14.39
C HIS A 63 3.20 4.10 14.58
N THR A 64 2.28 4.01 13.64
CA THR A 64 1.37 2.89 13.59
C THR A 64 2.05 1.73 12.86
N PHE A 65 1.68 0.50 13.17
CA PHE A 65 2.28 -0.64 12.49
C PHE A 65 1.27 -1.29 11.54
N GLY A 66 1.50 -1.17 10.25
CA GLY A 66 0.63 -1.76 9.27
C GLY A 66 0.60 -3.25 9.40
N LEU A 67 -0.58 -3.82 9.47
CA LEU A 67 -0.71 -5.22 9.81
C LEU A 67 -0.41 -6.10 8.61
N ILE A 68 0.83 -6.45 8.39
CA ILE A 68 1.13 -7.33 7.30
C ILE A 68 1.12 -8.77 7.80
N ARG A 69 0.18 -9.54 7.28
CA ARG A 69 -0.03 -10.90 7.72
C ARG A 69 0.49 -11.89 6.69
N LYS A 70 0.81 -11.38 5.51
CA LYS A 70 1.41 -12.20 4.47
C LYS A 70 2.28 -11.36 3.54
N VAL A 71 3.58 -11.51 3.66
CA VAL A 71 4.52 -11.01 2.68
C VAL A 71 5.00 -12.16 1.82
N ASP A 72 4.23 -12.48 0.78
CA ASP A 72 4.51 -13.67 -0.01
C ASP A 72 5.20 -13.32 -1.31
N GLU A 73 6.49 -12.94 -1.19
CA GLU A 73 7.38 -12.64 -2.33
C GLU A 73 6.71 -11.72 -3.37
N PRO A 74 7.34 -11.49 -4.55
CA PRO A 74 6.65 -10.87 -5.68
C PRO A 74 5.50 -11.76 -6.18
N ASP A 75 4.41 -11.75 -5.44
CA ASP A 75 3.23 -12.54 -5.76
C ASP A 75 2.00 -12.00 -5.06
N THR A 76 1.97 -12.07 -3.73
CA THR A 76 0.80 -11.63 -2.98
C THR A 76 1.17 -10.98 -1.65
N LEU A 77 0.43 -9.94 -1.27
CA LEU A 77 0.60 -9.31 0.03
C LEU A 77 -0.76 -9.17 0.72
N VAL A 78 -0.89 -9.79 1.88
CA VAL A 78 -2.09 -9.66 2.69
C VAL A 78 -1.82 -8.75 3.87
N ILE A 79 -2.31 -7.52 3.79
CA ILE A 79 -2.03 -6.52 4.79
C ILE A 79 -3.31 -5.85 5.29
N GLY A 80 -3.40 -5.70 6.60
CA GLY A 80 -4.50 -4.98 7.22
C GLY A 80 -4.12 -3.53 7.47
N TRP A 81 -5.11 -2.65 7.38
CA TRP A 81 -4.85 -1.23 7.34
C TRP A 81 -4.55 -0.65 8.72
N ARG A 82 -3.53 0.18 8.78
CA ARG A 82 -3.16 0.84 10.02
C ARG A 82 -2.98 2.34 9.77
N LEU A 83 -3.68 2.82 8.74
CA LEU A 83 -3.79 4.24 8.44
C LEU A 83 -2.56 4.77 7.67
N ASN A 84 -2.84 5.56 6.63
CA ASN A 84 -1.82 6.17 5.78
C ASN A 84 -1.76 7.67 6.05
N GLY A 85 -0.70 8.12 6.68
CA GLY A 85 -0.61 9.51 7.07
C GLY A 85 -0.50 9.66 8.56
N PHE A 86 -1.02 8.64 9.28
CA PHE A 86 -0.86 8.52 10.73
C PHE A 86 -1.74 9.48 11.51
N GLY A 87 -2.11 10.60 10.90
CA GLY A 87 -2.91 11.60 11.59
C GLY A 87 -4.40 11.37 11.45
N ARG A 88 -4.78 10.16 11.10
CA ARG A 88 -6.18 9.78 10.96
C ARG A 88 -6.46 8.56 11.85
N ILE A 89 -7.73 8.14 11.94
CA ILE A 89 -8.07 6.97 12.74
C ILE A 89 -7.67 5.68 12.01
N ASP A 90 -7.00 4.79 12.74
CA ASP A 90 -6.55 3.53 12.17
C ASP A 90 -7.55 2.41 12.48
N PRO A 91 -7.84 1.56 11.48
CA PRO A 91 -8.78 0.43 11.63
C PRO A 91 -8.36 -0.53 12.75
N ASP A 92 -7.06 -0.74 12.87
CA ASP A 92 -6.46 -1.45 14.00
C ASP A 92 -6.62 -2.97 13.89
N ASN A 93 -7.77 -3.42 13.42
CA ASN A 93 -8.10 -4.83 13.48
C ASN A 93 -8.33 -5.42 12.09
N SER A 94 -8.81 -4.60 11.16
CA SER A 94 -9.15 -5.10 9.85
C SER A 94 -8.73 -4.14 8.75
N SER A 95 -9.59 -3.99 7.73
CA SER A 95 -9.26 -3.28 6.51
C SER A 95 -8.17 -4.03 5.76
N GLU A 96 -8.09 -5.32 6.04
CA GLU A 96 -7.14 -6.21 5.41
C GLU A 96 -7.47 -6.38 3.94
N PHE A 97 -6.44 -6.34 3.12
CA PHE A 97 -6.61 -6.54 1.69
C PHE A 97 -5.51 -7.43 1.14
N THR A 98 -5.90 -8.35 0.27
CA THR A 98 -4.96 -9.23 -0.38
C THR A 98 -4.67 -8.74 -1.78
N VAL A 99 -3.46 -8.25 -2.00
CA VAL A 99 -3.09 -7.84 -3.34
C VAL A 99 -2.54 -9.03 -4.11
N THR A 100 -3.18 -9.34 -5.21
CA THR A 100 -2.76 -10.42 -6.07
C THR A 100 -2.02 -9.87 -7.29
N PHE A 101 -0.71 -10.04 -7.32
CA PHE A 101 0.06 -9.65 -8.48
C PHE A 101 -0.01 -10.75 -9.53
N VAL A 102 -0.69 -10.48 -10.62
CA VAL A 102 -0.78 -11.42 -11.72
C VAL A 102 0.27 -11.08 -12.76
N ALA A 103 1.25 -11.95 -12.91
CA ALA A 103 2.34 -11.72 -13.86
C ALA A 103 1.83 -11.79 -15.28
N ASP A 104 2.06 -10.74 -16.04
CA ASP A 104 1.64 -10.66 -17.42
C ASP A 104 2.86 -10.83 -18.30
N GLY A 105 3.01 -12.01 -18.88
CA GLY A 105 4.19 -12.31 -19.66
C GLY A 105 5.41 -12.47 -18.78
N GLN A 106 6.33 -11.53 -18.87
CA GLN A 106 7.56 -11.59 -18.09
C GLN A 106 8.05 -10.19 -17.73
N LYS A 107 7.38 -9.17 -18.24
CA LYS A 107 7.76 -7.79 -17.95
C LYS A 107 6.54 -6.93 -17.65
N LYS A 108 5.38 -7.55 -17.53
CA LYS A 108 4.18 -6.84 -17.14
C LYS A 108 3.54 -7.55 -15.95
N THR A 109 2.73 -6.83 -15.19
CA THR A 109 2.03 -7.43 -14.07
C THR A 109 0.77 -6.64 -13.73
N ARG A 110 -0.34 -7.36 -13.60
CA ARG A 110 -1.60 -6.75 -13.22
C ARG A 110 -1.96 -7.16 -11.80
N VAL A 111 -1.96 -6.21 -10.88
CA VAL A 111 -2.32 -6.51 -9.50
C VAL A 111 -3.82 -6.31 -9.29
N ASP A 112 -4.39 -7.20 -8.48
CA ASP A 112 -5.79 -7.14 -8.15
C ASP A 112 -5.97 -7.35 -6.64
N VAL A 113 -6.29 -6.29 -5.92
CA VAL A 113 -6.56 -6.37 -4.49
C VAL A 113 -8.01 -6.70 -4.20
N GLU A 114 -8.22 -7.66 -3.33
CA GLU A 114 -9.53 -7.92 -2.76
C GLU A 114 -9.62 -7.30 -1.37
N HIS A 115 -10.61 -6.44 -1.18
CA HIS A 115 -10.75 -5.70 0.05
C HIS A 115 -12.24 -5.58 0.41
N THR A 116 -12.69 -6.39 1.37
CA THR A 116 -14.12 -6.44 1.69
C THR A 116 -14.36 -6.78 3.17
N HIS A 117 -13.57 -6.22 4.06
CA HIS A 117 -13.70 -6.56 5.47
C HIS A 117 -14.20 -5.37 6.29
N PHE A 118 -13.39 -4.32 6.37
CA PHE A 118 -13.71 -3.17 7.20
C PHE A 118 -14.59 -2.18 6.44
N ASP A 119 -14.16 -1.85 5.24
CA ASP A 119 -14.85 -0.92 4.36
C ASP A 119 -16.26 -1.42 4.02
N ARG A 120 -16.30 -2.66 3.57
CA ARG A 120 -17.54 -3.34 3.21
C ARG A 120 -18.48 -3.45 4.41
N MET A 121 -17.91 -3.32 5.62
CA MET A 121 -18.66 -3.54 6.85
C MET A 121 -19.50 -2.32 7.23
N GLY A 122 -19.83 -1.47 6.26
CA GLY A 122 -20.80 -0.43 6.51
C GLY A 122 -20.33 0.96 6.15
N THR A 123 -21.28 1.89 6.17
CA THR A 123 -21.03 3.27 5.81
C THR A 123 -20.09 3.96 6.80
N LYS A 124 -20.31 3.75 8.10
CA LYS A 124 -19.49 4.41 9.12
C LYS A 124 -18.05 3.89 9.06
N HIS A 125 -17.90 2.59 8.83
CA HIS A 125 -16.57 2.00 8.73
C HIS A 125 -15.80 2.62 7.57
N ALA A 126 -16.41 2.61 6.40
CA ALA A 126 -15.78 3.17 5.22
C ALA A 126 -15.57 4.67 5.37
N LYS A 127 -16.52 5.35 6.02
CA LYS A 127 -16.45 6.79 6.24
C LYS A 127 -15.26 7.16 7.12
N ARG A 128 -15.08 6.43 8.22
CA ARG A 128 -14.03 6.75 9.19
C ARG A 128 -12.65 6.58 8.58
N VAL A 129 -12.44 5.56 7.77
CA VAL A 129 -11.15 5.35 7.13
C VAL A 129 -11.01 6.23 5.88
N ARG A 130 -12.13 6.72 5.37
CA ARG A 130 -12.15 7.59 4.21
C ARG A 130 -11.52 8.95 4.51
N ASN A 131 -11.26 9.21 5.79
CA ASN A 131 -10.79 10.52 6.27
C ASN A 131 -9.64 11.08 5.42
N GLY A 132 -8.73 10.22 5.02
CA GLY A 132 -7.65 10.67 4.15
C GLY A 132 -7.21 9.62 3.15
N MET A 133 -7.68 8.38 3.32
CA MET A 133 -7.19 7.27 2.51
C MET A 133 -7.87 7.28 1.15
N ASP A 134 -8.91 8.10 1.04
CA ASP A 134 -9.70 8.19 -0.19
C ASP A 134 -8.84 8.66 -1.36
N LYS A 135 -7.95 9.62 -1.09
CA LYS A 135 -7.07 10.14 -2.13
C LYS A 135 -5.66 9.60 -1.96
N GLY A 136 -5.53 8.57 -1.14
CA GLY A 136 -4.24 7.95 -0.90
C GLY A 136 -3.81 7.06 -2.05
N TRP A 137 -4.39 5.86 -2.11
CA TRP A 137 -4.02 4.86 -3.11
C TRP A 137 -4.15 5.37 -4.55
N PRO A 138 -5.26 6.00 -4.95
CA PRO A 138 -5.41 6.54 -6.32
C PRO A 138 -4.23 7.40 -6.73
N THR A 139 -3.78 8.26 -5.83
CA THR A 139 -2.64 9.12 -6.07
C THR A 139 -1.34 8.31 -6.02
N ILE A 140 -1.23 7.46 -5.00
CA ILE A 140 -0.06 6.64 -4.80
C ILE A 140 0.22 5.75 -6.00
N LEU A 141 -0.83 5.13 -6.52
CA LEU A 141 -0.68 4.20 -7.63
C LEU A 141 -0.10 4.91 -8.86
N GLN A 142 -0.51 6.15 -9.09
CA GLN A 142 0.01 6.90 -10.24
C GLN A 142 1.51 7.08 -10.11
N SER A 143 1.93 7.56 -8.95
CA SER A 143 3.35 7.71 -8.65
C SER A 143 4.03 6.34 -8.57
N PHE A 144 3.26 5.32 -8.20
CA PHE A 144 3.76 3.96 -8.08
C PHE A 144 4.13 3.37 -9.44
N GLN A 145 3.16 3.38 -10.36
CA GLN A 145 3.40 2.88 -11.73
C GLN A 145 4.51 3.66 -12.41
N ASP A 146 4.58 4.96 -12.11
CA ASP A 146 5.55 5.83 -12.76
C ASP A 146 6.94 5.59 -12.22
N LYS A 147 7.04 5.39 -10.91
CA LYS A 147 8.30 5.04 -10.27
C LYS A 147 8.82 3.72 -10.82
N ILE A 148 7.89 2.79 -11.07
CA ILE A 148 8.22 1.49 -11.62
C ILE A 148 8.56 1.60 -13.11
N ASP A 149 8.01 2.59 -13.78
CA ASP A 149 8.29 2.80 -15.19
C ASP A 149 9.76 3.14 -15.35
N GLU A 150 10.31 3.81 -14.35
CA GLU A 150 11.73 4.14 -14.33
C GLU A 150 12.56 2.87 -14.22
N GLU A 151 12.00 1.89 -13.52
CA GLU A 151 12.62 0.59 -13.38
C GLU A 151 12.53 -0.17 -14.70
N GLY A 152 11.56 0.22 -15.52
CA GLY A 152 11.33 -0.45 -16.78
C GLY A 152 11.95 0.28 -17.96
N ALA A 153 11.19 1.20 -18.55
CA ALA A 153 11.59 1.82 -19.80
C ALA A 153 11.35 3.33 -19.80
N LYS A 154 11.43 3.95 -18.62
CA LYS A 154 11.32 5.40 -18.52
C LYS A 154 12.53 6.08 -19.15
N LYS A 155 13.60 5.31 -19.29
CA LYS A 155 14.86 5.80 -19.80
C LYS A 155 14.92 5.70 -21.32
#